data_1S9C
#
_entry.id   1S9C
#
_cell.length_a   98.295
_cell.length_b   105.431
_cell.length_c   206.944
_cell.angle_alpha   90.00
_cell.angle_beta   103.37
_cell.angle_gamma   90.00
#
_symmetry.space_group_name_H-M   'P 1 21 1'
#
loop_
_entity.id
_entity.type
_entity.pdbx_description
1 polymer 'Peroxisomal multifunctional enzyme type 2'
2 water water
#
_entity_poly.entity_id   1
_entity_poly.type   'polypeptide(L)'
_entity_poly.pdbx_seq_one_letter_code
;MAATSGFAGAIGQKLPPFSYAYTELEAIMYALGVGASIKDPKDLKFIYEGSSDFSCLPTFGVIIGQKSMMGGGLAEIPGL
SINFAKVLHGEQYLELYKPLPRAGKLKCEAVVADVLDKGSGVVIIMDVYSYSEKELICHNQFSLFLVGSGGFGGKRTSDK
VKVAVAIPNRPPDAVLTDTTSLNQAALYRLSGDWNPLHIDPNFASLAGFDKPILHGLCTFGFSARRVLQQFADNDVSRFK
AVKARFAKPVYPGQTLQTEMWKEGNRIHFQTKVQETGDIVISNAYVDLAPTSGTSAKL
;
_entity_poly.pdbx_strand_id   A,B,C,D,E,F,G,H,I,J,K,L
#
# COMPACT_ATOMS: atom_id res chain seq x y z
N ALA A 10 25.43 -42.35 59.36
CA ALA A 10 24.92 -41.06 58.83
C ALA A 10 23.45 -40.88 59.18
N ILE A 11 23.06 -41.45 60.32
CA ILE A 11 21.67 -41.37 60.75
C ILE A 11 21.07 -39.98 60.72
N GLY A 12 21.77 -38.98 61.24
CA GLY A 12 21.18 -37.64 61.25
C GLY A 12 21.85 -36.62 60.36
N GLN A 13 22.54 -37.08 59.33
CA GLN A 13 23.26 -36.16 58.45
C GLN A 13 22.45 -35.38 57.43
N LYS A 14 22.73 -34.09 57.36
CA LYS A 14 22.07 -33.20 56.42
C LYS A 14 22.81 -33.32 55.08
N LEU A 15 22.08 -33.21 53.98
CA LEU A 15 22.67 -33.34 52.66
C LEU A 15 22.83 -31.98 52.02
N PRO A 16 23.55 -31.91 50.90
CA PRO A 16 23.77 -30.65 50.20
C PRO A 16 22.48 -29.92 49.88
N PRO A 17 22.38 -28.64 50.26
CA PRO A 17 21.16 -27.89 49.97
C PRO A 17 21.04 -27.61 48.46
N PHE A 18 19.82 -27.67 47.92
CA PHE A 18 19.61 -27.38 46.50
C PHE A 18 18.42 -26.47 46.38
N SER A 19 18.14 -26.00 45.17
CA SER A 19 16.99 -25.14 44.98
C SER A 19 16.13 -25.54 43.78
N TYR A 20 14.83 -25.35 43.89
CA TYR A 20 13.89 -25.70 42.83
C TYR A 20 13.08 -24.46 42.45
N ALA A 21 13.07 -24.09 41.18
CA ALA A 21 12.29 -22.93 40.75
C ALA A 21 11.32 -23.44 39.69
N TYR A 22 10.14 -22.82 39.60
CA TYR A 22 9.15 -23.27 38.62
C TYR A 22 8.22 -22.13 38.28
N THR A 23 7.47 -22.34 37.20
CA THR A 23 6.49 -21.37 36.74
C THR A 23 5.18 -22.13 36.56
N GLU A 24 4.15 -21.43 36.10
CA GLU A 24 2.87 -22.09 35.92
C GLU A 24 3.02 -23.30 35.01
N LEU A 25 3.96 -23.25 34.07
CA LEU A 25 4.18 -24.34 33.14
C LEU A 25 4.43 -25.65 33.88
N GLU A 26 5.53 -25.71 34.64
CA GLU A 26 5.85 -26.92 35.38
C GLU A 26 4.69 -27.39 36.22
N ALA A 27 3.91 -26.44 36.74
CA ALA A 27 2.77 -26.79 37.57
C ALA A 27 1.71 -27.48 36.74
N ILE A 28 1.32 -26.84 35.64
CA ILE A 28 0.29 -27.39 34.75
C ILE A 28 0.74 -28.74 34.23
N MET A 29 2.02 -28.85 33.88
CA MET A 29 2.56 -30.10 33.38
C MET A 29 2.33 -31.18 34.43
N TYR A 30 2.51 -30.84 35.71
CA TYR A 30 2.31 -31.82 36.77
C TYR A 30 0.85 -32.21 36.81
N ALA A 31 -0.01 -31.20 36.83
CA ALA A 31 -1.44 -31.44 36.92
C ALA A 31 -1.93 -32.39 35.83
N LEU A 32 -1.51 -32.15 34.59
CA LEU A 32 -1.92 -33.01 33.50
C LEU A 32 -1.41 -34.40 33.72
N GLY A 33 -0.11 -34.53 34.01
CA GLY A 33 0.46 -35.83 34.22
C GLY A 33 -0.12 -36.52 35.44
N VAL A 34 -0.86 -35.79 36.25
CA VAL A 34 -1.41 -36.41 37.43
C VAL A 34 -2.94 -36.63 37.37
N GLY A 35 -3.52 -36.41 36.20
CA GLY A 35 -4.95 -36.65 36.06
C GLY A 35 -5.90 -35.51 35.68
N ALA A 36 -5.60 -34.27 36.06
CA ALA A 36 -6.49 -33.16 35.74
C ALA A 36 -6.86 -33.19 34.27
N SER A 37 -8.13 -32.92 33.97
CA SER A 37 -8.59 -32.93 32.58
C SER A 37 -9.58 -31.81 32.36
N ILE A 38 -9.52 -31.14 31.21
CA ILE A 38 -10.46 -30.06 30.99
C ILE A 38 -11.83 -30.59 30.67
N LYS A 39 -11.99 -31.90 30.73
CA LYS A 39 -13.30 -32.46 30.46
C LYS A 39 -14.18 -31.97 31.61
N ASP A 40 -13.56 -31.73 32.76
CA ASP A 40 -14.26 -31.23 33.94
C ASP A 40 -13.90 -29.74 34.07
N PRO A 41 -14.88 -28.85 33.86
CA PRO A 41 -14.68 -27.40 33.96
C PRO A 41 -13.95 -26.97 35.24
N LYS A 42 -14.23 -27.64 36.35
CA LYS A 42 -13.59 -27.31 37.61
C LYS A 42 -12.07 -27.51 37.58
N ASP A 43 -11.60 -28.36 36.68
CA ASP A 43 -10.16 -28.63 36.57
C ASP A 43 -9.41 -27.53 35.82
N LEU A 44 -10.15 -26.66 35.15
CA LEU A 44 -9.53 -25.58 34.39
C LEU A 44 -8.64 -24.79 35.35
N LYS A 45 -9.00 -24.84 36.63
CA LYS A 45 -8.31 -24.18 37.72
C LYS A 45 -6.84 -24.61 37.87
N PHE A 46 -6.53 -25.84 37.46
CA PHE A 46 -5.18 -26.41 37.54
C PHE A 46 -4.47 -26.55 36.20
N ILE A 47 -5.19 -26.33 35.11
CA ILE A 47 -4.63 -26.49 33.78
C ILE A 47 -4.41 -25.18 33.02
N TYR A 48 -5.21 -24.17 33.33
CA TYR A 48 -5.10 -22.87 32.66
C TYR A 48 -4.55 -21.75 33.56
N GLU A 49 -3.37 -21.25 33.23
CA GLU A 49 -2.74 -20.19 34.01
C GLU A 49 -3.59 -18.92 33.96
N GLY A 50 -4.36 -18.78 32.89
CA GLY A 50 -5.22 -17.62 32.75
C GLY A 50 -6.41 -17.62 33.69
N SER A 51 -6.77 -18.79 34.21
CA SER A 51 -7.88 -18.86 35.13
C SER A 51 -7.62 -17.94 36.31
N SER A 52 -8.62 -17.17 36.70
CA SER A 52 -8.46 -16.25 37.82
C SER A 52 -8.29 -17.06 39.10
N ASP A 53 -8.72 -18.31 39.02
CA ASP A 53 -8.69 -19.25 40.12
C ASP A 53 -7.42 -20.10 40.14
N PHE A 54 -6.64 -20.00 39.08
CA PHE A 54 -5.43 -20.80 38.94
C PHE A 54 -4.68 -21.07 40.21
N SER A 55 -4.49 -22.35 40.47
CA SER A 55 -3.76 -22.78 41.65
C SER A 55 -2.82 -23.90 41.24
N CYS A 56 -1.84 -24.14 42.08
CA CYS A 56 -0.88 -25.20 41.86
C CYS A 56 -1.38 -26.35 42.74
N LEU A 57 -1.40 -27.57 42.24
CA LEU A 57 -1.87 -28.69 43.05
C LEU A 57 -1.00 -28.93 44.30
N PRO A 58 -1.62 -29.11 45.46
CA PRO A 58 -0.85 -29.35 46.69
C PRO A 58 0.29 -30.36 46.55
N THR A 59 0.02 -31.57 46.05
CA THR A 59 1.08 -32.58 45.95
C THR A 59 2.24 -32.21 45.03
N PHE A 60 2.18 -31.03 44.40
CA PHE A 60 3.27 -30.60 43.53
C PHE A 60 4.48 -30.43 44.41
N GLY A 61 4.24 -30.25 45.71
CA GLY A 61 5.32 -30.08 46.65
C GLY A 61 6.23 -31.31 46.68
N VAL A 62 5.67 -32.45 46.31
CA VAL A 62 6.44 -33.68 46.29
C VAL A 62 7.53 -33.52 45.24
N ILE A 63 7.22 -32.80 44.18
CA ILE A 63 8.20 -32.59 43.12
C ILE A 63 9.27 -31.57 43.53
N ILE A 64 8.86 -30.59 44.32
CA ILE A 64 9.78 -29.56 44.79
C ILE A 64 10.91 -30.16 45.62
N GLY A 65 10.57 -31.04 46.57
CA GLY A 65 11.60 -31.64 47.39
C GLY A 65 12.13 -32.96 46.87
N GLN A 66 11.63 -33.37 45.72
CA GLN A 66 12.04 -34.63 45.11
C GLN A 66 13.36 -34.47 44.38
N LYS A 67 13.58 -33.27 43.85
CA LYS A 67 14.78 -32.92 43.08
C LYS A 67 16.04 -33.37 43.79
N SER A 68 15.87 -33.81 45.03
CA SER A 68 16.99 -34.32 45.79
C SER A 68 17.36 -35.69 45.18
N MET A 69 16.45 -36.65 45.27
CA MET A 69 16.67 -38.01 44.73
C MET A 69 17.04 -38.03 43.24
N MET A 70 16.35 -37.22 42.44
CA MET A 70 16.61 -37.17 41.00
C MET A 70 17.99 -36.63 40.69
N VAL A 87 16.75 -49.77 45.66
CA VAL A 87 15.94 -49.08 46.67
C VAL A 87 14.45 -48.99 46.33
N LEU A 88 13.65 -48.87 47.38
CA LEU A 88 12.21 -48.79 47.21
C LEU A 88 11.66 -47.56 47.90
N HIS A 89 10.77 -46.85 47.21
CA HIS A 89 10.14 -45.69 47.79
C HIS A 89 8.90 -46.28 48.46
N GLY A 90 8.97 -46.45 49.78
CA GLY A 90 7.87 -47.07 50.51
C GLY A 90 6.69 -46.24 50.97
N GLU A 91 6.95 -45.05 51.48
CA GLU A 91 5.88 -44.18 51.94
C GLU A 91 6.24 -42.76 51.56
N GLN A 92 5.27 -41.87 51.68
CA GLN A 92 5.47 -40.48 51.35
C GLN A 92 4.62 -39.63 52.28
N TYR A 93 5.14 -38.47 52.64
CA TYR A 93 4.42 -37.54 53.49
C TYR A 93 4.73 -36.12 53.05
N LEU A 94 3.68 -35.32 52.91
CA LEU A 94 3.85 -33.94 52.50
C LEU A 94 2.94 -33.08 53.36
N GLU A 95 3.48 -31.96 53.83
CA GLU A 95 2.73 -31.01 54.63
C GLU A 95 2.96 -29.63 54.05
N LEU A 96 1.88 -28.90 53.79
CA LEU A 96 1.97 -27.57 53.19
C LEU A 96 1.74 -26.50 54.25
N TYR A 97 2.80 -25.83 54.68
CA TYR A 97 2.69 -24.81 55.69
C TYR A 97 2.04 -23.60 55.06
N LYS A 98 2.14 -23.50 53.74
CA LYS A 98 1.51 -22.40 53.02
C LYS A 98 1.21 -22.86 51.62
N PRO A 99 0.08 -22.43 51.06
CA PRO A 99 -0.29 -22.82 49.69
C PRO A 99 0.86 -22.56 48.71
N LEU A 100 1.13 -23.55 47.86
CA LEU A 100 2.22 -23.42 46.91
C LEU A 100 1.84 -22.37 45.87
N PRO A 101 2.75 -21.42 45.61
CA PRO A 101 2.57 -20.31 44.65
C PRO A 101 2.42 -20.80 43.22
N ARG A 102 1.83 -19.97 42.36
CA ARG A 102 1.62 -20.36 40.97
C ARG A 102 2.94 -20.41 40.22
N ALA A 103 4.01 -20.09 40.92
CA ALA A 103 5.34 -20.09 40.33
C ALA A 103 6.29 -19.62 41.41
N GLY A 104 7.59 -19.79 41.19
CA GLY A 104 8.53 -19.33 42.19
C GLY A 104 9.81 -20.11 42.34
N LYS A 105 10.69 -19.60 43.20
CA LYS A 105 11.97 -20.21 43.49
C LYS A 105 11.97 -20.62 44.96
N LEU A 106 12.59 -21.74 45.25
CA LEU A 106 12.61 -22.23 46.62
C LEU A 106 13.96 -22.83 46.94
N LYS A 107 14.34 -22.74 48.20
CA LYS A 107 15.60 -23.30 48.64
C LYS A 107 15.23 -24.52 49.45
N CYS A 108 15.84 -25.66 49.14
CA CYS A 108 15.52 -26.89 49.85
C CYS A 108 16.68 -27.45 50.66
N GLU A 109 16.37 -28.06 51.80
CA GLU A 109 17.39 -28.64 52.64
C GLU A 109 16.95 -30.03 53.04
N ALA A 110 17.78 -31.01 52.70
CA ALA A 110 17.50 -32.42 52.99
C ALA A 110 18.25 -32.89 54.22
N VAL A 111 17.75 -33.96 54.84
CA VAL A 111 18.35 -34.50 56.04
C VAL A 111 17.91 -35.93 56.33
N VAL A 112 18.86 -36.83 56.55
CA VAL A 112 18.54 -38.21 56.87
C VAL A 112 17.97 -38.17 58.30
N ALA A 113 16.66 -38.04 58.43
CA ALA A 113 16.02 -37.95 59.73
C ALA A 113 16.36 -39.07 60.68
N ASP A 114 16.53 -40.25 60.13
CA ASP A 114 16.80 -41.42 60.95
C ASP A 114 16.96 -42.62 60.03
N VAL A 115 17.50 -43.72 60.55
CA VAL A 115 17.67 -44.93 59.74
C VAL A 115 17.16 -46.18 60.47
N LEU A 116 16.48 -47.04 59.73
CA LEU A 116 15.92 -48.27 60.29
C LEU A 116 16.26 -49.49 59.43
N VAL A 122 16.89 -52.63 55.45
CA VAL A 122 17.09 -51.33 56.10
C VAL A 122 16.23 -50.22 55.50
N VAL A 123 15.66 -49.38 56.37
CA VAL A 123 14.85 -48.26 55.93
C VAL A 123 15.61 -46.97 56.23
N ILE A 124 15.44 -45.97 55.37
CA ILE A 124 16.10 -44.69 55.59
C ILE A 124 15.02 -43.61 55.41
N ILE A 125 14.85 -42.78 56.42
CA ILE A 125 13.85 -41.75 56.37
C ILE A 125 14.51 -40.43 56.16
N MET A 126 14.09 -39.75 55.12
CA MET A 126 14.69 -38.47 54.78
C MET A 126 13.71 -37.33 54.67
N ASP A 127 13.78 -36.44 55.66
CA ASP A 127 12.95 -35.23 55.70
C ASP A 127 13.63 -34.17 54.82
N VAL A 128 12.83 -33.36 54.14
CA VAL A 128 13.38 -32.30 53.33
C VAL A 128 12.44 -31.10 53.41
N TYR A 129 12.97 -29.98 53.88
CA TYR A 129 12.20 -28.76 54.05
C TYR A 129 12.50 -27.76 52.96
N SER A 130 11.45 -27.13 52.44
CA SER A 130 11.61 -26.15 51.37
C SER A 130 11.15 -24.76 51.85
N TYR A 131 12.04 -23.78 51.76
CA TYR A 131 11.76 -22.41 52.19
C TYR A 131 11.73 -21.45 51.00
N SER A 132 11.06 -20.32 51.19
CA SER A 132 10.94 -19.27 50.18
C SER A 132 11.40 -18.03 50.93
N GLU A 133 12.72 -17.95 51.09
CA GLU A 133 13.42 -16.90 51.85
C GLU A 133 13.35 -17.58 53.22
N LYS A 134 13.51 -16.89 54.34
CA LYS A 134 13.49 -17.58 55.65
C LYS A 134 12.18 -18.32 56.03
N GLU A 135 11.16 -18.15 55.22
CA GLU A 135 9.86 -18.77 55.45
C GLU A 135 9.76 -20.21 54.93
N LEU A 136 9.23 -21.09 55.77
CA LEU A 136 9.04 -22.51 55.43
C LEU A 136 7.74 -22.72 54.67
N ILE A 137 7.81 -23.38 53.53
CA ILE A 137 6.62 -23.61 52.75
C ILE A 137 6.08 -25.03 52.82
N CYS A 138 6.92 -26.02 52.52
CA CYS A 138 6.46 -27.38 52.60
C CYS A 138 7.49 -28.32 53.19
N HIS A 139 7.01 -29.45 53.69
CA HIS A 139 7.85 -30.47 54.29
C HIS A 139 7.54 -31.84 53.69
N ASN A 140 8.57 -32.52 53.19
CA ASN A 140 8.41 -33.84 52.60
C ASN A 140 9.15 -34.88 53.44
N GLN A 141 8.55 -36.04 53.64
CA GLN A 141 9.26 -37.09 54.36
C GLN A 141 9.21 -38.33 53.50
N PHE A 142 10.28 -38.57 52.76
CA PHE A 142 10.38 -39.74 51.89
C PHE A 142 10.86 -40.93 52.70
N SER A 143 10.11 -42.02 52.65
CA SER A 143 10.47 -43.24 53.36
C SER A 143 11.04 -44.16 52.28
N LEU A 144 12.36 -44.33 52.26
CA LEU A 144 13.03 -45.18 51.28
C LEU A 144 13.31 -46.54 51.90
N PHE A 145 13.01 -47.61 51.16
CA PHE A 145 13.19 -48.97 51.65
C PHE A 145 14.41 -49.63 51.01
N LEU A 146 14.93 -50.65 51.69
CA LEU A 146 16.10 -51.41 51.24
C LEU A 146 16.21 -52.72 52.00
N SER A 158 11.21 -45.58 64.85
CA SER A 158 11.65 -44.22 65.15
C SER A 158 10.57 -43.30 65.72
N ASP A 159 11.01 -42.22 66.35
CA ASP A 159 10.10 -41.24 66.96
C ASP A 159 10.04 -40.03 66.05
N LYS A 160 10.82 -40.08 64.97
CA LYS A 160 10.90 -38.98 64.05
C LYS A 160 10.21 -39.28 62.70
N VAL A 161 9.36 -40.30 62.66
CA VAL A 161 8.68 -40.68 61.41
C VAL A 161 7.16 -40.38 61.33
N LYS A 162 6.69 -39.94 60.16
CA LYS A 162 5.27 -39.63 59.97
C LYS A 162 4.52 -40.92 59.62
N VAL A 163 3.96 -41.53 60.65
CA VAL A 163 3.23 -42.78 60.54
C VAL A 163 2.05 -42.83 59.58
N ALA A 164 1.89 -43.97 58.92
CA ALA A 164 0.75 -44.16 58.02
C ALA A 164 -0.45 -44.45 58.96
N VAL A 165 -1.66 -44.47 58.41
CA VAL A 165 -2.82 -44.72 59.26
C VAL A 165 -3.82 -45.70 58.65
N ALA A 166 -4.32 -46.61 59.47
CA ALA A 166 -5.29 -47.61 59.03
C ALA A 166 -6.63 -46.98 58.67
N ILE A 167 -7.28 -47.52 57.66
CA ILE A 167 -8.55 -46.97 57.22
C ILE A 167 -9.67 -47.41 58.14
N PRO A 168 -10.74 -46.61 58.22
CA PRO A 168 -11.89 -46.92 59.07
C PRO A 168 -12.50 -48.28 58.71
N ASN A 169 -13.02 -48.96 59.73
CA ASN A 169 -13.56 -50.27 59.49
C ASN A 169 -15.05 -50.16 59.17
N ARG A 170 -15.37 -49.66 57.97
CA ARG A 170 -16.75 -49.49 57.53
C ARG A 170 -16.71 -49.16 56.05
N PRO A 171 -17.80 -49.41 55.33
CA PRO A 171 -17.77 -49.09 53.90
C PRO A 171 -17.42 -47.61 53.67
N PRO A 172 -16.66 -47.33 52.61
CA PRO A 172 -16.19 -46.00 52.17
C PRO A 172 -17.31 -45.00 52.01
N ASP A 173 -17.04 -43.73 52.32
CA ASP A 173 -18.06 -42.70 52.18
C ASP A 173 -18.25 -42.32 50.72
N ALA A 174 -17.18 -42.48 49.95
CA ALA A 174 -17.21 -42.18 48.54
C ALA A 174 -16.00 -42.81 47.87
N VAL A 175 -16.16 -43.16 46.61
CA VAL A 175 -15.08 -43.75 45.82
C VAL A 175 -15.22 -43.29 44.38
N LEU A 176 -14.20 -42.59 43.90
CA LEU A 176 -14.19 -42.08 42.54
C LEU A 176 -13.17 -42.83 41.71
N THR A 177 -13.48 -43.08 40.44
CA THR A 177 -12.54 -43.81 39.57
C THR A 177 -11.86 -42.87 38.58
N ASP A 178 -10.66 -43.25 38.17
CA ASP A 178 -9.88 -42.48 37.20
C ASP A 178 -9.26 -43.43 36.20
N THR A 179 -9.37 -43.08 34.93
CA THR A 179 -8.79 -43.92 33.89
C THR A 179 -7.41 -43.43 33.53
N THR A 180 -6.41 -44.27 33.74
CA THR A 180 -5.05 -43.89 33.42
C THR A 180 -4.80 -44.02 31.94
N SER A 181 -3.97 -43.15 31.40
CA SER A 181 -3.64 -43.18 29.97
C SER A 181 -2.52 -44.16 29.69
N LEU A 182 -2.49 -44.65 28.47
CA LEU A 182 -1.43 -45.57 28.09
C LEU A 182 -0.07 -44.83 28.16
N ASN A 183 -0.12 -43.49 28.15
CA ASN A 183 1.08 -42.66 28.24
C ASN A 183 1.20 -41.89 29.56
N GLN A 184 0.37 -42.24 30.53
CA GLN A 184 0.41 -41.55 31.80
C GLN A 184 1.84 -41.41 32.29
N ALA A 185 2.58 -42.51 32.32
CA ALA A 185 3.95 -42.48 32.78
C ALA A 185 4.83 -41.61 31.87
N ALA A 186 4.63 -41.73 30.57
CA ALA A 186 5.42 -40.96 29.62
C ALA A 186 5.27 -39.46 29.87
N LEU A 187 4.11 -39.03 30.36
CA LEU A 187 3.88 -37.62 30.62
C LEU A 187 4.32 -37.21 32.03
N TYR A 188 3.93 -38.00 33.01
CA TYR A 188 4.30 -37.70 34.38
C TYR A 188 5.80 -37.61 34.59
N ARG A 189 6.57 -38.45 33.90
CA ARG A 189 8.02 -38.44 34.08
C ARG A 189 8.64 -37.08 33.69
N LEU A 190 7.98 -36.33 32.81
CA LEU A 190 8.48 -35.03 32.40
C LEU A 190 8.54 -34.08 33.58
N SER A 191 8.05 -34.53 34.72
CA SER A 191 8.06 -33.69 35.90
C SER A 191 9.26 -33.96 36.78
N GLY A 192 10.24 -34.70 36.27
CA GLY A 192 11.43 -34.95 37.08
C GLY A 192 11.94 -36.37 37.29
N ASP A 193 11.06 -37.31 37.60
CA ASP A 193 11.52 -38.68 37.82
C ASP A 193 11.69 -39.39 36.49
N TRP A 194 12.92 -39.45 35.99
CA TRP A 194 13.15 -40.09 34.71
C TRP A 194 13.51 -41.57 34.78
N ASN A 195 13.36 -42.18 35.95
CA ASN A 195 13.69 -43.60 36.09
C ASN A 195 13.14 -44.41 34.92
N PRO A 196 14.01 -45.17 34.23
CA PRO A 196 13.62 -45.99 33.08
C PRO A 196 12.57 -47.05 33.43
N LEU A 197 12.48 -47.35 34.73
CA LEU A 197 11.53 -48.33 35.22
C LEU A 197 10.11 -48.04 34.77
N HIS A 198 9.83 -46.77 34.50
CA HIS A 198 8.49 -46.34 34.11
C HIS A 198 8.27 -46.16 32.62
N ILE A 199 9.26 -46.53 31.80
CA ILE A 199 9.07 -46.38 30.36
C ILE A 199 9.86 -47.33 29.44
N ASP A 200 11.09 -47.68 29.79
CA ASP A 200 11.86 -48.60 28.93
C ASP A 200 11.52 -50.04 29.24
N PRO A 201 10.91 -50.75 28.27
CA PRO A 201 10.49 -52.16 28.37
C PRO A 201 11.57 -53.10 28.88
N ASN A 202 12.82 -52.77 28.55
CA ASN A 202 13.97 -53.57 28.95
C ASN A 202 14.24 -53.44 30.44
N PHE A 203 14.68 -52.25 30.84
CA PHE A 203 14.98 -52.00 32.24
C PHE A 203 13.86 -52.54 33.12
N ALA A 204 12.63 -52.43 32.63
CA ALA A 204 11.45 -52.88 33.34
C ALA A 204 11.61 -54.33 33.83
N SER A 205 11.59 -55.23 32.86
CA SER A 205 11.73 -56.66 33.11
C SER A 205 12.95 -56.98 33.97
N LEU A 206 14.12 -56.62 33.47
CA LEU A 206 15.38 -56.86 34.15
C LEU A 206 15.40 -56.37 35.60
N ALA A 207 14.28 -55.81 36.06
CA ALA A 207 14.17 -55.31 37.42
C ALA A 207 13.09 -56.11 38.12
N GLY A 208 12.39 -56.93 37.34
CA GLY A 208 11.34 -57.76 37.89
C GLY A 208 9.93 -57.28 37.59
N PHE A 209 9.73 -56.69 36.42
CA PHE A 209 8.42 -56.19 36.04
C PHE A 209 7.94 -56.57 34.65
N ASP A 210 6.75 -57.14 34.59
CA ASP A 210 6.14 -57.55 33.34
C ASP A 210 6.29 -56.50 32.22
N LYS A 211 6.07 -55.24 32.58
CA LYS A 211 6.18 -54.10 31.66
C LYS A 211 6.32 -52.86 32.54
N PRO A 212 6.70 -51.72 31.94
CA PRO A 212 6.87 -50.52 32.76
C PRO A 212 5.71 -50.20 33.68
N ILE A 213 6.05 -49.68 34.87
CA ILE A 213 5.02 -49.34 35.83
C ILE A 213 4.90 -47.82 36.02
N LEU A 214 3.71 -47.39 36.44
CA LEU A 214 3.44 -45.97 36.66
C LEU A 214 4.13 -45.53 37.95
N HIS A 215 4.58 -44.29 38.00
CA HIS A 215 5.26 -43.79 39.20
C HIS A 215 4.34 -43.84 40.41
N GLY A 216 4.84 -44.30 41.55
CA GLY A 216 4.00 -44.37 42.72
C GLY A 216 3.42 -43.00 43.03
N LEU A 217 4.28 -41.98 42.92
CA LEU A 217 3.87 -40.61 43.19
C LEU A 217 2.79 -40.08 42.23
N CYS A 218 2.66 -40.71 41.06
CA CYS A 218 1.64 -40.29 40.11
C CYS A 218 0.26 -40.77 40.59
N THR A 219 0.17 -42.03 40.98
CA THR A 219 -1.08 -42.59 41.49
C THR A 219 -1.43 -41.72 42.70
N PHE A 220 -0.41 -41.45 43.50
CA PHE A 220 -0.53 -40.60 44.66
C PHE A 220 -1.21 -39.28 44.25
N GLY A 221 -0.65 -38.63 43.22
CA GLY A 221 -1.19 -37.37 42.75
C GLY A 221 -2.66 -37.48 42.41
N PHE A 222 -3.01 -38.55 41.70
CA PHE A 222 -4.38 -38.81 41.33
C PHE A 222 -5.28 -38.81 42.57
N SER A 223 -5.11 -39.80 43.43
CA SER A 223 -5.93 -39.89 44.62
C SER A 223 -5.97 -38.60 45.43
N ALA A 224 -4.81 -38.01 45.64
CA ALA A 224 -4.78 -36.77 46.41
C ALA A 224 -5.63 -35.73 45.69
N ARG A 225 -5.51 -35.67 44.36
CA ARG A 225 -6.29 -34.71 43.60
C ARG A 225 -7.78 -34.93 43.77
N ARG A 226 -8.20 -36.18 43.82
CA ARG A 226 -9.60 -36.50 43.99
C ARG A 226 -10.07 -36.12 45.37
N VAL A 227 -9.30 -36.46 46.39
CA VAL A 227 -9.69 -36.10 47.75
C VAL A 227 -9.92 -34.60 47.82
N LEU A 228 -9.00 -33.83 47.23
CA LEU A 228 -9.07 -32.38 47.21
C LEU A 228 -10.38 -31.89 46.60
N GLN A 229 -10.82 -32.51 45.51
CA GLN A 229 -12.04 -32.04 44.90
C GLN A 229 -13.30 -32.62 45.53
N GLN A 230 -13.20 -33.77 46.17
CA GLN A 230 -14.38 -34.36 46.77
C GLN A 230 -14.71 -33.83 48.15
N PHE A 231 -13.69 -33.60 48.97
CA PHE A 231 -13.91 -33.12 50.33
C PHE A 231 -13.37 -31.75 50.69
N ALA A 232 -12.92 -30.98 49.71
CA ALA A 232 -12.40 -29.65 49.99
C ALA A 232 -12.72 -28.65 48.90
N ASP A 233 -13.65 -28.99 48.03
CA ASP A 233 -14.04 -28.09 46.95
C ASP A 233 -12.88 -27.52 46.16
N ASN A 234 -11.93 -28.36 45.78
CA ASN A 234 -10.80 -27.87 45.01
C ASN A 234 -10.18 -26.62 45.64
N ASP A 235 -10.35 -26.44 46.94
CA ASP A 235 -9.77 -25.28 47.62
C ASP A 235 -8.35 -25.60 48.09
N VAL A 236 -7.39 -25.42 47.18
CA VAL A 236 -6.00 -25.67 47.48
C VAL A 236 -5.57 -25.24 48.88
N SER A 237 -6.13 -24.16 49.38
CA SER A 237 -5.75 -23.64 50.69
C SER A 237 -6.11 -24.53 51.87
N ARG A 238 -7.11 -25.38 51.70
CA ARG A 238 -7.55 -26.25 52.78
C ARG A 238 -6.77 -27.56 52.87
N PHE A 239 -5.90 -27.79 51.89
CA PHE A 239 -5.10 -29.00 51.83
C PHE A 239 -3.86 -28.85 52.69
N LYS A 240 -3.92 -29.39 53.90
CA LYS A 240 -2.79 -29.28 54.85
C LYS A 240 -1.67 -30.31 54.74
N ALA A 241 -2.04 -31.59 54.74
CA ALA A 241 -1.04 -32.66 54.64
C ALA A 241 -1.63 -33.97 54.14
N VAL A 242 -0.77 -34.82 53.57
CA VAL A 242 -1.17 -36.14 53.10
C VAL A 242 -0.07 -37.13 53.44
N LYS A 243 -0.50 -38.36 53.75
CA LYS A 243 0.41 -39.45 54.09
C LYS A 243 -0.08 -40.65 53.33
N ALA A 244 0.83 -41.39 52.70
CA ALA A 244 0.42 -42.56 51.95
C ALA A 244 1.49 -43.64 51.96
N ARG A 245 1.03 -44.88 51.84
CA ARG A 245 1.94 -46.01 51.79
C ARG A 245 1.71 -46.70 50.46
N PHE A 246 2.79 -46.96 49.75
CA PHE A 246 2.72 -47.60 48.45
C PHE A 246 2.70 -49.12 48.57
N ALA A 247 1.82 -49.75 47.79
CA ALA A 247 1.70 -51.19 47.79
C ALA A 247 1.96 -51.76 46.40
N LYS A 248 1.03 -52.52 45.86
CA LYS A 248 1.21 -53.12 44.55
C LYS A 248 1.32 -52.06 43.44
N PRO A 249 1.96 -52.44 42.31
CA PRO A 249 2.19 -51.60 41.13
C PRO A 249 0.94 -51.26 40.35
N VAL A 250 1.06 -50.24 39.51
CA VAL A 250 -0.03 -49.79 38.64
C VAL A 250 0.57 -49.69 37.23
N TYR A 251 -0.13 -50.15 36.22
CA TYR A 251 0.41 -50.07 34.89
C TYR A 251 -0.33 -49.05 34.10
N PRO A 252 0.39 -48.17 33.41
CA PRO A 252 -0.23 -47.12 32.60
C PRO A 252 -1.37 -47.68 31.78
N GLY A 253 -2.57 -47.14 31.98
CA GLY A 253 -3.72 -47.61 31.24
C GLY A 253 -4.75 -48.20 32.17
N GLN A 254 -4.27 -48.77 33.28
CA GLN A 254 -5.20 -49.36 34.23
C GLN A 254 -6.09 -48.29 34.83
N THR A 255 -7.13 -48.70 35.54
CA THR A 255 -8.07 -47.76 36.13
C THR A 255 -7.98 -47.71 37.64
N LEU A 256 -7.72 -46.50 38.14
CA LEU A 256 -7.59 -46.30 39.57
C LEU A 256 -8.95 -46.18 40.25
N GLN A 257 -8.98 -46.58 41.51
CA GLN A 257 -10.18 -46.55 42.31
C GLN A 257 -9.81 -45.95 43.66
N THR A 258 -10.13 -44.68 43.88
CA THR A 258 -9.78 -44.05 45.14
C THR A 258 -10.93 -44.11 46.12
N GLU A 259 -10.77 -44.87 47.19
CA GLU A 259 -11.80 -45.02 48.21
C GLU A 259 -11.53 -44.04 49.34
N MET A 260 -12.57 -43.33 49.77
CA MET A 260 -12.43 -42.30 50.81
C MET A 260 -13.39 -42.40 51.99
N TRP A 261 -12.88 -42.05 53.18
CA TRP A 261 -13.66 -42.07 54.41
C TRP A 261 -13.47 -40.73 55.10
N LYS A 262 -14.56 -40.02 55.35
CA LYS A 262 -14.40 -38.75 56.03
C LYS A 262 -14.54 -38.94 57.53
N GLU A 263 -13.48 -38.58 58.26
CA GLU A 263 -13.49 -38.67 59.72
C GLU A 263 -13.10 -37.30 60.24
N GLY A 264 -14.05 -36.40 60.30
CA GLY A 264 -13.75 -35.04 60.77
C GLY A 264 -13.03 -34.30 59.68
N ASN A 265 -11.84 -33.81 60.00
CA ASN A 265 -11.06 -33.07 59.01
C ASN A 265 -10.01 -33.93 58.36
N ARG A 266 -10.04 -35.23 58.67
CA ARG A 266 -9.09 -36.15 58.06
C ARG A 266 -9.84 -37.05 57.10
N ILE A 267 -9.39 -37.06 55.85
CA ILE A 267 -10.04 -37.89 54.86
C ILE A 267 -9.14 -39.08 54.65
N HIS A 268 -9.54 -40.25 55.14
CA HIS A 268 -8.73 -41.46 54.97
C HIS A 268 -8.97 -41.96 53.55
N PHE A 269 -7.96 -42.55 52.93
CA PHE A 269 -8.19 -43.09 51.61
C PHE A 269 -7.32 -44.28 51.30
N GLN A 270 -7.76 -45.04 50.32
CA GLN A 270 -7.09 -46.25 49.87
C GLN A 270 -7.25 -46.23 48.37
N THR A 271 -6.27 -46.74 47.62
CA THR A 271 -6.40 -46.75 46.18
C THR A 271 -6.22 -48.15 45.61
N LYS A 272 -7.08 -48.53 44.67
CA LYS A 272 -7.04 -49.84 44.06
C LYS A 272 -7.02 -49.72 42.56
N VAL A 273 -6.91 -50.86 41.91
CA VAL A 273 -6.92 -50.92 40.46
C VAL A 273 -8.12 -51.77 40.09
N GLN A 274 -9.21 -51.09 39.72
CA GLN A 274 -10.45 -51.75 39.29
C GLN A 274 -10.10 -52.52 38.05
N GLU A 275 -9.84 -53.81 38.18
CA GLU A 275 -9.45 -54.65 37.06
C GLU A 275 -8.84 -55.88 37.69
N THR A 276 -8.08 -55.64 38.76
CA THR A 276 -7.42 -56.70 39.50
C THR A 276 -7.85 -56.56 40.94
N GLY A 277 -8.36 -55.39 41.29
CA GLY A 277 -8.78 -55.19 42.66
C GLY A 277 -7.62 -55.06 43.61
N ASP A 278 -6.40 -55.03 43.08
CA ASP A 278 -5.21 -54.89 43.93
C ASP A 278 -5.15 -53.53 44.60
N ILE A 279 -4.63 -53.51 45.82
CA ILE A 279 -4.48 -52.25 46.54
C ILE A 279 -3.10 -51.68 46.23
N VAL A 280 -3.08 -50.51 45.60
CA VAL A 280 -1.84 -49.85 45.23
C VAL A 280 -1.35 -48.77 46.20
N ILE A 281 -2.28 -48.21 46.98
CA ILE A 281 -1.93 -47.20 47.98
C ILE A 281 -2.76 -47.53 49.22
N SER A 282 -2.10 -47.67 50.36
CA SER A 282 -2.83 -48.03 51.57
C SER A 282 -2.54 -47.14 52.77
N ASN A 283 -3.42 -47.27 53.76
CA ASN A 283 -3.31 -46.53 55.01
C ASN A 283 -2.99 -45.08 54.83
N ALA A 284 -3.58 -44.47 53.82
CA ALA A 284 -3.30 -43.08 53.52
C ALA A 284 -4.38 -42.15 54.06
N TYR A 285 -4.07 -40.86 54.04
CA TYR A 285 -5.02 -39.86 54.52
C TYR A 285 -4.53 -38.50 54.07
N VAL A 286 -5.38 -37.50 54.27
CA VAL A 286 -5.07 -36.12 53.94
C VAL A 286 -5.84 -35.26 54.94
N ASP A 287 -5.13 -34.36 55.61
CA ASP A 287 -5.76 -33.49 56.59
C ASP A 287 -6.22 -32.20 55.95
N LEU A 288 -7.48 -31.83 56.18
CA LEU A 288 -8.03 -30.61 55.63
C LEU A 288 -8.16 -29.59 56.74
N ALA A 289 -8.15 -28.32 56.38
CA ALA A 289 -8.30 -27.27 57.36
C ALA A 289 -9.78 -26.93 57.46
N GLY B 12 9.76 -4.92 3.98
CA GLY B 12 10.78 -5.98 4.24
C GLY B 12 11.66 -5.79 5.47
N GLN B 13 11.15 -5.11 6.49
CA GLN B 13 11.92 -4.86 7.72
C GLN B 13 12.41 -6.15 8.36
N LYS B 14 13.70 -6.17 8.73
CA LYS B 14 14.34 -7.33 9.34
C LYS B 14 14.27 -7.39 10.86
N LEU B 15 13.14 -7.91 11.36
CA LEU B 15 12.84 -8.04 12.79
C LEU B 15 13.95 -8.38 13.78
N PRO B 16 13.70 -8.13 15.08
CA PRO B 16 14.66 -8.38 16.17
C PRO B 16 15.01 -9.85 16.33
N PRO B 17 16.31 -10.18 16.33
CA PRO B 17 16.77 -11.56 16.49
C PRO B 17 16.56 -12.07 17.90
N PHE B 18 16.11 -13.32 18.00
CA PHE B 18 15.87 -13.98 19.28
C PHE B 18 16.56 -15.33 19.23
N SER B 19 16.65 -16.01 20.36
CA SER B 19 17.29 -17.30 20.37
C SER B 19 16.38 -18.32 21.01
N TYR B 20 16.64 -19.59 20.73
CA TYR B 20 15.84 -20.65 21.29
C TYR B 20 16.69 -21.81 21.75
N ALA B 21 16.39 -22.31 22.94
CA ALA B 21 17.18 -23.42 23.43
C ALA B 21 16.21 -24.44 23.96
N TYR B 22 16.55 -25.72 23.82
CA TYR B 22 15.67 -26.76 24.29
C TYR B 22 16.47 -28.01 24.60
N THR B 23 15.82 -28.92 25.31
CA THR B 23 16.42 -30.20 25.68
C THR B 23 15.45 -31.29 25.25
N GLU B 24 15.81 -32.54 25.50
CA GLU B 24 14.93 -33.63 25.11
C GLU B 24 13.53 -33.43 25.68
N LEU B 25 13.47 -32.80 26.85
CA LEU B 25 12.19 -32.55 27.50
C LEU B 25 11.24 -31.82 26.56
N GLU B 26 11.56 -30.57 26.23
CA GLU B 26 10.70 -29.80 25.35
C GLU B 26 10.35 -30.58 24.10
N ALA B 27 11.28 -31.41 23.64
CA ALA B 27 11.05 -32.20 22.45
C ALA B 27 9.99 -33.23 22.70
N ILE B 28 10.18 -34.04 23.75
CA ILE B 28 9.23 -35.08 24.09
C ILE B 28 7.86 -34.49 24.37
N MET B 29 7.84 -33.35 25.05
CA MET B 29 6.59 -32.68 25.37
C MET B 29 5.87 -32.34 24.05
N TYR B 30 6.61 -31.91 23.04
CA TYR B 30 5.98 -31.59 21.78
C TYR B 30 5.42 -32.87 21.18
N ALA B 31 6.23 -33.91 21.13
CA ALA B 31 5.81 -35.17 20.56
C ALA B 31 4.51 -35.69 21.19
N LEU B 32 4.43 -35.65 22.51
CA LEU B 32 3.23 -36.12 23.18
C LEU B 32 2.06 -35.25 22.77
N GLY B 33 2.22 -33.93 22.89
CA GLY B 33 1.14 -33.02 22.54
C GLY B 33 0.77 -33.07 21.08
N VAL B 34 1.58 -33.75 20.29
CA VAL B 34 1.30 -33.82 18.86
C VAL B 34 0.83 -35.22 18.42
N GLY B 35 0.60 -36.13 19.36
CA GLY B 35 0.12 -37.45 18.98
C GLY B 35 0.92 -38.70 19.31
N ALA B 36 2.24 -38.63 19.36
CA ALA B 36 3.05 -39.80 19.66
C ALA B 36 2.49 -40.53 20.88
N SER B 37 2.48 -41.85 20.85
CA SER B 37 1.96 -42.63 21.97
C SER B 37 2.77 -43.89 22.15
N ILE B 38 3.10 -44.24 23.39
CA ILE B 38 3.89 -45.45 23.59
C ILE B 38 3.07 -46.68 23.33
N LYS B 39 1.83 -46.50 22.89
CA LYS B 39 1.03 -47.67 22.61
C LYS B 39 1.68 -48.34 21.40
N ASP B 40 2.36 -47.53 20.60
CA ASP B 40 3.08 -48.02 19.43
C ASP B 40 4.56 -48.00 19.76
N PRO B 41 5.18 -49.19 19.90
CA PRO B 41 6.61 -49.31 20.22
C PRO B 41 7.51 -48.41 19.39
N LYS B 42 7.17 -48.24 18.12
CA LYS B 42 7.98 -47.41 17.25
C LYS B 42 8.02 -45.94 17.68
N ASP B 43 7.04 -45.52 18.47
CA ASP B 43 6.98 -44.14 18.92
C ASP B 43 7.89 -43.88 20.12
N LEU B 44 8.40 -44.94 20.72
CA LEU B 44 9.28 -44.81 21.87
C LEU B 44 10.45 -43.91 21.46
N LYS B 45 10.71 -43.90 20.17
CA LYS B 45 11.78 -43.14 19.55
C LYS B 45 11.65 -41.63 19.77
N PHE B 46 10.42 -41.16 19.92
CA PHE B 46 10.15 -39.74 20.12
C PHE B 46 9.72 -39.38 21.53
N ILE B 47 9.47 -40.38 22.34
CA ILE B 47 9.00 -40.15 23.70
C ILE B 47 10.03 -40.44 24.79
N TYR B 48 10.97 -41.34 24.51
CA TYR B 48 11.96 -41.73 25.51
C TYR B 48 13.37 -41.26 25.14
N GLU B 49 13.93 -40.35 25.92
CA GLU B 49 15.27 -39.84 25.65
C GLU B 49 16.30 -40.96 25.74
N GLY B 50 15.98 -41.97 26.55
CA GLY B 50 16.88 -43.09 26.71
C GLY B 50 17.00 -43.96 25.47
N SER B 51 16.01 -43.89 24.58
CA SER B 51 16.04 -44.68 23.37
C SER B 51 17.32 -44.34 22.59
N SER B 52 18.00 -45.37 22.12
CA SER B 52 19.23 -45.18 21.38
C SER B 52 18.89 -44.53 20.04
N ASP B 53 17.62 -44.64 19.70
CA ASP B 53 17.10 -44.13 18.44
C ASP B 53 16.51 -42.73 18.61
N PHE B 54 16.42 -42.27 19.85
CA PHE B 54 15.83 -40.98 20.15
C PHE B 54 16.06 -39.87 19.14
N SER B 55 14.97 -39.32 18.65
CA SER B 55 15.02 -38.24 17.69
C SER B 55 13.98 -37.21 18.06
N CYS B 56 14.17 -36.03 17.53
CA CYS B 56 13.25 -34.92 17.76
C CYS B 56 12.38 -34.92 16.51
N LEU B 57 11.08 -34.72 16.66
CA LEU B 57 10.22 -34.73 15.48
C LEU B 57 10.50 -33.54 14.58
N PRO B 58 10.56 -33.77 13.25
CA PRO B 58 10.83 -32.71 12.30
C PRO B 58 10.04 -31.42 12.49
N THR B 59 8.71 -31.52 12.60
CA THR B 59 7.91 -30.31 12.76
C THR B 59 8.18 -29.54 14.05
N PHE B 60 9.06 -30.06 14.90
CA PHE B 60 9.39 -29.35 16.14
C PHE B 60 10.01 -28.02 15.75
N GLY B 61 10.51 -27.96 14.53
CA GLY B 61 11.13 -26.74 14.03
C GLY B 61 10.14 -25.59 13.97
N VAL B 62 8.86 -25.94 13.87
CA VAL B 62 7.84 -24.92 13.81
C VAL B 62 7.83 -24.18 15.13
N ILE B 63 8.15 -24.92 16.20
CA ILE B 63 8.18 -24.33 17.53
C ILE B 63 9.42 -23.48 17.74
N ILE B 64 10.52 -23.87 17.11
CA ILE B 64 11.77 -23.14 17.24
C ILE B 64 11.63 -21.75 16.67
N GLY B 65 11.06 -21.61 15.48
CA GLY B 65 10.92 -20.30 14.88
C GLY B 65 9.61 -19.64 15.22
N GLN B 66 8.81 -20.30 16.04
CA GLN B 66 7.51 -19.77 16.41
C GLN B 66 7.60 -18.61 17.41
N LYS B 67 8.72 -18.39 18.09
CA LYS B 67 8.70 -17.24 18.99
C LYS B 67 8.45 -15.93 18.19
N SER B 68 7.18 -15.54 18.12
CA SER B 68 6.73 -14.34 17.41
C SER B 68 5.22 -14.13 17.63
N ILE B 82 -0.06 -3.37 14.48
CA ILE B 82 -0.64 -4.71 14.45
C ILE B 82 -1.38 -5.09 15.75
N ASN B 83 -2.39 -5.94 15.59
CA ASN B 83 -3.20 -6.43 16.70
C ASN B 83 -3.15 -7.96 16.61
N PHE B 84 -2.15 -8.57 17.24
CA PHE B 84 -2.00 -10.02 17.21
C PHE B 84 -3.35 -10.75 17.31
N ALA B 85 -4.27 -10.20 18.11
CA ALA B 85 -5.58 -10.81 18.28
C ALA B 85 -6.43 -10.79 17.01
N LYS B 86 -6.07 -9.93 16.07
CA LYS B 86 -6.78 -9.81 14.81
C LYS B 86 -6.10 -10.64 13.72
N VAL B 87 -5.02 -11.32 14.09
CA VAL B 87 -4.25 -12.13 13.15
C VAL B 87 -4.70 -13.59 13.06
N LEU B 88 -4.65 -14.13 11.83
CA LEU B 88 -5.03 -15.53 11.56
C LEU B 88 -3.86 -16.27 10.93
N HIS B 89 -3.59 -17.48 11.43
CA HIS B 89 -2.50 -18.28 10.89
C HIS B 89 -3.00 -18.98 9.66
N GLY B 90 -2.64 -18.45 8.50
CA GLY B 90 -3.12 -19.01 7.26
C GLY B 90 -2.43 -20.24 6.71
N GLU B 91 -1.11 -20.17 6.59
CA GLU B 91 -0.35 -21.28 6.06
C GLU B 91 0.95 -21.39 6.86
N GLN B 92 1.64 -22.50 6.65
CA GLN B 92 2.88 -22.73 7.36
C GLN B 92 3.81 -23.49 6.43
N TYR B 93 5.10 -23.21 6.55
CA TYR B 93 6.09 -23.91 5.75
C TYR B 93 7.33 -24.11 6.60
N LEU B 94 7.87 -25.32 6.57
CA LEU B 94 9.06 -25.63 7.31
C LEU B 94 9.97 -26.48 6.46
N GLU B 95 11.26 -26.16 6.48
CA GLU B 95 12.25 -26.90 5.73
C GLU B 95 13.39 -27.18 6.67
N LEU B 96 13.86 -28.42 6.70
CA LEU B 96 14.93 -28.81 7.59
C LEU B 96 16.21 -29.06 6.80
N TYR B 97 17.13 -28.10 6.87
CA TYR B 97 18.39 -28.22 6.16
C TYR B 97 19.23 -29.27 6.83
N LYS B 98 18.92 -29.55 8.09
CA LYS B 98 19.64 -30.56 8.83
C LYS B 98 18.73 -31.11 9.91
N PRO B 99 18.81 -32.41 10.19
CA PRO B 99 17.97 -33.02 11.22
C PRO B 99 18.09 -32.24 12.52
N LEU B 100 16.95 -31.98 13.18
CA LEU B 100 16.96 -31.25 14.44
C LEU B 100 17.57 -32.12 15.51
N PRO B 101 18.52 -31.57 16.27
CA PRO B 101 19.22 -32.26 17.37
C PRO B 101 18.32 -32.65 18.54
N ARG B 102 18.75 -33.65 19.30
CA ARG B 102 17.94 -34.11 20.43
C ARG B 102 17.91 -33.06 21.52
N ALA B 103 18.59 -31.95 21.28
CA ALA B 103 18.64 -30.86 22.24
C ALA B 103 19.57 -29.83 21.68
N GLY B 104 19.56 -28.64 22.25
CA GLY B 104 20.46 -27.62 21.75
C GLY B 104 19.98 -26.19 21.81
N LYS B 105 20.88 -25.28 21.43
CA LYS B 105 20.63 -23.86 21.41
C LYS B 105 20.69 -23.38 19.98
N LEU B 106 19.80 -22.46 19.64
CA LEU B 106 19.75 -21.95 18.29
C LEU B 106 19.53 -20.45 18.26
N LYS B 107 20.10 -19.81 17.26
CA LYS B 107 19.95 -18.38 17.09
C LYS B 107 18.96 -18.21 15.95
N CYS B 108 17.92 -17.41 16.17
CA CYS B 108 16.92 -17.22 15.14
C CYS B 108 16.84 -15.80 14.62
N GLU B 109 16.55 -15.66 13.35
CA GLU B 109 16.44 -14.36 12.73
C GLU B 109 15.17 -14.29 11.90
N ALA B 110 14.26 -13.44 12.33
CA ALA B 110 13.00 -13.28 11.64
C ALA B 110 13.13 -12.11 10.67
N VAL B 111 12.62 -12.30 9.45
CA VAL B 111 12.68 -11.25 8.46
C VAL B 111 11.35 -11.24 7.73
N VAL B 112 10.65 -10.11 7.72
CA VAL B 112 9.40 -10.05 6.99
C VAL B 112 9.84 -10.13 5.54
N ALA B 113 9.26 -11.08 4.78
CA ALA B 113 9.64 -11.28 3.39
C ALA B 113 8.73 -10.66 2.33
N ASP B 114 7.47 -10.41 2.68
CA ASP B 114 6.54 -9.84 1.72
C ASP B 114 5.24 -9.44 2.39
N VAL B 115 4.25 -9.06 1.58
CA VAL B 115 2.94 -8.64 2.07
C VAL B 115 1.88 -8.87 0.99
N VAL B 122 -5.55 -8.24 3.98
CA VAL B 122 -4.12 -8.29 3.70
C VAL B 122 -3.54 -9.60 4.23
N VAL B 123 -2.24 -9.81 3.95
CA VAL B 123 -1.51 -11.01 4.36
C VAL B 123 0.00 -10.76 4.44
N ILE B 124 0.63 -11.14 5.55
CA ILE B 124 2.06 -10.95 5.67
C ILE B 124 2.82 -12.28 5.77
N ILE B 125 3.72 -12.50 4.83
CA ILE B 125 4.54 -13.69 4.82
C ILE B 125 5.86 -13.35 5.50
N MET B 126 6.22 -14.10 6.53
CA MET B 126 7.47 -13.83 7.22
C MET B 126 8.40 -15.01 7.41
N ASP B 127 9.55 -14.93 6.76
CA ASP B 127 10.54 -15.98 6.84
C ASP B 127 11.31 -15.86 8.15
N VAL B 128 11.69 -16.99 8.71
CA VAL B 128 12.49 -16.98 9.92
C VAL B 128 13.48 -18.14 9.88
N TYR B 129 14.75 -17.78 9.95
CA TYR B 129 15.84 -18.75 9.88
C TYR B 129 16.43 -19.01 11.25
N SER B 130 16.71 -20.27 11.55
CA SER B 130 17.28 -20.64 12.82
C SER B 130 18.64 -21.30 12.62
N TYR B 131 19.67 -20.74 13.26
CA TYR B 131 21.03 -21.26 13.15
C TYR B 131 21.53 -21.84 14.47
N SER B 132 22.55 -22.70 14.39
CA SER B 132 23.15 -23.32 15.58
C SER B 132 24.65 -22.98 15.63
N GLU B 133 25.36 -23.33 14.57
CA GLU B 133 26.78 -23.05 14.48
C GLU B 133 26.97 -21.79 13.67
N LEU B 136 23.00 -22.89 9.33
CA LEU B 136 21.56 -22.79 9.15
C LEU B 136 20.94 -24.17 9.34
N ILE B 137 19.93 -24.26 10.22
CA ILE B 137 19.28 -25.53 10.47
C ILE B 137 17.88 -25.65 9.90
N CYS B 138 17.02 -24.67 10.13
CA CYS B 138 15.68 -24.75 9.60
C CYS B 138 15.16 -23.40 9.17
N HIS B 139 14.16 -23.42 8.30
CA HIS B 139 13.55 -22.20 7.79
C HIS B 139 12.04 -22.30 7.91
N ASN B 140 11.43 -21.29 8.52
CA ASN B 140 9.98 -21.26 8.69
C ASN B 140 9.40 -20.10 7.91
N GLN B 141 8.25 -20.32 7.27
CA GLN B 141 7.59 -19.23 6.56
C GLN B 141 6.13 -19.20 7.01
N PHE B 142 5.86 -18.33 7.99
CA PHE B 142 4.52 -18.17 8.52
C PHE B 142 3.74 -17.22 7.63
N SER B 143 2.59 -17.67 7.16
CA SER B 143 1.74 -16.83 6.34
C SER B 143 0.66 -16.35 7.30
N LEU B 144 0.87 -15.18 7.88
CA LEU B 144 -0.08 -14.62 8.83
C LEU B 144 -1.11 -13.82 8.06
N PHE B 145 -2.36 -13.91 8.51
CA PHE B 145 -3.41 -13.16 7.86
C PHE B 145 -3.99 -12.17 8.85
N SER B 158 2.59 -12.40 -4.92
CA SER B 158 4.00 -12.45 -4.52
C SER B 158 4.75 -13.60 -5.17
N ASP B 159 6.07 -13.58 -5.01
CA ASP B 159 6.94 -14.62 -5.57
C ASP B 159 7.84 -15.14 -4.48
N LYS B 160 7.82 -14.48 -3.32
CA LYS B 160 8.64 -14.89 -2.19
C LYS B 160 7.86 -15.83 -1.26
N VAL B 161 6.80 -16.41 -1.83
CA VAL B 161 5.92 -17.31 -1.12
C VAL B 161 6.24 -18.77 -1.36
N LYS B 162 6.03 -19.61 -0.36
CA LYS B 162 6.19 -21.05 -0.57
C LYS B 162 4.74 -21.50 -0.80
N VAL B 163 4.38 -21.64 -2.07
CA VAL B 163 3.03 -22.02 -2.46
C VAL B 163 2.51 -23.38 -1.97
N ALA B 164 1.20 -23.42 -1.70
CA ALA B 164 0.56 -24.64 -1.27
C ALA B 164 0.35 -25.43 -2.56
N VAL B 165 -0.02 -26.70 -2.45
CA VAL B 165 -0.19 -27.53 -3.64
C VAL B 165 -1.47 -28.36 -3.63
N ALA B 166 -2.15 -28.39 -4.77
CA ALA B 166 -3.39 -29.15 -4.91
C ALA B 166 -3.12 -30.64 -4.81
N ILE B 167 -4.05 -31.37 -4.23
CA ILE B 167 -3.89 -32.82 -4.08
C ILE B 167 -4.23 -33.55 -5.39
N PRO B 168 -3.63 -34.72 -5.61
CA PRO B 168 -3.87 -35.50 -6.82
C PRO B 168 -5.36 -35.82 -7.01
N ASN B 169 -5.81 -35.84 -8.25
CA ASN B 169 -7.20 -36.13 -8.53
C ASN B 169 -7.40 -37.62 -8.68
N ARG B 170 -7.35 -38.33 -7.56
CA ARG B 170 -7.53 -39.78 -7.54
C ARG B 170 -7.67 -40.18 -6.08
N PRO B 171 -8.30 -41.33 -5.81
CA PRO B 171 -8.42 -41.73 -4.42
C PRO B 171 -7.04 -41.82 -3.75
N PRO B 172 -6.98 -41.47 -2.45
CA PRO B 172 -5.78 -41.48 -1.61
C PRO B 172 -5.09 -42.83 -1.57
N ASP B 173 -3.76 -42.81 -1.47
CA ASP B 173 -2.98 -44.04 -1.39
C ASP B 173 -3.10 -44.66 -0.02
N ALA B 174 -3.30 -43.82 0.98
CA ALA B 174 -3.44 -44.29 2.35
C ALA B 174 -4.05 -43.20 3.20
N VAL B 175 -4.80 -43.59 4.22
CA VAL B 175 -5.41 -42.63 5.11
C VAL B 175 -5.44 -43.22 6.53
N LEU B 176 -4.72 -42.56 7.43
CA LEU B 176 -4.65 -43.00 8.82
C LEU B 176 -5.48 -42.08 9.71
N THR B 177 -6.09 -42.64 10.74
CA THR B 177 -6.90 -41.82 11.65
C THR B 177 -6.20 -41.63 12.99
N ASP B 178 -6.48 -40.51 13.63
CA ASP B 178 -5.93 -40.20 14.97
C ASP B 178 -7.02 -39.62 15.87
N THR B 179 -7.10 -40.15 17.07
CA THR B 179 -8.10 -39.66 18.00
C THR B 179 -7.48 -38.59 18.89
N THR B 180 -8.02 -37.39 18.82
CA THR B 180 -7.53 -36.30 19.63
C THR B 180 -8.06 -36.40 21.04
N SER B 181 -7.24 -35.97 22.00
CA SER B 181 -7.64 -36.02 23.40
C SER B 181 -8.48 -34.81 23.77
N LEU B 182 -9.31 -34.96 24.79
CA LEU B 182 -10.13 -33.85 25.22
C LEU B 182 -9.19 -32.73 25.74
N ASN B 183 -7.96 -33.13 26.08
CA ASN B 183 -6.95 -32.20 26.59
C ASN B 183 -5.82 -31.94 25.61
N GLN B 184 -6.00 -32.35 24.36
CA GLN B 184 -4.95 -32.17 23.36
C GLN B 184 -4.41 -30.74 23.39
N ALA B 185 -5.29 -29.76 23.34
CA ALA B 185 -4.89 -28.36 23.36
C ALA B 185 -4.21 -28.00 24.68
N ALA B 186 -4.77 -28.48 25.77
CA ALA B 186 -4.21 -28.19 27.08
C ALA B 186 -2.75 -28.63 27.16
N LEU B 187 -2.40 -29.69 26.44
CA LEU B 187 -1.03 -30.19 26.47
C LEU B 187 -0.16 -29.52 25.43
N TYR B 188 -0.67 -29.44 24.22
CA TYR B 188 0.10 -28.83 23.15
C TYR B 188 0.51 -27.38 23.44
N ARG B 189 -0.36 -26.64 24.10
CA ARG B 189 -0.04 -25.26 24.40
C ARG B 189 1.22 -25.13 25.24
N LEU B 190 1.51 -26.15 26.04
CA LEU B 190 2.71 -26.13 26.88
C LEU B 190 3.96 -26.01 26.04
N SER B 191 3.80 -26.06 24.73
CA SER B 191 4.95 -25.95 23.85
C SER B 191 5.17 -24.53 23.35
N GLY B 192 4.46 -23.57 23.93
CA GLY B 192 4.68 -22.21 23.49
C GLY B 192 3.51 -21.34 23.16
N ASP B 193 2.59 -21.80 22.33
CA ASP B 193 1.44 -20.97 21.97
C ASP B 193 0.40 -20.98 23.08
N TRP B 194 0.39 -19.94 23.91
CA TRP B 194 -0.56 -19.89 25.01
C TRP B 194 -1.85 -19.18 24.70
N ASN B 195 -2.14 -18.93 23.43
CA ASN B 195 -3.36 -18.23 23.06
C ASN B 195 -4.57 -18.82 23.76
N PRO B 196 -5.33 -17.99 24.51
CA PRO B 196 -6.52 -18.42 25.25
C PRO B 196 -7.57 -19.03 24.37
N LEU B 197 -7.46 -18.74 23.07
CA LEU B 197 -8.40 -19.25 22.08
C LEU B 197 -8.49 -20.77 22.11
N HIS B 198 -7.42 -21.41 22.57
CA HIS B 198 -7.39 -22.86 22.61
C HIS B 198 -7.73 -23.48 23.95
N ILE B 199 -8.13 -22.69 24.93
CA ILE B 199 -8.43 -23.28 26.21
C ILE B 199 -9.47 -22.53 27.01
N ASP B 200 -9.56 -21.23 26.79
CA ASP B 200 -10.52 -20.41 27.51
C ASP B 200 -11.90 -20.44 26.80
N PRO B 201 -12.92 -20.97 27.48
CA PRO B 201 -14.29 -21.07 26.95
C PRO B 201 -14.89 -19.71 26.60
N ASN B 202 -14.96 -18.83 27.58
CA ASN B 202 -15.53 -17.52 27.34
C ASN B 202 -14.69 -16.85 26.26
N PHE B 203 -13.37 -16.94 26.38
CA PHE B 203 -12.52 -16.32 25.38
C PHE B 203 -12.83 -16.85 23.98
N ALA B 204 -13.12 -18.14 23.90
CA ALA B 204 -13.41 -18.75 22.60
C ALA B 204 -14.77 -18.31 22.05
N SER B 205 -15.74 -18.19 22.95
CA SER B 205 -17.09 -17.76 22.57
C SER B 205 -17.11 -16.32 22.06
N LEU B 206 -16.44 -15.42 22.77
CA LEU B 206 -16.38 -14.03 22.33
C LEU B 206 -15.68 -14.02 20.98
N ALA B 207 -14.82 -15.02 20.77
CA ALA B 207 -14.08 -15.17 19.52
C ALA B 207 -14.96 -15.83 18.46
N GLY B 208 -16.08 -16.39 18.93
CA GLY B 208 -17.04 -17.02 18.05
C GLY B 208 -17.12 -18.55 18.01
N PHE B 209 -16.46 -19.25 18.92
CA PHE B 209 -16.51 -20.71 18.87
C PHE B 209 -17.33 -21.40 19.96
N ASP B 210 -18.02 -22.45 19.57
CA ASP B 210 -18.85 -23.23 20.49
C ASP B 210 -18.04 -23.67 21.70
N LYS B 211 -16.74 -23.88 21.46
CA LYS B 211 -15.81 -24.26 22.50
C LYS B 211 -14.44 -24.07 21.91
N PRO B 212 -13.42 -23.90 22.77
CA PRO B 212 -12.02 -23.70 22.35
C PRO B 212 -11.61 -24.64 21.23
N ILE B 213 -10.72 -24.18 20.37
CA ILE B 213 -10.27 -24.99 19.25
C ILE B 213 -8.84 -25.44 19.41
N LEU B 214 -8.49 -26.53 18.73
CA LEU B 214 -7.13 -27.05 18.80
C LEU B 214 -6.24 -26.21 17.93
N HIS B 215 -4.98 -26.05 18.34
CA HIS B 215 -4.02 -25.25 17.57
C HIS B 215 -3.85 -25.81 16.15
N GLY B 216 -3.85 -24.94 15.16
CA GLY B 216 -3.67 -25.38 13.80
C GLY B 216 -2.39 -26.16 13.68
N LEU B 217 -1.33 -25.64 14.28
CA LEU B 217 -0.02 -26.30 14.22
C LEU B 217 0.02 -27.67 14.90
N CYS B 218 -0.95 -27.96 15.77
CA CYS B 218 -1.00 -29.24 16.46
C CYS B 218 -1.52 -30.31 15.50
N THR B 219 -2.61 -29.99 14.81
CA THR B 219 -3.18 -30.91 13.82
C THR B 219 -2.07 -31.18 12.80
N PHE B 220 -1.38 -30.10 12.44
CA PHE B 220 -0.29 -30.09 11.51
C PHE B 220 0.76 -31.10 12.00
N GLY B 221 1.10 -31.02 13.28
CA GLY B 221 2.08 -31.94 13.82
C GLY B 221 1.63 -33.37 13.67
N PHE B 222 0.34 -33.61 13.91
CA PHE B 222 -0.25 -34.94 13.83
C PHE B 222 -0.05 -35.51 12.44
N SER B 223 -0.66 -34.86 11.46
CA SER B 223 -0.54 -35.32 10.08
C SER B 223 0.90 -35.48 9.62
N ALA B 224 1.73 -34.49 9.92
CA ALA B 224 3.12 -34.55 9.54
C ALA B 224 3.76 -35.76 10.17
N ARG B 225 3.45 -36.02 11.44
CA ARG B 225 4.01 -37.15 12.17
C ARG B 225 3.62 -38.48 11.51
N ARG B 226 2.39 -38.54 11.00
CA ARG B 226 1.88 -39.74 10.33
C ARG B 226 2.57 -39.94 9.00
N VAL B 227 2.69 -38.88 8.22
CA VAL B 227 3.38 -38.99 6.94
C VAL B 227 4.79 -39.53 7.19
N LEU B 228 5.45 -39.00 8.21
CA LEU B 228 6.79 -39.44 8.57
C LEU B 228 6.87 -40.93 8.81
N GLN B 229 5.91 -41.47 9.53
CA GLN B 229 5.96 -42.88 9.83
C GLN B 229 5.42 -43.77 8.72
N GLN B 230 4.52 -43.25 7.90
CA GLN B 230 3.94 -44.05 6.84
C GLN B 230 4.81 -44.14 5.58
N PHE B 231 5.44 -43.03 5.20
CA PHE B 231 6.26 -43.01 3.99
C PHE B 231 7.74 -42.75 4.15
N ALA B 232 8.24 -42.80 5.39
CA ALA B 232 9.66 -42.55 5.60
C ALA B 232 10.21 -43.36 6.74
N ASP B 233 9.46 -44.35 7.19
CA ASP B 233 9.91 -45.21 8.28
C ASP B 233 10.41 -44.46 9.51
N ASN B 234 9.68 -43.44 9.94
CA ASN B 234 10.10 -42.68 11.13
C ASN B 234 11.56 -42.23 11.04
N ASP B 235 12.08 -42.11 9.83
CA ASP B 235 13.47 -41.70 9.67
C ASP B 235 13.51 -40.18 9.60
N VAL B 236 13.61 -39.56 10.77
CA VAL B 236 13.66 -38.11 10.85
C VAL B 236 14.54 -37.45 9.78
N SER B 237 15.65 -38.09 9.45
CA SER B 237 16.59 -37.55 8.46
C SER B 237 16.04 -37.37 7.06
N ARG B 238 15.03 -38.16 6.70
CA ARG B 238 14.47 -38.09 5.36
C ARG B 238 13.40 -37.03 5.23
N PHE B 239 13.05 -36.40 6.35
CA PHE B 239 12.03 -35.37 6.37
C PHE B 239 12.64 -34.03 5.97
N LYS B 240 12.46 -33.65 4.70
CA LYS B 240 13.03 -32.40 4.22
C LYS B 240 12.19 -31.13 4.39
N ALA B 241 10.94 -31.17 4.00
CA ALA B 241 10.10 -29.98 4.14
C ALA B 241 8.62 -30.32 4.10
N VAL B 242 7.78 -29.42 4.63
CA VAL B 242 6.33 -29.59 4.61
C VAL B 242 5.68 -28.25 4.41
N LYS B 243 4.56 -28.28 3.72
CA LYS B 243 3.79 -27.09 3.44
C LYS B 243 2.35 -27.47 3.69
N ALA B 244 1.59 -26.59 4.34
CA ALA B 244 0.21 -26.89 4.64
C ALA B 244 -0.63 -25.64 4.69
N ARG B 245 -1.90 -25.78 4.36
CA ARG B 245 -2.84 -24.66 4.41
C ARG B 245 -3.92 -25.01 5.42
N PHE B 246 -4.21 -24.09 6.33
CA PHE B 246 -5.21 -24.36 7.35
C PHE B 246 -6.61 -23.99 6.86
N ALA B 247 -7.57 -24.85 7.18
CA ALA B 247 -8.95 -24.62 6.77
C ALA B 247 -9.85 -24.59 8.00
N LYS B 248 -10.90 -25.41 8.02
CA LYS B 248 -11.82 -25.44 9.15
C LYS B 248 -11.14 -25.86 10.46
N PRO B 249 -11.74 -25.47 11.61
CA PRO B 249 -11.26 -25.75 12.96
C PRO B 249 -11.39 -27.20 13.38
N VAL B 250 -10.66 -27.55 14.43
CA VAL B 250 -10.67 -28.89 15.00
C VAL B 250 -10.90 -28.68 16.50
N TYR B 251 -11.76 -29.49 17.11
CA TYR B 251 -12.00 -29.35 18.52
C TYR B 251 -11.40 -30.50 19.28
N PRO B 252 -10.64 -30.21 20.35
CA PRO B 252 -10.01 -31.24 21.15
C PRO B 252 -10.98 -32.38 21.41
N GLY B 253 -10.59 -33.58 21.02
CA GLY B 253 -11.45 -34.72 21.22
C GLY B 253 -11.89 -35.30 19.90
N GLN B 254 -12.02 -34.46 18.88
CA GLN B 254 -12.45 -34.95 17.58
C GLN B 254 -11.40 -35.90 17.01
N THR B 255 -11.73 -36.56 15.92
CA THR B 255 -10.82 -37.51 15.33
C THR B 255 -10.30 -37.06 13.96
N LEU B 256 -8.97 -36.97 13.86
CA LEU B 256 -8.30 -36.56 12.65
C LEU B 256 -8.18 -37.68 11.64
N GLN B 257 -8.25 -37.31 10.37
CA GLN B 257 -8.18 -38.26 9.26
C GLN B 257 -7.14 -37.72 8.30
N THR B 258 -5.95 -38.29 8.29
CA THR B 258 -4.92 -37.80 7.39
C THR B 258 -4.84 -38.61 6.11
N GLU B 259 -5.25 -38.00 5.00
CA GLU B 259 -5.23 -38.66 3.70
C GLU B 259 -3.90 -38.37 2.97
N MET B 260 -3.24 -39.40 2.46
CA MET B 260 -1.96 -39.23 1.80
C MET B 260 -1.87 -39.82 0.40
N TRP B 261 -1.12 -39.13 -0.46
CA TRP B 261 -0.88 -39.53 -1.83
C TRP B 261 0.62 -39.51 -2.09
N LYS B 262 1.20 -40.64 -2.49
CA LYS B 262 2.63 -40.65 -2.77
C LYS B 262 2.87 -40.38 -4.24
N GLU B 263 3.59 -39.30 -4.52
CA GLU B 263 3.94 -38.92 -5.88
C GLU B 263 5.45 -38.76 -5.90
N GLY B 264 6.17 -39.87 -6.01
CA GLY B 264 7.61 -39.79 -6.02
C GLY B 264 8.12 -39.55 -4.62
N ASN B 265 8.85 -38.47 -4.42
CA ASN B 265 9.39 -38.15 -3.10
C ASN B 265 8.55 -37.12 -2.36
N ARG B 266 7.43 -36.74 -2.97
CA ARG B 266 6.52 -35.80 -2.35
C ARG B 266 5.25 -36.52 -1.92
N ILE B 267 4.94 -36.43 -0.64
CA ILE B 267 3.74 -37.07 -0.13
C ILE B 267 2.71 -35.98 0.05
N HIS B 268 1.71 -35.95 -0.81
CA HIS B 268 0.66 -34.95 -0.70
C HIS B 268 -0.26 -35.42 0.41
N PHE B 269 -0.85 -34.48 1.15
CA PHE B 269 -1.78 -34.89 2.20
C PHE B 269 -2.83 -33.84 2.49
N GLN B 270 -3.95 -34.33 3.02
CA GLN B 270 -5.10 -33.54 3.35
C GLN B 270 -5.57 -34.08 4.69
N THR B 271 -6.12 -33.23 5.55
CA THR B 271 -6.56 -33.72 6.84
C THR B 271 -8.03 -33.35 7.09
N LYS B 272 -8.82 -34.31 7.56
CA LYS B 272 -10.22 -34.09 7.84
C LYS B 272 -10.56 -34.47 9.25
N VAL B 273 -11.82 -34.24 9.62
CA VAL B 273 -12.31 -34.61 10.93
C VAL B 273 -13.40 -35.64 10.70
N GLN B 274 -13.04 -36.91 10.87
CA GLN B 274 -13.98 -38.01 10.73
C GLN B 274 -15.02 -37.78 11.79
N GLU B 275 -16.16 -37.21 11.41
CA GLU B 275 -17.23 -36.93 12.36
C GLU B 275 -18.08 -35.91 11.65
N THR B 276 -17.41 -35.00 10.97
CA THR B 276 -18.09 -33.94 10.26
C THR B 276 -17.60 -34.02 8.83
N GLY B 277 -16.47 -34.67 8.64
CA GLY B 277 -15.91 -34.78 7.32
C GLY B 277 -15.30 -33.48 6.85
N ASP B 278 -15.29 -32.46 7.69
CA ASP B 278 -14.71 -31.17 7.29
C ASP B 278 -13.22 -31.30 7.01
N ILE B 279 -12.74 -30.49 6.09
CA ILE B 279 -11.32 -30.49 5.76
C ILE B 279 -10.67 -29.41 6.60
N VAL B 280 -9.73 -29.82 7.45
CA VAL B 280 -9.04 -28.90 8.36
C VAL B 280 -7.66 -28.47 7.87
N ILE B 281 -7.04 -29.27 7.02
CA ILE B 281 -5.74 -28.93 6.44
C ILE B 281 -5.81 -29.33 4.97
N SER B 282 -5.49 -28.39 4.09
CA SER B 282 -5.57 -28.67 2.67
C SER B 282 -4.33 -28.32 1.88
N ASN B 283 -4.26 -28.87 0.66
CA ASN B 283 -3.18 -28.62 -0.28
C ASN B 283 -1.82 -28.69 0.36
N ALA B 284 -1.64 -29.69 1.22
CA ALA B 284 -0.38 -29.85 1.92
C ALA B 284 0.46 -30.95 1.32
N TYR B 285 1.72 -30.98 1.74
CA TYR B 285 2.65 -32.00 1.26
C TYR B 285 3.88 -31.97 2.14
N VAL B 286 4.74 -32.96 1.95
CA VAL B 286 5.98 -33.07 2.69
C VAL B 286 6.96 -33.78 1.75
N ASP B 287 8.12 -33.16 1.55
CA ASP B 287 9.13 -33.72 0.67
C ASP B 287 10.09 -34.63 1.43
N LEU B 288 10.31 -35.82 0.90
CA LEU B 288 11.21 -36.78 1.53
C LEU B 288 12.45 -37.03 0.69
N ALA B 289 13.34 -37.87 1.23
CA ALA B 289 14.58 -38.26 0.57
C ALA B 289 14.48 -39.74 0.15
N GLY C 6 -44.26 45.17 54.62
CA GLY C 6 -42.85 45.18 54.08
C GLY C 6 -42.26 43.79 54.03
N PHE C 7 -41.07 43.62 54.60
CA PHE C 7 -40.44 42.32 54.62
C PHE C 7 -41.02 41.52 55.80
N ALA C 8 -41.53 42.21 56.80
CA ALA C 8 -42.11 41.56 57.97
C ALA C 8 -43.47 41.00 57.64
N GLY C 9 -43.95 41.30 56.44
CA GLY C 9 -45.26 40.82 56.04
C GLY C 9 -45.14 39.39 55.57
N ALA C 10 -43.90 38.92 55.48
CA ALA C 10 -43.67 37.57 55.04
C ALA C 10 -43.49 36.57 56.17
N ILE C 11 -43.35 37.04 57.40
CA ILE C 11 -43.19 36.09 58.50
C ILE C 11 -44.43 35.20 58.44
N GLY C 12 -44.36 34.11 57.69
CA GLY C 12 -45.50 33.22 57.58
C GLY C 12 -45.76 32.79 56.15
N GLN C 13 -45.83 33.76 55.25
CA GLN C 13 -46.06 33.52 53.83
C GLN C 13 -45.92 32.09 53.36
N LYS C 14 -47.01 31.51 52.89
CA LYS C 14 -46.97 30.15 52.38
C LYS C 14 -46.66 30.31 50.89
N LEU C 15 -45.70 29.55 50.37
CA LEU C 15 -45.31 29.66 48.97
C LEU C 15 -45.97 28.67 48.00
N PRO C 16 -46.02 29.02 46.71
CA PRO C 16 -46.64 28.14 45.71
C PRO C 16 -45.98 26.77 45.72
N PRO C 17 -46.76 25.71 45.95
CA PRO C 17 -46.21 24.35 45.98
C PRO C 17 -45.65 23.99 44.62
N PHE C 18 -44.65 23.12 44.61
CA PHE C 18 -44.03 22.68 43.36
C PHE C 18 -43.65 21.22 43.52
N SER C 19 -43.23 20.58 42.44
CA SER C 19 -42.85 19.18 42.59
C SER C 19 -41.47 18.88 41.99
N TYR C 20 -40.86 17.83 42.49
CA TYR C 20 -39.54 17.41 42.05
C TYR C 20 -39.59 15.92 41.78
N ALA C 21 -39.13 15.52 40.60
CA ALA C 21 -39.10 14.10 40.26
C ALA C 21 -37.70 13.81 39.77
N TYR C 22 -37.19 12.64 40.10
CA TYR C 22 -35.84 12.30 39.68
C TYR C 22 -35.72 10.79 39.52
N THR C 23 -34.61 10.38 38.90
CA THR C 23 -34.32 8.97 38.70
C THR C 23 -32.91 8.77 39.20
N GLU C 24 -32.41 7.55 39.10
CA GLU C 24 -31.04 7.26 39.55
C GLU C 24 -30.04 8.20 38.89
N LEU C 25 -30.36 8.62 37.66
CA LEU C 25 -29.49 9.53 36.93
C LEU C 25 -29.19 10.78 37.72
N GLU C 26 -30.23 11.57 38.00
CA GLU C 26 -30.07 12.80 38.75
C GLU C 26 -29.33 12.55 40.05
N ALA C 27 -29.59 11.40 40.66
CA ALA C 27 -28.93 11.07 41.92
C ALA C 27 -27.42 10.88 41.72
N ILE C 28 -27.06 10.01 40.77
CA ILE C 28 -25.66 9.75 40.48
C ILE C 28 -24.93 11.02 40.06
N MET C 29 -25.62 11.84 39.29
CA MET C 29 -25.05 13.11 38.85
C MET C 29 -24.71 13.94 40.07
N TYR C 30 -25.58 13.93 41.07
CA TYR C 30 -25.32 14.69 42.27
C TYR C 30 -24.11 14.13 42.98
N ALA C 31 -24.10 12.81 43.16
CA ALA C 31 -23.01 12.15 43.85
C ALA C 31 -21.67 12.47 43.23
N LEU C 32 -21.58 12.41 41.90
CA LEU C 32 -20.33 12.70 41.23
C LEU C 32 -19.96 14.12 41.51
N GLY C 33 -20.89 15.04 41.25
CA GLY C 33 -20.61 16.44 41.48
C GLY C 33 -20.34 16.80 42.94
N VAL C 34 -20.56 15.85 43.81
CA VAL C 34 -20.32 16.14 45.20
C VAL C 34 -19.11 15.38 45.76
N GLY C 35 -18.36 14.69 44.90
CA GLY C 35 -17.19 14.00 45.42
C GLY C 35 -17.03 12.50 45.26
N ALA C 36 -18.12 11.74 45.23
CA ALA C 36 -18.03 10.30 45.08
C ALA C 36 -17.12 9.96 43.93
N SER C 37 -16.31 8.91 44.10
CA SER C 37 -15.38 8.50 43.05
C SER C 37 -15.28 6.99 43.01
N ILE C 38 -15.26 6.37 41.83
CA ILE C 38 -15.15 4.92 41.79
C ILE C 38 -13.75 4.47 42.15
N LYS C 39 -12.87 5.41 42.50
CA LYS C 39 -11.54 4.99 42.88
C LYS C 39 -11.71 4.21 44.17
N ASP C 40 -12.77 4.53 44.90
CA ASP C 40 -13.05 3.84 46.15
C ASP C 40 -14.21 2.91 45.87
N PRO C 41 -13.98 1.60 45.94
CA PRO C 41 -15.01 0.60 45.68
C PRO C 41 -16.31 0.86 46.46
N LYS C 42 -16.18 1.32 47.69
CA LYS C 42 -17.36 1.58 48.49
C LYS C 42 -18.28 2.64 47.92
N ASP C 43 -17.75 3.49 47.04
CA ASP C 43 -18.53 4.56 46.44
C ASP C 43 -19.37 4.08 45.27
N LEU C 44 -19.11 2.86 44.82
CA LEU C 44 -19.84 2.30 43.69
C LEU C 44 -21.31 2.32 44.04
N LYS C 45 -21.57 2.30 45.35
CA LYS C 45 -22.91 2.31 45.93
C LYS C 45 -23.71 3.56 45.53
N PHE C 46 -23.01 4.68 45.31
CA PHE C 46 -23.66 5.94 44.96
C PHE C 46 -23.49 6.33 43.49
N ILE C 47 -22.66 5.60 42.77
CA ILE C 47 -22.39 5.93 41.38
C ILE C 47 -22.98 4.96 40.36
N TYR C 48 -23.19 3.71 40.75
CA TYR C 48 -23.73 2.69 39.86
C TYR C 48 -25.14 2.22 40.24
N GLU C 49 -26.11 2.52 39.37
CA GLU C 49 -27.49 2.13 39.66
C GLU C 49 -27.63 0.63 39.72
N GLY C 50 -26.72 -0.07 39.04
CA GLY C 50 -26.78 -1.52 39.05
C GLY C 50 -26.37 -2.13 40.36
N SER C 51 -25.66 -1.36 41.18
CA SER C 51 -25.24 -1.86 42.47
C SER C 51 -26.48 -2.32 43.24
N SER C 52 -26.41 -3.49 43.86
CA SER C 52 -27.53 -4.01 44.65
C SER C 52 -27.69 -3.15 45.89
N ASP C 53 -26.62 -2.45 46.20
CA ASP C 53 -26.53 -1.58 47.37
C ASP C 53 -26.91 -0.13 47.04
N PHE C 54 -27.09 0.15 45.75
CA PHE C 54 -27.40 1.51 45.30
C PHE C 54 -28.29 2.34 46.19
N SER C 55 -27.78 3.50 46.57
CA SER C 55 -28.51 4.40 47.41
C SER C 55 -28.33 5.79 46.87
N CYS C 56 -29.22 6.68 47.28
CA CYS C 56 -29.17 8.06 46.89
C CYS C 56 -28.49 8.73 48.10
N LEU C 57 -27.59 9.70 47.88
CA LEU C 57 -26.93 10.33 49.02
C LEU C 57 -27.88 11.22 49.82
N PRO C 58 -27.86 11.10 51.15
CA PRO C 58 -28.73 11.89 52.03
C PRO C 58 -28.90 13.37 51.67
N THR C 59 -27.80 14.08 51.49
CA THR C 59 -27.89 15.50 51.18
C THR C 59 -28.52 15.76 49.81
N PHE C 60 -28.91 14.72 49.09
CA PHE C 60 -29.54 14.96 47.79
C PHE C 60 -30.88 15.67 48.06
N GLY C 61 -31.35 15.55 49.30
CA GLY C 61 -32.60 16.17 49.70
C GLY C 61 -32.50 17.68 49.61
N VAL C 62 -31.29 18.21 49.69
CA VAL C 62 -31.10 19.64 49.59
C VAL C 62 -31.49 20.06 48.18
N ILE C 63 -31.28 19.17 47.21
CA ILE C 63 -31.63 19.48 45.84
C ILE C 63 -33.12 19.37 45.59
N ILE C 64 -33.77 18.46 46.30
CA ILE C 64 -35.20 18.27 46.15
C ILE C 64 -35.99 19.52 46.56
N GLY C 65 -35.64 20.10 47.70
CA GLY C 65 -36.34 21.28 48.16
C GLY C 65 -35.72 22.57 47.68
N GLN C 66 -34.64 22.46 46.93
CA GLN C 66 -33.93 23.63 46.45
C GLN C 66 -34.63 24.25 45.28
N LYS C 67 -35.35 23.43 44.50
CA LYS C 67 -36.05 23.89 43.31
C LYS C 67 -36.78 25.21 43.48
N SER C 68 -36.87 25.65 44.73
CA SER C 68 -37.53 26.91 45.04
C SER C 68 -36.51 28.06 45.24
N MET C 69 -35.98 28.16 46.47
CA MET C 69 -34.97 29.17 46.87
C MET C 69 -34.21 29.75 45.69
N GLY C 73 -36.81 32.67 42.13
CA GLY C 73 -37.82 31.91 42.84
C GLY C 73 -38.41 32.68 44.01
N LEU C 74 -37.55 33.41 44.70
CA LEU C 74 -37.96 34.23 45.83
C LEU C 74 -38.57 35.51 45.27
N ALA C 75 -39.40 35.33 44.25
CA ALA C 75 -40.09 36.43 43.60
C ALA C 75 -41.53 36.16 43.94
N GLU C 76 -41.73 35.01 44.58
CA GLU C 76 -43.03 34.54 45.00
C GLU C 76 -43.54 35.19 46.28
N ILE C 77 -42.71 36.01 46.92
CA ILE C 77 -43.10 36.66 48.15
C ILE C 77 -43.62 38.07 47.86
N PRO C 78 -44.92 38.19 47.52
CA PRO C 78 -45.63 39.42 47.18
C PRO C 78 -45.15 40.65 47.94
N GLY C 79 -44.76 41.68 47.20
CA GLY C 79 -44.28 42.91 47.83
C GLY C 79 -42.78 42.92 48.05
N LEU C 80 -42.13 41.78 47.81
CA LEU C 80 -40.68 41.71 47.96
C LEU C 80 -40.06 41.71 46.57
N SER C 81 -39.16 42.66 46.30
CA SER C 81 -38.48 42.73 45.01
C SER C 81 -37.00 42.48 45.28
N ILE C 82 -36.70 41.25 45.69
CA ILE C 82 -35.36 40.85 46.05
C ILE C 82 -34.37 40.69 44.89
N ASN C 83 -33.10 40.98 45.18
CA ASN C 83 -32.00 40.81 44.22
C ASN C 83 -31.52 39.41 44.50
N PHE C 84 -32.09 38.41 43.82
CA PHE C 84 -31.63 37.07 44.09
C PHE C 84 -30.10 37.11 44.04
N ALA C 85 -29.58 38.08 43.26
CA ALA C 85 -28.14 38.30 43.07
C ALA C 85 -27.47 38.88 44.30
N LYS C 86 -28.24 39.46 45.19
CA LYS C 86 -27.69 40.01 46.42
C LYS C 86 -28.18 39.21 47.61
N VAL C 87 -28.45 37.93 47.37
CA VAL C 87 -28.92 37.02 48.42
C VAL C 87 -27.88 35.95 48.67
N LEU C 88 -27.49 35.79 49.93
CA LEU C 88 -26.50 34.78 50.31
C LEU C 88 -27.11 33.59 51.03
N HIS C 89 -26.47 32.43 50.91
CA HIS C 89 -26.94 31.23 51.59
C HIS C 89 -26.12 31.13 52.88
N GLY C 90 -26.71 31.51 54.01
CA GLY C 90 -25.98 31.50 55.26
C GLY C 90 -25.83 30.18 55.99
N GLU C 91 -26.93 29.45 56.14
CA GLU C 91 -26.92 28.16 56.81
C GLU C 91 -27.83 27.21 56.08
N GLN C 92 -27.72 25.93 56.41
CA GLN C 92 -28.54 24.92 55.77
C GLN C 92 -28.85 23.84 56.78
N TYR C 93 -30.05 23.30 56.70
CA TYR C 93 -30.44 22.23 57.60
C TYR C 93 -31.28 21.24 56.82
N LEU C 94 -30.97 19.96 56.98
CA LEU C 94 -31.72 18.91 56.31
C LEU C 94 -31.99 17.77 57.28
N GLU C 95 -33.22 17.28 57.28
CA GLU C 95 -33.60 16.15 58.13
C GLU C 95 -34.31 15.16 57.24
N LEU C 96 -33.94 13.89 57.36
CA LEU C 96 -34.54 12.86 56.53
C LEU C 96 -35.43 11.98 57.39
N TYR C 97 -36.74 12.15 57.23
CA TYR C 97 -37.69 11.37 57.99
C TYR C 97 -37.72 9.95 57.46
N LYS C 98 -37.26 9.79 56.23
CA LYS C 98 -37.21 8.50 55.59
C LYS C 98 -36.14 8.50 54.51
N PRO C 99 -35.40 7.40 54.38
CA PRO C 99 -34.34 7.32 53.38
C PRO C 99 -34.86 7.74 52.01
N LEU C 100 -34.12 8.60 51.32
CA LEU C 100 -34.52 9.06 50.00
C LEU C 100 -34.44 7.89 49.01
N PRO C 101 -35.52 7.68 48.25
CA PRO C 101 -35.64 6.61 47.24
C PRO C 101 -34.64 6.72 46.09
N ARG C 102 -34.35 5.60 45.42
CA ARG C 102 -33.41 5.62 44.32
C ARG C 102 -33.95 6.38 43.12
N ALA C 103 -35.19 6.82 43.26
CA ALA C 103 -35.86 7.58 42.21
C ALA C 103 -37.26 7.92 42.71
N GLY C 104 -37.96 8.79 42.01
CA GLY C 104 -39.31 9.11 42.44
C GLY C 104 -39.77 10.55 42.22
N LYS C 105 -41.03 10.77 42.59
CA LYS C 105 -41.67 12.07 42.47
C LYS C 105 -42.04 12.55 43.86
N LEU C 106 -41.91 13.84 44.09
CA LEU C 106 -42.20 14.38 45.40
C LEU C 106 -42.91 15.72 45.27
N LYS C 107 -43.77 16.00 46.23
CA LYS C 107 -44.51 17.25 46.27
C LYS C 107 -43.85 18.07 47.35
N CYS C 108 -43.50 19.31 47.03
CA CYS C 108 -42.86 20.13 48.03
C CYS C 108 -43.67 21.37 48.38
N GLU C 109 -43.58 21.78 49.65
CA GLU C 109 -44.28 22.96 50.13
C GLU C 109 -43.35 23.83 50.95
N ALA C 110 -43.24 25.10 50.57
CA ALA C 110 -42.37 25.96 51.33
C ALA C 110 -43.14 27.03 52.10
N VAL C 111 -42.46 27.64 53.06
CA VAL C 111 -43.05 28.68 53.88
C VAL C 111 -41.94 29.58 54.45
N VAL C 112 -42.22 30.86 54.57
CA VAL C 112 -41.21 31.75 55.10
C VAL C 112 -41.33 31.77 56.63
N ALA C 113 -40.87 30.68 57.24
CA ALA C 113 -40.89 30.52 58.68
C ALA C 113 -40.67 31.84 59.42
N ASP C 114 -39.77 32.68 58.91
CA ASP C 114 -39.51 33.92 59.61
C ASP C 114 -38.59 34.86 58.84
N VAL C 115 -38.44 36.07 59.35
CA VAL C 115 -37.55 37.05 58.76
C VAL C 115 -36.92 37.78 59.92
N LEU C 116 -35.61 38.01 59.86
CA LEU C 116 -34.90 38.70 60.94
C LEU C 116 -33.96 39.77 60.41
N ASP C 117 -33.78 40.84 61.18
CA ASP C 117 -32.89 41.91 60.76
C ASP C 117 -31.56 41.93 61.51
N LYS C 118 -30.46 41.78 60.77
CA LYS C 118 -29.10 41.79 61.33
C LYS C 118 -28.35 43.06 60.91
N GLY C 119 -28.85 44.22 61.34
CA GLY C 119 -28.22 45.48 60.99
C GLY C 119 -28.03 45.61 59.48
N SER C 120 -26.86 45.21 59.01
CA SER C 120 -26.55 45.29 57.59
C SER C 120 -27.68 44.66 56.76
N GLY C 121 -27.65 43.34 56.63
CA GLY C 121 -28.66 42.63 55.87
C GLY C 121 -29.76 42.00 56.71
N VAL C 122 -30.61 41.23 56.05
CA VAL C 122 -31.73 40.57 56.71
C VAL C 122 -31.74 39.05 56.48
N VAL C 123 -32.10 38.30 57.52
CA VAL C 123 -32.17 36.86 57.42
C VAL C 123 -33.56 36.48 56.97
N ILE C 124 -33.66 35.39 56.22
CA ILE C 124 -34.93 34.88 55.73
C ILE C 124 -34.95 33.37 55.88
N ILE C 125 -35.50 32.92 56.99
CA ILE C 125 -35.58 31.51 57.31
C ILE C 125 -36.67 30.81 56.52
N MET C 126 -36.29 29.96 55.58
CA MET C 126 -37.30 29.28 54.79
C MET C 126 -37.37 27.76 54.96
N ASP C 127 -38.57 27.25 55.25
CA ASP C 127 -38.79 25.81 55.40
C ASP C 127 -39.46 25.24 54.18
N VAL C 128 -39.08 24.04 53.79
CA VAL C 128 -39.68 23.38 52.64
C VAL C 128 -39.78 21.89 52.91
N TYR C 129 -41.02 21.39 52.89
CA TYR C 129 -41.29 19.99 53.15
C TYR C 129 -41.57 19.22 51.87
N SER C 130 -41.02 18.03 51.77
CA SER C 130 -41.20 17.20 50.59
C SER C 130 -41.91 15.91 50.98
N TYR C 131 -43.03 15.61 50.32
CA TYR C 131 -43.81 14.42 50.63
C TYR C 131 -43.87 13.41 49.50
N SER C 132 -44.37 12.23 49.86
CA SER C 132 -44.60 11.06 48.99
C SER C 132 -45.76 10.17 49.50
N GLU C 135 -46.73 11.01 52.38
CA GLU C 135 -45.76 10.69 53.44
C GLU C 135 -44.58 11.67 53.48
N LEU C 136 -44.39 12.33 54.61
CA LEU C 136 -43.30 13.30 54.73
C LEU C 136 -41.97 12.58 54.64
N ILE C 137 -41.10 13.03 53.74
CA ILE C 137 -39.79 12.40 53.59
C ILE C 137 -38.64 13.22 54.14
N CYS C 138 -38.51 14.46 53.71
CA CYS C 138 -37.43 15.26 54.23
C CYS C 138 -37.86 16.69 54.51
N HIS C 139 -37.11 17.37 55.36
CA HIS C 139 -37.39 18.76 55.70
C HIS C 139 -36.11 19.58 55.53
N ASN C 140 -36.19 20.67 54.79
CA ASN C 140 -35.05 21.56 54.58
C ASN C 140 -35.29 22.91 55.21
N GLN C 141 -34.29 23.50 55.83
CA GLN C 141 -34.47 24.84 56.36
C GLN C 141 -33.33 25.71 55.84
N PHE C 142 -33.60 26.45 54.76
CA PHE C 142 -32.61 27.33 54.15
C PHE C 142 -32.60 28.66 54.88
N SER C 143 -31.45 29.06 55.39
CA SER C 143 -31.31 30.33 56.08
C SER C 143 -30.65 31.27 55.10
N LEU C 144 -31.41 32.21 54.55
CA LEU C 144 -30.86 33.13 53.55
C LEU C 144 -30.60 34.51 54.10
N PHE C 145 -29.39 35.01 53.85
CA PHE C 145 -29.01 36.34 54.28
C PHE C 145 -29.05 37.25 53.08
N LEU C 146 -29.70 38.39 53.27
CA LEU C 146 -29.87 39.37 52.21
C LEU C 146 -29.12 40.68 52.47
N LYS C 155 -37.91 41.52 67.23
CA LYS C 155 -37.50 40.19 66.80
C LYS C 155 -36.06 40.19 66.31
N ARG C 156 -35.16 39.64 67.13
CA ARG C 156 -33.76 39.57 66.74
C ARG C 156 -33.34 38.14 66.44
N THR C 157 -33.78 37.19 67.26
CA THR C 157 -33.42 35.80 67.04
C THR C 157 -34.73 35.09 66.78
N SER C 158 -34.72 33.97 66.07
CA SER C 158 -35.98 33.28 65.80
C SER C 158 -36.20 31.95 66.50
N ASP C 159 -37.46 31.66 66.83
CA ASP C 159 -37.87 30.43 67.52
C ASP C 159 -38.08 29.30 66.54
N LYS C 160 -38.07 29.64 65.26
CA LYS C 160 -38.30 28.67 64.22
C LYS C 160 -37.00 28.26 63.54
N VAL C 161 -35.89 28.70 64.09
CA VAL C 161 -34.60 28.41 63.49
C VAL C 161 -33.88 27.19 64.02
N LYS C 162 -33.48 26.29 63.12
CA LYS C 162 -32.71 25.12 63.51
C LYS C 162 -31.30 25.65 63.75
N VAL C 163 -30.98 25.88 65.01
CA VAL C 163 -29.69 26.42 65.42
C VAL C 163 -28.44 25.65 65.04
N ALA C 164 -27.38 26.39 64.72
CA ALA C 164 -26.10 25.79 64.41
C ALA C 164 -25.49 25.42 65.78
N VAL C 165 -24.43 24.62 65.80
CA VAL C 165 -23.84 24.22 67.08
C VAL C 165 -22.32 24.35 67.11
N ALA C 166 -21.82 24.83 68.23
CA ALA C 166 -20.38 25.02 68.40
C ALA C 166 -19.67 23.67 68.48
N ILE C 167 -18.46 23.62 67.95
CA ILE C 167 -17.69 22.39 67.96
C ILE C 167 -17.04 22.18 69.31
N PRO C 168 -16.81 20.91 69.70
CA PRO C 168 -16.19 20.55 70.97
C PRO C 168 -14.83 21.22 71.14
N ASN C 169 -14.52 21.60 72.37
CA ASN C 169 -13.25 22.25 72.64
C ASN C 169 -12.16 21.25 72.93
N ARG C 170 -11.73 20.54 71.89
CA ARG C 170 -10.69 19.52 72.00
C ARG C 170 -10.27 19.12 70.59
N PRO C 171 -9.05 18.58 70.42
CA PRO C 171 -8.67 18.20 69.06
C PRO C 171 -9.67 17.22 68.46
N PRO C 172 -9.89 17.33 67.15
CA PRO C 172 -10.80 16.52 66.33
C PRO C 172 -10.54 15.04 66.46
N ASP C 173 -11.59 14.23 66.39
CA ASP C 173 -11.41 12.80 66.47
C ASP C 173 -10.88 12.25 65.18
N ALA C 174 -11.17 12.96 64.08
CA ALA C 174 -10.73 12.55 62.76
C ALA C 174 -10.90 13.69 61.78
N VAL C 175 -10.04 13.71 60.77
CA VAL C 175 -10.12 14.73 59.76
C VAL C 175 -9.67 14.13 58.44
N LEU C 176 -10.56 14.14 57.46
CA LEU C 176 -10.30 13.60 56.14
C LEU C 176 -10.24 14.74 55.13
N THR C 177 -9.33 14.64 54.17
CA THR C 177 -9.17 15.68 53.15
C THR C 177 -9.77 15.24 51.82
N ASP C 178 -10.21 16.22 51.04
CA ASP C 178 -10.78 15.99 49.71
C ASP C 178 -10.25 17.02 48.72
N THR C 179 -9.82 16.54 47.57
CA THR C 179 -9.30 17.42 46.57
C THR C 179 -10.38 17.80 45.60
N THR C 180 -10.69 19.08 45.54
CA THR C 180 -11.72 19.56 44.63
C THR C 180 -11.19 19.66 43.22
N SER C 181 -12.05 19.40 42.25
CA SER C 181 -11.67 19.47 40.85
C SER C 181 -11.74 20.89 40.30
N LEU C 182 -10.91 21.18 39.32
CA LEU C 182 -10.94 22.50 38.72
C LEU C 182 -12.33 22.73 38.11
N ASN C 183 -13.07 21.64 37.87
CA ASN C 183 -14.41 21.69 37.29
C ASN C 183 -15.49 21.30 38.28
N GLN C 184 -15.14 21.22 39.56
CA GLN C 184 -16.12 20.82 40.55
C GLN C 184 -17.42 21.61 40.39
N ALA C 185 -17.33 22.93 40.34
CA ALA C 185 -18.51 23.75 40.21
C ALA C 185 -19.22 23.48 38.88
N ALA C 186 -18.44 23.36 37.81
CA ALA C 186 -19.03 23.11 36.49
C ALA C 186 -19.90 21.87 36.48
N LEU C 187 -19.54 20.88 37.31
CA LEU C 187 -20.30 19.64 37.36
C LEU C 187 -21.44 19.73 38.35
N TYR C 188 -21.15 20.25 39.55
CA TYR C 188 -22.16 20.35 40.59
C TYR C 188 -23.36 21.20 40.17
N ARG C 189 -23.10 22.27 39.41
CA ARG C 189 -24.20 23.13 38.98
C ARG C 189 -25.22 22.36 38.14
N LEU C 190 -24.79 21.29 37.46
CA LEU C 190 -25.72 20.51 36.67
C LEU C 190 -26.83 19.94 37.51
N SER C 191 -26.72 20.10 38.83
CA SER C 191 -27.72 19.57 39.73
C SER C 191 -28.80 20.60 40.09
N GLY C 192 -28.82 21.72 39.39
CA GLY C 192 -29.85 22.70 39.69
C GLY C 192 -29.47 24.15 39.91
N ASP C 193 -28.47 24.43 40.75
CA ASP C 193 -28.10 25.80 40.99
C ASP C 193 -27.24 26.32 39.86
N TRP C 194 -27.83 27.06 38.92
CA TRP C 194 -27.06 27.57 37.79
C TRP C 194 -26.45 28.96 37.99
N ASN C 195 -26.48 29.47 39.22
CA ASN C 195 -25.96 30.81 39.48
C ASN C 195 -24.63 31.03 38.80
N PRO C 196 -24.51 32.08 37.99
CA PRO C 196 -23.27 32.39 37.26
C PRO C 196 -22.10 32.63 38.16
N LEU C 197 -22.40 32.92 39.40
CA LEU C 197 -21.37 33.20 40.41
C LEU C 197 -20.37 32.05 40.53
N HIS C 198 -20.79 30.85 40.14
CA HIS C 198 -19.94 29.66 40.27
C HIS C 198 -19.27 29.25 38.98
N ILE C 199 -19.36 30.05 37.94
CA ILE C 199 -18.73 29.65 36.70
C ILE C 199 -18.38 30.80 35.80
N ASP C 200 -19.17 31.87 35.87
CA ASP C 200 -18.92 33.03 35.05
C ASP C 200 -17.83 33.89 35.70
N PRO C 201 -16.64 33.96 35.07
CA PRO C 201 -15.51 34.74 35.60
C PRO C 201 -15.93 36.16 35.91
N ASN C 202 -16.29 36.88 34.86
CA ASN C 202 -16.73 38.26 35.00
C ASN C 202 -17.75 38.48 36.09
N PHE C 203 -18.91 37.84 35.96
CA PHE C 203 -19.95 38.02 36.97
C PHE C 203 -19.34 37.97 38.35
N ALA C 204 -18.56 36.93 38.59
CA ALA C 204 -17.91 36.72 39.89
C ALA C 204 -17.00 37.88 40.24
N SER C 205 -16.24 38.33 39.25
CA SER C 205 -15.32 39.45 39.41
C SER C 205 -16.15 40.66 39.76
N LEU C 206 -17.13 40.93 38.91
CA LEU C 206 -18.01 42.05 39.11
C LEU C 206 -18.80 41.91 40.41
N ALA C 207 -18.58 40.82 41.15
CA ALA C 207 -19.32 40.62 42.38
C ALA C 207 -18.43 40.57 43.61
N GLY C 208 -17.15 40.84 43.42
CA GLY C 208 -16.19 40.84 44.52
C GLY C 208 -15.39 39.58 44.76
N PHE C 209 -15.16 38.79 43.71
CA PHE C 209 -14.40 37.55 43.84
C PHE C 209 -13.34 37.44 42.75
N ASP C 210 -12.16 36.99 43.17
CA ASP C 210 -11.04 36.84 42.25
C ASP C 210 -11.39 35.93 41.08
N LYS C 211 -12.19 34.91 41.36
CA LYS C 211 -12.63 33.99 40.34
C LYS C 211 -13.90 33.32 40.84
N PRO C 212 -14.56 32.52 39.98
CA PRO C 212 -15.79 31.87 40.42
C PRO C 212 -15.56 31.00 41.65
N ILE C 213 -16.58 30.91 42.51
CA ILE C 213 -16.48 30.11 43.71
C ILE C 213 -17.33 28.84 43.63
N LEU C 214 -16.98 27.85 44.44
CA LEU C 214 -17.71 26.59 44.49
C LEU C 214 -18.98 26.78 45.31
N HIS C 215 -20.06 26.11 44.90
CA HIS C 215 -21.33 26.21 45.60
C HIS C 215 -21.18 25.80 47.06
N GLY C 216 -21.74 26.58 47.97
CA GLY C 216 -21.64 26.23 49.37
C GLY C 216 -22.20 24.85 49.62
N LEU C 217 -23.31 24.54 48.97
CA LEU C 217 -23.93 23.23 49.15
C LEU C 217 -23.07 22.09 48.59
N CYS C 218 -22.09 22.40 47.75
CA CYS C 218 -21.22 21.35 47.22
C CYS C 218 -20.20 20.94 48.29
N THR C 219 -19.59 21.93 48.93
CA THR C 219 -18.62 21.69 50.00
C THR C 219 -19.37 20.91 51.07
N PHE C 220 -20.61 21.35 51.30
CA PHE C 220 -21.53 20.74 52.25
C PHE C 220 -21.67 19.26 51.93
N GLY C 221 -21.94 18.94 50.66
CA GLY C 221 -22.11 17.56 50.24
C GLY C 221 -20.88 16.75 50.54
N PHE C 222 -19.72 17.32 50.23
CA PHE C 222 -18.43 16.67 50.47
C PHE C 222 -18.31 16.27 51.92
N SER C 223 -18.27 17.26 52.81
CA SER C 223 -18.13 16.95 54.23
C SER C 223 -19.21 16.00 54.73
N ALA C 224 -20.46 16.24 54.36
CA ALA C 224 -21.53 15.37 54.81
C ALA C 224 -21.25 13.95 54.33
N ARG C 225 -20.79 13.80 53.08
CA ARG C 225 -20.46 12.50 52.51
C ARG C 225 -19.38 11.78 53.29
N ARG C 226 -18.38 12.54 53.74
CA ARG C 226 -17.30 11.98 54.52
C ARG C 226 -17.79 11.55 55.91
N VAL C 227 -18.58 12.40 56.56
CA VAL C 227 -19.10 12.03 57.87
C VAL C 227 -19.84 10.70 57.75
N LEU C 228 -20.65 10.59 56.68
CA LEU C 228 -21.43 9.38 56.43
C LEU C 228 -20.54 8.14 56.38
N GLN C 229 -19.43 8.25 55.65
CA GLN C 229 -18.57 7.10 55.52
C GLN C 229 -17.65 6.87 56.71
N GLN C 230 -17.31 7.92 57.44
CA GLN C 230 -16.42 7.76 58.58
C GLN C 230 -17.12 7.29 59.84
N PHE C 231 -18.32 7.79 60.10
CA PHE C 231 -19.02 7.43 61.33
C PHE C 231 -20.33 6.69 61.17
N ALA C 232 -20.65 6.25 59.96
CA ALA C 232 -21.89 5.53 59.77
C ALA C 232 -21.80 4.43 58.74
N ASP C 233 -20.57 4.04 58.41
CA ASP C 233 -20.36 2.98 57.43
C ASP C 233 -21.15 3.15 56.16
N ASN C 234 -21.15 4.35 55.58
CA ASN C 234 -21.89 4.53 54.35
C ASN C 234 -23.32 3.99 54.41
N ASP C 235 -23.87 3.87 55.61
CA ASP C 235 -25.22 3.37 55.76
C ASP C 235 -26.22 4.52 55.67
N VAL C 236 -26.64 4.82 54.45
CA VAL C 236 -27.57 5.90 54.21
C VAL C 236 -28.72 5.99 55.22
N SER C 237 -29.22 4.84 55.64
CA SER C 237 -30.33 4.79 56.57
C SER C 237 -30.06 5.39 57.94
N ARG C 238 -28.79 5.45 58.33
CA ARG C 238 -28.43 6.01 59.65
C ARG C 238 -28.27 7.53 59.67
N PHE C 239 -28.31 8.12 58.48
CA PHE C 239 -28.14 9.55 58.32
C PHE C 239 -29.46 10.26 58.57
N LYS C 240 -29.64 10.80 59.77
CA LYS C 240 -30.89 11.47 60.14
C LYS C 240 -31.02 12.94 59.80
N ALA C 241 -30.00 13.73 60.13
CA ALA C 241 -30.07 15.16 59.87
C ALA C 241 -28.70 15.85 59.90
N VAL C 242 -28.57 16.97 59.19
CA VAL C 242 -27.33 17.75 59.19
C VAL C 242 -27.66 19.22 59.24
N LYS C 243 -26.78 19.97 59.90
CA LYS C 243 -26.93 21.41 60.05
C LYS C 243 -25.57 22.00 59.82
N ALA C 244 -25.50 23.07 59.03
CA ALA C 244 -24.21 23.65 58.74
C ALA C 244 -24.31 25.13 58.51
N ARG C 245 -23.24 25.86 58.83
CA ARG C 245 -23.18 27.30 58.62
C ARG C 245 -22.04 27.61 57.65
N PHE C 246 -22.35 28.35 56.60
CA PHE C 246 -21.36 28.68 55.61
C PHE C 246 -20.53 29.89 56.01
N ALA C 247 -19.23 29.80 55.77
CA ALA C 247 -18.29 30.87 56.11
C ALA C 247 -17.55 31.31 54.86
N LYS C 248 -16.22 31.29 54.90
CA LYS C 248 -15.44 31.74 53.75
C LYS C 248 -15.65 30.85 52.52
N PRO C 249 -15.40 31.41 51.32
CA PRO C 249 -15.54 30.76 50.01
C PRO C 249 -14.53 29.67 49.75
N VAL C 250 -14.80 28.85 48.74
CA VAL C 250 -13.93 27.75 48.35
C VAL C 250 -13.81 27.89 46.84
N TYR C 251 -12.61 27.70 46.31
CA TYR C 251 -12.47 27.84 44.88
C TYR C 251 -12.19 26.48 44.28
N PRO C 252 -12.90 26.13 43.20
CA PRO C 252 -12.73 24.85 42.53
C PRO C 252 -11.26 24.56 42.38
N GLY C 253 -10.84 23.41 42.89
CA GLY C 253 -9.45 23.04 42.80
C GLY C 253 -8.81 23.03 44.16
N GLN C 254 -9.30 23.84 45.08
CA GLN C 254 -8.71 23.85 46.40
C GLN C 254 -8.96 22.51 47.10
N THR C 255 -8.32 22.32 48.26
CA THR C 255 -8.46 21.07 48.98
C THR C 255 -9.23 21.24 50.29
N LEU C 256 -10.32 20.48 50.42
CA LEU C 256 -11.16 20.54 51.59
C LEU C 256 -10.57 19.74 52.74
N GLN C 257 -10.89 20.15 53.95
CA GLN C 257 -10.38 19.48 55.13
C GLN C 257 -11.57 19.39 56.06
N THR C 258 -12.15 18.21 56.22
CA THR C 258 -13.32 18.05 57.08
C THR C 258 -12.93 17.51 58.46
N GLU C 259 -13.02 18.35 59.48
CA GLU C 259 -12.67 17.94 60.84
C GLU C 259 -13.93 17.43 61.55
N MET C 260 -13.83 16.25 62.17
CA MET C 260 -14.97 15.63 62.86
C MET C 260 -14.80 15.27 64.35
N TRP C 261 -15.84 15.47 65.13
CA TRP C 261 -15.82 15.15 66.55
C TRP C 261 -17.01 14.25 66.82
N LYS C 262 -16.80 13.08 67.39
CA LYS C 262 -17.92 12.22 67.68
C LYS C 262 -18.34 12.41 69.13
N GLU C 263 -19.59 12.81 69.32
CA GLU C 263 -20.17 13.03 70.64
C GLU C 263 -21.48 12.24 70.66
N GLY C 264 -21.35 10.94 70.90
CA GLY C 264 -22.53 10.11 70.95
C GLY C 264 -23.02 9.85 69.55
N ASN C 265 -24.26 10.21 69.28
CA ASN C 265 -24.80 10.01 67.95
C ASN C 265 -24.75 11.25 67.08
N ARG C 266 -24.11 12.30 67.60
CA ARG C 266 -23.98 13.53 66.85
C ARG C 266 -22.53 13.68 66.44
N ILE C 267 -22.28 13.84 65.16
CA ILE C 267 -20.90 14.02 64.71
C ILE C 267 -20.74 15.49 64.38
N HIS C 268 -20.00 16.20 65.21
CA HIS C 268 -19.79 17.62 64.96
C HIS C 268 -18.72 17.73 63.88
N PHE C 269 -18.82 18.74 63.02
CA PHE C 269 -17.80 18.92 62.01
C PHE C 269 -17.60 20.34 61.59
N GLN C 270 -16.41 20.59 61.05
CA GLN C 270 -16.00 21.90 60.62
C GLN C 270 -15.23 21.64 59.33
N THR C 271 -15.28 22.53 58.36
CA THR C 271 -14.55 22.29 57.11
C THR C 271 -13.64 23.47 56.77
N LYS C 272 -12.40 23.17 56.39
CA LYS C 272 -11.42 24.19 56.06
C LYS C 272 -10.86 23.95 54.69
N VAL C 273 -10.00 24.85 54.26
CA VAL C 273 -9.33 24.71 52.98
C VAL C 273 -7.85 24.63 53.30
N GLN C 274 -7.32 23.41 53.29
CA GLN C 274 -5.91 23.14 53.54
C GLN C 274 -5.19 23.85 52.41
N GLU C 275 -4.65 25.02 52.68
CA GLU C 275 -3.96 25.83 51.66
C GLU C 275 -3.96 27.23 52.21
N THR C 276 -5.07 27.59 52.81
CA THR C 276 -5.24 28.89 53.39
C THR C 276 -5.62 28.69 54.82
N GLY C 277 -6.15 27.52 55.12
CA GLY C 277 -6.54 27.24 56.48
C GLY C 277 -7.84 27.93 56.85
N ASP C 278 -8.47 28.58 55.88
CA ASP C 278 -9.74 29.25 56.14
C ASP C 278 -10.84 28.27 56.47
N ILE C 279 -11.75 28.68 57.35
CA ILE C 279 -12.88 27.83 57.71
C ILE C 279 -14.01 28.20 56.75
N VAL C 280 -14.47 27.20 55.98
CA VAL C 280 -15.53 27.41 55.00
C VAL C 280 -16.90 26.93 55.48
N ILE C 281 -16.91 25.99 56.44
CA ILE C 281 -18.16 25.51 57.00
C ILE C 281 -17.94 25.41 58.50
N SER C 282 -18.81 26.03 59.29
CA SER C 282 -18.64 26.02 60.73
C SER C 282 -19.87 25.61 61.50
N ASN C 283 -19.64 25.29 62.77
CA ASN C 283 -20.67 24.92 63.72
C ASN C 283 -21.66 23.94 63.17
N ALA C 284 -21.17 23.00 62.36
CA ALA C 284 -22.04 22.01 61.77
C ALA C 284 -22.07 20.67 62.54
N TYR C 285 -23.00 19.82 62.13
CA TYR C 285 -23.13 18.50 62.74
C TYR C 285 -24.08 17.69 61.90
N VAL C 286 -24.15 16.41 62.20
CA VAL C 286 -25.03 15.47 61.52
C VAL C 286 -25.40 14.42 62.56
N ASP C 287 -26.70 14.19 62.71
CA ASP C 287 -27.17 13.23 63.68
C ASP C 287 -27.32 11.86 63.06
N LEU C 288 -26.77 10.85 63.72
CA LEU C 288 -26.85 9.49 63.21
C LEU C 288 -27.78 8.64 64.06
N ALA C 289 -28.24 7.53 63.47
CA ALA C 289 -29.12 6.62 64.17
C ALA C 289 -28.27 5.71 65.06
N GLY D 9 -33.90 -11.65 5.99
CA GLY D 9 -33.68 -10.69 4.86
C GLY D 9 -34.10 -9.28 5.21
N ALA D 10 -33.63 -8.79 6.34
CA ALA D 10 -33.96 -7.44 6.79
C ALA D 10 -32.85 -6.52 6.34
N ILE D 11 -32.69 -6.40 5.03
CA ILE D 11 -31.63 -5.59 4.46
C ILE D 11 -32.18 -4.32 3.84
N GLY D 12 -33.02 -3.62 4.60
CA GLY D 12 -33.58 -2.38 4.10
C GLY D 12 -34.74 -2.02 4.99
N GLN D 13 -34.97 -2.87 5.99
CA GLN D 13 -36.06 -2.69 6.91
C GLN D 13 -35.96 -1.39 7.68
N LYS D 14 -37.07 -0.69 7.78
CA LYS D 14 -37.12 0.57 8.50
C LYS D 14 -37.47 0.24 9.94
N LEU D 15 -36.84 0.94 10.89
CA LEU D 15 -37.11 0.70 12.30
C LEU D 15 -38.06 1.72 12.89
N PRO D 16 -38.73 1.35 13.98
CA PRO D 16 -39.69 2.24 14.64
C PRO D 16 -39.06 3.59 14.91
N PRO D 17 -39.72 4.67 14.46
CA PRO D 17 -39.19 6.02 14.67
C PRO D 17 -39.30 6.41 16.13
N PHE D 18 -38.38 7.26 16.59
CA PHE D 18 -38.38 7.73 17.97
C PHE D 18 -38.00 9.18 17.96
N SER D 19 -38.08 9.83 19.11
CA SER D 19 -37.71 11.23 19.16
C SER D 19 -36.74 11.46 20.32
N TYR D 20 -35.96 12.52 20.18
CA TYR D 20 -34.99 12.88 21.18
C TYR D 20 -35.11 14.38 21.44
N ALA D 21 -35.14 14.75 22.72
CA ALA D 21 -35.23 16.17 23.08
C ALA D 21 -34.17 16.41 24.14
N TYR D 22 -33.56 17.59 24.10
CA TYR D 22 -32.54 17.91 25.07
C TYR D 22 -32.50 19.41 25.30
N THR D 23 -31.76 19.79 26.34
CA THR D 23 -31.56 21.18 26.70
C THR D 23 -30.06 21.38 26.89
N GLU D 24 -29.64 22.59 27.22
CA GLU D 24 -28.22 22.87 27.42
C GLU D 24 -27.61 21.90 28.42
N LEU D 25 -28.42 21.47 29.39
CA LEU D 25 -27.98 20.53 30.41
C LEU D 25 -27.39 19.28 29.78
N GLU D 26 -28.22 18.52 29.07
CA GLU D 26 -27.77 17.27 28.43
C GLU D 26 -26.53 17.53 27.57
N ALA D 27 -26.48 18.70 26.96
CA ALA D 27 -25.35 19.06 26.13
C ALA D 27 -24.09 19.20 26.98
N ILE D 28 -24.16 20.06 27.98
CA ILE D 28 -23.02 20.29 28.87
C ILE D 28 -22.56 18.99 29.54
N MET D 29 -23.52 18.18 29.93
CA MET D 29 -23.21 16.91 30.56
C MET D 29 -22.39 16.08 29.59
N TYR D 30 -22.75 16.12 28.31
CA TYR D 30 -21.99 15.36 27.33
C TYR D 30 -20.58 15.93 27.22
N ALA D 31 -20.48 17.25 27.11
CA ALA D 31 -19.18 17.91 26.96
C ALA D 31 -18.24 17.56 28.11
N LEU D 32 -18.76 17.58 29.34
CA LEU D 32 -17.93 17.25 30.48
C LEU D 32 -17.49 15.79 30.38
N GLY D 33 -18.45 14.90 30.15
CA GLY D 33 -18.15 13.50 30.05
C GLY D 33 -17.25 13.19 28.87
N VAL D 34 -17.08 14.14 27.98
CA VAL D 34 -16.24 13.87 26.84
C VAL D 34 -14.90 14.63 26.90
N GLY D 35 -14.59 15.27 28.02
CA GLY D 35 -13.31 15.94 28.10
C GLY D 35 -13.22 17.44 28.32
N ALA D 36 -14.20 18.22 27.87
CA ALA D 36 -14.14 19.68 28.07
C ALA D 36 -13.85 20.00 29.54
N SER D 37 -13.03 21.01 29.76
CA SER D 37 -12.65 21.38 31.12
C SER D 37 -12.51 22.89 31.19
N ILE D 38 -13.02 23.49 32.27
CA ILE D 38 -12.91 24.94 32.38
C ILE D 38 -11.50 25.35 32.68
N LYS D 39 -10.59 24.40 32.73
CA LYS D 39 -9.20 24.76 32.97
C LYS D 39 -8.77 25.58 31.75
N ASP D 40 -9.41 25.32 30.63
CA ASP D 40 -9.13 26.02 29.39
C ASP D 40 -10.30 26.96 29.15
N PRO D 41 -10.05 28.28 29.23
CA PRO D 41 -11.07 29.31 29.02
C PRO D 41 -11.88 29.09 27.77
N LYS D 42 -11.23 28.66 26.70
CA LYS D 42 -11.92 28.43 25.45
C LYS D 42 -13.02 27.36 25.55
N ASP D 43 -12.92 26.48 26.55
CA ASP D 43 -13.91 25.41 26.73
C ASP D 43 -15.18 25.87 27.43
N LEU D 44 -15.14 27.08 27.98
CA LEU D 44 -16.29 27.64 28.67
C LEU D 44 -17.46 27.65 27.71
N LYS D 45 -17.13 27.74 26.43
CA LYS D 45 -18.08 27.74 25.32
C LYS D 45 -18.97 26.50 25.30
N PHE D 46 -18.47 25.38 25.80
CA PHE D 46 -19.23 24.11 25.80
C PHE D 46 -19.75 23.70 27.16
N ILE D 47 -19.28 24.38 28.20
CA ILE D 47 -19.65 24.04 29.57
C ILE D 47 -20.63 25.00 30.24
N TYR D 48 -20.62 26.26 29.80
CA TYR D 48 -21.48 27.29 30.40
C TYR D 48 -22.56 27.77 29.44
N GLU D 49 -23.81 27.50 29.77
CA GLU D 49 -24.93 27.91 28.93
C GLU D 49 -24.99 29.44 28.83
N GLY D 50 -24.47 30.11 29.86
CA GLY D 50 -24.48 31.55 29.91
C GLY D 50 -23.54 32.19 28.90
N SER D 51 -22.57 31.42 28.44
CA SER D 51 -21.61 31.92 27.47
C SER D 51 -22.37 32.40 26.24
N SER D 52 -22.03 33.58 25.75
CA SER D 52 -22.69 34.12 24.56
C SER D 52 -22.30 33.28 23.35
N ASP D 53 -21.22 32.53 23.53
CA ASP D 53 -20.66 31.68 22.51
C ASP D 53 -21.15 30.24 22.62
N PHE D 54 -21.89 29.94 23.68
CA PHE D 54 -22.38 28.60 23.94
C PHE D 54 -22.81 27.81 22.72
N SER D 55 -22.19 26.65 22.58
CA SER D 55 -22.50 25.74 21.48
C SER D 55 -22.56 24.32 22.01
N CYS D 56 -23.19 23.46 21.24
CA CYS D 56 -23.33 22.07 21.59
C CYS D 56 -22.21 21.41 20.78
N LEU D 57 -21.50 20.45 21.34
CA LEU D 57 -20.41 19.83 20.61
C LEU D 57 -20.95 19.00 19.46
N PRO D 58 -20.34 19.09 18.27
CA PRO D 58 -20.80 18.34 17.09
C PRO D 58 -21.10 16.84 17.33
N THR D 59 -20.18 16.12 17.95
CA THR D 59 -20.41 14.69 18.18
C THR D 59 -21.57 14.41 19.10
N PHE D 60 -22.21 15.44 19.64
CA PHE D 60 -23.35 15.19 20.51
C PHE D 60 -24.42 14.51 19.68
N GLY D 61 -24.30 14.68 18.36
CA GLY D 61 -25.25 14.09 17.45
C GLY D 61 -25.24 12.58 17.55
N VAL D 62 -24.12 12.03 18.01
CA VAL D 62 -24.00 10.58 18.17
C VAL D 62 -24.97 10.14 19.26
N ILE D 63 -25.21 11.01 20.22
CA ILE D 63 -26.13 10.68 21.29
C ILE D 63 -27.58 10.80 20.84
N ILE D 64 -27.84 11.75 19.95
CA ILE D 64 -29.18 11.99 19.43
C ILE D 64 -29.72 10.76 18.71
N GLY D 65 -28.93 10.19 17.80
CA GLY D 65 -29.40 9.02 17.07
C GLY D 65 -29.04 7.71 17.75
N GLN D 66 -28.40 7.79 18.91
CA GLN D 66 -27.97 6.60 19.64
C GLN D 66 -29.14 5.96 20.38
N LYS D 67 -30.09 6.81 20.76
CA LYS D 67 -31.27 6.43 21.51
C LYS D 67 -31.97 5.12 21.14
N SER D 68 -32.01 4.75 19.86
CA SER D 68 -32.69 3.49 19.53
C SER D 68 -31.91 2.32 20.14
N MET D 69 -30.64 2.21 19.75
CA MET D 69 -29.73 1.16 20.23
C MET D 69 -29.77 0.93 21.74
N MET D 70 -30.12 1.96 22.50
CA MET D 70 -30.18 1.85 23.96
C MET D 70 -31.44 1.16 24.45
N LEU D 74 -31.95 -2.41 21.72
CA LEU D 74 -33.29 -2.45 21.15
C LEU D 74 -33.25 -2.79 19.66
N ALA D 75 -32.70 -3.95 19.33
CA ALA D 75 -32.63 -4.39 17.94
C ALA D 75 -33.86 -5.22 17.56
N GLU D 76 -34.53 -4.79 16.50
CA GLU D 76 -35.72 -5.49 16.01
C GLU D 76 -35.50 -6.04 14.60
N ILE D 77 -34.27 -6.48 14.34
CA ILE D 77 -33.88 -7.05 13.04
C ILE D 77 -33.32 -8.44 13.38
N PRO D 78 -33.27 -9.37 12.41
CA PRO D 78 -32.73 -10.69 12.75
C PRO D 78 -31.26 -10.69 13.15
N ASN D 83 -29.21 -12.83 19.34
CA ASN D 83 -27.85 -12.53 19.78
C ASN D 83 -27.53 -11.04 19.65
N PHE D 84 -28.33 -10.19 20.29
CA PHE D 84 -28.07 -8.75 20.22
C PHE D 84 -27.10 -8.29 21.28
N ALA D 85 -27.20 -8.88 22.47
CA ALA D 85 -26.33 -8.52 23.57
C ALA D 85 -24.88 -8.84 23.20
N LYS D 86 -24.72 -9.55 22.08
CA LYS D 86 -23.39 -9.94 21.61
C LYS D 86 -22.94 -9.23 20.33
N VAL D 87 -23.48 -8.04 20.09
CA VAL D 87 -23.13 -7.24 18.92
C VAL D 87 -22.14 -6.15 19.33
N LEU D 88 -21.11 -5.97 18.51
CA LEU D 88 -20.11 -4.96 18.81
C LEU D 88 -20.22 -3.75 17.90
N HIS D 89 -19.75 -2.62 18.40
CA HIS D 89 -19.76 -1.38 17.64
C HIS D 89 -18.37 -1.23 16.99
N GLY D 90 -18.30 -1.34 15.67
CA GLY D 90 -17.02 -1.28 14.97
C GLY D 90 -16.56 0.02 14.37
N GLU D 91 -17.50 0.76 13.80
CA GLU D 91 -17.17 2.04 13.20
C GLU D 91 -18.32 3.00 13.47
N GLN D 92 -18.08 4.29 13.25
CA GLN D 92 -19.10 5.30 13.47
C GLN D 92 -18.92 6.39 12.45
N TYR D 93 -20.03 6.97 12.01
CA TYR D 93 -19.97 8.05 11.05
C TYR D 93 -21.06 9.03 11.38
N LEU D 94 -20.71 10.31 11.38
CA LEU D 94 -21.67 11.35 11.68
C LEU D 94 -21.46 12.51 10.73
N GLU D 95 -22.56 13.05 10.20
CA GLU D 95 -22.49 14.19 9.30
C GLU D 95 -23.52 15.18 9.80
N LEU D 96 -23.11 16.44 9.89
CA LEU D 96 -24.00 17.50 10.36
C LEU D 96 -24.42 18.41 9.21
N TYR D 97 -25.65 18.22 8.75
CA TYR D 97 -26.18 19.02 7.66
C TYR D 97 -26.45 20.42 8.17
N LYS D 98 -26.58 20.55 9.49
CA LYS D 98 -26.80 21.84 10.11
C LYS D 98 -26.29 21.82 11.53
N PRO D 99 -25.69 22.92 12.00
CA PRO D 99 -25.17 22.96 13.36
C PRO D 99 -26.24 22.52 14.35
N LEU D 100 -25.86 21.68 15.30
CA LEU D 100 -26.81 21.22 16.30
C LEU D 100 -27.17 22.39 17.21
N PRO D 101 -28.46 22.61 17.45
CA PRO D 101 -29.01 23.67 18.31
C PRO D 101 -28.62 23.51 19.78
N ARG D 102 -28.61 24.61 20.53
CA ARG D 102 -28.27 24.56 21.96
C ARG D 102 -29.32 23.82 22.76
N ALA D 103 -30.35 23.35 22.06
CA ALA D 103 -31.41 22.60 22.71
C ALA D 103 -32.46 22.31 21.65
N GLY D 104 -33.39 21.41 21.95
CA GLY D 104 -34.41 21.13 20.98
C GLY D 104 -34.95 19.72 20.93
N LYS D 105 -35.93 19.53 20.05
CA LYS D 105 -36.58 18.24 19.85
C LYS D 105 -36.30 17.78 18.43
N LEU D 106 -36.12 16.48 18.28
CA LEU D 106 -35.81 15.94 16.99
C LEU D 106 -36.52 14.63 16.76
N LYS D 107 -36.87 14.38 15.50
CA LYS D 107 -37.53 13.13 15.13
C LYS D 107 -36.46 12.32 14.42
N CYS D 108 -36.29 11.07 14.82
CA CYS D 108 -35.29 10.23 14.21
C CYS D 108 -35.88 9.03 13.50
N GLU D 109 -35.22 8.63 12.42
CA GLU D 109 -35.68 7.47 11.66
C GLU D 109 -34.50 6.57 11.35
N ALA D 110 -34.60 5.31 11.75
CA ALA D 110 -33.51 4.39 11.53
C ALA D 110 -33.82 3.40 10.42
N VAL D 111 -32.80 3.08 9.64
CA VAL D 111 -32.92 2.14 8.54
C VAL D 111 -31.74 1.17 8.53
N VAL D 112 -31.98 -0.06 8.12
CA VAL D 112 -30.89 -1.02 8.09
C VAL D 112 -30.29 -0.95 6.69
N ALA D 113 -29.50 0.09 6.46
CA ALA D 113 -28.87 0.31 5.16
C ALA D 113 -28.43 -0.95 4.40
N ASP D 114 -27.83 -1.88 5.11
CA ASP D 114 -27.33 -3.09 4.48
C ASP D 114 -26.89 -4.06 5.56
N VAL D 115 -26.51 -5.26 5.13
CA VAL D 115 -26.04 -6.33 6.00
C VAL D 115 -25.02 -7.17 5.23
N LEU D 116 -23.82 -7.33 5.77
CA LEU D 116 -22.79 -8.12 5.09
C LEU D 116 -22.28 -9.23 6.01
N VAL D 122 -20.74 -11.17 10.83
CA VAL D 122 -21.69 -10.39 10.03
C VAL D 122 -21.71 -8.89 10.40
N VAL D 123 -21.92 -8.02 9.40
CA VAL D 123 -21.95 -6.56 9.64
C VAL D 123 -23.28 -5.85 9.44
N ILE D 124 -23.92 -5.47 10.53
CA ILE D 124 -25.19 -4.77 10.45
C ILE D 124 -24.92 -3.26 10.33
N ILE D 125 -25.15 -2.67 9.15
CA ILE D 125 -24.91 -1.25 8.98
C ILE D 125 -26.23 -0.53 9.03
N MET D 126 -26.40 0.30 10.05
CA MET D 126 -27.65 1.02 10.27
C MET D 126 -27.56 2.58 10.23
N ASP D 127 -28.40 3.20 9.39
CA ASP D 127 -28.43 4.65 9.27
C ASP D 127 -29.56 5.22 10.11
N VAL D 128 -29.36 6.42 10.66
CA VAL D 128 -30.42 7.06 11.44
C VAL D 128 -30.34 8.56 11.23
N TYR D 129 -31.45 9.11 10.73
CA TYR D 129 -31.56 10.53 10.44
C TYR D 129 -32.38 11.25 11.47
N SER D 130 -31.91 12.43 11.86
CA SER D 130 -32.59 13.22 12.86
C SER D 130 -33.02 14.55 12.25
N TYR D 131 -34.30 14.86 12.36
CA TYR D 131 -34.84 16.10 11.82
C TYR D 131 -35.37 16.99 12.94
N SER D 132 -35.48 18.30 12.66
CA SER D 132 -36.02 19.26 13.64
C SER D 132 -37.55 19.28 13.36
N GLU D 133 -37.96 20.05 12.36
CA GLU D 133 -39.37 20.03 12.00
C GLU D 133 -39.38 19.02 10.86
N LYS D 134 -39.27 19.51 9.63
CA LYS D 134 -39.25 18.63 8.45
C LYS D 134 -37.88 18.84 7.83
N GLU D 135 -36.99 19.45 8.62
CA GLU D 135 -35.61 19.80 8.22
C GLU D 135 -34.56 18.81 8.79
N LEU D 136 -33.80 18.15 7.90
CA LEU D 136 -32.76 17.16 8.29
C LEU D 136 -31.59 17.85 8.98
N ILE D 137 -31.24 17.36 10.17
CA ILE D 137 -30.14 17.94 10.92
C ILE D 137 -28.87 17.11 10.94
N CYS D 138 -28.95 15.85 11.31
CA CYS D 138 -27.76 15.04 11.34
C CYS D 138 -28.02 13.63 10.86
N HIS D 139 -26.95 12.98 10.43
CA HIS D 139 -27.02 11.60 9.94
C HIS D 139 -25.96 10.74 10.63
N ASN D 140 -26.40 9.62 11.20
CA ASN D 140 -25.49 8.71 11.88
C ASN D 140 -25.44 7.38 11.15
N GLN D 141 -24.25 6.80 11.02
CA GLN D 141 -24.15 5.49 10.41
C GLN D 141 -23.38 4.57 11.33
N PHE D 142 -24.13 3.82 12.14
CA PHE D 142 -23.54 2.89 13.09
C PHE D 142 -23.19 1.60 12.37
N SER D 143 -21.93 1.19 12.49
CA SER D 143 -21.46 -0.05 11.90
C SER D 143 -21.38 -1.07 13.02
N LEU D 144 -22.38 -1.93 13.06
CA LEU D 144 -22.49 -2.97 14.07
C LEU D 144 -21.92 -4.25 13.50
N PHE D 145 -21.42 -5.11 14.37
CA PHE D 145 -20.84 -6.37 13.90
C PHE D 145 -21.21 -7.51 14.82
N LEU D 146 -21.54 -8.64 14.22
CA LEU D 146 -21.94 -9.82 14.97
C LEU D 146 -21.19 -11.09 14.54
N LYS D 155 -20.83 -11.18 -1.24
CA LYS D 155 -20.94 -9.73 -1.11
C LYS D 155 -20.11 -9.20 0.07
N ARG D 156 -18.93 -8.65 -0.24
CA ARG D 156 -18.04 -8.09 0.78
C ARG D 156 -18.10 -6.56 0.77
N THR D 157 -18.82 -6.01 -0.22
CA THR D 157 -18.95 -4.58 -0.39
C THR D 157 -20.38 -4.10 -0.18
N SER D 158 -20.55 -2.78 -0.13
CA SER D 158 -21.85 -2.13 0.03
C SER D 158 -21.75 -0.67 -0.32
N ASP D 159 -22.41 -0.26 -1.40
CA ASP D 159 -22.35 1.15 -1.75
C ASP D 159 -23.25 1.94 -0.82
N LYS D 160 -23.29 1.54 0.45
CA LYS D 160 -24.09 2.25 1.43
C LYS D 160 -23.28 2.51 2.69
N VAL D 161 -22.05 2.01 2.69
CA VAL D 161 -21.12 2.12 3.79
C VAL D 161 -20.22 3.33 3.79
N LYS D 162 -20.32 4.16 4.83
CA LYS D 162 -19.44 5.30 4.90
C LYS D 162 -18.10 4.71 5.30
N VAL D 163 -17.27 4.48 4.30
CA VAL D 163 -15.95 3.88 4.50
C VAL D 163 -14.98 4.64 5.40
N ALA D 164 -14.17 3.88 6.12
CA ALA D 164 -13.15 4.45 6.98
C ALA D 164 -12.02 4.83 6.01
N VAL D 165 -11.01 5.55 6.48
CA VAL D 165 -9.92 5.96 5.61
C VAL D 165 -8.55 5.82 6.24
N ALA D 166 -7.60 5.32 5.47
CA ALA D 166 -6.25 5.13 5.96
C ALA D 166 -5.57 6.46 6.24
N ILE D 167 -4.69 6.50 7.25
CA ILE D 167 -4.01 7.73 7.58
C ILE D 167 -2.82 7.94 6.65
N PRO D 168 -2.45 9.21 6.43
CA PRO D 168 -1.32 9.56 5.57
C PRO D 168 -0.05 8.86 6.02
N ASN D 169 0.79 8.48 5.06
CA ASN D 169 2.03 7.79 5.35
C ASN D 169 3.16 8.79 5.57
N ARG D 170 3.11 9.49 6.70
CA ARG D 170 4.11 10.49 7.08
C ARG D 170 3.87 10.86 8.52
N PRO D 171 4.90 11.40 9.19
CA PRO D 171 4.65 11.76 10.59
C PRO D 171 3.49 12.75 10.71
N PRO D 172 2.71 12.62 11.80
CA PRO D 172 1.54 13.44 12.12
C PRO D 172 1.86 14.93 12.15
N ASP D 173 0.89 15.75 11.79
CA ASP D 173 1.10 17.18 11.79
C ASP D 173 1.04 17.72 13.20
N ALA D 174 0.26 17.04 14.03
CA ALA D 174 0.10 17.42 15.42
C ALA D 174 -0.51 16.28 16.19
N VAL D 175 -0.18 16.22 17.47
CA VAL D 175 -0.72 15.20 18.35
C VAL D 175 -0.91 15.77 19.75
N LEU D 176 -2.16 15.77 20.21
CA LEU D 176 -2.51 16.30 21.53
C LEU D 176 -2.88 15.14 22.46
N THR D 177 -2.47 15.24 23.73
CA THR D 177 -2.77 14.19 24.70
C THR D 177 -3.88 14.63 25.65
N ASP D 178 -4.62 13.66 26.17
CA ASP D 178 -5.71 13.93 27.11
C ASP D 178 -5.68 12.90 28.20
N THR D 179 -5.84 13.35 29.43
CA THR D 179 -5.82 12.45 30.55
C THR D 179 -7.22 12.08 30.93
N THR D 180 -7.52 10.79 30.87
CA THR D 180 -8.84 10.32 31.22
C THR D 180 -8.99 10.20 32.72
N SER D 181 -10.19 10.45 33.21
CA SER D 181 -10.49 10.36 34.64
C SER D 181 -10.85 8.94 35.07
N LEU D 182 -10.55 8.62 36.30
CA LEU D 182 -10.85 7.30 36.79
C LEU D 182 -12.37 7.09 36.72
N ASN D 183 -13.10 8.20 36.64
CA ASN D 183 -14.55 8.17 36.56
C ASN D 183 -15.08 8.59 35.19
N GLN D 184 -14.22 8.68 34.19
CA GLN D 184 -14.66 9.09 32.86
C GLN D 184 -15.91 8.32 32.42
N ALA D 185 -15.86 7.00 32.55
CA ALA D 185 -16.98 6.18 32.13
C ALA D 185 -18.17 6.46 33.00
N ALA D 186 -17.93 6.61 34.31
CA ALA D 186 -19.03 6.86 35.24
C ALA D 186 -19.80 8.12 34.89
N LEU D 187 -19.12 9.09 34.29
CA LEU D 187 -19.78 10.34 33.92
C LEU D 187 -20.36 10.25 32.52
N TYR D 188 -19.59 9.75 31.58
CA TYR D 188 -20.05 9.67 30.21
C TYR D 188 -21.31 8.85 30.03
N ARG D 189 -21.46 7.79 30.82
CA ARG D 189 -22.64 6.93 30.72
C ARG D 189 -23.92 7.72 31.03
N LEU D 190 -23.83 8.77 31.84
CA LEU D 190 -25.00 9.58 32.15
C LEU D 190 -25.60 10.19 30.90
N SER D 191 -24.92 10.01 29.77
CA SER D 191 -25.41 10.57 28.54
C SER D 191 -26.21 9.59 27.74
N GLY D 192 -26.53 8.44 28.33
CA GLY D 192 -27.34 7.48 27.59
C GLY D 192 -26.95 6.03 27.54
N ASP D 193 -25.69 5.74 27.25
CA ASP D 193 -25.25 4.35 27.17
C ASP D 193 -24.99 3.78 28.56
N TRP D 194 -25.95 3.03 29.10
CA TRP D 194 -25.78 2.48 30.45
C TRP D 194 -25.20 1.09 30.51
N ASN D 195 -24.70 0.59 29.40
CA ASN D 195 -24.14 -0.75 29.39
C ASN D 195 -23.21 -0.94 30.59
N PRO D 196 -23.47 -1.97 31.42
CA PRO D 196 -22.68 -2.30 32.61
C PRO D 196 -21.23 -2.58 32.28
N LEU D 197 -20.96 -2.86 31.01
CA LEU D 197 -19.60 -3.17 30.55
C LEU D 197 -18.62 -2.04 30.91
N HIS D 198 -19.14 -0.83 31.03
CA HIS D 198 -18.32 0.33 31.33
C HIS D 198 -18.24 0.73 32.78
N ILE D 199 -18.82 -0.08 33.67
CA ILE D 199 -18.76 0.28 35.08
C ILE D 199 -18.81 -0.90 36.06
N ASP D 200 -19.34 -2.05 35.65
CA ASP D 200 -19.40 -3.23 36.53
C ASP D 200 -18.28 -4.20 36.17
N PRO D 201 -17.38 -4.49 37.12
CA PRO D 201 -16.29 -5.42 36.80
C PRO D 201 -16.72 -6.82 36.34
N ASN D 202 -17.88 -7.28 36.80
CA ASN D 202 -18.33 -8.61 36.40
C ASN D 202 -18.75 -8.60 34.95
N PHE D 203 -19.64 -7.67 34.59
CA PHE D 203 -20.06 -7.61 33.19
C PHE D 203 -18.84 -7.34 32.33
N ALA D 204 -17.87 -6.64 32.91
CA ALA D 204 -16.65 -6.28 32.20
C ALA D 204 -15.93 -7.51 31.72
N SER D 205 -15.66 -8.42 32.65
CA SER D 205 -14.94 -9.63 32.30
C SER D 205 -15.73 -10.56 31.41
N LEU D 206 -17.04 -10.65 31.62
CA LEU D 206 -17.83 -11.55 30.78
C LEU D 206 -17.72 -11.18 29.32
N ALA D 207 -17.38 -9.92 29.06
CA ALA D 207 -17.18 -9.44 27.69
C ALA D 207 -15.69 -9.55 27.41
N GLY D 208 -14.99 -10.13 28.39
CA GLY D 208 -13.56 -10.36 28.29
C GLY D 208 -12.60 -9.24 28.65
N PHE D 209 -12.88 -8.49 29.70
CA PHE D 209 -11.98 -7.40 30.08
C PHE D 209 -11.59 -7.48 31.54
N ASP D 210 -10.32 -7.21 31.83
CA ASP D 210 -9.89 -7.30 33.22
C ASP D 210 -10.65 -6.38 34.15
N LYS D 211 -10.96 -5.19 33.66
CA LYS D 211 -11.70 -4.19 34.43
C LYS D 211 -12.60 -3.50 33.41
N PRO D 212 -13.57 -2.69 33.86
CA PRO D 212 -14.47 -1.99 32.93
C PRO D 212 -13.74 -1.13 31.91
N ILE D 213 -14.32 -1.00 30.71
CA ILE D 213 -13.69 -0.20 29.67
C ILE D 213 -14.47 1.08 29.40
N LEU D 214 -13.78 2.09 28.86
CA LEU D 214 -14.38 3.35 28.54
C LEU D 214 -15.18 3.16 27.27
N HIS D 215 -16.28 3.90 27.14
CA HIS D 215 -17.11 3.81 25.95
C HIS D 215 -16.32 4.21 24.69
N GLY D 216 -16.45 3.44 23.62
CA GLY D 216 -15.73 3.80 22.42
C GLY D 216 -16.11 5.19 21.98
N LEU D 217 -17.40 5.50 22.05
CA LEU D 217 -17.86 6.83 21.64
C LEU D 217 -17.33 7.96 22.50
N CYS D 218 -16.82 7.64 23.69
CA CYS D 218 -16.27 8.67 24.56
C CYS D 218 -14.87 9.06 24.05
N THR D 219 -14.05 8.06 23.74
CA THR D 219 -12.71 8.30 23.23
C THR D 219 -12.91 9.10 21.96
N PHE D 220 -13.92 8.67 21.20
CA PHE D 220 -14.33 9.30 19.95
C PHE D 220 -14.56 10.80 20.19
N GLY D 221 -15.39 11.09 21.18
CA GLY D 221 -15.71 12.47 21.52
C GLY D 221 -14.45 13.26 21.83
N PHE D 222 -13.55 12.66 22.63
CA PHE D 222 -12.30 13.31 22.97
C PHE D 222 -11.56 13.73 21.71
N SER D 223 -11.12 12.76 20.93
CA SER D 223 -10.35 13.06 19.74
C SER D 223 -11.06 14.04 18.84
N ALA D 224 -12.34 13.80 18.59
CA ALA D 224 -13.10 14.69 17.73
C ALA D 224 -13.05 16.11 18.32
N ARG D 225 -13.19 16.23 19.63
CA ARG D 225 -13.15 17.52 20.31
C ARG D 225 -11.82 18.21 20.06
N ARG D 226 -10.75 17.45 20.12
CA ARG D 226 -9.42 18.00 19.90
C ARG D 226 -9.23 18.46 18.46
N VAL D 227 -9.67 17.64 17.52
CA VAL D 227 -9.55 18.03 16.12
C VAL D 227 -10.27 19.38 15.95
N LEU D 228 -11.46 19.47 16.51
CA LEU D 228 -12.25 20.68 16.44
C LEU D 228 -11.48 21.88 16.90
N GLN D 229 -10.78 21.77 18.02
CA GLN D 229 -10.05 22.92 18.52
C GLN D 229 -8.70 23.15 17.87
N GLN D 230 -8.10 22.11 17.32
CA GLN D 230 -6.79 22.26 16.70
C GLN D 230 -6.83 22.74 15.27
N PHE D 231 -7.77 22.25 14.49
CA PHE D 231 -7.85 22.66 13.09
C PHE D 231 -9.10 23.45 12.66
N ALA D 232 -9.92 23.89 13.59
CA ALA D 232 -11.13 24.62 13.23
C ALA D 232 -11.47 25.71 14.25
N ASP D 233 -10.51 26.05 15.10
CA ASP D 233 -10.74 27.08 16.08
C ASP D 233 -12.01 26.93 16.91
N ASN D 234 -12.32 25.71 17.35
CA ASN D 234 -13.52 25.52 18.15
C ASN D 234 -14.76 26.09 17.48
N ASP D 235 -14.72 26.22 16.16
CA ASP D 235 -15.86 26.75 15.42
C ASP D 235 -16.81 25.61 15.05
N VAL D 236 -17.71 25.30 15.97
CA VAL D 236 -18.67 24.24 15.75
C VAL D 236 -19.26 24.20 14.33
N SER D 237 -19.44 25.36 13.73
CA SER D 237 -20.04 25.44 12.41
C SER D 237 -19.21 24.84 11.31
N ARG D 238 -17.90 24.76 11.52
CA ARG D 238 -17.03 24.20 10.50
C ARG D 238 -16.90 22.69 10.55
N PHE D 239 -17.51 22.10 11.57
CA PHE D 239 -17.45 20.68 11.75
C PHE D 239 -18.54 19.98 10.91
N LYS D 240 -18.16 19.47 9.73
CA LYS D 240 -19.12 18.81 8.84
C LYS D 240 -19.40 17.33 9.07
N ALA D 241 -18.34 16.51 9.19
CA ALA D 241 -18.53 15.07 9.44
C ALA D 241 -17.28 14.40 10.00
N VAL D 242 -17.49 13.25 10.65
CA VAL D 242 -16.38 12.44 11.18
C VAL D 242 -16.68 10.98 10.96
N LYS D 243 -15.60 10.23 10.74
CA LYS D 243 -15.67 8.80 10.51
C LYS D 243 -14.55 8.21 11.33
N ALA D 244 -14.85 7.13 12.05
CA ALA D 244 -13.83 6.50 12.87
C ALA D 244 -14.07 5.01 13.02
N ARG D 245 -12.99 4.27 13.20
CA ARG D 245 -13.06 2.83 13.39
C ARG D 245 -12.51 2.51 14.75
N PHE D 246 -13.23 1.71 15.51
CA PHE D 246 -12.78 1.37 16.85
C PHE D 246 -11.86 0.17 16.86
N ALA D 247 -10.78 0.24 17.64
CA ALA D 247 -9.82 -0.83 17.75
C ALA D 247 -9.72 -1.33 19.18
N LYS D 248 -8.51 -1.35 19.74
CA LYS D 248 -8.33 -1.82 21.11
C LYS D 248 -9.06 -0.94 22.15
N PRO D 249 -9.33 -1.49 23.33
CA PRO D 249 -10.03 -0.85 24.45
C PRO D 249 -9.24 0.24 25.14
N VAL D 250 -9.94 1.06 25.92
CA VAL D 250 -9.32 2.14 26.68
C VAL D 250 -9.88 2.00 28.07
N TYR D 251 -9.04 2.11 29.08
CA TYR D 251 -9.52 1.99 30.44
C TYR D 251 -9.54 3.36 31.13
N PRO D 252 -10.65 3.70 31.79
CA PRO D 252 -10.79 4.97 32.49
C PRO D 252 -9.55 5.25 33.31
N GLY D 253 -8.88 6.36 33.00
CA GLY D 253 -7.70 6.70 33.73
C GLY D 253 -6.51 6.73 32.82
N GLN D 254 -6.55 5.95 31.74
CA GLN D 254 -5.43 5.92 30.82
C GLN D 254 -5.34 7.25 30.09
N THR D 255 -4.25 7.45 29.36
CA THR D 255 -4.06 8.71 28.64
C THR D 255 -4.18 8.58 27.13
N LEU D 256 -5.09 9.35 26.56
CA LEU D 256 -5.30 9.31 25.11
C LEU D 256 -4.25 10.13 24.39
N GLN D 257 -3.96 9.72 23.16
CA GLN D 257 -2.97 10.37 22.31
C GLN D 257 -3.63 10.51 20.93
N THR D 258 -4.10 11.70 20.58
CA THR D 258 -4.77 11.88 19.30
C THR D 258 -3.82 12.44 18.29
N GLU D 259 -3.49 11.62 17.27
CA GLU D 259 -2.56 12.03 16.20
C GLU D 259 -3.37 12.56 15.03
N MET D 260 -2.92 13.69 14.47
CA MET D 260 -3.64 14.34 13.38
C MET D 260 -2.80 14.70 12.18
N TRP D 261 -3.43 14.62 11.01
CA TRP D 261 -2.77 14.95 9.74
C TRP D 261 -3.71 15.86 8.97
N LYS D 262 -3.25 17.04 8.60
CA LYS D 262 -4.11 17.90 7.84
C LYS D 262 -3.89 17.72 6.35
N GLU D 263 -4.94 17.32 5.64
CA GLU D 263 -4.88 17.14 4.20
C GLU D 263 -6.01 17.95 3.59
N GLY D 264 -5.77 19.25 3.44
CA GLY D 264 -6.78 20.11 2.89
C GLY D 264 -7.82 20.37 3.94
N ASN D 265 -9.07 20.02 3.65
CA ASN D 265 -10.15 20.23 4.60
C ASN D 265 -10.50 18.98 5.37
N ARG D 266 -9.72 17.93 5.15
CA ARG D 266 -9.93 16.68 5.87
C ARG D 266 -8.81 16.46 6.88
N ILE D 267 -9.18 16.33 8.14
CA ILE D 267 -8.16 16.12 9.15
C ILE D 267 -8.21 14.63 9.48
N HIS D 268 -7.17 13.91 9.08
CA HIS D 268 -7.10 12.48 9.36
C HIS D 268 -6.60 12.35 10.78
N PHE D 269 -7.09 11.35 11.52
CA PHE D 269 -6.61 11.15 12.86
C PHE D 269 -6.62 9.72 13.31
N GLN D 270 -5.78 9.46 14.30
CA GLN D 270 -5.60 8.15 14.89
C GLN D 270 -5.48 8.40 16.40
N THR D 271 -6.02 7.50 17.22
CA THR D 271 -5.94 7.69 18.66
C THR D 271 -5.27 6.50 19.33
N LYS D 272 -4.33 6.78 20.23
CA LYS D 272 -3.61 5.72 20.95
C LYS D 272 -3.71 5.93 22.43
N VAL D 273 -3.14 5.00 23.17
CA VAL D 273 -3.10 5.11 24.62
C VAL D 273 -1.62 5.20 25.02
N GLN D 274 -1.16 6.42 25.27
CA GLN D 274 0.22 6.65 25.67
C GLN D 274 0.38 5.92 26.98
N GLU D 275 0.96 4.74 26.95
CA GLU D 275 1.14 3.93 28.16
C GLU D 275 1.38 2.53 27.67
N THR D 276 0.65 2.18 26.61
CA THR D 276 0.74 0.87 26.02
C THR D 276 1.03 1.09 24.56
N GLY D 277 0.70 2.28 24.09
CA GLY D 277 0.92 2.58 22.68
C GLY D 277 -0.09 1.92 21.77
N ASP D 278 -1.08 1.26 22.34
CA ASP D 278 -2.10 0.60 21.53
C ASP D 278 -2.92 1.62 20.76
N ILE D 279 -3.35 1.22 19.56
CA ILE D 279 -4.21 2.08 18.76
C ILE D 279 -5.67 1.75 19.12
N VAL D 280 -6.39 2.76 19.62
CA VAL D 280 -7.78 2.56 20.02
C VAL D 280 -8.79 3.06 19.00
N ILE D 281 -8.38 3.99 18.15
CA ILE D 281 -9.24 4.50 17.09
C ILE D 281 -8.38 4.64 15.83
N SER D 282 -8.82 4.03 14.74
CA SER D 282 -8.03 4.04 13.52
C SER D 282 -8.76 4.49 12.28
N ASN D 283 -7.98 4.79 11.25
CA ASN D 283 -8.49 5.20 9.98
C ASN D 283 -9.62 6.18 10.09
N ALA D 284 -9.49 7.15 10.98
CA ALA D 284 -10.55 8.12 11.17
C ALA D 284 -10.22 9.44 10.52
N TYR D 285 -11.22 10.30 10.45
CA TYR D 285 -11.06 11.63 9.86
C TYR D 285 -12.27 12.49 10.21
N VAL D 286 -12.16 13.76 9.90
CA VAL D 286 -13.23 14.72 10.15
C VAL D 286 -13.10 15.77 9.05
N ASP D 287 -14.20 16.02 8.36
CA ASP D 287 -14.20 17.01 7.29
C ASP D 287 -14.62 18.38 7.81
N LEU D 288 -13.82 19.40 7.52
CA LEU D 288 -14.10 20.77 7.93
C LEU D 288 -14.47 21.63 6.73
N ALA D 289 -14.83 22.89 6.99
CA ALA D 289 -15.20 23.80 5.90
C ALA D 289 -14.31 25.07 5.82
N GLY E 12 -57.54 -43.76 27.91
CA GLY E 12 -56.88 -42.41 28.00
C GLY E 12 -57.69 -41.29 28.66
N GLN E 13 -58.72 -41.67 29.42
CA GLN E 13 -59.61 -40.73 30.10
C GLN E 13 -58.98 -40.08 31.32
N LYS E 14 -59.05 -38.75 31.40
CA LYS E 14 -58.49 -37.96 32.51
C LYS E 14 -59.07 -38.26 33.90
N LEU E 15 -58.19 -38.45 34.89
CA LEU E 15 -58.62 -38.71 36.25
C LEU E 15 -59.13 -37.40 36.86
N PRO E 16 -60.05 -37.49 37.83
CA PRO E 16 -60.61 -36.29 38.47
C PRO E 16 -59.47 -35.43 38.99
N PRO E 17 -59.52 -34.12 38.71
CA PRO E 17 -58.47 -33.19 39.15
C PRO E 17 -58.50 -32.96 40.67
N PHE E 18 -57.30 -32.76 41.25
CA PHE E 18 -57.11 -32.53 42.68
C PHE E 18 -56.03 -31.47 42.89
N SER E 19 -55.73 -31.17 44.15
CA SER E 19 -54.71 -30.15 44.43
C SER E 19 -53.88 -30.47 45.66
N TYR E 20 -52.60 -30.11 45.62
CA TYR E 20 -51.69 -30.34 46.72
C TYR E 20 -51.15 -29.00 47.14
N ALA E 21 -51.36 -28.64 48.40
CA ALA E 21 -50.82 -27.39 48.91
C ALA E 21 -49.83 -27.77 49.98
N TYR E 22 -48.74 -27.03 50.12
CA TYR E 22 -47.73 -27.36 51.12
C TYR E 22 -47.00 -26.10 51.54
N THR E 23 -46.27 -26.23 52.64
CA THR E 23 -45.47 -25.14 53.17
C THR E 23 -44.06 -25.70 53.39
N GLU E 24 -43.18 -24.87 53.92
CA GLU E 24 -41.81 -25.32 54.15
C GLU E 24 -41.80 -26.58 55.00
N LEU E 25 -42.77 -26.69 55.90
CA LEU E 25 -42.87 -27.85 56.76
C LEU E 25 -42.89 -29.16 55.97
N GLU E 26 -43.92 -29.35 55.16
CA GLU E 26 -44.04 -30.57 54.38
C GLU E 26 -42.78 -30.82 53.58
N ALA E 27 -42.14 -29.76 53.12
CA ALA E 27 -40.92 -29.89 52.33
C ALA E 27 -39.78 -30.45 53.18
N ILE E 28 -39.53 -29.80 54.32
CA ILE E 28 -38.48 -30.22 55.23
C ILE E 28 -38.72 -31.65 55.67
N MET E 29 -39.97 -31.95 55.99
CA MET E 29 -40.32 -33.31 56.41
C MET E 29 -39.91 -34.32 55.34
N TYR E 30 -40.12 -33.97 54.07
CA TYR E 30 -39.73 -34.86 52.99
C TYR E 30 -38.22 -35.01 53.00
N ALA E 31 -37.52 -33.87 53.01
CA ALA E 31 -36.06 -33.88 53.03
C ALA E 31 -35.49 -34.76 54.12
N LEU E 32 -36.01 -34.63 55.33
CA LEU E 32 -35.51 -35.45 56.41
C LEU E 32 -35.78 -36.92 56.11
N GLY E 33 -37.01 -37.22 55.75
CA GLY E 33 -37.39 -38.60 55.45
C GLY E 33 -36.65 -39.16 54.26
N VAL E 34 -36.00 -38.31 53.49
CA VAL E 34 -35.31 -38.80 52.32
C VAL E 34 -33.79 -38.76 52.46
N GLY E 35 -33.29 -38.52 53.66
CA GLY E 35 -31.85 -38.51 53.83
C GLY E 35 -31.09 -37.26 54.30
N ALA E 36 -31.55 -36.06 53.94
CA ALA E 36 -30.86 -34.83 54.34
C ALA E 36 -30.55 -34.86 55.84
N SER E 37 -29.36 -34.41 56.21
CA SER E 37 -28.96 -34.40 57.61
C SER E 37 -28.18 -33.14 57.89
N ILE E 38 -28.39 -32.54 59.07
CA ILE E 38 -27.64 -31.32 59.38
C ILE E 38 -26.21 -31.65 59.74
N LYS E 39 -25.84 -32.92 59.68
CA LYS E 39 -24.46 -33.26 59.98
C LYS E 39 -23.63 -32.60 58.88
N ASP E 40 -24.25 -32.40 57.72
CA ASP E 40 -23.60 -31.77 56.57
C ASP E 40 -24.16 -30.36 56.48
N PRO E 41 -23.34 -29.35 56.71
CA PRO E 41 -23.76 -27.95 56.65
C PRO E 41 -24.50 -27.61 55.37
N LYS E 42 -24.05 -28.17 54.26
CA LYS E 42 -24.70 -27.89 53.00
C LYS E 42 -26.16 -28.32 52.95
N ASP E 43 -26.55 -29.26 53.81
CA ASP E 43 -27.93 -29.74 53.83
C ASP E 43 -28.86 -28.82 54.59
N LEU E 44 -28.30 -27.85 55.29
CA LEU E 44 -29.11 -26.92 56.07
C LEU E 44 -30.08 -26.27 55.11
N LYS E 45 -29.66 -26.20 53.86
CA LYS E 45 -30.43 -25.60 52.77
C LYS E 45 -31.81 -26.26 52.57
N PHE E 46 -31.91 -27.54 52.91
CA PHE E 46 -33.15 -28.29 52.73
C PHE E 46 -33.84 -28.59 54.03
N ILE E 47 -33.21 -28.29 55.15
CA ILE E 47 -33.80 -28.58 56.45
C ILE E 47 -34.27 -27.38 57.25
N TYR E 48 -33.65 -26.22 57.01
CA TYR E 48 -33.98 -24.99 57.74
C TYR E 48 -34.63 -23.93 56.88
N GLU E 49 -35.91 -23.66 57.13
CA GLU E 49 -36.62 -22.67 56.35
C GLU E 49 -35.96 -21.30 56.48
N GLY E 50 -35.30 -21.08 57.60
CA GLY E 50 -34.61 -19.81 57.84
C GLY E 50 -33.40 -19.59 56.94
N SER E 51 -32.87 -20.67 56.38
CA SER E 51 -31.73 -20.55 55.50
C SER E 51 -32.10 -19.60 54.36
N SER E 52 -31.22 -18.67 54.03
CA SER E 52 -31.50 -17.74 52.94
C SER E 52 -31.49 -18.50 51.61
N ASP E 53 -30.87 -19.66 51.66
CA ASP E 53 -30.68 -20.54 50.53
C ASP E 53 -31.81 -21.57 50.43
N PHE E 54 -32.64 -21.65 51.48
CA PHE E 54 -33.72 -22.64 51.53
C PHE E 54 -34.38 -22.99 50.22
N SER E 55 -34.38 -24.28 49.92
CA SER E 55 -34.98 -24.76 48.69
C SER E 55 -35.73 -26.02 49.01
N CYS E 56 -36.62 -26.39 48.12
CA CYS E 56 -37.41 -27.58 48.26
C CYS E 56 -36.68 -28.60 47.38
N LEU E 57 -36.53 -29.84 47.82
CA LEU E 57 -35.83 -30.81 46.99
C LEU E 57 -36.62 -31.14 45.73
N PRO E 58 -35.92 -31.20 44.59
CA PRO E 58 -36.58 -31.51 43.32
C PRO E 58 -37.55 -32.70 43.35
N THR E 59 -37.12 -33.87 43.81
CA THR E 59 -38.03 -35.02 43.84
C THR E 59 -39.26 -34.84 44.74
N PHE E 60 -39.40 -33.68 45.37
CA PHE E 60 -40.58 -33.47 46.21
C PHE E 60 -41.78 -33.45 45.28
N GLY E 61 -41.51 -33.22 44.00
CA GLY E 61 -42.56 -33.16 43.01
C GLY E 61 -43.26 -34.49 42.90
N VAL E 62 -42.56 -35.55 43.29
CA VAL E 62 -43.13 -36.89 43.23
C VAL E 62 -44.27 -36.95 44.23
N ILE E 63 -44.14 -36.21 45.32
CA ILE E 63 -45.16 -36.21 46.33
C ILE E 63 -46.36 -35.37 45.91
N ILE E 64 -46.08 -34.30 45.18
CA ILE E 64 -47.13 -33.41 44.69
C ILE E 64 -48.11 -34.14 43.80
N GLY E 65 -47.62 -34.92 42.86
CA GLY E 65 -48.51 -35.62 41.96
C GLY E 65 -48.87 -37.01 42.45
N GLN E 66 -48.36 -37.37 43.61
CA GLN E 66 -48.60 -38.69 44.16
C GLN E 66 -49.97 -38.83 44.78
N LYS E 67 -50.57 -37.71 45.19
CA LYS E 67 -51.88 -37.75 45.83
C LYS E 67 -52.92 -38.59 45.07
N SER E 68 -52.68 -38.87 43.79
CA SER E 68 -53.61 -39.68 43.01
C SER E 68 -53.15 -41.15 42.93
N VAL E 87 -51.62 -53.73 42.93
CA VAL E 87 -51.09 -52.55 42.24
C VAL E 87 -49.64 -52.32 42.63
N LEU E 88 -48.73 -52.35 41.66
CA LEU E 88 -47.32 -52.12 41.96
C LEU E 88 -46.71 -51.02 41.11
N HIS E 89 -45.77 -50.28 41.72
CA HIS E 89 -45.05 -49.14 41.12
C HIS E 89 -43.70 -49.64 40.58
N GLY E 90 -43.54 -49.62 39.26
CA GLY E 90 -42.33 -50.11 38.64
C GLY E 90 -41.27 -49.10 38.25
N GLU E 91 -41.70 -47.95 37.74
CA GLU E 91 -40.76 -46.91 37.34
C GLU E 91 -41.35 -45.58 37.74
N GLN E 92 -40.53 -44.54 37.68
CA GLN E 92 -40.97 -43.21 38.04
C GLN E 92 -40.22 -42.21 37.18
N TYR E 93 -40.90 -41.13 36.85
CA TYR E 93 -40.29 -40.08 36.06
C TYR E 93 -40.83 -38.75 36.53
N LEU E 94 -39.92 -37.80 36.70
CA LEU E 94 -40.29 -36.47 37.15
C LEU E 94 -39.50 -35.44 36.35
N GLU E 95 -40.19 -34.40 35.90
CA GLU E 95 -39.54 -33.33 35.15
C GLU E 95 -40.01 -32.03 35.79
N LEU E 96 -39.07 -31.14 36.04
CA LEU E 96 -39.40 -29.86 36.66
C LEU E 96 -39.26 -28.73 35.65
N TYR E 97 -40.41 -28.26 35.15
CA TYR E 97 -40.43 -27.17 34.18
C TYR E 97 -40.03 -25.90 34.89
N LYS E 98 -40.19 -25.88 36.20
CA LYS E 98 -39.83 -24.72 36.99
C LYS E 98 -39.48 -25.13 38.39
N PRO E 99 -38.45 -24.52 38.99
CA PRO E 99 -38.08 -24.87 40.36
C PRO E 99 -39.30 -24.88 41.28
N LEU E 100 -39.41 -25.92 42.11
CA LEU E 100 -40.51 -26.00 43.05
C LEU E 100 -40.34 -24.92 44.12
N PRO E 101 -41.42 -24.17 44.40
CA PRO E 101 -41.45 -23.10 45.39
C PRO E 101 -41.28 -23.58 46.83
N ARG E 102 -40.80 -22.71 47.70
CA ARG E 102 -40.59 -23.08 49.09
C ARG E 102 -41.91 -23.34 49.77
N ALA E 103 -43.00 -23.17 49.04
CA ALA E 103 -44.32 -23.38 49.59
C ALA E 103 -45.32 -22.99 48.52
N GLY E 104 -46.58 -23.38 48.69
CA GLY E 104 -47.57 -23.01 47.70
C GLY E 104 -48.68 -24.00 47.48
N LYS E 105 -49.57 -23.64 46.57
CA LYS E 105 -50.72 -24.47 46.22
C LYS E 105 -50.61 -24.81 44.75
N LEU E 106 -51.03 -26.02 44.40
CA LEU E 106 -50.93 -26.45 43.04
C LEU E 106 -52.17 -27.24 42.63
N LYS E 107 -52.53 -27.13 41.36
CA LYS E 107 -53.66 -27.85 40.80
C LYS E 107 -53.07 -28.99 39.98
N CYS E 108 -53.53 -30.21 40.24
CA CYS E 108 -53.00 -31.35 39.52
C CYS E 108 -54.03 -32.03 38.65
N GLU E 109 -53.57 -32.57 37.53
CA GLU E 109 -54.45 -33.26 36.60
C GLU E 109 -53.81 -34.57 36.16
N ALA E 110 -54.51 -35.67 36.41
CA ALA E 110 -54.01 -36.97 36.01
C ALA E 110 -54.55 -37.34 34.63
N VAL E 111 -54.09 -38.46 34.09
CA VAL E 111 -54.50 -38.95 32.78
C VAL E 111 -53.96 -40.37 32.60
N VAL E 112 -54.83 -41.35 32.40
CA VAL E 112 -54.37 -42.73 32.19
C VAL E 112 -53.74 -42.78 30.80
N ALA E 113 -52.55 -42.20 30.69
CA ALA E 113 -51.82 -42.13 29.44
C ALA E 113 -51.77 -43.38 28.58
N ASP E 114 -51.76 -44.56 29.22
CA ASP E 114 -51.68 -45.80 28.45
C ASP E 114 -51.67 -47.07 29.30
N VAL E 115 -51.80 -48.20 28.61
CA VAL E 115 -51.77 -49.51 29.26
C VAL E 115 -50.94 -50.41 28.36
N LEU E 116 -50.47 -51.53 28.89
CA LEU E 116 -49.68 -52.46 28.09
C LEU E 116 -49.61 -53.81 28.78
N VAL E 123 -49.72 -52.71 33.80
CA VAL E 123 -48.89 -51.81 33.00
C VAL E 123 -49.56 -50.44 32.84
N ILE E 124 -50.30 -50.03 33.87
CA ILE E 124 -51.02 -48.75 33.86
C ILE E 124 -50.07 -47.57 33.91
N ILE E 125 -49.71 -47.04 32.75
CA ILE E 125 -48.83 -45.90 32.72
C ILE E 125 -49.70 -44.68 32.99
N MET E 126 -49.17 -43.66 33.64
CA MET E 126 -49.98 -42.50 33.96
C MET E 126 -49.27 -41.18 34.23
N ASP E 127 -49.61 -40.20 33.41
CA ASP E 127 -49.04 -38.86 33.50
C ASP E 127 -49.87 -37.96 34.41
N VAL E 128 -49.20 -37.09 35.15
CA VAL E 128 -49.88 -36.14 36.01
C VAL E 128 -49.10 -34.83 36.01
N TYR E 129 -49.77 -33.77 35.59
CA TYR E 129 -49.19 -32.44 35.49
C TYR E 129 -49.67 -31.57 36.62
N SER E 130 -48.75 -30.82 37.22
CA SER E 130 -49.08 -29.94 38.32
C SER E 130 -48.81 -28.48 37.94
N TYR E 131 -49.84 -27.63 38.04
CA TYR E 131 -49.69 -26.22 37.68
C TYR E 131 -49.84 -25.30 38.87
N SER E 132 -49.47 -24.03 38.65
CA SER E 132 -49.54 -22.98 39.65
C SER E 132 -50.18 -21.74 39.01
N GLU E 133 -51.48 -21.52 39.27
CA GLU E 133 -52.21 -20.39 38.70
C GLU E 133 -52.12 -20.41 37.16
N LYS E 134 -52.34 -21.58 36.57
CA LYS E 134 -52.30 -21.82 35.11
C LYS E 134 -50.90 -21.83 34.48
N GLU E 135 -49.89 -22.12 35.31
CA GLU E 135 -48.47 -22.21 34.94
C GLU E 135 -47.93 -23.61 35.30
N LEU E 136 -47.50 -24.38 34.30
CA LEU E 136 -47.02 -25.75 34.51
C LEU E 136 -45.72 -25.77 35.28
N ILE E 137 -45.70 -26.53 36.38
CA ILE E 137 -44.49 -26.62 37.19
C ILE E 137 -43.77 -27.95 37.10
N CYS E 138 -44.47 -29.05 37.25
CA CYS E 138 -43.81 -30.33 37.16
C CYS E 138 -44.68 -31.37 36.49
N HIS E 139 -44.03 -32.42 35.99
CA HIS E 139 -44.70 -33.51 35.32
C HIS E 139 -44.23 -34.84 35.88
N ASN E 140 -45.17 -35.67 36.31
CA ASN E 140 -44.85 -36.99 36.85
C ASN E 140 -45.42 -38.08 35.94
N GLN E 141 -44.66 -39.15 35.75
CA GLN E 141 -45.19 -40.26 34.95
C GLN E 141 -44.98 -41.51 35.77
N PHE E 142 -46.03 -41.94 36.47
CA PHE E 142 -45.97 -43.15 37.29
C PHE E 142 -46.24 -44.36 36.42
N SER E 143 -45.33 -45.33 36.47
CA SER E 143 -45.49 -46.56 35.70
C SER E 143 -45.93 -47.64 36.67
N LEU E 144 -47.16 -48.11 36.52
CA LEU E 144 -47.68 -49.15 37.40
C LEU E 144 -47.83 -50.47 36.65
N PHE E 145 -46.83 -51.35 36.83
CA PHE E 145 -46.80 -52.66 36.16
C PHE E 145 -47.84 -53.62 36.73
N LEU E 146 -48.41 -54.43 35.83
CA LEU E 146 -49.42 -55.42 36.19
C LEU E 146 -49.90 -56.15 34.93
N SER E 158 -45.82 -48.89 23.58
CA SER E 158 -46.47 -47.59 23.76
C SER E 158 -45.50 -46.41 23.63
N ASP E 159 -45.96 -45.33 22.98
CA ASP E 159 -45.11 -44.14 22.79
C ASP E 159 -45.39 -43.00 23.76
N LYS E 160 -46.29 -43.24 24.71
CA LYS E 160 -46.60 -42.23 25.73
C LYS E 160 -45.87 -42.62 27.02
N VAL E 161 -44.72 -43.29 26.86
CA VAL E 161 -43.90 -43.78 27.98
C VAL E 161 -42.47 -43.22 28.02
N LYS E 162 -42.05 -42.77 29.20
CA LYS E 162 -40.70 -42.24 29.39
C LYS E 162 -39.79 -43.42 29.70
N VAL E 163 -39.08 -43.88 28.69
CA VAL E 163 -38.20 -45.05 28.80
C VAL E 163 -37.05 -44.94 29.79
N ALA E 164 -36.73 -46.07 30.43
CA ALA E 164 -35.61 -46.16 31.36
C ALA E 164 -34.39 -46.25 30.46
N VAL E 165 -33.20 -46.12 31.03
CA VAL E 165 -31.98 -46.16 30.21
C VAL E 165 -30.88 -47.01 30.82
N ALA E 166 -30.22 -47.79 29.98
CA ALA E 166 -29.17 -48.66 30.45
C ALA E 166 -27.96 -47.85 30.88
N ILE E 167 -27.27 -48.35 31.89
CA ILE E 167 -26.09 -47.66 32.38
C ILE E 167 -24.89 -47.93 31.49
N PRO E 168 -23.95 -46.99 31.45
CA PRO E 168 -22.74 -47.11 30.65
C PRO E 168 -21.97 -48.38 31.01
N ASN E 169 -21.37 -49.00 30.00
CA ASN E 169 -20.60 -50.22 30.22
C ASN E 169 -19.15 -49.89 30.59
N ARG E 170 -18.95 -49.40 31.81
CA ARG E 170 -17.62 -49.04 32.30
C ARG E 170 -17.74 -48.77 33.77
N PRO E 171 -16.63 -48.88 34.51
CA PRO E 171 -16.77 -48.59 35.95
C PRO E 171 -17.35 -47.19 36.21
N PRO E 172 -18.17 -47.06 37.24
CA PRO E 172 -18.84 -45.83 37.68
C PRO E 172 -17.86 -44.71 37.90
N ASP E 173 -18.30 -43.48 37.66
CA ASP E 173 -17.43 -42.33 37.86
C ASP E 173 -17.34 -42.00 39.32
N ALA E 174 -18.40 -42.34 40.06
CA ALA E 174 -18.46 -42.08 41.49
C ALA E 174 -19.57 -42.90 42.10
N VAL E 175 -19.40 -43.23 43.37
CA VAL E 175 -20.41 -43.97 44.09
C VAL E 175 -20.37 -43.55 45.56
N LEU E 176 -21.50 -43.04 46.02
CA LEU E 176 -21.62 -42.57 47.39
C LEU E 176 -22.55 -43.52 48.17
N THR E 177 -22.23 -43.75 49.44
CA THR E 177 -23.07 -44.63 50.26
C THR E 177 -23.94 -43.85 51.24
N ASP E 178 -25.09 -44.42 51.61
CA ASP E 178 -25.99 -43.80 52.55
C ASP E 178 -26.52 -44.84 53.50
N THR E 179 -26.53 -44.53 54.78
CA THR E 179 -27.01 -45.45 55.76
C THR E 179 -28.45 -45.16 56.11
N THR E 180 -29.31 -46.11 55.84
CA THR E 180 -30.71 -45.95 56.13
C THR E 180 -30.98 -46.13 57.61
N SER E 181 -32.01 -45.44 58.10
CA SER E 181 -32.36 -45.56 59.49
C SER E 181 -33.33 -46.69 59.71
N LEU E 182 -33.33 -47.23 60.91
CA LEU E 182 -34.24 -48.32 61.22
C LEU E 182 -35.67 -47.77 61.12
N ASN E 183 -35.82 -46.45 61.19
CA ASN E 183 -37.13 -45.78 61.10
C ASN E 183 -37.29 -44.99 59.81
N GLN E 184 -36.43 -45.22 58.85
CA GLN E 184 -36.51 -44.47 57.60
C GLN E 184 -37.93 -44.50 57.05
N ALA E 185 -38.51 -45.69 56.99
CA ALA E 185 -39.87 -45.85 56.47
C ALA E 185 -40.87 -45.15 57.36
N ALA E 186 -40.71 -45.30 58.67
CA ALA E 186 -41.63 -44.66 59.63
C ALA E 186 -41.67 -43.14 59.45
N LEU E 187 -40.56 -42.56 59.00
CA LEU E 187 -40.51 -41.12 58.80
C LEU E 187 -40.97 -40.73 57.42
N TYR E 188 -40.46 -41.42 56.40
CA TYR E 188 -40.82 -41.12 55.03
C TYR E 188 -42.31 -41.24 54.75
N ARG E 189 -42.98 -42.19 55.42
CA ARG E 189 -44.40 -42.36 55.19
C ARG E 189 -45.21 -41.13 55.57
N LEU E 190 -44.69 -40.33 56.50
CA LEU E 190 -45.38 -39.13 56.93
C LEU E 190 -45.55 -38.17 55.75
N SER E 191 -44.91 -38.48 54.63
CA SER E 191 -45.03 -37.61 53.48
C SER E 191 -46.15 -38.01 52.54
N GLY E 192 -47.02 -38.92 53.00
CA GLY E 192 -48.13 -39.30 52.14
C GLY E 192 -48.44 -40.76 51.88
N ASP E 193 -47.44 -41.55 51.54
CA ASP E 193 -47.71 -42.95 51.27
C ASP E 193 -47.81 -43.74 52.57
N TRP E 194 -49.04 -43.98 53.03
CA TRP E 194 -49.23 -44.70 54.28
C TRP E 194 -49.37 -46.20 54.16
N ASN E 195 -49.06 -46.76 52.99
CA ASN E 195 -49.19 -48.19 52.79
C ASN E 195 -48.57 -48.99 53.94
N PRO E 196 -49.37 -49.84 54.59
CA PRO E 196 -48.92 -50.66 55.73
C PRO E 196 -47.73 -51.54 55.38
N LEU E 197 -47.54 -51.77 54.09
CA LEU E 197 -46.46 -52.60 53.60
C LEU E 197 -45.08 -52.12 54.12
N HIS E 198 -44.98 -50.82 54.41
CA HIS E 198 -43.72 -50.23 54.88
C HIS E 198 -43.58 -50.08 56.37
N ILE E 199 -44.53 -50.61 57.15
CA ILE E 199 -44.41 -50.48 58.59
C ILE E 199 -45.10 -51.56 59.42
N ASP E 200 -46.22 -52.08 58.93
CA ASP E 200 -46.90 -53.13 59.68
C ASP E 200 -46.13 -54.43 59.39
N PRO E 201 -45.56 -55.05 60.43
CA PRO E 201 -44.81 -56.28 60.21
C PRO E 201 -45.70 -57.36 59.60
N ASN E 202 -46.89 -57.53 60.19
CA ASN E 202 -47.85 -58.52 59.75
C ASN E 202 -48.27 -58.23 58.31
N PHE E 203 -48.77 -57.03 58.08
CA PHE E 203 -49.22 -56.68 56.74
C PHE E 203 -48.13 -56.89 55.70
N ALA E 204 -46.87 -56.88 56.12
CA ALA E 204 -45.79 -57.08 55.17
C ALA E 204 -45.66 -58.57 54.84
N SER E 205 -45.88 -59.43 55.83
CA SER E 205 -45.76 -60.86 55.61
C SER E 205 -46.99 -61.40 54.90
N LEU E 206 -48.05 -60.60 54.82
CA LEU E 206 -49.24 -61.04 54.11
C LEU E 206 -49.04 -60.61 52.68
N ALA E 207 -47.90 -59.97 52.44
CA ALA E 207 -47.52 -59.52 51.12
C ALA E 207 -46.24 -60.27 50.85
N GLY E 208 -45.91 -61.15 51.78
CA GLY E 208 -44.73 -61.97 51.65
C GLY E 208 -43.42 -61.22 51.62
N PHE E 209 -42.98 -60.75 52.79
CA PHE E 209 -41.72 -60.04 52.98
C PHE E 209 -41.38 -60.41 54.40
N ASP E 210 -40.12 -60.68 54.70
CA ASP E 210 -39.77 -61.06 56.07
C ASP E 210 -39.97 -59.91 57.05
N LYS E 211 -40.13 -58.72 56.50
CA LYS E 211 -40.36 -57.57 57.34
C LYS E 211 -40.74 -56.45 56.44
N PRO E 212 -41.08 -55.30 57.04
CA PRO E 212 -41.48 -54.16 56.22
C PRO E 212 -40.35 -53.65 55.35
N ILE E 213 -40.70 -53.15 54.18
CA ILE E 213 -39.72 -52.62 53.24
C ILE E 213 -39.81 -51.11 53.11
N LEU E 214 -38.69 -50.49 52.73
CA LEU E 214 -38.62 -49.06 52.56
C LEU E 214 -39.32 -48.68 51.25
N HIS E 215 -39.99 -47.53 51.25
CA HIS E 215 -40.69 -47.05 50.06
C HIS E 215 -39.73 -46.92 48.90
N GLY E 216 -40.12 -47.42 47.75
CA GLY E 216 -39.25 -47.30 46.59
C GLY E 216 -38.90 -45.84 46.34
N LEU E 217 -39.88 -44.95 46.49
CA LEU E 217 -39.65 -43.53 46.24
C LEU E 217 -38.70 -42.90 47.25
N CYS E 218 -38.49 -43.57 48.38
CA CYS E 218 -37.57 -43.05 49.39
C CYS E 218 -36.14 -43.27 48.93
N THR E 219 -35.84 -44.50 48.53
CA THR E 219 -34.51 -44.86 48.02
C THR E 219 -34.24 -43.92 46.84
N PHE E 220 -35.27 -43.73 46.06
CA PHE E 220 -35.27 -42.85 44.91
C PHE E 220 -34.82 -41.45 45.35
N GLY E 221 -35.44 -40.95 46.41
CA GLY E 221 -35.09 -39.64 46.92
C GLY E 221 -33.63 -39.55 47.31
N PHE E 222 -33.14 -40.59 47.99
CA PHE E 222 -31.76 -40.66 48.43
C PHE E 222 -30.84 -40.49 47.23
N SER E 223 -30.84 -41.47 46.33
CA SER E 223 -29.98 -41.40 45.17
C SER E 223 -30.11 -40.11 44.42
N ALA E 224 -31.34 -39.68 44.18
CA ALA E 224 -31.54 -38.43 43.46
C ALA E 224 -30.85 -37.30 44.19
N ARG E 225 -31.02 -37.27 45.52
CA ARG E 225 -30.41 -36.24 46.36
C ARG E 225 -28.89 -36.22 46.22
N ARG E 226 -28.29 -37.41 46.13
CA ARG E 226 -26.85 -37.52 45.99
C ARG E 226 -26.38 -37.03 44.63
N VAL E 227 -27.08 -37.46 43.56
CA VAL E 227 -26.71 -37.02 42.24
C VAL E 227 -26.71 -35.48 42.23
N LEU E 228 -27.75 -34.89 42.84
CA LEU E 228 -27.88 -33.44 42.91
C LEU E 228 -26.66 -32.80 43.54
N GLN E 229 -26.18 -33.38 44.63
CA GLN E 229 -25.04 -32.79 45.30
C GLN E 229 -23.69 -33.15 44.66
N GLN E 230 -23.61 -34.29 43.99
CA GLN E 230 -22.36 -34.70 43.39
C GLN E 230 -22.09 -34.05 42.07
N PHE E 231 -23.11 -33.95 41.23
CA PHE E 231 -22.92 -33.39 39.90
C PHE E 231 -23.64 -32.10 39.59
N ALA E 232 -24.21 -31.44 40.59
CA ALA E 232 -24.89 -30.18 40.32
C ALA E 232 -24.73 -29.18 41.45
N ASP E 233 -23.78 -29.44 42.35
CA ASP E 233 -23.55 -28.54 43.46
C ASP E 233 -24.79 -28.15 44.23
N ASN E 234 -25.65 -29.13 44.56
CA ASN E 234 -26.85 -28.82 45.32
C ASN E 234 -27.64 -27.66 44.72
N ASP E 235 -27.46 -27.40 43.45
CA ASP E 235 -28.18 -26.30 42.79
C ASP E 235 -29.51 -26.81 42.26
N VAL E 236 -30.51 -26.80 43.13
CA VAL E 236 -31.85 -27.24 42.77
C VAL E 236 -32.31 -26.82 41.36
N SER E 237 -31.93 -25.64 40.92
CA SER E 237 -32.33 -25.13 39.61
C SER E 237 -31.82 -25.92 38.42
N ARG E 238 -30.70 -26.62 38.61
CA ARG E 238 -30.11 -27.39 37.52
C ARG E 238 -30.71 -28.78 37.37
N PHE E 239 -31.57 -29.14 38.31
CA PHE E 239 -32.20 -30.43 38.30
C PHE E 239 -33.42 -30.42 37.39
N LYS E 240 -33.25 -30.90 36.16
CA LYS E 240 -34.35 -30.93 35.18
C LYS E 240 -35.30 -32.12 35.22
N ALA E 241 -34.77 -33.34 35.22
CA ALA E 241 -35.63 -34.51 35.25
C ALA E 241 -34.91 -35.76 35.71
N VAL E 242 -35.65 -36.76 36.20
CA VAL E 242 -35.09 -38.03 36.63
C VAL E 242 -36.02 -39.16 36.22
N LYS E 243 -35.43 -40.30 35.91
CA LYS E 243 -36.15 -41.49 35.51
C LYS E 243 -35.50 -42.63 36.24
N ALA E 244 -36.31 -43.52 36.79
CA ALA E 244 -35.74 -44.63 37.52
C ALA E 244 -36.65 -45.85 37.45
N ARG E 245 -36.06 -47.03 37.57
CA ARG E 245 -36.82 -48.27 37.55
C ARG E 245 -36.53 -48.98 38.84
N PHE E 246 -37.58 -49.41 39.51
CA PHE E 246 -37.41 -50.09 40.78
C PHE E 246 -37.18 -51.60 40.60
N ALA E 247 -36.25 -52.13 41.39
CA ALA E 247 -35.92 -53.54 41.33
C ALA E 247 -36.15 -54.18 42.69
N LYS E 248 -35.12 -54.81 43.26
CA LYS E 248 -35.25 -55.48 44.54
C LYS E 248 -35.53 -54.51 45.68
N PRO E 249 -36.15 -54.99 46.75
CA PRO E 249 -36.52 -54.25 47.95
C PRO E 249 -35.33 -53.77 48.78
N VAL E 250 -35.60 -52.81 49.67
CA VAL E 250 -34.61 -52.26 50.59
C VAL E 250 -35.26 -52.32 51.97
N TYR E 251 -34.50 -52.71 52.99
CA TYR E 251 -35.07 -52.76 54.30
C TYR E 251 -34.50 -51.65 55.17
N PRO E 252 -35.37 -50.91 55.85
CA PRO E 252 -34.93 -49.82 56.72
C PRO E 252 -33.74 -50.25 57.54
N GLY E 253 -32.65 -49.52 57.43
CA GLY E 253 -31.47 -49.89 58.18
C GLY E 253 -30.35 -50.31 57.24
N GLN E 254 -30.71 -50.87 56.09
CA GLN E 254 -29.68 -51.29 55.16
C GLN E 254 -28.93 -50.07 54.64
N THR E 255 -27.84 -50.32 53.91
CA THR E 255 -27.02 -49.26 53.39
C THR E 255 -27.09 -49.14 51.88
N LEU E 256 -27.51 -47.99 51.40
CA LEU E 256 -27.62 -47.73 49.98
C LEU E 256 -26.27 -47.41 49.37
N GLN E 257 -26.14 -47.72 48.08
CA GLN E 257 -24.92 -47.49 47.35
C GLN E 257 -25.35 -46.90 46.02
N THR E 258 -25.19 -45.60 45.82
CA THR E 258 -25.60 -44.97 44.58
C THR E 258 -24.44 -44.81 43.61
N GLU E 259 -24.44 -45.59 42.52
CA GLU E 259 -23.38 -45.54 41.51
C GLU E 259 -23.77 -44.56 40.43
N MET E 260 -22.83 -43.70 40.04
CA MET E 260 -23.11 -42.69 39.04
C MET E 260 -22.12 -42.61 37.89
N TRP E 261 -22.64 -42.29 36.71
CA TRP E 261 -21.84 -42.14 35.50
C TRP E 261 -22.19 -40.79 34.86
N LYS E 262 -21.20 -39.93 34.66
CA LYS E 262 -21.53 -38.67 34.02
C LYS E 262 -21.30 -38.78 32.51
N GLU E 263 -22.36 -38.52 31.75
CA GLU E 263 -22.31 -38.56 30.29
C GLU E 263 -22.88 -37.24 29.80
N GLY E 264 -22.06 -36.20 29.81
CA GLY E 264 -22.53 -34.89 29.40
C GLY E 264 -23.40 -34.29 30.48
N ASN E 265 -24.65 -33.97 30.14
CA ASN E 265 -25.57 -33.41 31.11
C ASN E 265 -26.49 -34.44 31.73
N ARG E 266 -26.27 -35.70 31.39
CA ARG E 266 -27.08 -36.77 31.93
C ARG E 266 -26.23 -37.60 32.88
N ILE E 267 -26.68 -37.72 34.11
CA ILE E 267 -25.96 -38.51 35.09
C ILE E 267 -26.72 -39.80 35.21
N HIS E 268 -26.14 -40.88 34.71
CA HIS E 268 -26.78 -42.19 34.80
C HIS E 268 -26.49 -42.71 36.20
N PHE E 269 -27.44 -43.45 36.79
CA PHE E 269 -27.15 -43.99 38.09
C PHE E 269 -27.86 -45.29 38.34
N GLN E 270 -27.31 -46.04 39.30
CA GLN E 270 -27.81 -47.35 39.70
C GLN E 270 -27.69 -47.37 41.22
N THR E 271 -28.61 -48.02 41.92
CA THR E 271 -28.53 -48.07 43.37
C THR E 271 -28.55 -49.51 43.88
N LYS E 272 -27.65 -49.81 44.80
CA LYS E 272 -27.54 -51.14 45.36
C LYS E 272 -27.59 -51.08 46.86
N VAL E 273 -27.60 -52.27 47.48
CA VAL E 273 -27.60 -52.37 48.92
C VAL E 273 -26.30 -53.04 49.33
N GLN E 274 -25.32 -52.23 49.72
CA GLN E 274 -24.02 -52.72 50.15
C GLN E 274 -24.32 -53.57 51.35
N GLU E 275 -24.35 -54.89 51.16
CA GLU E 275 -24.65 -55.82 52.26
C GLU E 275 -25.06 -57.09 51.58
N THR E 276 -25.83 -56.93 50.50
CA THR E 276 -26.29 -58.05 49.73
C THR E 276 -25.84 -57.83 48.32
N GLY E 277 -25.54 -56.58 48.00
CA GLY E 277 -25.10 -56.28 46.66
C GLY E 277 -26.25 -56.23 45.68
N ASP E 278 -27.48 -56.43 46.16
CA ASP E 278 -28.63 -56.39 45.27
C ASP E 278 -28.85 -55.03 44.62
N ILE E 279 -29.35 -55.04 43.39
CA ILE E 279 -29.66 -53.79 42.70
C ILE E 279 -31.12 -53.43 43.00
N VAL E 280 -31.33 -52.28 43.66
CA VAL E 280 -32.67 -51.83 44.05
C VAL E 280 -33.27 -50.78 43.12
N ILE E 281 -32.42 -50.08 42.36
CA ILE E 281 -32.89 -49.09 41.39
C ILE E 281 -31.99 -49.23 40.19
N SER E 282 -32.57 -49.44 39.01
CA SER E 282 -31.76 -49.64 37.82
C SER E 282 -32.13 -48.75 36.66
N ASN E 283 -31.24 -48.72 35.68
CA ASN E 283 -31.44 -47.94 34.46
C ASN E 283 -32.00 -46.54 34.69
N ALA E 284 -31.49 -45.90 35.72
CA ALA E 284 -31.95 -44.56 36.04
C ALA E 284 -30.99 -43.49 35.57
N TYR E 285 -31.47 -42.26 35.61
CA TYR E 285 -30.66 -41.13 35.20
C TYR E 285 -31.34 -39.85 35.67
N VAL E 286 -30.63 -38.74 35.55
CA VAL E 286 -31.15 -37.42 35.93
C VAL E 286 -30.49 -36.42 35.01
N ASP E 287 -31.30 -35.61 34.33
CA ASP E 287 -30.77 -34.64 33.41
C ASP E 287 -30.53 -33.32 34.11
N LEU E 288 -29.35 -32.76 33.91
CA LEU E 288 -28.98 -31.49 34.52
C LEU E 288 -28.86 -30.38 33.48
N ALA E 289 -28.70 -29.16 33.97
CA ALA E 289 -28.56 -27.99 33.11
C ALA E 289 -27.16 -27.32 33.22
N ALA F 8 -46.09 -6.67 85.60
CA ALA F 8 -46.75 -5.69 86.50
C ALA F 8 -47.86 -6.36 87.31
N GLY F 9 -49.06 -5.77 87.25
CA GLY F 9 -50.21 -6.32 87.96
C GLY F 9 -51.22 -6.83 86.94
N ALA F 10 -50.81 -7.83 86.16
CA ALA F 10 -51.64 -8.46 85.12
C ALA F 10 -52.07 -9.86 85.57
N ILE F 11 -52.03 -10.07 86.88
CA ILE F 11 -52.42 -11.33 87.52
C ILE F 11 -53.90 -11.62 87.34
N GLY F 12 -54.23 -12.47 86.37
CA GLY F 12 -55.61 -12.81 86.16
C GLY F 12 -56.03 -12.59 84.73
N GLN F 13 -55.32 -11.70 84.03
CA GLN F 13 -55.68 -11.43 82.64
C GLN F 13 -55.94 -12.71 81.86
N LYS F 14 -56.88 -12.66 80.92
CA LYS F 14 -57.19 -13.83 80.11
C LYS F 14 -56.84 -13.57 78.66
N LEU F 15 -55.81 -14.25 78.18
CA LEU F 15 -55.34 -14.10 76.80
C LEU F 15 -56.36 -14.52 75.75
N PRO F 16 -56.09 -14.18 74.48
CA PRO F 16 -56.97 -14.51 73.35
C PRO F 16 -57.05 -16.01 73.06
N PRO F 17 -58.24 -16.60 73.20
CA PRO F 17 -58.39 -18.03 72.94
C PRO F 17 -57.90 -18.43 71.55
N PHE F 18 -57.57 -19.69 71.38
CA PHE F 18 -57.11 -20.23 70.10
C PHE F 18 -57.48 -21.71 70.01
N SER F 19 -57.31 -22.31 68.83
CA SER F 19 -57.64 -23.72 68.71
C SER F 19 -56.58 -24.54 67.98
N TYR F 20 -56.38 -25.76 68.44
CA TYR F 20 -55.40 -26.69 67.87
C TYR F 20 -56.12 -27.96 67.34
N ALA F 21 -55.98 -28.26 66.05
CA ALA F 21 -56.61 -29.45 65.51
C ALA F 21 -55.47 -30.29 64.99
N TYR F 22 -55.58 -31.61 65.12
CA TYR F 22 -54.52 -32.49 64.65
C TYR F 22 -55.10 -33.81 64.24
N THR F 23 -54.27 -34.59 63.57
CA THR F 23 -54.65 -35.92 63.15
C THR F 23 -53.53 -36.87 63.61
N GLU F 24 -53.66 -38.16 63.31
CA GLU F 24 -52.64 -39.11 63.70
C GLU F 24 -51.27 -38.68 63.21
N LEU F 25 -51.24 -37.99 62.07
CA LEU F 25 -49.98 -37.52 61.49
C LEU F 25 -49.20 -36.68 62.49
N GLU F 26 -49.76 -35.54 62.89
CA GLU F 26 -49.09 -34.64 63.84
C GLU F 26 -48.68 -35.41 65.08
N ALA F 27 -49.49 -36.38 65.47
CA ALA F 27 -49.18 -37.18 66.66
C ALA F 27 -47.93 -38.03 66.41
N ILE F 28 -47.95 -38.81 65.34
CA ILE F 28 -46.82 -39.66 65.00
C ILE F 28 -45.57 -38.83 64.82
N MET F 29 -45.70 -37.68 64.17
CA MET F 29 -44.57 -36.79 63.96
C MET F 29 -43.99 -36.42 65.33
N TYR F 30 -44.84 -36.14 66.30
CA TYR F 30 -44.33 -35.80 67.62
C TYR F 30 -43.58 -36.98 68.20
N ALA F 31 -44.22 -38.15 68.19
CA ALA F 31 -43.64 -39.36 68.74
C ALA F 31 -42.25 -39.63 68.17
N LEU F 32 -42.12 -39.54 66.86
CA LEU F 32 -40.82 -39.75 66.24
C LEU F 32 -39.82 -38.72 66.76
N GLY F 33 -40.20 -37.45 66.68
CA GLY F 33 -39.32 -36.40 67.13
C GLY F 33 -39.01 -36.48 68.61
N VAL F 34 -39.76 -37.28 69.34
CA VAL F 34 -39.50 -37.35 70.75
C VAL F 34 -38.84 -38.68 71.18
N GLY F 35 -38.43 -39.49 70.21
CA GLY F 35 -37.76 -40.73 70.57
C GLY F 35 -38.31 -42.09 70.17
N ALA F 36 -39.62 -42.24 70.04
CA ALA F 36 -40.21 -43.51 69.66
C ALA F 36 -39.49 -44.07 68.44
N SER F 37 -39.26 -45.38 68.43
CA SER F 37 -38.57 -45.99 67.30
C SER F 37 -39.15 -47.36 67.03
N ILE F 38 -39.30 -47.71 65.76
CA ILE F 38 -39.87 -49.02 65.49
C ILE F 38 -38.89 -50.10 65.78
N LYS F 39 -37.73 -49.75 66.30
CA LYS F 39 -36.77 -50.79 66.61
C LYS F 39 -37.38 -51.60 67.74
N ASP F 40 -38.25 -50.94 68.51
CA ASP F 40 -38.93 -51.60 69.61
C ASP F 40 -40.35 -51.81 69.18
N PRO F 41 -40.78 -53.08 69.01
CA PRO F 41 -42.14 -53.42 68.59
C PRO F 41 -43.22 -52.72 69.38
N LYS F 42 -42.99 -52.56 70.67
CA LYS F 42 -43.96 -51.89 71.52
C LYS F 42 -44.20 -50.44 71.13
N ASP F 43 -43.25 -49.85 70.41
CA ASP F 43 -43.40 -48.47 70.01
C ASP F 43 -44.29 -48.31 68.77
N LEU F 44 -44.58 -49.41 68.10
CA LEU F 44 -45.42 -49.37 66.91
C LEU F 44 -46.75 -48.68 67.25
N LYS F 45 -47.13 -48.78 68.52
CA LYS F 45 -48.35 -48.20 69.10
C LYS F 45 -48.44 -46.68 68.94
N PHE F 46 -47.29 -46.00 68.91
CA PHE F 46 -47.23 -44.55 68.79
C PHE F 46 -46.76 -44.09 67.42
N ILE F 47 -46.32 -45.03 66.58
CA ILE F 47 -45.80 -44.67 65.27
C ILE F 47 -46.67 -45.07 64.10
N TYR F 48 -47.49 -46.09 64.30
CA TYR F 48 -48.37 -46.61 63.24
C TYR F 48 -49.86 -46.38 63.53
N GLU F 49 -50.50 -45.54 62.71
CA GLU F 49 -51.91 -45.25 62.92
C GLU F 49 -52.73 -46.51 62.74
N GLY F 50 -52.20 -47.43 61.93
CA GLY F 50 -52.92 -48.68 61.69
C GLY F 50 -52.98 -49.58 62.91
N SER F 51 -52.08 -49.38 63.84
CA SER F 51 -52.04 -50.20 65.02
C SER F 51 -53.38 -50.14 65.71
N SER F 52 -53.92 -51.29 66.09
CA SER F 52 -55.21 -51.33 66.77
C SER F 52 -55.06 -50.70 68.16
N ASP F 53 -53.81 -50.60 68.58
CA ASP F 53 -53.45 -50.09 69.88
C ASP F 53 -53.06 -48.62 69.80
N PHE F 54 -53.00 -48.09 68.58
CA PHE F 54 -52.59 -46.70 68.36
C PHE F 54 -53.03 -45.69 69.38
N SER F 55 -52.07 -45.01 69.96
CA SER F 55 -52.36 -43.98 70.95
C SER F 55 -51.51 -42.77 70.66
N CYS F 56 -51.92 -41.66 71.22
CA CYS F 56 -51.20 -40.43 71.05
C CYS F 56 -50.39 -40.35 72.34
N LEU F 57 -49.14 -39.92 72.29
CA LEU F 57 -48.34 -39.82 73.53
C LEU F 57 -48.86 -38.74 74.47
N PRO F 58 -48.99 -39.05 75.76
CA PRO F 58 -49.47 -38.08 76.73
C PRO F 58 -48.88 -36.67 76.63
N THR F 59 -47.55 -36.55 76.57
CA THR F 59 -46.97 -35.22 76.52
C THR F 59 -47.28 -34.49 75.26
N PHE F 60 -48.03 -35.09 74.34
CA PHE F 60 -48.39 -34.40 73.12
C PHE F 60 -49.23 -33.18 73.48
N GLY F 61 -49.84 -33.25 74.67
CA GLY F 61 -50.65 -32.16 75.16
C GLY F 61 -49.86 -30.87 75.33
N VAL F 62 -48.55 -30.99 75.51
CA VAL F 62 -47.70 -29.82 75.66
C VAL F 62 -47.74 -29.06 74.35
N ILE F 63 -47.86 -29.79 73.25
CA ILE F 63 -47.91 -29.16 71.95
C ILE F 63 -49.26 -28.50 71.69
N ILE F 64 -50.32 -29.11 72.23
CA ILE F 64 -51.66 -28.59 72.07
C ILE F 64 -51.79 -27.21 72.69
N GLY F 65 -51.30 -27.04 73.92
CA GLY F 65 -51.42 -25.73 74.56
C GLY F 65 -50.22 -24.83 74.33
N GLN F 66 -49.27 -25.32 73.56
CA GLN F 66 -48.06 -24.57 73.28
C GLN F 66 -48.30 -23.50 72.23
N LYS F 67 -49.31 -23.75 71.39
CA LYS F 67 -49.65 -22.86 70.26
C LYS F 67 -49.85 -21.37 70.57
N SER F 68 -50.34 -21.07 71.76
CA SER F 68 -50.50 -19.67 72.15
C SER F 68 -49.07 -19.13 72.14
N MET F 69 -48.34 -19.38 73.23
CA MET F 69 -46.94 -19.00 73.42
C MET F 69 -46.22 -18.86 72.06
N MET F 70 -46.40 -19.87 71.21
CA MET F 70 -45.79 -19.92 69.87
C MET F 70 -46.49 -18.99 68.88
N GLY F 71 -46.92 -17.80 69.28
CA GLY F 71 -47.57 -16.98 68.28
C GLY F 71 -47.00 -15.62 68.34
N GLY F 72 -46.34 -15.41 69.47
CA GLY F 72 -45.72 -14.15 69.80
C GLY F 72 -46.50 -13.91 71.07
N GLY F 73 -47.80 -13.80 70.88
CA GLY F 73 -48.76 -13.58 71.93
C GLY F 73 -48.47 -13.94 73.36
N LEU F 74 -47.47 -13.29 73.92
CA LEU F 74 -47.15 -13.37 75.34
C LEU F 74 -47.27 -11.85 75.40
N ALA F 75 -47.85 -11.42 74.27
CA ALA F 75 -48.17 -10.07 73.88
C ALA F 75 -49.70 -10.11 73.76
N ILE F 82 -42.27 -4.58 76.68
CA ILE F 82 -42.46 -5.89 76.07
C ILE F 82 -41.14 -6.56 75.69
N ASN F 83 -40.72 -7.52 76.50
CA ASN F 83 -39.51 -8.28 76.23
C ASN F 83 -40.02 -9.71 76.04
N PHE F 84 -41.07 -9.83 75.23
CA PHE F 84 -41.71 -11.11 74.99
C PHE F 84 -40.80 -12.20 74.42
N ALA F 85 -39.65 -11.81 73.89
CA ALA F 85 -38.69 -12.78 73.35
C ALA F 85 -37.76 -13.23 74.47
N LYS F 86 -37.22 -12.25 75.20
CA LYS F 86 -36.29 -12.50 76.30
C LYS F 86 -36.79 -13.49 77.35
N VAL F 87 -38.06 -13.87 77.28
CA VAL F 87 -38.67 -14.81 78.25
C VAL F 87 -38.12 -16.24 78.16
N LEU F 88 -38.08 -16.94 79.29
CA LEU F 88 -37.57 -18.30 79.30
C LEU F 88 -38.47 -19.35 79.93
N HIS F 89 -38.50 -20.52 79.32
CA HIS F 89 -39.31 -21.61 79.83
C HIS F 89 -38.54 -22.37 80.92
N GLY F 90 -38.94 -22.16 82.18
CA GLY F 90 -38.29 -22.80 83.31
C GLY F 90 -38.87 -24.11 83.82
N GLU F 91 -40.18 -24.24 83.82
CA GLU F 91 -40.81 -25.48 84.27
C GLU F 91 -42.01 -25.78 83.39
N GLN F 92 -42.53 -26.99 83.49
CA GLN F 92 -43.68 -27.36 82.68
C GLN F 92 -44.54 -28.31 83.50
N TYR F 93 -45.85 -28.24 83.28
CA TYR F 93 -46.76 -29.12 83.99
C TYR F 93 -47.89 -29.44 83.06
N LEU F 94 -48.24 -30.72 83.00
CA LEU F 94 -49.33 -31.17 82.14
C LEU F 94 -50.16 -32.18 82.88
N GLU F 95 -51.48 -32.04 82.80
CA GLU F 95 -52.39 -32.97 83.44
C GLU F 95 -53.43 -33.36 82.39
N LEU F 96 -53.69 -34.66 82.30
CA LEU F 96 -54.64 -35.17 81.31
C LEU F 96 -55.91 -35.64 81.99
N TYR F 97 -56.94 -34.82 81.89
CA TYR F 97 -58.22 -35.15 82.49
C TYR F 97 -58.85 -36.28 81.71
N LYS F 98 -58.42 -36.47 80.47
CA LYS F 98 -58.93 -37.53 79.62
C LYS F 98 -57.89 -37.86 78.58
N PRO F 99 -57.75 -39.13 78.24
CA PRO F 99 -56.76 -39.55 77.26
C PRO F 99 -56.90 -38.73 76.00
N LEU F 100 -55.78 -38.27 75.46
CA LEU F 100 -55.82 -37.47 74.23
C LEU F 100 -56.22 -38.37 73.07
N PRO F 101 -57.16 -37.92 72.24
CA PRO F 101 -57.69 -38.62 71.07
C PRO F 101 -56.69 -38.84 69.96
N ARG F 102 -56.90 -39.86 69.13
CA ARG F 102 -55.96 -40.14 68.05
C ARG F 102 -55.99 -39.03 67.02
N ALA F 103 -56.84 -38.05 67.25
CA ALA F 103 -56.98 -36.92 66.33
C ALA F 103 -58.11 -36.09 66.86
N GLY F 104 -58.25 -34.89 66.31
CA GLY F 104 -59.34 -34.04 66.77
C GLY F 104 -59.08 -32.55 66.79
N LYS F 105 -60.11 -31.81 67.19
CA LYS F 105 -60.06 -30.36 67.29
C LYS F 105 -60.28 -29.96 68.73
N LEU F 106 -59.59 -28.92 69.17
CA LEU F 106 -59.72 -28.53 70.54
C LEU F 106 -59.73 -27.03 70.66
N LYS F 107 -60.44 -26.52 71.66
CA LYS F 107 -60.50 -25.09 71.90
C LYS F 107 -59.60 -24.84 73.11
N CYS F 108 -58.72 -23.86 73.02
CA CYS F 108 -57.82 -23.58 74.13
C CYS F 108 -57.99 -22.18 74.72
N GLU F 109 -57.82 -22.08 76.02
CA GLU F 109 -57.94 -20.81 76.68
C GLU F 109 -56.78 -20.63 77.66
N ALA F 110 -56.01 -19.55 77.53
CA ALA F 110 -54.88 -19.29 78.43
C ALA F 110 -55.27 -18.31 79.54
N VAL F 111 -54.43 -18.23 80.57
CA VAL F 111 -54.69 -17.38 81.71
C VAL F 111 -53.40 -17.09 82.44
N VAL F 112 -53.22 -15.86 82.93
CA VAL F 112 -52.00 -15.56 83.70
C VAL F 112 -52.32 -15.79 85.18
N ALA F 113 -52.14 -17.01 85.66
CA ALA F 113 -52.45 -17.35 87.03
C ALA F 113 -51.75 -16.55 88.13
N ASP F 114 -50.56 -16.03 87.85
CA ASP F 114 -49.83 -15.26 88.86
C ASP F 114 -48.42 -14.92 88.38
N VAL F 115 -47.96 -13.73 88.75
CA VAL F 115 -46.62 -13.26 88.39
C VAL F 115 -45.85 -13.24 89.72
N LEU F 116 -44.59 -13.66 89.69
CA LEU F 116 -43.85 -13.70 90.93
C LEU F 116 -42.54 -12.94 90.92
N ASP F 117 -42.35 -12.12 91.95
CA ASP F 117 -41.10 -11.39 92.05
C ASP F 117 -40.18 -12.44 92.64
N LYS F 118 -39.17 -12.81 91.86
CA LYS F 118 -38.21 -13.79 92.31
C LYS F 118 -36.84 -13.18 92.06
N GLY F 119 -36.50 -12.20 92.91
CA GLY F 119 -35.22 -11.52 92.81
C GLY F 119 -34.93 -10.87 91.47
N SER F 120 -33.88 -11.36 90.81
CA SER F 120 -33.46 -10.82 89.52
C SER F 120 -34.62 -10.55 88.59
N GLY F 121 -35.32 -11.61 88.24
CA GLY F 121 -36.45 -11.49 87.33
C GLY F 121 -37.80 -11.86 87.91
N VAL F 122 -38.77 -11.98 87.03
CA VAL F 122 -40.12 -12.31 87.44
C VAL F 122 -40.59 -13.68 86.92
N VAL F 123 -41.50 -14.29 87.65
CA VAL F 123 -42.05 -15.58 87.29
C VAL F 123 -43.48 -15.45 86.80
N ILE F 124 -43.69 -15.40 85.50
CA ILE F 124 -45.08 -15.32 85.06
C ILE F 124 -45.57 -16.75 84.86
N ILE F 125 -46.61 -17.11 85.60
CA ILE F 125 -47.18 -18.43 85.54
C ILE F 125 -48.43 -18.42 84.68
N MET F 126 -48.41 -19.25 83.64
CA MET F 126 -49.52 -19.33 82.71
C MET F 126 -50.18 -20.70 82.69
N ASP F 127 -51.50 -20.70 82.72
CA ASP F 127 -52.30 -21.90 82.63
C ASP F 127 -53.04 -21.88 81.30
N VAL F 128 -53.19 -23.04 80.67
CA VAL F 128 -53.92 -23.13 79.43
C VAL F 128 -54.72 -24.42 79.43
N TYR F 129 -56.03 -24.30 79.28
CA TYR F 129 -56.93 -25.43 79.29
C TYR F 129 -57.41 -25.73 77.90
N SER F 130 -57.45 -27.02 77.55
CA SER F 130 -57.90 -27.42 76.23
C SER F 130 -59.15 -28.30 76.37
N TYR F 131 -60.22 -27.90 75.67
CA TYR F 131 -61.49 -28.62 75.71
C TYR F 131 -61.82 -29.24 74.37
N SER F 132 -62.63 -30.31 74.38
CA SER F 132 -63.03 -30.92 73.12
C SER F 132 -64.19 -30.06 72.67
N GLU F 133 -65.07 -29.75 73.62
CA GLU F 133 -66.16 -28.85 73.28
C GLU F 133 -66.60 -28.20 74.59
N LYS F 134 -67.06 -29.00 75.52
CA LYS F 134 -67.44 -28.43 76.80
C LYS F 134 -66.62 -29.26 77.79
N GLU F 135 -66.06 -30.33 77.24
CA GLU F 135 -65.28 -31.29 77.99
C GLU F 135 -63.80 -30.94 78.04
N LEU F 136 -63.29 -30.86 79.25
CA LEU F 136 -61.89 -30.54 79.50
C LEU F 136 -61.00 -31.76 79.21
N ILE F 137 -59.97 -31.58 78.40
CA ILE F 137 -59.09 -32.69 78.09
C ILE F 137 -57.73 -32.61 78.75
N CYS F 138 -57.04 -31.49 78.60
CA CYS F 138 -55.74 -31.38 79.23
C CYS F 138 -55.49 -30.00 79.82
N HIS F 139 -54.59 -29.93 80.79
CA HIS F 139 -54.23 -28.70 81.47
C HIS F 139 -52.72 -28.48 81.43
N ASN F 140 -52.28 -27.34 80.94
CA ASN F 140 -50.85 -27.03 80.89
C ASN F 140 -50.54 -25.85 81.80
N GLN F 141 -49.45 -25.94 82.55
CA GLN F 141 -49.05 -24.81 83.37
C GLN F 141 -47.60 -24.46 83.03
N PHE F 142 -47.43 -23.50 82.11
CA PHE F 142 -46.11 -23.05 81.70
C PHE F 142 -45.56 -22.05 82.71
N SER F 143 -44.36 -22.31 83.21
CA SER F 143 -43.72 -21.42 84.16
C SER F 143 -42.64 -20.69 83.35
N LEU F 144 -42.86 -19.42 83.06
CA LEU F 144 -41.89 -18.66 82.29
C LEU F 144 -41.06 -17.77 83.21
N PHE F 145 -39.80 -17.56 82.87
CA PHE F 145 -38.91 -16.73 83.66
C PHE F 145 -38.38 -15.57 82.83
N LEU F 146 -38.47 -14.35 83.38
CA LEU F 146 -37.96 -13.16 82.71
C LEU F 146 -36.85 -12.65 83.61
N VAL F 147 -35.61 -12.83 83.16
CA VAL F 147 -34.43 -12.43 83.91
C VAL F 147 -34.21 -10.92 83.97
N GLY F 148 -34.28 -10.37 85.18
CA GLY F 148 -34.05 -8.95 85.36
C GLY F 148 -35.21 -7.99 85.62
N SER F 149 -36.19 -7.97 84.74
CA SER F 149 -37.32 -7.05 84.91
C SER F 149 -37.91 -7.01 86.31
N GLY F 150 -37.69 -8.08 87.08
CA GLY F 150 -38.26 -8.17 88.41
C GLY F 150 -37.84 -7.10 89.41
N GLY F 151 -38.52 -5.96 89.37
CA GLY F 151 -38.19 -4.87 90.27
C GLY F 151 -39.12 -4.65 91.45
N PHE F 152 -40.43 -4.90 91.28
CA PHE F 152 -41.35 -4.71 92.40
C PHE F 152 -41.10 -5.87 93.37
N GLY F 153 -42.12 -6.34 94.09
CA GLY F 153 -41.86 -7.43 95.02
C GLY F 153 -42.95 -7.82 96.01
N GLY F 154 -44.12 -8.15 95.48
CA GLY F 154 -45.23 -8.50 96.35
C GLY F 154 -45.45 -9.96 96.68
N LYS F 155 -44.65 -10.88 96.17
CA LYS F 155 -44.93 -12.26 96.49
C LYS F 155 -43.82 -13.27 96.28
N ARG F 156 -43.43 -13.90 97.38
CA ARG F 156 -42.38 -14.91 97.38
C ARG F 156 -42.96 -16.18 96.77
N THR F 157 -44.26 -16.37 96.95
CA THR F 157 -44.89 -17.57 96.42
C THR F 157 -46.39 -17.52 96.19
N SER F 158 -46.87 -18.39 95.30
CA SER F 158 -48.29 -18.49 94.99
C SER F 158 -48.84 -19.87 95.30
N ASP F 159 -50.16 -19.97 95.31
CA ASP F 159 -50.83 -21.23 95.54
C ASP F 159 -51.45 -21.60 94.21
N LYS F 160 -51.13 -20.83 93.18
CA LYS F 160 -51.63 -21.10 91.84
C LYS F 160 -50.54 -21.88 91.12
N VAL F 161 -49.53 -22.34 91.84
CA VAL F 161 -48.43 -23.03 91.19
C VAL F 161 -48.35 -24.53 91.31
N LYS F 162 -48.07 -25.18 90.18
CA LYS F 162 -47.89 -26.62 90.26
C LYS F 162 -46.42 -26.81 90.58
N VAL F 163 -46.13 -26.95 91.86
CA VAL F 163 -44.77 -27.12 92.36
C VAL F 163 -43.96 -28.32 91.84
N ALA F 164 -42.65 -28.11 91.68
CA ALA F 164 -41.77 -29.18 91.26
C ALA F 164 -41.54 -30.01 92.53
N VAL F 165 -40.93 -31.17 92.40
CA VAL F 165 -40.71 -32.01 93.58
C VAL F 165 -39.32 -32.63 93.63
N ALA F 166 -38.74 -32.61 94.82
CA ALA F 166 -37.43 -33.16 95.01
C ALA F 166 -37.45 -34.68 94.83
N ILE F 167 -36.37 -35.23 94.30
CA ILE F 167 -36.23 -36.66 94.09
C ILE F 167 -35.87 -37.36 95.40
N PRO F 168 -36.26 -38.63 95.53
CA PRO F 168 -35.98 -39.41 96.73
C PRO F 168 -34.47 -39.48 97.00
N ASN F 169 -34.10 -39.48 98.29
CA ASN F 169 -32.70 -39.53 98.66
C ASN F 169 -32.24 -40.97 98.77
N ARG F 170 -32.08 -41.63 97.63
CA ARG F 170 -31.65 -43.02 97.57
C ARG F 170 -31.36 -43.35 96.12
N PRO F 171 -30.52 -44.35 95.87
CA PRO F 171 -30.25 -44.66 94.46
C PRO F 171 -31.55 -44.96 93.68
N PRO F 172 -31.59 -44.54 92.41
CA PRO F 172 -32.69 -44.69 91.46
C PRO F 172 -33.14 -46.13 91.31
N ASP F 173 -34.45 -46.33 91.14
CA ASP F 173 -34.96 -47.67 90.96
C ASP F 173 -34.61 -48.20 89.57
N ALA F 174 -34.50 -47.28 88.61
CA ALA F 174 -34.17 -47.67 87.25
C ALA F 174 -33.69 -46.46 86.50
N VAL F 175 -32.84 -46.68 85.51
CA VAL F 175 -32.38 -45.57 84.71
C VAL F 175 -32.16 -46.09 83.28
N LEU F 176 -32.87 -45.48 82.33
CA LEU F 176 -32.78 -45.88 80.93
C LEU F 176 -32.07 -44.79 80.13
N THR F 177 -31.28 -45.18 79.14
CA THR F 177 -30.57 -44.19 78.33
C THR F 177 -31.19 -44.07 76.95
N ASP F 178 -31.06 -42.89 76.35
CA ASP F 178 -31.56 -42.63 75.01
C ASP F 178 -30.54 -41.83 74.24
N THR F 179 -30.28 -42.26 73.01
CA THR F 179 -29.32 -41.57 72.19
C THR F 179 -30.03 -40.58 71.28
N THR F 180 -29.72 -39.31 71.45
CA THR F 180 -30.33 -38.28 70.65
C THR F 180 -29.70 -38.23 69.28
N SER F 181 -30.49 -37.88 68.27
CA SER F 181 -30.00 -37.79 66.91
C SER F 181 -29.37 -36.44 66.62
N LEU F 182 -28.44 -36.41 65.69
CA LEU F 182 -27.81 -35.16 65.33
C LEU F 182 -28.88 -34.22 64.77
N ASN F 183 -30.02 -34.80 64.36
CA ASN F 183 -31.13 -34.05 63.79
C ASN F 183 -32.34 -34.04 64.69
N GLN F 184 -32.19 -34.46 65.93
CA GLN F 184 -33.33 -34.47 66.85
C GLN F 184 -34.08 -33.14 66.82
N ALA F 185 -33.36 -32.05 67.01
CA ALA F 185 -33.99 -30.75 67.01
C ALA F 185 -34.66 -30.46 65.67
N ALA F 186 -33.96 -30.75 64.58
CA ALA F 186 -34.47 -30.50 63.26
C ALA F 186 -35.80 -31.20 63.02
N LEU F 187 -36.04 -32.32 63.70
CA LEU F 187 -37.29 -33.06 63.53
C LEU F 187 -38.34 -32.61 64.50
N TYR F 188 -37.94 -32.47 65.76
CA TYR F 188 -38.86 -32.06 66.81
C TYR F 188 -39.48 -30.71 66.55
N ARG F 189 -38.71 -29.79 65.95
CA ARG F 189 -39.24 -28.46 65.67
C ARG F 189 -40.43 -28.49 64.72
N LEU F 190 -40.54 -29.53 63.91
CA LEU F 190 -41.65 -29.66 62.97
C LEU F 190 -42.97 -29.78 63.72
N SER F 191 -42.90 -29.91 65.04
CA SER F 191 -44.11 -30.03 65.83
C SER F 191 -44.60 -28.69 66.36
N GLY F 192 -44.04 -27.59 65.87
CA GLY F 192 -44.49 -26.29 66.32
C GLY F 192 -43.51 -25.25 66.81
N ASP F 193 -42.56 -25.62 67.65
CA ASP F 193 -41.62 -24.63 68.15
C ASP F 193 -40.54 -24.40 67.11
N TRP F 194 -40.66 -23.35 66.31
CA TRP F 194 -39.65 -23.06 65.29
C TRP F 194 -38.50 -22.14 65.72
N ASN F 195 -38.38 -21.87 67.01
CA ASN F 195 -37.35 -20.97 67.50
C ASN F 195 -36.00 -21.33 66.88
N PRO F 196 -35.35 -20.38 66.21
CA PRO F 196 -34.05 -20.59 65.55
C PRO F 196 -32.96 -21.07 66.52
N LEU F 197 -33.18 -20.81 67.81
CA LEU F 197 -32.24 -21.19 68.85
C LEU F 197 -31.89 -22.68 68.75
N HIS F 198 -32.82 -23.48 68.21
CA HIS F 198 -32.60 -24.91 68.12
C HIS F 198 -32.06 -25.43 66.81
N ILE F 199 -31.71 -24.54 65.90
CA ILE F 199 -31.20 -25.00 64.64
C ILE F 199 -30.22 -24.07 63.92
N ASP F 200 -30.34 -22.76 64.15
CA ASP F 200 -29.43 -21.82 63.51
C ASP F 200 -28.37 -21.35 64.50
N PRO F 201 -27.09 -21.62 64.20
CA PRO F 201 -25.92 -21.27 65.00
C PRO F 201 -25.86 -19.85 65.58
N ASN F 202 -26.30 -18.87 64.79
CA ASN F 202 -26.32 -17.47 65.21
C ASN F 202 -27.29 -17.14 66.34
N PHE F 203 -28.58 -17.38 66.14
CA PHE F 203 -29.56 -17.09 67.21
C PHE F 203 -29.22 -17.91 68.44
N ALA F 204 -28.56 -19.03 68.20
CA ALA F 204 -28.17 -19.93 69.26
C ALA F 204 -27.18 -19.21 70.14
N SER F 205 -26.07 -18.80 69.54
CA SER F 205 -25.03 -18.09 70.28
C SER F 205 -25.65 -16.80 70.80
N LEU F 206 -26.57 -16.24 70.03
CA LEU F 206 -27.24 -15.01 70.41
C LEU F 206 -27.95 -15.17 71.74
N ALA F 207 -28.40 -16.40 72.00
CA ALA F 207 -29.09 -16.73 73.25
C ALA F 207 -28.05 -17.28 74.21
N GLY F 208 -26.80 -17.20 73.77
CA GLY F 208 -25.67 -17.62 74.60
C GLY F 208 -25.21 -19.04 74.64
N PHE F 209 -25.43 -19.78 73.55
CA PHE F 209 -25.02 -21.19 73.50
C PHE F 209 -23.99 -21.31 72.41
N ASP F 210 -23.06 -22.23 72.57
CA ASP F 210 -22.02 -22.39 71.57
C ASP F 210 -22.59 -22.93 70.26
N LYS F 211 -23.52 -23.87 70.36
CA LYS F 211 -24.17 -24.43 69.17
C LYS F 211 -25.66 -24.56 69.47
N PRO F 212 -26.48 -24.82 68.45
CA PRO F 212 -27.92 -24.93 68.76
C PRO F 212 -28.24 -25.99 69.81
N ILE F 213 -29.26 -25.72 70.62
CA ILE F 213 -29.66 -26.64 71.65
C ILE F 213 -30.97 -27.35 71.34
N LEU F 214 -31.19 -28.50 71.97
CA LEU F 214 -32.40 -29.26 71.77
C LEU F 214 -33.51 -28.61 72.58
N HIS F 215 -34.74 -28.65 72.10
CA HIS F 215 -35.86 -28.07 72.84
C HIS F 215 -36.00 -28.71 74.19
N GLY F 216 -36.23 -27.92 75.23
CA GLY F 216 -36.39 -28.51 76.54
C GLY F 216 -37.56 -29.48 76.56
N LEU F 217 -38.64 -29.12 75.89
CA LEU F 217 -39.81 -29.97 75.86
C LEU F 217 -39.56 -31.30 75.13
N CYS F 218 -38.49 -31.35 74.33
CA CYS F 218 -38.15 -32.58 73.63
C CYS F 218 -37.52 -33.56 74.61
N THR F 219 -36.56 -33.09 75.39
CA THR F 219 -35.91 -33.94 76.40
C THR F 219 -37.00 -34.44 77.32
N PHE F 220 -37.92 -33.53 77.60
CA PHE F 220 -39.08 -33.76 78.45
C PHE F 220 -39.88 -34.92 77.85
N GLY F 221 -40.16 -34.85 76.55
CA GLY F 221 -40.91 -35.91 75.90
C GLY F 221 -40.23 -37.23 76.06
N PHE F 222 -38.91 -37.23 75.86
CA PHE F 222 -38.12 -38.44 75.98
C PHE F 222 -38.32 -39.08 77.35
N SER F 223 -37.85 -38.39 78.39
CA SER F 223 -37.97 -38.94 79.74
C SER F 223 -39.38 -39.37 80.10
N ALA F 224 -40.36 -38.53 79.77
CA ALA F 224 -41.75 -38.85 80.07
C ALA F 224 -42.12 -40.12 79.35
N ARG F 225 -41.68 -40.26 78.09
CA ARG F 225 -41.98 -41.45 77.29
C ARG F 225 -41.42 -42.71 77.95
N ARG F 226 -40.22 -42.58 78.51
CA ARG F 226 -39.56 -43.68 79.18
C ARG F 226 -40.30 -44.05 80.45
N VAL F 227 -40.65 -43.04 81.25
CA VAL F 227 -41.39 -43.33 82.46
C VAL F 227 -42.65 -44.11 82.11
N LEU F 228 -43.32 -43.68 81.05
CA LEU F 228 -44.54 -44.32 80.58
C LEU F 228 -44.34 -45.80 80.27
N GLN F 229 -43.23 -46.12 79.63
CA GLN F 229 -43.02 -47.51 79.29
C GLN F 229 -42.40 -48.33 80.43
N GLN F 230 -41.68 -47.69 81.34
CA GLN F 230 -41.06 -48.43 82.42
C GLN F 230 -41.98 -48.73 83.59
N PHE F 231 -42.81 -47.76 83.95
CA PHE F 231 -43.70 -47.95 85.09
C PHE F 231 -45.21 -47.96 84.82
N ALA F 232 -45.61 -48.00 83.56
CA ALA F 232 -47.04 -48.01 83.24
C ALA F 232 -47.34 -48.85 82.00
N ASP F 233 -46.39 -49.70 81.61
CA ASP F 233 -46.61 -50.56 80.46
C ASP F 233 -47.12 -49.83 79.23
N ASN F 234 -46.56 -48.69 78.89
CA ASN F 234 -47.04 -47.99 77.70
C ASN F 234 -48.55 -47.80 77.67
N ASP F 235 -49.18 -47.84 78.84
CA ASP F 235 -50.61 -47.67 78.93
C ASP F 235 -50.96 -46.20 79.04
N VAL F 236 -51.07 -45.55 77.89
CA VAL F 236 -51.39 -44.13 77.85
C VAL F 236 -52.44 -43.71 78.85
N SER F 237 -53.45 -44.55 79.06
CA SER F 237 -54.53 -44.22 79.99
C SER F 237 -54.12 -44.02 81.45
N ARG F 238 -53.00 -44.61 81.85
CA ARG F 238 -52.55 -44.49 83.23
C ARG F 238 -51.69 -43.27 83.51
N PHE F 239 -51.39 -42.54 82.45
CA PHE F 239 -50.57 -41.34 82.53
C PHE F 239 -51.44 -40.14 82.91
N LYS F 240 -51.44 -39.79 84.19
CA LYS F 240 -52.26 -38.69 84.66
C LYS F 240 -51.67 -37.28 84.58
N ALA F 241 -50.45 -37.11 85.07
CA ALA F 241 -49.80 -35.81 85.04
C ALA F 241 -48.28 -35.87 85.18
N VAL F 242 -47.58 -34.84 84.69
CA VAL F 242 -46.14 -34.74 84.82
C VAL F 242 -45.77 -33.31 85.14
N LYS F 243 -44.70 -33.16 85.92
CA LYS F 243 -44.17 -31.88 86.31
C LYS F 243 -42.66 -32.00 86.16
N ALA F 244 -42.03 -30.98 85.59
CA ALA F 244 -40.59 -31.01 85.39
C ALA F 244 -39.99 -29.63 85.44
N ARG F 245 -38.73 -29.56 85.84
CA ARG F 245 -38.01 -28.30 85.90
C ARG F 245 -36.84 -28.44 84.96
N PHE F 246 -36.65 -27.45 84.10
CA PHE F 246 -35.55 -27.46 83.16
C PHE F 246 -34.26 -26.87 83.74
N ALA F 247 -33.15 -27.55 83.51
CA ALA F 247 -31.86 -27.09 84.00
C ALA F 247 -30.90 -26.83 82.85
N LYS F 248 -29.73 -27.47 82.88
CA LYS F 248 -28.74 -27.27 81.83
C LYS F 248 -29.24 -27.75 80.45
N PRO F 249 -28.67 -27.21 79.37
CA PRO F 249 -29.00 -27.52 77.96
C PRO F 249 -28.60 -28.89 77.51
N VAL F 250 -29.16 -29.32 76.39
CA VAL F 250 -28.83 -30.62 75.81
C VAL F 250 -28.55 -30.32 74.36
N TYR F 251 -27.53 -30.94 73.78
CA TYR F 251 -27.22 -30.67 72.38
C TYR F 251 -27.56 -31.87 71.55
N PRO F 252 -28.25 -31.65 70.42
CA PRO F 252 -28.64 -32.74 69.55
C PRO F 252 -27.47 -33.69 69.34
N GLY F 253 -27.68 -34.97 69.64
CA GLY F 253 -26.63 -35.94 69.48
C GLY F 253 -26.16 -36.48 70.81
N GLN F 254 -26.28 -35.68 71.87
CA GLN F 254 -25.87 -36.13 73.19
C GLN F 254 -26.78 -37.27 73.63
N THR F 255 -26.40 -37.93 74.73
CA THR F 255 -27.14 -39.07 75.22
C THR F 255 -27.84 -38.77 76.53
N LEU F 256 -29.16 -38.94 76.54
CA LEU F 256 -29.95 -38.68 77.73
C LEU F 256 -29.90 -39.84 78.69
N GLN F 257 -30.07 -39.54 79.97
CA GLN F 257 -30.03 -40.55 81.01
C GLN F 257 -31.19 -40.21 81.93
N THR F 258 -32.28 -40.96 81.85
CA THR F 258 -33.44 -40.69 82.69
C THR F 258 -33.45 -41.57 83.93
N GLU F 259 -33.26 -40.96 85.10
CA GLU F 259 -33.24 -41.68 86.36
C GLU F 259 -34.63 -41.65 86.97
N MET F 260 -35.11 -42.80 87.43
CA MET F 260 -36.46 -42.89 88.00
C MET F 260 -36.55 -43.55 89.36
N TRP F 261 -37.47 -43.04 90.18
CA TRP F 261 -37.71 -43.58 91.52
C TRP F 261 -39.21 -43.84 91.65
N LYS F 262 -39.59 -45.05 91.99
CA LYS F 262 -41.01 -45.31 92.16
C LYS F 262 -41.43 -45.17 93.63
N GLU F 263 -42.33 -44.23 93.88
CA GLU F 263 -42.83 -43.98 95.21
C GLU F 263 -44.34 -44.09 95.10
N GLY F 264 -44.86 -45.30 95.16
CA GLY F 264 -46.29 -45.47 95.06
C GLY F 264 -46.75 -45.24 93.63
N ASN F 265 -47.65 -44.29 93.44
CA ASN F 265 -48.13 -44.01 92.09
C ASN F 265 -47.44 -42.81 91.46
N ARG F 266 -46.44 -42.28 92.14
CA ARG F 266 -45.69 -41.15 91.61
C ARG F 266 -44.30 -41.61 91.25
N ILE F 267 -43.92 -41.42 89.99
CA ILE F 267 -42.61 -41.84 89.55
C ILE F 267 -41.77 -40.59 89.48
N HIS F 268 -40.84 -40.45 90.42
CA HIS F 268 -39.97 -39.30 90.40
C HIS F 268 -38.89 -39.53 89.36
N PHE F 269 -38.43 -38.48 88.70
CA PHE F 269 -37.36 -38.66 87.73
C PHE F 269 -36.50 -37.42 87.58
N GLN F 270 -35.28 -37.65 87.11
CA GLN F 270 -34.27 -36.64 86.89
C GLN F 270 -33.64 -37.04 85.56
N THR F 271 -33.18 -36.08 84.76
CA THR F 271 -32.58 -36.44 83.48
C THR F 271 -31.21 -35.80 83.34
N LYS F 272 -30.22 -36.60 82.91
CA LYS F 272 -28.86 -36.09 82.76
C LYS F 272 -28.36 -36.34 81.37
N VAL F 273 -27.14 -35.89 81.11
CA VAL F 273 -26.51 -36.12 79.82
C VAL F 273 -25.24 -36.96 80.09
N GLN F 274 -25.36 -38.26 79.90
CA GLN F 274 -24.25 -39.18 80.08
C GLN F 274 -23.19 -38.72 79.10
N GLU F 275 -22.21 -37.96 79.56
CA GLU F 275 -21.16 -37.47 78.67
C GLU F 275 -20.57 -36.34 79.44
N THR F 276 -21.43 -35.60 80.12
CA THR F 276 -21.01 -34.48 80.91
C THR F 276 -21.55 -34.68 82.29
N GLY F 277 -22.53 -35.55 82.41
CA GLY F 277 -23.11 -35.79 83.71
C GLY F 277 -23.99 -34.64 84.19
N ASP F 278 -24.15 -33.61 83.36
CA ASP F 278 -24.99 -32.49 83.73
C ASP F 278 -26.45 -32.89 83.92
N ILE F 279 -27.13 -32.24 84.85
CA ILE F 279 -28.56 -32.50 85.05
C ILE F 279 -29.34 -31.53 84.16
N VAL F 280 -30.12 -32.05 83.24
CA VAL F 280 -30.89 -31.21 82.33
C VAL F 280 -32.36 -31.04 82.71
N ILE F 281 -32.88 -31.99 83.51
CA ILE F 281 -34.25 -31.92 83.98
C ILE F 281 -34.24 -32.37 85.41
N SER F 282 -34.76 -31.53 86.31
CA SER F 282 -34.74 -31.85 87.72
C SER F 282 -36.08 -31.78 88.42
N ASN F 283 -36.09 -32.35 89.62
CA ASN F 283 -37.26 -32.35 90.46
C ASN F 283 -38.53 -32.63 89.74
N ALA F 284 -38.46 -33.58 88.82
CA ALA F 284 -39.63 -33.93 88.03
C ALA F 284 -40.35 -35.17 88.55
N TYR F 285 -41.56 -35.40 88.06
CA TYR F 285 -42.32 -36.57 88.45
C TYR F 285 -43.48 -36.75 87.48
N VAL F 286 -44.13 -37.91 87.55
CA VAL F 286 -45.28 -38.20 86.71
C VAL F 286 -46.18 -39.08 87.55
N ASP F 287 -47.45 -38.70 87.64
CA ASP F 287 -48.40 -39.45 88.43
C ASP F 287 -49.12 -40.46 87.56
N LEU F 288 -49.17 -41.70 88.03
CA LEU F 288 -49.83 -42.76 87.29
C LEU F 288 -51.11 -43.15 88.03
N ALA F 289 -52.04 -43.74 87.28
CA ALA F 289 -53.28 -44.19 87.86
C ALA F 289 -53.12 -45.69 88.17
N GLY G 6 44.17 35.11 29.17
CA GLY G 6 43.73 33.86 29.86
C GLY G 6 42.23 33.84 30.13
N PHE G 7 41.63 32.64 30.16
CA PHE G 7 40.20 32.52 30.41
C PHE G 7 39.94 33.13 31.78
N ALA G 8 40.64 32.61 32.78
CA ALA G 8 40.52 33.09 34.15
C ALA G 8 40.61 34.60 34.17
N GLY G 9 41.20 35.15 33.12
CA GLY G 9 41.37 36.59 33.01
C GLY G 9 40.18 37.42 32.54
N ALA G 10 39.49 36.97 31.51
CA ALA G 10 38.35 37.72 30.98
C ALA G 10 37.05 37.55 31.75
N ILE G 11 37.07 36.79 32.84
CA ILE G 11 35.86 36.54 33.65
C ILE G 11 35.02 37.81 33.70
N GLY G 12 35.69 38.95 33.56
CA GLY G 12 35.00 40.21 33.53
C GLY G 12 35.67 40.86 32.35
N GLN G 13 34.95 41.09 31.26
CA GLN G 13 35.58 41.72 30.11
C GLN G 13 34.55 42.37 29.26
N LYS G 14 34.36 43.67 29.48
CA LYS G 14 33.40 44.40 28.68
C LYS G 14 33.98 44.35 27.27
N LEU G 15 33.09 44.18 26.30
CA LEU G 15 33.53 44.12 24.91
C LEU G 15 33.06 45.36 24.17
N PRO G 16 33.71 45.65 23.04
CA PRO G 16 33.40 46.81 22.21
C PRO G 16 31.94 46.86 21.81
N PRO G 17 31.27 47.97 22.09
CA PRO G 17 29.86 48.06 21.71
C PRO G 17 29.75 48.11 20.20
N PHE G 18 28.61 47.69 19.67
CA PHE G 18 28.34 47.69 18.24
C PHE G 18 26.88 48.03 18.07
N SER G 19 26.39 48.00 16.84
CA SER G 19 24.98 48.29 16.65
C SER G 19 24.44 47.43 15.53
N TYR G 20 23.17 47.05 15.63
CA TYR G 20 22.47 46.26 14.62
C TYR G 20 21.24 47.10 14.19
N ALA G 21 21.05 47.32 12.89
CA ALA G 21 19.90 48.06 12.37
C ALA G 21 19.26 47.13 11.37
N TYR G 22 17.93 47.15 11.27
CA TYR G 22 17.25 46.25 10.34
C TYR G 22 15.93 46.86 9.90
N THR G 23 15.36 46.24 8.88
CA THR G 23 14.06 46.67 8.35
C THR G 23 13.19 45.41 8.25
N GLU G 24 11.98 45.55 7.72
CA GLU G 24 11.10 44.40 7.60
C GLU G 24 11.78 43.29 6.81
N LEU G 25 12.64 43.68 5.88
CA LEU G 25 13.35 42.72 5.05
C LEU G 25 14.10 41.71 5.89
N GLU G 26 15.10 42.18 6.63
CA GLU G 26 15.89 41.29 7.47
C GLU G 26 15.01 40.42 8.34
N ALA G 27 13.90 40.98 8.79
CA ALA G 27 12.96 40.26 9.64
C ALA G 27 12.30 39.11 8.88
N ILE G 28 11.71 39.43 7.74
CA ILE G 28 11.05 38.43 6.92
C ILE G 28 12.03 37.33 6.52
N MET G 29 13.25 37.74 6.18
CA MET G 29 14.28 36.81 5.78
C MET G 29 14.53 35.83 6.91
N TYR G 30 14.52 36.32 8.14
CA TYR G 30 14.73 35.44 9.28
C TYR G 30 13.56 34.47 9.39
N ALA G 31 12.34 35.00 9.32
CA ALA G 31 11.15 34.19 9.44
C ALA G 31 11.13 33.06 8.43
N LEU G 32 11.44 33.37 7.16
CA LEU G 32 11.45 32.33 6.14
C LEU G 32 12.50 31.29 6.49
N GLY G 33 13.71 31.75 6.78
CA GLY G 33 14.78 30.83 7.11
C GLY G 33 14.53 30.06 8.39
N VAL G 34 13.50 30.45 9.12
CA VAL G 34 13.25 29.76 10.36
C VAL G 34 11.96 28.92 10.30
N GLY G 35 11.36 28.81 9.12
CA GLY G 35 10.17 27.98 9.02
C GLY G 35 8.85 28.56 8.56
N ALA G 36 8.59 29.83 8.84
CA ALA G 36 7.32 30.45 8.43
C ALA G 36 7.03 30.15 6.97
N SER G 37 5.78 29.85 6.65
CA SER G 37 5.42 29.53 5.28
C SER G 37 4.05 30.08 4.98
N ILE G 38 3.86 30.65 3.80
CA ILE G 38 2.56 31.19 3.47
C ILE G 38 1.55 30.11 3.22
N LYS G 39 1.94 28.85 3.39
CA LYS G 39 0.99 27.79 3.17
C LYS G 39 -0.05 27.96 4.28
N ASP G 40 0.38 28.55 5.39
CA ASP G 40 -0.49 28.79 6.52
C ASP G 40 -0.80 30.28 6.52
N PRO G 41 -2.06 30.65 6.30
CA PRO G 41 -2.49 32.04 6.27
C PRO G 41 -2.04 32.85 7.49
N LYS G 42 -2.05 32.22 8.66
CA LYS G 42 -1.63 32.90 9.88
C LYS G 42 -0.16 33.34 9.85
N ASP G 43 0.64 32.72 9.01
CA ASP G 43 2.06 33.06 8.93
C ASP G 43 2.28 34.31 8.08
N LEU G 44 1.26 34.74 7.36
CA LEU G 44 1.38 35.91 6.50
C LEU G 44 1.87 37.06 7.38
N LYS G 45 1.51 36.98 8.64
CA LYS G 45 1.85 37.95 9.66
C LYS G 45 3.36 38.19 9.80
N PHE G 46 4.15 37.16 9.53
CA PHE G 46 5.60 37.26 9.67
C PHE G 46 6.34 37.32 8.34
N ILE G 47 5.62 37.12 7.24
CA ILE G 47 6.24 37.10 5.92
C ILE G 47 5.93 38.32 5.05
N TYR G 48 4.79 38.95 5.28
CA TYR G 48 4.34 40.10 4.50
C TYR G 48 4.33 41.41 5.29
N GLU G 49 5.20 42.32 4.92
CA GLU G 49 5.28 43.60 5.60
C GLU G 49 3.98 44.37 5.44
N GLY G 50 3.27 44.07 4.36
CA GLY G 50 2.01 44.75 4.12
C GLY G 50 0.91 44.32 5.08
N SER G 51 1.07 43.18 5.71
CA SER G 51 0.07 42.72 6.66
C SER G 51 -0.10 43.75 7.76
N SER G 52 -1.35 44.05 8.09
CA SER G 52 -1.65 45.04 9.12
C SER G 52 -1.21 44.50 10.46
N ASP G 53 -1.06 43.18 10.48
CA ASP G 53 -0.68 42.43 11.66
C ASP G 53 0.82 42.22 11.73
N PHE G 54 1.52 42.56 10.66
CA PHE G 54 2.95 42.33 10.58
C PHE G 54 3.73 42.50 11.86
N SER G 55 4.45 41.45 12.22
CA SER G 55 5.27 41.45 13.43
C SER G 55 6.58 40.79 13.12
N CYS G 56 7.56 41.08 13.95
CA CYS G 56 8.87 40.51 13.80
C CYS G 56 8.85 39.31 14.77
N LEU G 57 9.42 38.17 14.39
CA LEU G 57 9.41 37.02 15.30
C LEU G 57 10.28 37.23 16.54
N PRO G 58 9.75 36.91 17.73
CA PRO G 58 10.50 37.09 18.97
C PRO G 58 11.97 36.66 18.97
N THR G 59 12.26 35.44 18.51
CA THR G 59 13.64 34.97 18.49
C THR G 59 14.56 35.75 17.53
N PHE G 60 14.00 36.72 16.81
CA PHE G 60 14.82 37.54 15.91
C PHE G 60 15.84 38.28 16.76
N GLY G 61 15.51 38.45 18.03
CA GLY G 61 16.40 39.12 18.94
C GLY G 61 17.72 38.37 19.08
N VAL G 62 17.70 37.07 18.79
CA VAL G 62 18.92 36.30 18.90
C VAL G 62 19.89 36.80 17.84
N ILE G 63 19.34 37.27 16.72
CA ILE G 63 20.15 37.78 15.63
C ILE G 63 20.68 39.18 15.94
N ILE G 64 19.89 39.95 16.67
CA ILE G 64 20.28 41.30 17.03
C ILE G 64 21.54 41.28 17.88
N GLY G 65 21.57 40.43 18.88
CA GLY G 65 22.73 40.38 19.76
C GLY G 65 23.79 39.38 19.34
N GLN G 66 23.54 38.73 18.22
CA GLN G 66 24.46 37.73 17.71
C GLN G 66 25.68 38.30 17.00
N LYS G 67 25.60 39.48 16.42
CA LYS G 67 26.78 40.00 15.74
C LYS G 67 28.05 39.81 16.57
N SER G 68 27.92 39.79 17.90
CA SER G 68 29.08 39.64 18.80
C SER G 68 29.39 38.22 19.28
N MET G 69 28.71 37.24 18.71
CA MET G 69 28.99 35.84 19.02
C MET G 69 29.55 35.44 17.67
N MET G 70 29.35 36.35 16.71
CA MET G 70 29.75 36.14 15.34
C MET G 70 31.11 36.66 14.92
N GLY G 71 32.02 35.72 14.69
CA GLY G 71 33.36 36.04 14.23
C GLY G 71 34.40 36.48 15.23
N GLY G 72 35.27 37.36 14.75
CA GLY G 72 36.35 37.91 15.55
C GLY G 72 35.86 38.73 16.73
N GLY G 73 34.58 38.56 17.06
CA GLY G 73 34.01 39.26 18.19
C GLY G 73 34.58 38.61 19.44
N LEU G 74 35.04 37.38 19.29
CA LEU G 74 35.63 36.63 20.40
C LEU G 74 37.15 36.78 20.39
N ALA G 75 37.67 37.46 19.37
CA ALA G 75 39.11 37.72 19.25
C ALA G 75 39.32 39.09 19.88
N GLU G 76 38.20 39.71 20.25
CA GLU G 76 38.17 41.03 20.88
C GLU G 76 38.17 40.88 22.41
N ILE G 77 38.80 39.80 22.89
CA ILE G 77 38.91 39.52 24.32
C ILE G 77 40.39 39.32 24.60
N PRO G 78 41.08 40.37 25.13
CA PRO G 78 42.52 40.35 25.46
C PRO G 78 43.01 39.29 26.45
N GLY G 79 43.85 38.40 25.94
CA GLY G 79 44.38 37.32 26.75
C GLY G 79 44.05 36.01 26.08
N LEU G 80 42.92 35.98 25.38
CA LEU G 80 42.48 34.78 24.71
C LEU G 80 42.95 34.65 23.26
N SER G 81 43.37 33.44 22.92
CA SER G 81 43.82 33.05 21.59
C SER G 81 42.82 31.96 21.22
N ILE G 82 41.82 32.31 20.41
CA ILE G 82 40.77 31.35 20.07
C ILE G 82 40.61 30.97 18.61
N ASN G 83 40.49 29.66 18.36
CA ASN G 83 40.29 29.17 17.00
C ASN G 83 38.78 29.15 16.77
N PHE G 84 38.27 30.17 16.10
CA PHE G 84 36.83 30.27 15.85
C PHE G 84 36.17 29.03 15.24
N ALA G 85 36.94 28.25 14.48
CA ALA G 85 36.44 27.05 13.84
C ALA G 85 36.32 25.87 14.80
N LYS G 86 36.84 26.04 16.01
CA LYS G 86 36.76 25.00 17.03
C LYS G 86 35.85 25.49 18.18
N VAL G 87 34.90 26.36 17.83
CA VAL G 87 33.94 26.95 18.78
C VAL G 87 32.50 26.51 18.49
N LEU G 88 31.89 25.82 19.44
CA LEU G 88 30.52 25.34 19.32
C LEU G 88 29.59 26.17 20.18
N HIS G 89 28.31 26.16 19.81
CA HIS G 89 27.29 26.93 20.51
C HIS G 89 26.45 26.00 21.40
N GLY G 90 26.71 26.02 22.71
CA GLY G 90 26.02 25.10 23.61
C GLY G 90 24.59 25.37 24.04
N GLU G 91 24.31 26.58 24.48
CA GLU G 91 22.97 26.93 24.92
C GLU G 91 22.70 28.36 24.48
N GLN G 92 21.45 28.75 24.57
CA GLN G 92 21.04 30.09 24.17
C GLN G 92 19.90 30.56 25.07
N TYR G 93 19.88 31.84 25.34
CA TYR G 93 18.83 32.41 26.17
C TYR G 93 18.53 33.80 25.65
N LEU G 94 17.24 34.08 25.49
CA LEU G 94 16.79 35.37 25.02
C LEU G 94 15.60 35.80 25.85
N GLU G 95 15.62 37.08 26.23
CA GLU G 95 14.54 37.66 26.99
C GLU G 95 14.18 38.97 26.31
N LEU G 96 12.88 39.18 26.09
CA LEU G 96 12.41 40.38 25.44
C LEU G 96 11.73 41.29 26.43
N TYR G 97 12.42 42.36 26.83
CA TYR G 97 11.86 43.31 27.77
C TYR G 97 10.77 44.11 27.10
N LYS G 98 10.80 44.14 25.77
CA LYS G 98 9.81 44.84 24.98
C LYS G 98 9.72 44.23 23.60
N PRO G 99 8.50 44.14 23.04
CA PRO G 99 8.32 43.55 21.71
C PRO G 99 9.28 44.17 20.71
N LEU G 100 9.91 43.34 19.89
CA LEU G 100 10.85 43.84 18.90
C LEU G 100 10.04 44.56 17.83
N PRO G 101 10.48 45.77 17.46
CA PRO G 101 9.85 46.64 16.45
C PRO G 101 9.94 46.06 15.05
N ARG G 102 9.04 46.49 14.18
CA ARG G 102 9.02 45.99 12.80
C ARG G 102 10.23 46.46 12.04
N ALA G 103 11.07 47.25 12.67
CA ALA G 103 12.29 47.77 12.07
C ALA G 103 12.94 48.70 13.07
N GLY G 104 14.18 49.08 12.82
CA GLY G 104 14.83 49.97 13.77
C GLY G 104 16.33 49.79 13.95
N LYS G 105 16.90 50.67 14.77
CA LYS G 105 18.32 50.65 15.06
C LYS G 105 18.47 50.37 16.53
N LEU G 106 19.52 49.66 16.88
CA LEU G 106 19.75 49.31 18.26
C LEU G 106 21.22 49.34 18.60
N LYS G 107 21.52 49.68 19.84
CA LYS G 107 22.89 49.74 20.31
C LYS G 107 23.07 48.51 21.18
N CYS G 108 24.12 47.74 20.93
CA CYS G 108 24.34 46.52 21.71
C CYS G 108 25.62 46.57 22.50
N GLU G 109 25.60 45.94 23.66
CA GLU G 109 26.75 45.89 24.52
C GLU G 109 26.94 44.47 25.01
N ALA G 110 28.03 43.85 24.60
CA ALA G 110 28.30 42.47 25.01
C ALA G 110 29.11 42.50 26.28
N VAL G 111 29.25 41.34 26.91
CA VAL G 111 29.98 41.20 28.16
C VAL G 111 30.28 39.73 28.43
N VAL G 112 31.53 39.44 28.76
CA VAL G 112 31.93 38.07 29.10
C VAL G 112 31.48 37.79 30.54
N ALA G 113 30.25 37.34 30.71
CA ALA G 113 29.72 37.06 32.03
C ALA G 113 30.62 36.17 32.89
N ASP G 114 31.11 35.07 32.34
CA ASP G 114 31.96 34.19 33.10
C ASP G 114 32.60 33.21 32.15
N VAL G 115 33.44 32.32 32.68
CA VAL G 115 34.14 31.32 31.89
C VAL G 115 34.42 30.06 32.72
N LEU G 116 33.61 29.02 32.55
CA LEU G 116 33.79 27.77 33.30
C LEU G 116 34.68 26.78 32.56
N ASP G 117 35.36 25.94 33.32
CA ASP G 117 36.26 24.94 32.74
C ASP G 117 35.78 23.49 32.85
N LYS G 118 35.60 22.87 31.69
CA LYS G 118 35.21 21.48 31.60
C LYS G 118 36.47 20.78 31.08
N GLY G 119 37.02 19.84 31.83
CA GLY G 119 38.23 19.17 31.39
C GLY G 119 38.52 19.27 29.89
N SER G 120 37.65 18.69 29.07
CA SER G 120 37.80 18.72 27.63
C SER G 120 37.99 20.12 27.08
N GLY G 121 36.89 20.83 26.84
CA GLY G 121 36.95 22.19 26.33
C GLY G 121 36.58 23.21 27.40
N VAL G 122 36.39 24.47 27.03
CA VAL G 122 36.02 25.48 28.03
C VAL G 122 34.69 26.09 27.65
N VAL G 123 33.98 26.63 28.63
CA VAL G 123 32.68 27.23 28.34
C VAL G 123 32.78 28.72 28.60
N ILE G 124 32.33 29.52 27.65
CA ILE G 124 32.39 30.96 27.85
C ILE G 124 31.02 31.59 27.69
N ILE G 125 30.42 31.94 28.82
CA ILE G 125 29.09 32.53 28.86
C ILE G 125 29.16 34.01 28.58
N MET G 126 28.48 34.44 27.54
CA MET G 126 28.52 35.82 27.17
C MET G 126 27.17 36.50 27.01
N ASP G 127 26.94 37.50 27.85
CA ASP G 127 25.70 38.26 27.82
C ASP G 127 25.84 39.45 26.89
N VAL G 128 24.75 39.78 26.21
CA VAL G 128 24.75 40.93 25.32
C VAL G 128 23.38 41.60 25.39
N TYR G 129 23.40 42.88 25.79
CA TYR G 129 22.17 43.65 25.92
C TYR G 129 22.00 44.61 24.76
N SER G 130 20.77 44.72 24.27
CA SER G 130 20.51 45.59 23.15
C SER G 130 19.50 46.64 23.59
N TYR G 131 19.87 47.90 23.41
CA TYR G 131 19.01 49.01 23.80
C TYR G 131 18.48 49.77 22.62
N SER G 132 17.35 50.41 22.86
CA SER G 132 16.74 51.26 21.88
C SER G 132 17.68 52.45 22.00
N GLU G 133 17.21 53.50 22.64
CA GLU G 133 18.03 54.67 22.88
C GLU G 133 17.44 55.04 24.22
N LYS G 134 16.14 54.82 24.30
CA LYS G 134 15.36 55.07 25.49
C LYS G 134 15.44 53.90 26.45
N GLU G 135 15.18 52.70 25.93
CA GLU G 135 15.14 51.49 26.77
C GLU G 135 16.09 50.35 26.43
N LEU G 136 16.01 49.33 27.28
CA LEU G 136 16.68 48.07 27.08
C LEU G 136 15.56 47.26 26.42
N ILE G 137 15.84 46.57 25.30
CA ILE G 137 14.82 45.79 24.63
C ILE G 137 14.95 44.27 24.79
N CYS G 138 16.12 43.72 24.53
CA CYS G 138 16.26 42.29 24.72
C CYS G 138 17.61 41.93 25.30
N HIS G 139 17.69 40.75 25.89
CA HIS G 139 18.93 40.26 26.47
C HIS G 139 19.22 38.85 25.97
N ASN G 140 20.41 38.64 25.44
CA ASN G 140 20.82 37.33 24.93
C ASN G 140 21.94 36.78 25.77
N GLN G 141 21.92 35.48 26.07
CA GLN G 141 23.02 34.88 26.80
C GLN G 141 23.51 33.67 26.02
N PHE G 142 24.54 33.86 25.19
CA PHE G 142 25.11 32.80 24.38
C PHE G 142 26.07 31.98 25.20
N SER G 143 25.84 30.67 25.27
CA SER G 143 26.73 29.79 26.01
C SER G 143 27.59 29.08 24.95
N LEU G 144 28.88 29.40 24.87
CA LEU G 144 29.74 28.77 23.87
C LEU G 144 30.62 27.68 24.44
N PHE G 145 31.07 26.78 23.55
CA PHE G 145 31.97 25.69 23.94
C PHE G 145 33.21 25.67 23.06
N LEU G 146 34.37 25.59 23.71
CA LEU G 146 35.66 25.56 23.02
C LEU G 146 36.28 24.19 23.10
N VAL G 147 36.06 23.39 22.06
CA VAL G 147 36.60 22.04 22.01
C VAL G 147 38.11 22.08 22.18
N GLY G 148 38.63 21.30 23.11
CA GLY G 148 40.06 21.28 23.33
C GLY G 148 40.58 22.29 24.34
N SER G 149 40.72 23.53 23.91
CA SER G 149 41.21 24.58 24.80
C SER G 149 40.42 24.51 26.11
N GLY G 150 41.10 24.30 27.23
CA GLY G 150 40.41 24.24 28.51
C GLY G 150 41.32 24.01 29.70
N GLY G 151 41.41 22.77 30.12
CA GLY G 151 42.25 22.36 31.23
C GLY G 151 42.77 23.18 32.42
N PHE G 152 42.25 24.36 32.76
CA PHE G 152 42.82 25.01 33.95
C PHE G 152 42.04 24.61 35.19
N GLY G 153 41.49 25.57 35.92
CA GLY G 153 40.74 25.20 37.10
C GLY G 153 39.91 26.29 37.74
N GLY G 154 38.61 26.25 37.53
CA GLY G 154 37.72 27.23 38.12
C GLY G 154 36.66 26.52 38.92
N LYS G 155 35.53 27.18 39.16
CA LYS G 155 34.45 26.56 39.90
C LYS G 155 33.59 25.79 38.90
N ARG G 156 32.88 24.79 39.39
CA ARG G 156 32.04 23.96 38.53
C ARG G 156 30.93 24.74 37.81
N THR G 157 30.43 25.80 38.44
CA THR G 157 29.34 26.56 37.82
C THR G 157 29.49 28.07 37.98
N SER G 158 28.50 28.80 37.49
CA SER G 158 28.46 30.25 37.58
C SER G 158 27.05 30.65 37.99
N ASP G 159 26.91 31.83 38.58
CA ASP G 159 25.60 32.30 39.02
C ASP G 159 25.16 33.43 38.13
N LYS G 160 25.74 33.51 36.94
CA LYS G 160 25.38 34.54 35.99
C LYS G 160 24.64 33.89 34.84
N VAL G 161 24.59 32.56 34.88
CA VAL G 161 23.95 31.74 33.84
C VAL G 161 22.50 31.40 34.00
N LYS G 162 21.65 31.95 33.14
CA LYS G 162 20.21 31.69 33.11
C LYS G 162 20.08 30.17 32.92
N VAL G 163 19.80 29.46 34.00
CA VAL G 163 19.69 28.02 34.00
C VAL G 163 18.67 27.40 33.04
N ALA G 164 18.99 26.23 32.53
CA ALA G 164 18.07 25.49 31.67
C ALA G 164 17.10 24.81 32.63
N VAL G 165 16.02 24.23 32.13
CA VAL G 165 15.05 23.59 33.02
C VAL G 165 14.57 22.22 32.52
N ALA G 166 14.49 21.26 33.44
CA ALA G 166 14.06 19.91 33.08
C ALA G 166 12.61 19.91 32.69
N ILE G 167 12.26 19.05 31.73
CA ILE G 167 10.89 18.96 31.27
C ILE G 167 10.04 18.15 32.24
N PRO G 168 8.73 18.42 32.26
CA PRO G 168 7.82 17.71 33.15
C PRO G 168 7.86 16.21 32.93
N ASN G 169 7.73 15.44 34.00
CA ASN G 169 7.75 14.00 33.89
C ASN G 169 6.34 13.47 33.59
N ARG G 170 5.87 13.68 32.37
CA ARG G 170 4.55 13.21 31.94
C ARG G 170 4.48 13.39 30.45
N PRO G 171 3.59 12.65 29.77
CA PRO G 171 3.52 12.84 28.31
C PRO G 171 3.23 14.29 27.95
N PRO G 172 3.84 14.77 26.85
CA PRO G 172 3.71 16.13 26.31
C PRO G 172 2.27 16.52 26.06
N ASP G 173 1.96 17.80 26.22
CA ASP G 173 0.61 18.28 26.01
C ASP G 173 0.31 18.38 24.54
N ALA G 174 1.36 18.63 23.77
CA ALA G 174 1.23 18.77 22.32
C ALA G 174 2.60 18.66 21.70
N VAL G 175 2.63 18.16 20.47
CA VAL G 175 3.88 18.04 19.74
C VAL G 175 3.62 18.29 18.26
N LEU G 176 4.25 19.32 17.72
CA LEU G 176 4.08 19.67 16.32
C LEU G 176 5.36 19.34 15.57
N THR G 177 5.23 18.89 14.32
CA THR G 177 6.38 18.53 13.50
C THR G 177 6.62 19.56 12.42
N ASP G 178 7.87 19.71 12.03
CA ASP G 178 8.26 20.64 10.99
C ASP G 178 9.26 19.98 10.05
N THR G 179 9.04 20.14 8.76
CA THR G 179 9.95 19.56 7.79
C THR G 179 10.99 20.57 7.36
N THR G 180 12.25 20.27 7.63
CA THR G 180 13.31 21.17 7.26
C THR G 180 13.64 21.03 5.80
N SER G 181 14.03 22.14 5.18
CA SER G 181 14.40 22.13 3.77
C SER G 181 15.85 21.70 3.56
N LEU G 182 16.13 21.17 2.39
CA LEU G 182 17.48 20.73 2.07
C LEU G 182 18.37 21.97 2.05
N ASN G 183 17.76 23.15 1.92
CA ASN G 183 18.47 24.42 1.90
C ASN G 183 18.23 25.27 3.13
N GLN G 184 17.65 24.69 4.17
CA GLN G 184 17.36 25.44 5.37
C GLN G 184 18.57 26.22 5.84
N ALA G 185 19.71 25.55 5.91
CA ALA G 185 20.91 26.21 6.36
C ALA G 185 21.33 27.29 5.39
N ALA G 186 21.25 26.98 4.11
CA ALA G 186 21.64 27.93 3.06
C ALA G 186 20.87 29.25 3.16
N LEU G 187 19.63 29.18 3.64
CA LEU G 187 18.80 30.38 3.77
C LEU G 187 19.01 31.04 5.13
N TYR G 188 18.96 30.24 6.20
CA TYR G 188 19.12 30.79 7.53
C TYR G 188 20.46 31.51 7.73
N ARG G 189 21.52 31.03 7.09
CA ARG G 189 22.81 31.69 7.24
C ARG G 189 22.79 33.15 6.73
N LEU G 190 21.88 33.45 5.79
CA LEU G 190 21.78 34.80 5.25
C LEU G 190 21.43 35.79 6.34
N SER G 191 21.12 35.28 7.54
CA SER G 191 20.77 36.14 8.65
C SER G 191 21.94 36.48 9.54
N GLY G 192 23.15 36.16 9.10
CA GLY G 192 24.30 36.52 9.91
C GLY G 192 25.36 35.50 10.21
N ASP G 193 24.97 34.32 10.66
CA ASP G 193 25.97 33.29 10.98
C ASP G 193 26.46 32.61 9.69
N TRP G 194 27.62 33.05 9.19
CA TRP G 194 28.15 32.47 7.96
C TRP G 194 29.10 31.29 8.15
N ASN G 195 29.19 30.77 9.37
CA ASN G 195 30.07 29.65 9.64
C ASN G 195 29.96 28.58 8.55
N PRO G 196 31.09 28.19 7.95
CA PRO G 196 31.14 27.19 6.88
C PRO G 196 30.62 25.83 7.33
N LEU G 197 30.62 25.65 8.63
CA LEU G 197 30.16 24.41 9.22
C LEU G 197 28.76 24.04 8.76
N HIS G 198 27.97 25.04 8.39
CA HIS G 198 26.59 24.80 7.98
C HIS G 198 26.36 24.72 6.48
N ILE G 199 27.42 24.77 5.68
CA ILE G 199 27.22 24.72 4.25
C ILE G 199 28.38 24.12 3.47
N ASP G 200 29.60 24.37 3.95
CA ASP G 200 30.78 23.83 3.28
C ASP G 200 30.98 22.39 3.73
N PRO G 201 30.72 21.44 2.82
CA PRO G 201 30.85 20.00 3.05
C PRO G 201 32.18 19.56 3.63
N ASN G 202 33.26 19.92 2.96
CA ASN G 202 34.58 19.55 3.42
C ASN G 202 35.01 20.18 4.74
N PHE G 203 34.24 21.15 5.24
CA PHE G 203 34.58 21.80 6.50
C PHE G 203 33.89 21.11 7.65
N ALA G 204 32.57 20.95 7.54
CA ALA G 204 31.84 20.26 8.59
C ALA G 204 32.49 18.90 8.65
N SER G 205 32.76 18.36 7.46
CA SER G 205 33.37 17.06 7.31
C SER G 205 34.49 16.93 8.33
N LEU G 206 35.46 17.84 8.28
CA LEU G 206 36.58 17.82 9.21
C LEU G 206 36.11 18.05 10.64
N ALA G 207 35.41 19.16 10.87
CA ALA G 207 34.92 19.50 12.21
C ALA G 207 34.58 18.28 13.06
N GLY G 208 33.91 17.29 12.46
CA GLY G 208 33.56 16.08 13.19
C GLY G 208 32.15 15.58 12.97
N PHE G 209 31.46 16.18 12.00
CA PHE G 209 30.10 15.81 11.68
C PHE G 209 30.10 15.06 10.35
N ASP G 210 28.93 14.55 9.95
CA ASP G 210 28.84 13.79 8.71
C ASP G 210 28.83 14.69 7.46
N LYS G 211 27.82 15.55 7.37
CA LYS G 211 27.66 16.48 6.25
C LYS G 211 27.46 17.84 6.90
N PRO G 212 27.08 18.89 6.13
CA PRO G 212 26.88 20.15 6.85
C PRO G 212 25.65 20.03 7.77
N ILE G 213 25.70 20.74 8.90
CA ILE G 213 24.58 20.70 9.85
C ILE G 213 23.80 22.01 9.88
N LEU G 214 22.56 21.92 10.33
CA LEU G 214 21.70 23.11 10.43
C LEU G 214 22.12 23.91 11.66
N HIS G 215 22.02 25.23 11.59
CA HIS G 215 22.40 26.08 12.71
C HIS G 215 21.54 25.73 13.93
N GLY G 216 22.17 25.63 15.09
CA GLY G 216 21.40 25.34 16.28
C GLY G 216 20.32 26.36 16.50
N LEU G 217 20.65 27.64 16.28
CA LEU G 217 19.68 28.72 16.46
C LEU G 217 18.52 28.68 15.48
N CYS G 218 18.67 27.92 14.38
CA CYS G 218 17.60 27.80 13.41
C CYS G 218 16.55 26.84 13.93
N THR G 219 17.01 25.69 14.44
CA THR G 219 16.10 24.69 15.01
C THR G 219 15.36 25.41 16.13
N PHE G 220 16.13 26.19 16.88
CA PHE G 220 15.69 26.99 18.00
C PHE G 220 14.54 27.90 17.53
N GLY G 221 14.76 28.59 16.42
CA GLY G 221 13.72 29.45 15.87
C GLY G 221 12.45 28.69 15.56
N PHE G 222 12.62 27.52 14.96
CA PHE G 222 11.49 26.66 14.61
C PHE G 222 10.64 26.37 15.84
N SER G 223 11.22 25.66 16.79
CA SER G 223 10.49 25.28 17.98
C SER G 223 9.88 26.49 18.66
N ALA G 224 10.68 27.54 18.82
CA ALA G 224 10.18 28.74 19.47
C ALA G 224 8.97 29.26 18.72
N ARG G 225 9.06 29.24 17.39
CA ARG G 225 7.96 29.71 16.54
C ARG G 225 6.69 28.91 16.77
N ARG G 226 6.86 27.61 16.94
CA ARG G 226 5.73 26.74 17.17
C ARG G 226 5.09 26.99 18.54
N VAL G 227 5.93 27.11 19.56
CA VAL G 227 5.41 27.38 20.90
C VAL G 227 4.57 28.65 20.83
N LEU G 228 5.10 29.65 20.14
CA LEU G 228 4.41 30.93 19.98
C LEU G 228 3.01 30.77 19.40
N GLN G 229 2.88 29.94 18.37
CA GLN G 229 1.58 29.78 17.76
C GLN G 229 0.68 28.79 18.48
N GLN G 230 1.26 27.85 19.20
CA GLN G 230 0.45 26.86 19.90
C GLN G 230 -0.08 27.32 21.24
N PHE G 231 0.75 28.02 22.00
CA PHE G 231 0.33 28.48 23.32
C PHE G 231 0.21 29.97 23.54
N ALA G 232 0.30 30.77 22.47
CA ALA G 232 0.18 32.21 22.62
C ALA G 232 -0.53 32.88 21.47
N ASP G 233 -1.19 32.09 20.63
CA ASP G 233 -1.93 32.64 19.50
C ASP G 233 -1.12 33.57 18.62
N ASN G 234 0.12 33.22 18.32
CA ASN G 234 0.94 34.08 17.47
C ASN G 234 0.99 35.53 17.97
N ASP G 235 0.75 35.73 19.26
CA ASP G 235 0.76 37.07 19.82
C ASP G 235 2.17 37.43 20.29
N VAL G 236 2.96 37.94 19.36
CA VAL G 236 4.33 38.31 19.63
C VAL G 236 4.52 38.99 21.00
N SER G 237 3.55 39.81 21.38
CA SER G 237 3.64 40.55 22.64
C SER G 237 3.69 39.68 23.89
N ARG G 238 3.14 38.48 23.82
CA ARG G 238 3.11 37.58 24.97
C ARG G 238 4.38 36.76 25.13
N PHE G 239 5.28 36.89 24.18
CA PHE G 239 6.50 36.14 24.22
C PHE G 239 7.55 36.87 25.05
N LYS G 240 7.72 36.45 26.29
CA LYS G 240 8.66 37.11 27.20
C LYS G 240 10.09 36.63 27.17
N ALA G 241 10.31 35.32 27.26
CA ALA G 241 11.68 34.80 27.24
C ALA G 241 11.75 33.33 26.89
N VAL G 242 12.90 32.90 26.37
CA VAL G 242 13.12 31.48 26.05
C VAL G 242 14.53 31.06 26.43
N LYS G 243 14.65 29.82 26.84
CA LYS G 243 15.91 29.24 27.24
C LYS G 243 15.99 27.86 26.61
N ALA G 244 17.12 27.55 25.98
CA ALA G 244 17.27 26.25 25.34
C ALA G 244 18.70 25.74 25.43
N ARG G 245 18.84 24.41 25.46
CA ARG G 245 20.13 23.78 25.50
C ARG G 245 20.25 22.96 24.25
N PHE G 246 21.35 23.11 23.54
CA PHE G 246 21.56 22.37 22.30
C PHE G 246 22.21 21.03 22.56
N ALA G 247 21.73 20.00 21.86
CA ALA G 247 22.23 18.65 22.00
C ALA G 247 22.74 18.15 20.65
N LYS G 248 22.22 17.01 20.20
CA LYS G 248 22.63 16.44 18.92
C LYS G 248 22.29 17.34 17.73
N PRO G 249 23.03 17.17 16.61
CA PRO G 249 22.89 17.92 15.36
C PRO G 249 21.64 17.61 14.58
N VAL G 250 21.30 18.52 13.67
CA VAL G 250 20.15 18.37 12.79
C VAL G 250 20.68 18.60 11.38
N TYR G 251 20.26 17.78 10.42
CA TYR G 251 20.74 17.97 9.07
C TYR G 251 19.63 18.51 8.21
N PRO G 252 19.93 19.57 7.44
CA PRO G 252 18.92 20.18 6.57
C PRO G 252 18.15 19.10 5.84
N GLY G 253 16.84 19.11 5.98
CA GLY G 253 16.04 18.12 5.31
C GLY G 253 15.36 17.22 6.31
N GLN G 254 15.98 17.04 7.48
CA GLN G 254 15.38 16.19 8.49
C GLN G 254 14.12 16.84 9.01
N THR G 255 13.34 16.07 9.76
CA THR G 255 12.08 16.54 10.31
C THR G 255 12.12 16.77 11.81
N LEU G 256 11.82 18.01 12.19
CA LEU G 256 11.82 18.40 13.59
C LEU G 256 10.53 17.99 14.29
N GLN G 257 10.67 17.69 15.58
CA GLN G 257 9.54 17.28 16.39
C GLN G 257 9.62 18.10 17.69
N THR G 258 8.76 19.11 17.82
CA THR G 258 8.79 19.95 19.01
C THR G 258 7.73 19.51 20.03
N GLU G 259 8.19 18.95 21.15
CA GLU G 259 7.31 18.48 22.21
C GLU G 259 7.12 19.60 23.24
N MET G 260 5.87 19.84 23.60
CA MET G 260 5.57 20.93 24.54
C MET G 260 4.73 20.53 25.76
N TRP G 261 5.03 21.14 26.89
CA TRP G 261 4.31 20.90 28.13
C TRP G 261 3.90 22.25 28.69
N LYS G 262 2.61 22.47 28.92
CA LYS G 262 2.21 23.74 29.49
C LYS G 262 2.11 23.65 31.00
N GLU G 263 2.89 24.48 31.68
CA GLU G 263 2.91 24.52 33.14
C GLU G 263 2.68 25.98 33.52
N GLY G 264 1.41 26.38 33.51
CA GLY G 264 1.11 27.75 33.84
C GLY G 264 1.47 28.63 32.68
N ASN G 265 2.33 29.62 32.93
CA ASN G 265 2.74 30.53 31.88
C ASN G 265 4.08 30.13 31.27
N ARG G 266 4.61 29.00 31.69
CA ARG G 266 5.87 28.52 31.15
C ARG G 266 5.60 27.29 30.29
N ILE G 267 6.00 27.36 29.03
CA ILE G 267 5.80 26.25 28.15
C ILE G 267 7.13 25.56 28.03
N HIS G 268 7.26 24.39 28.64
CA HIS G 268 8.50 23.61 28.55
C HIS G 268 8.50 22.91 27.20
N PHE G 269 9.68 22.74 26.61
CA PHE G 269 9.73 22.06 25.32
C PHE G 269 11.05 21.36 25.07
N GLN G 270 10.96 20.37 24.22
CA GLN G 270 12.09 19.53 23.85
C GLN G 270 11.96 19.34 22.33
N THR G 271 13.08 19.26 21.61
CA THR G 271 12.99 19.07 20.17
C THR G 271 13.77 17.84 19.71
N LYS G 272 13.15 17.03 18.85
CA LYS G 272 13.78 15.82 18.35
C LYS G 272 13.77 15.81 16.86
N VAL G 273 14.38 14.78 16.30
CA VAL G 273 14.40 14.59 14.86
C VAL G 273 13.67 13.29 14.59
N GLN G 274 12.42 13.41 14.17
CA GLN G 274 11.58 12.25 13.85
C GLN G 274 12.27 11.60 12.67
N GLU G 275 13.03 10.54 12.92
CA GLU G 275 13.76 9.85 11.86
C GLU G 275 14.81 9.06 12.59
N THR G 276 15.38 9.69 13.62
CA THR G 276 16.41 9.07 14.42
C THR G 276 15.95 9.14 15.85
N GLY G 277 15.01 10.03 16.11
CA GLY G 277 14.52 10.18 17.47
C GLY G 277 15.48 10.90 18.40
N ASP G 278 16.61 11.34 17.86
CA ASP G 278 17.60 12.05 18.66
C ASP G 278 17.04 13.33 19.21
N ILE G 279 17.49 13.70 20.40
CA ILE G 279 17.04 14.96 21.00
C ILE G 279 18.05 16.02 20.58
N VAL G 280 17.58 17.06 19.89
CA VAL G 280 18.44 18.12 19.41
C VAL G 280 18.41 19.38 20.29
N ILE G 281 17.30 19.56 21.00
CA ILE G 281 17.15 20.70 21.91
C ILE G 281 16.53 20.18 23.21
N SER G 282 17.19 20.43 24.33
CA SER G 282 16.69 19.92 25.60
C SER G 282 16.57 20.93 26.69
N ASN G 283 15.80 20.56 27.70
CA ASN G 283 15.59 21.38 28.88
C ASN G 283 15.28 22.81 28.56
N ALA G 284 14.46 23.02 27.53
CA ALA G 284 14.11 24.35 27.11
C ALA G 284 12.75 24.78 27.62
N TYR G 285 12.45 26.06 27.45
CA TYR G 285 11.17 26.62 27.86
C TYR G 285 11.01 28.01 27.28
N VAL G 286 9.81 28.54 27.41
CA VAL G 286 9.50 29.89 26.95
C VAL G 286 8.44 30.42 27.89
N ASP G 287 8.68 31.60 28.46
CA ASP G 287 7.72 32.21 29.38
C ASP G 287 6.76 33.13 28.63
N LEU G 288 5.47 32.97 28.89
CA LEU G 288 4.45 33.77 28.25
C LEU G 288 3.82 34.73 29.26
N ALA G 289 3.09 35.72 28.77
CA ALA G 289 2.46 36.72 29.64
C ALA G 289 0.93 36.54 29.91
N GLY H 12 9.36 60.39 -24.27
CA GLY H 12 10.59 59.78 -23.72
C GLY H 12 11.52 60.79 -23.10
N GLN H 13 11.56 60.83 -21.76
CA GLN H 13 12.42 61.78 -21.06
C GLN H 13 13.22 61.21 -19.89
N LYS H 14 14.54 61.36 -19.98
CA LYS H 14 15.48 60.87 -18.96
C LYS H 14 14.96 60.87 -17.51
N LEU H 15 15.60 60.06 -16.68
CA LEU H 15 15.24 59.95 -15.26
C LEU H 15 16.40 60.29 -14.34
N PRO H 16 16.11 60.52 -13.05
CA PRO H 16 17.07 60.86 -12.00
C PRO H 16 18.01 59.69 -11.73
N PRO H 17 19.33 59.94 -11.74
CA PRO H 17 20.30 58.87 -11.50
C PRO H 17 20.23 58.31 -10.08
N PHE H 18 20.47 57.01 -9.95
CA PHE H 18 20.49 56.36 -8.65
C PHE H 18 21.66 55.41 -8.63
N SER H 19 22.01 54.92 -7.46
CA SER H 19 23.12 53.98 -7.35
C SER H 19 22.67 52.71 -6.61
N TYR H 20 23.35 51.61 -6.90
CA TYR H 20 23.05 50.36 -6.26
C TYR H 20 24.30 49.75 -5.72
N ALA H 21 24.21 49.23 -4.51
CA ALA H 21 25.38 48.62 -3.91
C ALA H 21 24.92 47.31 -3.35
N TYR H 22 25.78 46.30 -3.41
CA TYR H 22 25.44 44.98 -2.91
C TYR H 22 26.69 44.23 -2.50
N THR H 23 26.45 43.14 -1.76
CA THR H 23 27.51 42.28 -1.30
C THR H 23 27.12 40.87 -1.69
N GLU H 24 27.95 39.90 -1.34
CA GLU H 24 27.65 38.53 -1.67
C GLU H 24 26.26 38.14 -1.14
N LEU H 25 25.88 38.71 0.00
CA LEU H 25 24.58 38.42 0.60
C LEU H 25 23.44 38.65 -0.38
N GLU H 26 23.28 39.88 -0.85
CA GLU H 26 22.21 40.19 -1.79
C GLU H 26 22.28 39.29 -3.01
N ALA H 27 23.50 38.90 -3.41
CA ALA H 27 23.67 38.01 -4.55
C ALA H 27 23.11 36.62 -4.26
N ILE H 28 23.60 36.01 -3.18
CA ILE H 28 23.15 34.69 -2.77
C ILE H 28 21.64 34.67 -2.56
N MET H 29 21.11 35.73 -1.96
CA MET H 29 19.68 35.85 -1.71
C MET H 29 18.93 35.78 -3.03
N TYR H 30 19.49 36.41 -4.06
CA TYR H 30 18.86 36.38 -5.38
C TYR H 30 18.90 34.93 -5.92
N ALA H 31 20.09 34.33 -5.85
CA ALA H 31 20.28 32.97 -6.34
C ALA H 31 19.28 32.00 -5.72
N LEU H 32 19.14 32.04 -4.39
CA LEU H 32 18.20 31.14 -3.73
C LEU H 32 16.80 31.41 -4.23
N GLY H 33 16.42 32.68 -4.21
CA GLY H 33 15.08 33.02 -4.65
C GLY H 33 14.85 32.72 -6.12
N VAL H 34 15.91 32.45 -6.84
CA VAL H 34 15.74 32.19 -8.25
C VAL H 34 15.93 30.71 -8.61
N GLY H 35 16.05 29.84 -7.60
CA GLY H 35 16.19 28.42 -7.89
C GLY H 35 17.42 27.66 -7.47
N ALA H 36 18.57 28.31 -7.37
CA ALA H 36 19.78 27.60 -6.98
C ALA H 36 19.53 26.76 -5.74
N SER H 37 20.08 25.54 -5.72
CA SER H 37 19.90 24.68 -4.56
C SER H 37 21.16 23.91 -4.23
N ILE H 38 21.54 23.79 -2.97
CA ILE H 38 22.76 23.06 -2.67
C ILE H 38 22.57 21.57 -2.87
N LYS H 39 21.40 21.16 -3.34
CA LYS H 39 21.19 19.75 -3.58
C LYS H 39 22.12 19.39 -4.73
N ASP H 40 22.44 20.38 -5.55
CA ASP H 40 23.35 20.21 -6.67
C ASP H 40 24.67 20.86 -6.29
N PRO H 41 25.73 20.06 -6.09
CA PRO H 41 27.05 20.58 -5.71
C PRO H 41 27.54 21.74 -6.58
N LYS H 42 27.21 21.70 -7.87
CA LYS H 42 27.62 22.75 -8.77
C LYS H 42 26.99 24.08 -8.45
N ASP H 43 25.89 24.07 -7.70
CA ASP H 43 25.23 25.32 -7.34
C ASP H 43 25.86 26.01 -6.16
N LEU H 44 26.75 25.31 -5.47
CA LEU H 44 27.44 25.86 -4.30
C LEU H 44 28.15 27.15 -4.73
N LYS H 45 28.47 27.20 -6.01
CA LYS H 45 29.15 28.33 -6.67
C LYS H 45 28.36 29.64 -6.56
N PHE H 46 27.03 29.53 -6.49
CA PHE H 46 26.17 30.71 -6.40
C PHE H 46 25.57 30.92 -5.02
N ILE H 47 25.73 29.95 -4.13
CA ILE H 47 25.14 30.03 -2.80
C ILE H 47 26.12 30.27 -1.65
N TYR H 48 27.36 29.85 -1.85
CA TYR H 48 28.38 29.99 -0.82
C TYR H 48 29.47 30.98 -1.19
N GLU H 49 29.54 32.08 -0.45
CA GLU H 49 30.55 33.10 -0.71
C GLU H 49 31.96 32.54 -0.49
N GLY H 50 32.06 31.52 0.35
CA GLY H 50 33.35 30.93 0.61
C GLY H 50 33.88 30.12 -0.56
N SER H 51 33.00 29.72 -1.48
CA SER H 51 33.42 28.96 -2.63
C SER H 51 34.49 29.76 -3.40
N SER H 52 35.57 29.09 -3.79
CA SER H 52 36.64 29.78 -4.52
C SER H 52 36.12 30.15 -5.89
N ASP H 53 35.06 29.46 -6.27
CA ASP H 53 34.42 29.64 -7.57
C ASP H 53 33.29 30.68 -7.51
N PHE H 54 32.92 31.10 -6.29
CA PHE H 54 31.82 32.01 -6.08
C PHE H 54 31.63 33.05 -7.16
N SER H 55 30.42 33.09 -7.71
CA SER H 55 30.08 34.04 -8.75
C SER H 55 28.70 34.54 -8.47
N CYS H 56 28.36 35.66 -9.09
CA CYS H 56 27.06 36.26 -8.94
C CYS H 56 26.34 35.83 -10.20
N LEU H 57 25.07 35.46 -10.12
CA LEU H 57 24.35 35.03 -11.32
C LEU H 57 24.14 36.17 -12.30
N PRO H 58 24.39 35.94 -13.59
CA PRO H 58 24.21 36.95 -14.62
C PRO H 58 22.93 37.78 -14.54
N THR H 59 21.77 37.13 -14.46
CA THR H 59 20.53 37.90 -14.39
C THR H 59 20.36 38.75 -13.13
N PHE H 60 21.35 38.72 -12.23
CA PHE H 60 21.27 39.56 -11.04
C PHE H 60 21.30 41.01 -11.49
N GLY H 61 21.80 41.24 -12.70
CA GLY H 61 21.87 42.56 -13.27
C GLY H 61 20.48 43.14 -13.42
N VAL H 62 19.48 42.28 -13.55
CA VAL H 62 18.10 42.76 -13.68
C VAL H 62 17.69 43.47 -12.40
N ILE H 63 18.25 43.04 -11.29
CA ILE H 63 17.96 43.65 -10.00
C ILE H 63 18.71 44.96 -9.82
N ILE H 64 19.92 45.02 -10.38
CA ILE H 64 20.74 46.23 -10.29
C ILE H 64 20.06 47.42 -10.95
N GLY H 65 19.52 47.22 -12.15
CA GLY H 65 18.85 48.31 -12.84
C GLY H 65 17.35 48.38 -12.58
N GLN H 66 16.87 47.46 -11.76
CA GLN H 66 15.45 47.41 -11.45
C GLN H 66 15.04 48.43 -10.40
N LYS H 67 15.96 48.72 -9.48
CA LYS H 67 15.72 49.66 -8.37
C LYS H 67 14.70 50.76 -8.65
N VAL H 87 1.01 48.78 -13.57
CA VAL H 87 2.01 48.50 -14.59
C VAL H 87 2.40 47.03 -14.60
N LEU H 88 2.18 46.37 -15.74
CA LEU H 88 2.52 44.97 -15.88
C LEU H 88 3.84 44.83 -16.62
N HIS H 89 4.56 43.77 -16.32
CA HIS H 89 5.83 43.52 -16.97
C HIS H 89 5.59 42.70 -18.23
N GLY H 90 5.97 43.27 -19.38
CA GLY H 90 5.78 42.57 -20.63
C GLY H 90 6.97 41.79 -21.13
N GLU H 91 8.13 42.43 -21.19
CA GLU H 91 9.34 41.77 -21.66
C GLU H 91 10.51 42.28 -20.85
N GLN H 92 11.65 41.64 -21.01
CA GLN H 92 12.84 42.03 -20.28
C GLN H 92 14.07 41.74 -21.13
N TYR H 93 15.07 42.59 -21.02
CA TYR H 93 16.29 42.37 -21.76
C TYR H 93 17.45 42.81 -20.91
N LEU H 94 18.47 41.99 -20.86
CA LEU H 94 19.66 42.30 -20.07
C LEU H 94 20.89 41.94 -20.88
N GLU H 95 21.89 42.80 -20.83
CA GLU H 95 23.14 42.56 -21.53
C GLU H 95 24.25 42.87 -20.56
N LEU H 96 25.21 41.98 -20.47
CA LEU H 96 26.32 42.17 -19.55
C LEU H 96 27.58 42.49 -20.32
N TYR H 97 27.97 43.77 -20.29
CA TYR H 97 29.17 44.23 -20.97
C TYR H 97 30.38 43.71 -20.24
N LYS H 98 30.20 43.37 -18.98
CA LYS H 98 31.26 42.83 -18.15
C LYS H 98 30.66 41.96 -17.06
N PRO H 99 31.33 40.86 -16.71
CA PRO H 99 30.82 39.97 -15.66
C PRO H 99 30.53 40.76 -14.38
N LEU H 100 29.37 40.51 -13.79
CA LEU H 100 29.00 41.20 -12.56
C LEU H 100 29.91 40.74 -11.43
N PRO H 101 30.48 41.68 -10.69
CA PRO H 101 31.39 41.44 -9.57
C PRO H 101 30.70 40.72 -8.40
N ARG H 102 31.49 40.06 -7.56
CA ARG H 102 30.94 39.33 -6.40
C ARG H 102 30.40 40.27 -5.35
N ALA H 103 30.50 41.56 -5.64
CA ALA H 103 30.04 42.61 -4.74
C ALA H 103 30.43 43.95 -5.34
N GLY H 104 29.85 45.03 -4.82
CA GLY H 104 30.23 46.33 -5.36
C GLY H 104 29.14 47.37 -5.39
N LYS H 105 29.54 48.57 -5.81
CA LYS H 105 28.64 49.71 -5.92
C LYS H 105 28.52 50.09 -7.37
N LEU H 106 27.32 50.50 -7.77
CA LEU H 106 27.09 50.88 -9.15
C LEU H 106 26.22 52.10 -9.24
N LYS H 107 26.45 52.89 -10.28
CA LYS H 107 25.67 54.09 -10.51
C LYS H 107 24.75 53.74 -11.68
N CYS H 108 23.46 53.98 -11.52
CA CYS H 108 22.52 53.65 -12.58
C CYS H 108 21.81 54.86 -13.16
N GLU H 109 21.56 54.81 -14.46
CA GLU H 109 20.87 55.90 -15.14
C GLU H 109 19.72 55.32 -15.97
N ALA H 110 18.51 55.62 -15.52
CA ALA H 110 17.28 55.17 -16.13
C ALA H 110 16.83 56.21 -17.11
N VAL H 111 16.06 55.79 -18.10
CA VAL H 111 15.58 56.73 -19.10
C VAL H 111 14.39 56.18 -19.84
N VAL H 112 13.26 56.87 -19.79
CA VAL H 112 12.11 56.40 -20.53
C VAL H 112 12.49 56.49 -21.99
N ALA H 113 12.97 55.39 -22.53
CA ALA H 113 13.39 55.33 -23.91
C ALA H 113 12.20 55.54 -24.82
N ASP H 114 11.02 55.13 -24.37
CA ASP H 114 9.87 55.28 -25.24
C ASP H 114 8.58 54.84 -24.58
N VAL H 115 7.47 55.19 -25.21
CA VAL H 115 6.14 54.83 -24.75
C VAL H 115 5.43 54.45 -26.05
N LEU H 116 4.52 53.50 -26.02
CA LEU H 116 3.89 53.11 -27.28
C LEU H 116 2.41 52.84 -27.17
N ASP H 117 1.61 53.60 -27.90
CA ASP H 117 0.18 53.40 -27.81
C ASP H 117 -0.18 52.03 -28.36
N LYS H 118 -0.90 51.24 -27.58
CA LYS H 118 -1.33 49.93 -28.05
C LYS H 118 -2.78 49.71 -27.70
N GLY H 119 -3.61 50.66 -28.11
CA GLY H 119 -5.04 50.58 -27.86
C GLY H 119 -5.30 50.40 -26.39
N SER H 120 -5.47 49.14 -25.98
CA SER H 120 -5.72 48.78 -24.59
C SER H 120 -4.84 49.62 -23.67
N GLY H 121 -3.69 49.06 -23.30
CA GLY H 121 -2.79 49.78 -22.45
C GLY H 121 -1.78 50.55 -23.29
N VAL H 122 -0.57 50.66 -22.77
CA VAL H 122 0.51 51.37 -23.46
C VAL H 122 1.88 50.89 -22.99
N VAL H 123 2.67 50.42 -23.95
CA VAL H 123 4.03 49.94 -23.69
C VAL H 123 4.90 51.12 -23.29
N ILE H 124 5.92 50.84 -22.48
CA ILE H 124 6.87 51.85 -22.06
C ILE H 124 8.23 51.22 -21.82
N ILE H 125 9.11 51.44 -22.77
CA ILE H 125 10.45 50.92 -22.73
C ILE H 125 11.35 51.77 -21.86
N MET H 126 11.99 51.16 -20.88
CA MET H 126 12.87 51.88 -19.98
C MET H 126 14.28 51.32 -19.90
N ASP H 127 15.24 52.00 -20.50
CA ASP H 127 16.60 51.51 -20.44
C ASP H 127 17.31 52.05 -19.22
N VAL H 128 18.18 51.25 -18.63
CA VAL H 128 18.94 51.68 -17.47
C VAL H 128 20.33 51.10 -17.52
N TYR H 129 21.32 51.98 -17.58
CA TYR H 129 22.70 51.57 -17.66
C TYR H 129 23.42 51.71 -16.34
N SER H 130 24.21 50.69 -16.01
CA SER H 130 24.94 50.68 -14.76
C SER H 130 26.44 50.67 -15.03
N TYR H 131 27.15 51.67 -14.49
CA TYR H 131 28.59 51.80 -14.68
C TYR H 131 29.36 51.59 -13.40
N SER H 132 30.67 51.37 -13.55
CA SER H 132 31.54 51.15 -12.41
C SER H 132 32.86 51.93 -12.51
N GLU H 135 32.76 52.87 -16.73
CA GLU H 135 32.83 51.54 -17.33
C GLU H 135 31.43 50.92 -17.40
N LEU H 136 30.74 51.11 -18.52
CA LEU H 136 29.40 50.56 -18.68
C LEU H 136 29.48 49.09 -18.39
N ILE H 137 28.64 48.63 -17.47
CA ILE H 137 28.63 47.22 -17.08
C ILE H 137 27.45 46.43 -17.61
N CYS H 138 26.24 46.93 -17.38
CA CYS H 138 25.09 46.21 -17.88
C CYS H 138 24.00 47.14 -18.40
N HIS H 139 23.14 46.61 -19.25
CA HIS H 139 22.05 47.36 -19.81
C HIS H 139 20.74 46.59 -19.67
N ASN H 140 19.73 47.23 -19.10
CA ASN H 140 18.42 46.60 -18.89
C ASN H 140 17.39 47.31 -19.71
N GLN H 141 16.47 46.56 -20.31
CA GLN H 141 15.39 47.18 -21.05
C GLN H 141 14.08 46.59 -20.56
N PHE H 142 13.45 47.29 -19.63
CA PHE H 142 12.18 46.86 -19.07
C PHE H 142 11.04 47.27 -19.99
N SER H 143 10.21 46.32 -20.40
CA SER H 143 9.08 46.64 -21.24
C SER H 143 7.88 46.60 -20.30
N LEU H 144 7.34 47.77 -19.96
CA LEU H 144 6.21 47.83 -19.03
C LEU H 144 4.91 48.06 -19.78
N PHE H 145 3.84 47.46 -19.29
CA PHE H 145 2.55 47.61 -19.93
C PHE H 145 1.49 48.23 -19.00
N LEU H 146 0.43 48.79 -19.60
CA LEU H 146 -0.62 49.43 -18.81
C LEU H 146 -2.02 49.22 -19.40
N GLY H 154 0.41 57.05 -31.89
CA GLY H 154 1.86 57.03 -31.90
C GLY H 154 2.40 56.14 -33.01
N LYS H 155 3.48 55.42 -32.74
CA LYS H 155 4.04 54.51 -33.75
C LYS H 155 3.89 53.05 -33.31
N ARG H 156 3.90 52.11 -34.25
CA ARG H 156 3.70 50.70 -33.91
C ARG H 156 4.93 49.98 -33.39
N THR H 157 6.07 50.12 -34.07
CA THR H 157 7.30 49.48 -33.60
C THR H 157 8.11 50.62 -32.94
N SER H 158 9.22 50.29 -32.29
CA SER H 158 10.06 51.31 -31.69
C SER H 158 11.52 51.03 -32.04
N ASP H 159 12.26 52.01 -32.53
CA ASP H 159 13.65 51.71 -32.85
C ASP H 159 14.49 51.97 -31.62
N LYS H 160 13.98 51.50 -30.49
CA LYS H 160 14.64 51.60 -29.21
C LYS H 160 14.58 50.22 -28.53
N VAL H 161 13.68 49.37 -29.05
CA VAL H 161 13.47 48.02 -28.55
C VAL H 161 14.44 46.94 -29.03
N LYS H 162 14.90 46.13 -28.08
CA LYS H 162 15.73 44.95 -28.34
C LYS H 162 14.66 43.87 -28.61
N VAL H 163 14.47 43.54 -29.88
CA VAL H 163 13.45 42.57 -30.30
C VAL H 163 13.55 41.16 -29.73
N ALA H 164 12.37 40.56 -29.50
CA ALA H 164 12.28 39.19 -29.01
C ALA H 164 12.53 38.33 -30.26
N VAL H 165 12.76 37.04 -30.09
CA VAL H 165 13.02 36.17 -31.24
C VAL H 165 12.22 34.88 -31.24
N ALA H 166 11.67 34.51 -32.40
CA ALA H 166 10.89 33.28 -32.51
C ALA H 166 11.79 32.05 -32.33
N ILE H 167 11.25 31.01 -31.72
CA ILE H 167 12.00 29.78 -31.49
C ILE H 167 12.08 28.93 -32.74
N PRO H 168 13.16 28.14 -32.88
CA PRO H 168 13.35 27.28 -34.04
C PRO H 168 12.16 26.35 -34.26
N ASN H 169 11.83 26.07 -35.53
CA ASN H 169 10.71 25.20 -35.83
C ASN H 169 11.17 23.75 -35.90
N ARG H 170 11.46 23.17 -34.74
CA ARG H 170 11.93 21.79 -34.61
C ARG H 170 11.92 21.41 -33.13
N PRO H 171 11.80 20.10 -32.82
CA PRO H 171 11.80 19.75 -31.40
C PRO H 171 13.04 20.31 -30.68
N PRO H 172 12.87 20.72 -29.42
CA PRO H 172 13.90 21.30 -28.55
C PRO H 172 15.11 20.40 -28.42
N ASP H 173 16.29 20.99 -28.25
CA ASP H 173 17.48 20.19 -28.10
C ASP H 173 17.57 19.62 -26.69
N ALA H 174 16.99 20.34 -25.73
CA ALA H 174 16.99 19.92 -24.35
C ALA H 174 15.91 20.68 -23.58
N VAL H 175 15.36 20.04 -22.56
CA VAL H 175 14.35 20.68 -21.73
C VAL H 175 14.51 20.20 -20.28
N LEU H 176 14.79 21.15 -19.40
CA LEU H 176 14.97 20.83 -17.98
C LEU H 176 13.78 21.35 -17.18
N THR H 177 13.40 20.63 -16.14
CA THR H 177 12.28 21.07 -15.34
C THR H 177 12.74 21.59 -14.01
N ASP H 178 11.95 22.49 -13.42
CA ASP H 178 12.24 23.05 -12.10
C ASP H 178 10.97 23.13 -11.27
N THR H 179 11.06 22.71 -10.02
CA THR H 179 9.92 22.75 -9.15
C THR H 179 9.95 24.01 -8.32
N THR H 180 8.93 24.82 -8.49
CA THR H 180 8.83 26.06 -7.74
C THR H 180 8.31 25.79 -6.34
N SER H 181 8.80 26.56 -5.37
CA SER H 181 8.38 26.43 -3.98
C SER H 181 7.11 27.20 -3.70
N LEU H 182 6.34 26.71 -2.76
CA LEU H 182 5.11 27.40 -2.40
C LEU H 182 5.45 28.83 -1.91
N ASN H 183 6.70 29.04 -1.51
CA ASN H 183 7.19 30.32 -1.01
C ASN H 183 8.16 30.98 -1.99
N GLN H 184 8.23 30.49 -3.23
CA GLN H 184 9.15 31.06 -4.19
C GLN H 184 9.03 32.59 -4.24
N ALA H 185 7.79 33.08 -4.40
CA ALA H 185 7.54 34.51 -4.45
C ALA H 185 7.92 35.20 -3.14
N ALA H 186 7.59 34.57 -2.02
CA ALA H 186 7.90 35.15 -0.71
C ALA H 186 9.41 35.37 -0.51
N LEU H 187 10.23 34.55 -1.18
CA LEU H 187 11.67 34.67 -1.05
C LEU H 187 12.24 35.59 -2.12
N TYR H 188 11.78 35.42 -3.36
CA TYR H 188 12.27 36.24 -4.44
C TYR H 188 12.02 37.73 -4.23
N ARG H 189 10.88 38.07 -3.65
CA ARG H 189 10.56 39.48 -3.43
C ARG H 189 11.59 40.18 -2.55
N LEU H 190 12.25 39.43 -1.67
CA LEU H 190 13.27 40.01 -0.79
C LEU H 190 14.39 40.64 -1.60
N SER H 191 14.35 40.44 -2.90
CA SER H 191 15.40 40.99 -3.75
C SER H 191 15.01 42.34 -4.34
N GLY H 192 13.90 42.91 -3.87
CA GLY H 192 13.54 44.22 -4.37
C GLY H 192 12.12 44.49 -4.81
N ASP H 193 11.54 43.62 -5.62
CA ASP H 193 10.17 43.86 -6.09
C ASP H 193 9.17 43.45 -5.01
N TRP H 194 8.67 44.41 -4.25
CA TRP H 194 7.73 44.11 -3.18
C TRP H 194 6.27 44.18 -3.58
N ASN H 195 6.00 44.26 -4.87
CA ASN H 195 4.62 44.33 -5.33
C ASN H 195 3.74 43.30 -4.62
N PRO H 196 2.66 43.75 -3.97
CA PRO H 196 1.74 42.88 -3.25
C PRO H 196 1.11 41.82 -4.14
N LEU H 197 1.13 42.07 -5.44
CA LEU H 197 0.56 41.15 -6.41
C LEU H 197 1.13 39.74 -6.27
N HIS H 198 2.34 39.64 -5.76
CA HIS H 198 3.01 38.35 -5.63
C HIS H 198 2.91 37.68 -4.27
N ILE H 199 2.14 38.27 -3.35
CA ILE H 199 2.03 37.68 -2.01
C ILE H 199 0.72 37.97 -1.30
N ASP H 200 0.09 39.08 -1.65
CA ASP H 200 -1.18 39.49 -1.04
C ASP H 200 -2.37 39.02 -1.93
N PRO H 201 -3.18 38.08 -1.41
CA PRO H 201 -4.33 37.53 -2.13
C PRO H 201 -5.23 38.58 -2.77
N ASN H 202 -5.27 39.76 -2.15
CA ASN H 202 -6.11 40.85 -2.63
C ASN H 202 -5.65 41.48 -3.94
N PHE H 203 -4.51 42.20 -3.90
CA PHE H 203 -3.98 42.85 -5.07
C PHE H 203 -3.92 41.84 -6.21
N ALA H 204 -3.77 40.57 -5.84
CA ALA H 204 -3.72 39.47 -6.80
C ALA H 204 -5.09 39.32 -7.47
N SER H 205 -6.14 39.29 -6.66
CA SER H 205 -7.50 39.16 -7.15
C SER H 205 -7.94 40.47 -7.78
N LEU H 206 -7.70 41.54 -7.04
CA LEU H 206 -8.05 42.89 -7.46
C LEU H 206 -7.42 43.24 -8.81
N ALA H 207 -6.41 42.47 -9.20
CA ALA H 207 -5.75 42.71 -10.48
C ALA H 207 -5.93 41.52 -11.44
N GLY H 208 -6.95 40.70 -11.20
CA GLY H 208 -7.18 39.58 -12.09
C GLY H 208 -6.90 38.23 -11.45
N PHE H 209 -5.67 37.73 -11.65
CA PHE H 209 -5.24 36.43 -11.12
C PHE H 209 -5.85 36.09 -9.76
N ASP H 210 -6.15 34.81 -9.55
CA ASP H 210 -6.71 34.38 -8.27
C ASP H 210 -5.56 34.34 -7.27
N LYS H 211 -5.00 33.16 -7.05
CA LYS H 211 -3.87 33.05 -6.13
C LYS H 211 -2.77 34.02 -6.56
N PRO H 212 -1.98 34.54 -5.60
CA PRO H 212 -0.88 35.45 -5.97
C PRO H 212 -0.04 34.73 -7.02
N ILE H 213 0.61 35.49 -7.88
CA ILE H 213 1.44 34.90 -8.93
C ILE H 213 2.92 35.13 -8.69
N LEU H 214 3.75 34.29 -9.31
CA LEU H 214 5.19 34.39 -9.16
C LEU H 214 5.68 35.54 -10.04
N HIS H 215 6.70 36.26 -9.59
CA HIS H 215 7.26 37.36 -10.36
C HIS H 215 7.71 36.85 -11.73
N GLY H 216 7.41 37.59 -12.79
CA GLY H 216 7.86 37.18 -14.11
C GLY H 216 9.37 37.06 -14.16
N LEU H 217 10.05 38.01 -13.54
CA LEU H 217 11.50 38.01 -13.50
C LEU H 217 12.09 36.83 -12.72
N CYS H 218 11.29 36.19 -11.88
CA CYS H 218 11.78 35.02 -11.13
C CYS H 218 11.83 33.80 -12.07
N THR H 219 10.76 33.58 -12.81
CA THR H 219 10.68 32.48 -13.79
C THR H 219 11.84 32.70 -14.74
N PHE H 220 12.02 33.97 -15.07
CA PHE H 220 13.07 34.43 -15.96
C PHE H 220 14.41 33.96 -15.40
N GLY H 221 14.64 34.24 -14.12
CA GLY H 221 15.87 33.86 -13.46
C GLY H 221 16.12 32.37 -13.54
N PHE H 222 15.06 31.60 -13.29
CA PHE H 222 15.13 30.15 -13.35
C PHE H 222 15.65 29.70 -14.70
N SER H 223 14.85 29.90 -15.75
CA SER H 223 15.24 29.50 -17.11
C SER H 223 16.64 30.01 -17.48
N ALA H 224 16.90 31.28 -17.23
CA ALA H 224 18.20 31.84 -17.56
C ALA H 224 19.27 31.04 -16.84
N ARG H 225 19.01 30.70 -15.58
CA ARG H 225 19.98 29.94 -14.78
C ARG H 225 20.28 28.59 -15.40
N ARG H 226 19.23 27.93 -15.90
CA ARG H 226 19.35 26.63 -16.51
C ARG H 226 20.11 26.73 -17.79
N VAL H 227 19.78 27.71 -18.62
CA VAL H 227 20.51 27.88 -19.87
C VAL H 227 22.00 28.03 -19.55
N LEU H 228 22.30 28.83 -18.54
CA LEU H 228 23.68 29.05 -18.15
C LEU H 228 24.40 27.74 -17.83
N GLN H 229 23.73 26.85 -17.09
CA GLN H 229 24.37 25.62 -16.71
C GLN H 229 24.35 24.53 -17.79
N GLN H 230 23.36 24.58 -18.67
CA GLN H 230 23.26 23.57 -19.72
C GLN H 230 24.14 23.81 -20.92
N PHE H 231 24.25 25.07 -21.34
CA PHE H 231 25.04 25.41 -22.52
C PHE H 231 26.24 26.30 -22.30
N ALA H 232 26.64 26.53 -21.06
CA ALA H 232 27.79 27.38 -20.82
C ALA H 232 28.59 26.93 -19.62
N ASP H 233 28.33 25.73 -19.14
CA ASP H 233 29.05 25.21 -17.99
C ASP H 233 29.08 26.13 -16.78
N ASN H 234 27.96 26.75 -16.43
CA ASN H 234 27.94 27.65 -15.29
C ASN H 234 29.05 28.71 -15.33
N ASP H 235 29.54 29.01 -16.52
CA ASP H 235 30.61 30.00 -16.68
C ASP H 235 30.01 31.37 -16.84
N VAL H 236 29.75 32.02 -15.72
CA VAL H 236 29.15 33.34 -15.69
C VAL H 236 29.70 34.28 -16.75
N SER H 237 31.00 34.18 -17.02
CA SER H 237 31.67 35.04 -18.01
C SER H 237 31.19 34.88 -19.44
N ARG H 238 30.62 33.73 -19.77
CA ARG H 238 30.16 33.50 -21.14
C ARG H 238 28.74 33.98 -21.38
N PHE H 239 28.11 34.44 -20.32
CA PHE H 239 26.74 34.90 -20.39
C PHE H 239 26.72 36.36 -20.84
N LYS H 240 26.48 36.59 -22.13
CA LYS H 240 26.47 37.95 -22.67
C LYS H 240 25.15 38.70 -22.60
N ALA H 241 24.05 38.09 -23.04
CA ALA H 241 22.77 38.79 -22.99
C ALA H 241 21.60 37.83 -23.07
N VAL H 242 20.43 38.28 -22.59
CA VAL H 242 19.19 37.49 -22.64
C VAL H 242 18.02 38.40 -22.96
N LYS H 243 17.07 37.84 -23.71
CA LYS H 243 15.87 38.55 -24.10
C LYS H 243 14.72 37.60 -23.88
N ALA H 244 13.64 38.08 -23.27
CA ALA H 244 12.51 37.20 -23.01
C ALA H 244 11.20 37.95 -23.06
N ARG H 245 10.14 37.24 -23.43
CA ARG H 245 8.81 37.85 -23.47
C ARG H 245 7.96 37.09 -22.46
N PHE H 246 7.23 37.82 -21.62
CA PHE H 246 6.39 37.17 -20.63
C PHE H 246 5.01 36.89 -21.18
N ALA H 247 4.50 35.70 -20.88
CA ALA H 247 3.18 35.30 -21.34
C ALA H 247 2.27 34.98 -20.15
N LYS H 248 1.69 33.80 -20.13
CA LYS H 248 0.80 33.41 -19.03
C LYS H 248 1.53 33.40 -17.67
N PRO H 249 0.76 33.52 -16.57
CA PRO H 249 1.24 33.53 -15.18
C PRO H 249 1.77 32.18 -14.69
N VAL H 250 2.51 32.25 -13.58
CA VAL H 250 3.07 31.06 -12.93
C VAL H 250 2.70 31.19 -11.46
N TYR H 251 2.21 30.11 -10.85
CA TYR H 251 1.84 30.17 -9.45
C TYR H 251 2.85 29.43 -8.60
N PRO H 252 3.34 30.07 -7.52
CA PRO H 252 4.32 29.46 -6.63
C PRO H 252 3.95 28.03 -6.31
N GLY H 253 4.84 27.10 -6.66
CA GLY H 253 4.56 25.70 -6.42
C GLY H 253 4.48 24.94 -7.71
N GLN H 254 4.05 25.59 -8.78
CA GLN H 254 3.95 24.91 -10.05
C GLN H 254 5.34 24.51 -10.53
N THR H 255 5.40 23.71 -11.59
CA THR H 255 6.66 23.22 -12.12
C THR H 255 7.01 23.80 -13.47
N LEU H 256 8.16 24.44 -13.52
CA LEU H 256 8.64 25.08 -14.75
C LEU H 256 9.28 24.07 -15.70
N GLN H 257 9.15 24.35 -16.99
CA GLN H 257 9.71 23.50 -18.01
C GLN H 257 10.44 24.42 -18.99
N THR H 258 11.77 24.44 -18.93
CA THR H 258 12.53 25.31 -19.82
C THR H 258 13.03 24.56 -21.04
N GLU H 259 12.45 24.85 -22.20
CA GLU H 259 12.84 24.21 -23.46
C GLU H 259 13.94 25.03 -24.14
N MET H 260 14.99 24.36 -24.60
CA MET H 260 16.12 25.06 -25.20
C MET H 260 16.54 24.55 -26.58
N TRP H 261 16.97 25.47 -27.44
CA TRP H 261 17.44 25.17 -28.79
C TRP H 261 18.81 25.82 -28.99
N LYS H 262 19.82 25.06 -29.33
CA LYS H 262 21.12 25.66 -29.53
C LYS H 262 21.30 25.96 -31.00
N GLU H 263 21.51 27.23 -31.31
CA GLU H 263 21.74 27.70 -32.67
C GLU H 263 23.03 28.53 -32.65
N GLY H 264 24.17 27.85 -32.68
CA GLY H 264 25.43 28.55 -32.66
C GLY H 264 25.70 29.02 -31.25
N ASN H 265 25.85 30.33 -31.09
CA ASN H 265 26.12 30.88 -29.77
C ASN H 265 24.88 31.44 -29.13
N ARG H 266 23.74 31.27 -29.80
CA ARG H 266 22.47 31.74 -29.27
C ARG H 266 21.61 30.56 -28.82
N ILE H 267 21.24 30.55 -27.55
CA ILE H 267 20.42 29.48 -27.06
C ILE H 267 19.01 29.98 -26.98
N HIS H 268 18.16 29.54 -27.88
CA HIS H 268 16.77 29.97 -27.86
C HIS H 268 16.08 29.18 -26.76
N PHE H 269 15.09 29.79 -26.10
CA PHE H 269 14.37 29.07 -25.08
C PHE H 269 12.94 29.54 -24.90
N GLN H 270 12.13 28.65 -24.37
CA GLN H 270 10.72 28.86 -24.12
C GLN H 270 10.47 28.24 -22.76
N THR H 271 9.57 28.79 -21.96
CA THR H 271 9.32 28.20 -20.65
C THR H 271 7.83 27.91 -20.48
N LYS H 272 7.51 26.72 -19.97
CA LYS H 272 6.13 26.30 -19.75
C LYS H 272 5.92 25.85 -18.32
N VAL H 273 4.69 25.50 -18.02
CA VAL H 273 4.33 25.01 -16.71
C VAL H 273 3.80 23.61 -16.92
N GLN H 274 4.66 22.64 -16.67
CA GLN H 274 4.30 21.23 -16.80
C GLN H 274 3.21 21.02 -15.80
N GLU H 275 1.96 21.02 -16.23
CA GLU H 275 0.83 20.82 -15.32
C GLU H 275 -0.38 21.33 -16.08
N THR H 276 -0.15 22.43 -16.80
CA THR H 276 -1.18 23.06 -17.61
C THR H 276 -0.63 23.13 -19.01
N GLY H 277 0.70 23.06 -19.13
CA GLY H 277 1.30 23.13 -20.45
C GLY H 277 1.34 24.56 -20.99
N ASP H 278 0.88 25.52 -20.19
CA ASP H 278 0.86 26.92 -20.62
C ASP H 278 2.27 27.47 -20.86
N ILE H 279 2.39 28.36 -21.84
CA ILE H 279 3.68 28.96 -22.11
C ILE H 279 3.73 30.25 -21.28
N VAL H 280 4.72 30.34 -20.41
CA VAL H 280 4.88 31.49 -19.53
C VAL H 280 5.95 32.46 -20.00
N ILE H 281 6.92 31.98 -20.77
CA ILE H 281 7.97 32.83 -21.30
C ILE H 281 8.16 32.38 -22.74
N SER H 282 8.10 33.32 -23.68
CA SER H 282 8.23 33.00 -25.08
C SER H 282 9.23 33.83 -25.84
N ASN H 283 9.58 33.33 -27.02
CA ASN H 283 10.50 33.98 -27.93
C ASN H 283 11.72 34.54 -27.22
N ALA H 284 12.27 33.76 -26.30
CA ALA H 284 13.43 34.22 -25.57
C ALA H 284 14.71 33.60 -26.10
N TYR H 285 15.83 34.11 -25.61
CA TYR H 285 17.13 33.60 -26.01
C TYR H 285 18.16 34.20 -25.10
N VAL H 286 19.38 33.70 -25.19
CA VAL H 286 20.50 34.17 -24.41
C VAL H 286 21.73 33.95 -25.26
N ASP H 287 22.51 35.01 -25.47
CA ASP H 287 23.71 34.88 -26.26
C ASP H 287 24.93 34.53 -25.41
N LEU H 288 25.70 33.55 -25.86
CA LEU H 288 26.89 33.12 -25.13
C LEU H 288 28.14 33.47 -25.92
N ALA H 289 29.27 33.49 -25.22
CA ALA H 289 30.54 33.79 -25.87
C ALA H 289 31.04 32.43 -26.35
N PHE I 7 13.03 -26.97 -23.48
CA PHE I 7 14.08 -25.93 -23.34
C PHE I 7 14.65 -25.93 -21.91
N ALA I 8 13.96 -26.61 -21.00
CA ALA I 8 14.37 -26.64 -19.59
C ALA I 8 15.75 -27.20 -19.26
N GLY I 9 16.29 -28.02 -20.15
CA GLY I 9 17.60 -28.62 -19.92
C GLY I 9 18.75 -27.67 -20.12
N ALA I 10 18.45 -26.49 -20.63
CA ALA I 10 19.48 -25.50 -20.87
C ALA I 10 19.52 -24.44 -19.77
N ILE I 11 18.82 -24.65 -18.65
CA ILE I 11 18.83 -23.64 -17.59
C ILE I 11 20.23 -23.31 -17.08
N GLY I 12 21.26 -24.01 -17.55
CA GLY I 12 22.56 -23.66 -17.02
C GLY I 12 23.86 -23.96 -17.71
N GLN I 13 23.90 -24.70 -18.81
CA GLN I 13 25.22 -24.95 -19.37
C GLN I 13 25.82 -23.77 -20.10
N LYS I 14 27.00 -23.40 -19.64
CA LYS I 14 27.76 -22.29 -20.18
C LYS I 14 28.30 -22.59 -21.57
N LEU I 15 28.63 -21.52 -22.30
CA LEU I 15 29.14 -21.61 -23.67
C LEU I 15 30.67 -21.56 -23.79
N PRO I 16 31.19 -22.09 -24.92
CA PRO I 16 32.61 -22.17 -25.27
C PRO I 16 33.24 -20.79 -25.18
N PRO I 17 34.36 -20.69 -24.49
CA PRO I 17 35.01 -19.38 -24.36
C PRO I 17 35.45 -18.80 -25.71
N PHE I 18 35.51 -17.47 -25.78
CA PHE I 18 35.95 -16.76 -26.98
C PHE I 18 36.65 -15.50 -26.55
N SER I 19 37.21 -14.77 -27.51
CA SER I 19 37.93 -13.54 -27.16
C SER I 19 37.64 -12.43 -28.16
N TYR I 20 37.59 -11.20 -27.67
CA TYR I 20 37.34 -10.01 -28.48
C TYR I 20 38.52 -9.06 -28.28
N ALA I 21 39.22 -8.71 -29.38
CA ALA I 21 40.34 -7.78 -29.33
C ALA I 21 39.93 -6.60 -30.18
N TYR I 22 40.34 -5.40 -29.78
CA TYR I 22 39.98 -4.21 -30.53
C TYR I 22 41.02 -3.13 -30.37
N THR I 23 40.91 -2.11 -31.21
CA THR I 23 41.82 -0.97 -31.18
C THR I 23 40.93 0.27 -31.17
N GLU I 24 41.55 1.44 -31.18
CA GLU I 24 40.78 2.67 -31.16
C GLU I 24 39.78 2.71 -32.31
N LEU I 25 40.16 2.08 -33.43
CA LEU I 25 39.29 2.03 -34.61
C LEU I 25 37.92 1.47 -34.26
N GLU I 26 37.87 0.22 -33.86
CA GLU I 26 36.60 -0.40 -33.52
C GLU I 26 35.82 0.44 -32.52
N ALA I 27 36.53 1.11 -31.62
CA ALA I 27 35.89 1.95 -30.61
C ALA I 27 35.24 3.16 -31.26
N ILE I 28 36.02 3.91 -32.03
CA ILE I 28 35.51 5.08 -32.72
C ILE I 28 34.36 4.73 -33.63
N MET I 29 34.47 3.59 -34.33
CA MET I 29 33.43 3.14 -35.24
C MET I 29 32.14 2.94 -34.43
N TYR I 30 32.27 2.41 -33.22
CA TYR I 30 31.08 2.21 -32.39
C TYR I 30 30.49 3.57 -32.03
N ALA I 31 31.36 4.46 -31.53
CA ALA I 31 30.92 5.78 -31.14
C ALA I 31 30.16 6.47 -32.25
N LEU I 32 30.69 6.45 -33.47
CA LEU I 32 30.03 7.09 -34.57
C LEU I 32 28.67 6.46 -34.80
N GLY I 33 28.66 5.14 -34.88
CA GLY I 33 27.43 4.42 -35.13
C GLY I 33 26.43 4.57 -34.00
N VAL I 34 26.88 5.10 -32.89
CA VAL I 34 25.98 5.24 -31.77
C VAL I 34 25.60 6.70 -31.48
N GLY I 35 25.94 7.61 -32.39
CA GLY I 35 25.55 8.99 -32.18
C GLY I 35 26.60 10.08 -32.03
N ALA I 36 27.76 9.77 -31.48
CA ALA I 36 28.80 10.79 -31.30
C ALA I 36 29.00 11.57 -32.59
N SER I 37 29.13 12.88 -32.48
CA SER I 37 29.33 13.72 -33.67
C SER I 37 30.35 14.80 -33.37
N ILE I 38 31.21 15.13 -34.34
CA ILE I 38 32.19 16.18 -34.07
C ILE I 38 31.56 17.58 -34.12
N LYS I 39 30.25 17.63 -34.30
CA LYS I 39 29.61 18.91 -34.30
C LYS I 39 29.75 19.44 -32.88
N ASP I 40 29.85 18.53 -31.94
CA ASP I 40 30.02 18.89 -30.53
C ASP I 40 31.48 18.62 -30.17
N PRO I 41 32.22 19.68 -29.85
CA PRO I 41 33.63 19.57 -29.49
C PRO I 41 33.90 18.54 -28.42
N LYS I 42 33.00 18.45 -27.45
CA LYS I 42 33.19 17.49 -26.37
C LYS I 42 33.21 16.03 -26.83
N ASP I 43 32.63 15.77 -28.00
CA ASP I 43 32.57 14.41 -28.54
C ASP I 43 33.86 13.97 -29.18
N LEU I 44 34.74 14.93 -29.46
CA LEU I 44 36.04 14.65 -30.08
C LEU I 44 36.75 13.60 -29.23
N LYS I 45 36.38 13.55 -27.96
CA LYS I 45 36.93 12.63 -27.00
C LYS I 45 36.67 11.17 -27.36
N PHE I 46 35.57 10.92 -28.07
CA PHE I 46 35.21 9.55 -28.45
C PHE I 46 35.43 9.23 -29.94
N ILE I 47 35.75 10.25 -30.73
CA ILE I 47 35.93 10.09 -32.16
C ILE I 47 37.36 10.20 -32.64
N TYR I 48 38.20 10.91 -31.90
CA TYR I 48 39.59 11.13 -32.28
C TYR I 48 40.58 10.45 -31.35
N GLU I 49 41.30 9.46 -31.88
CA GLU I 49 42.26 8.73 -31.07
C GLU I 49 43.36 9.65 -30.61
N GLY I 50 43.61 10.71 -31.39
CA GLY I 50 44.64 11.67 -31.07
C GLY I 50 44.31 12.52 -29.85
N SER I 51 43.04 12.62 -29.51
CA SER I 51 42.63 13.40 -28.35
C SER I 51 43.34 12.87 -27.11
N SER I 52 43.89 13.76 -26.31
CA SER I 52 44.59 13.36 -25.10
C SER I 52 43.58 12.80 -24.10
N ASP I 53 42.32 13.14 -24.36
CA ASP I 53 41.20 12.74 -23.54
C ASP I 53 40.55 11.46 -24.06
N PHE I 54 40.97 11.01 -25.24
CA PHE I 54 40.38 9.83 -25.85
C PHE I 54 39.96 8.72 -24.92
N SER I 55 38.70 8.35 -25.01
CA SER I 55 38.15 7.28 -24.19
C SER I 55 37.25 6.41 -25.05
N CYS I 56 36.98 5.22 -24.58
CA CYS I 56 36.14 4.30 -25.29
C CYS I 56 34.80 4.48 -24.58
N LEU I 57 33.68 4.50 -25.32
CA LEU I 57 32.37 4.66 -24.65
C LEU I 57 32.01 3.43 -23.80
N PRO I 58 31.52 3.66 -22.58
CA PRO I 58 31.13 2.58 -21.67
C PRO I 58 30.33 1.43 -22.28
N THR I 59 29.25 1.74 -23.00
CA THR I 59 28.43 0.69 -23.59
C THR I 59 29.14 -0.09 -24.69
N PHE I 60 30.40 0.25 -24.98
CA PHE I 60 31.14 -0.50 -25.99
C PHE I 60 31.31 -1.93 -25.45
N GLY I 61 31.16 -2.08 -24.15
CA GLY I 61 31.31 -3.37 -23.52
C GLY I 61 30.23 -4.31 -23.98
N VAL I 62 29.13 -3.77 -24.46
CA VAL I 62 28.02 -4.60 -24.94
C VAL I 62 28.52 -5.33 -26.16
N ILE I 63 29.39 -4.68 -26.93
CA ILE I 63 29.95 -5.29 -28.12
C ILE I 63 31.01 -6.33 -27.80
N ILE I 64 31.76 -6.10 -26.74
CA ILE I 64 32.79 -7.03 -26.32
C ILE I 64 32.19 -8.40 -26.00
N GLY I 65 31.12 -8.42 -25.21
CA GLY I 65 30.50 -9.70 -24.84
C GLY I 65 29.40 -10.17 -25.77
N GLN I 66 29.17 -9.38 -26.81
CA GLN I 66 28.13 -9.70 -27.77
C GLN I 66 28.50 -10.79 -28.78
N LYS I 67 29.78 -11.00 -29.07
CA LYS I 67 30.12 -12.00 -30.07
C LYS I 67 29.51 -13.38 -29.81
N SER I 68 28.71 -13.48 -28.76
CA SER I 68 28.09 -14.74 -28.41
C SER I 68 26.55 -14.65 -28.33
N MET I 69 26.02 -13.45 -28.46
CA MET I 69 24.56 -13.23 -28.42
C MET I 69 24.01 -13.53 -29.81
N MET I 70 24.82 -14.14 -30.66
CA MET I 70 24.39 -14.39 -32.03
C MET I 70 24.38 -15.85 -32.45
N GLY I 71 24.03 -16.11 -33.71
CA GLY I 71 23.98 -17.47 -34.21
C GLY I 71 25.16 -18.35 -33.85
N GLY I 72 26.36 -17.88 -34.19
CA GLY I 72 27.57 -18.63 -33.89
C GLY I 72 27.54 -19.20 -32.49
N GLY I 73 27.41 -18.32 -31.51
CA GLY I 73 27.36 -18.75 -30.13
C GLY I 73 26.12 -19.56 -29.75
N LEU I 74 24.93 -18.99 -29.97
CA LEU I 74 23.68 -19.64 -29.60
C LEU I 74 23.25 -20.83 -30.46
N ALA I 75 24.21 -21.58 -30.96
CA ALA I 75 23.92 -22.78 -31.73
C ALA I 75 24.51 -23.84 -30.80
N GLU I 76 25.63 -23.45 -30.21
CA GLU I 76 26.40 -24.28 -29.29
C GLU I 76 25.77 -24.43 -27.90
N ILE I 77 24.44 -24.60 -27.86
CA ILE I 77 23.72 -24.82 -26.61
C ILE I 77 23.04 -26.19 -26.80
N PRO I 78 23.62 -27.23 -26.18
CA PRO I 78 23.27 -28.66 -26.14
C PRO I 78 21.82 -29.10 -25.99
N GLY I 79 21.02 -28.90 -27.02
CA GLY I 79 19.65 -29.35 -26.91
C GLY I 79 18.70 -28.44 -27.65
N LEU I 80 19.12 -27.19 -27.78
CA LEU I 80 18.28 -26.23 -28.47
C LEU I 80 18.57 -26.28 -29.97
N SER I 81 17.54 -25.93 -30.76
CA SER I 81 17.62 -25.88 -32.22
C SER I 81 16.83 -24.62 -32.57
N ILE I 82 17.55 -23.50 -32.63
CA ILE I 82 16.94 -22.21 -32.87
C ILE I 82 16.86 -21.73 -34.32
N ASN I 83 15.90 -20.84 -34.57
CA ASN I 83 15.75 -20.18 -35.85
C ASN I 83 16.00 -18.72 -35.44
N PHE I 84 17.27 -18.39 -35.27
CA PHE I 84 17.69 -17.06 -34.85
C PHE I 84 16.78 -15.98 -35.42
N ALA I 85 16.33 -16.18 -36.65
CA ALA I 85 15.47 -15.21 -37.33
C ALA I 85 14.19 -14.94 -36.55
N LYS I 86 14.06 -15.60 -35.40
CA LYS I 86 12.88 -15.42 -34.56
C LYS I 86 13.36 -15.02 -33.17
N VAL I 87 14.67 -14.78 -33.05
CA VAL I 87 15.29 -14.40 -31.78
C VAL I 87 15.43 -12.90 -31.61
N LEU I 88 14.57 -12.32 -30.77
CA LEU I 88 14.60 -10.88 -30.53
C LEU I 88 15.43 -10.50 -29.30
N HIS I 89 15.87 -9.25 -29.25
CA HIS I 89 16.66 -8.77 -28.11
C HIS I 89 15.71 -8.06 -27.18
N GLY I 90 15.28 -8.71 -26.09
CA GLY I 90 14.32 -8.08 -25.19
C GLY I 90 14.82 -7.03 -24.21
N GLU I 91 15.90 -7.35 -23.51
CA GLU I 91 16.47 -6.43 -22.54
C GLU I 91 17.98 -6.58 -22.62
N GLN I 92 18.69 -5.65 -22.01
CA GLN I 92 20.14 -5.66 -22.00
C GLN I 92 20.62 -5.11 -20.69
N TYR I 93 21.72 -5.65 -20.20
CA TYR I 93 22.30 -5.17 -18.97
C TYR I 93 23.80 -5.24 -19.10
N LEU I 94 24.47 -4.18 -18.68
CA LEU I 94 25.92 -4.12 -18.73
C LEU I 94 26.44 -3.47 -17.46
N GLU I 95 27.49 -4.06 -16.90
CA GLU I 95 28.12 -3.54 -15.70
C GLU I 95 29.61 -3.51 -15.96
N LEU I 96 30.23 -2.38 -15.65
CA LEU I 96 31.66 -2.22 -15.88
C LEU I 96 32.41 -2.23 -14.57
N TYR I 97 33.06 -3.36 -14.28
CA TYR I 97 33.82 -3.50 -13.05
C TYR I 97 35.07 -2.64 -13.13
N LYS I 98 35.47 -2.31 -14.35
CA LYS I 98 36.63 -1.46 -14.58
C LYS I 98 36.48 -0.76 -15.90
N PRO I 99 36.91 0.51 -15.96
CA PRO I 99 36.81 1.28 -17.20
C PRO I 99 37.39 0.50 -18.37
N LEU I 100 36.67 0.49 -19.49
CA LEU I 100 37.15 -0.22 -20.66
C LEU I 100 38.33 0.54 -21.23
N PRO I 101 39.43 -0.18 -21.50
CA PRO I 101 40.68 0.35 -22.06
C PRO I 101 40.53 0.92 -23.46
N ARG I 102 41.45 1.79 -23.86
CA ARG I 102 41.38 2.40 -25.20
C ARG I 102 41.71 1.38 -26.28
N ALA I 103 41.98 0.16 -25.86
CA ALA I 103 42.29 -0.91 -26.79
C ALA I 103 42.65 -2.12 -25.94
N GLY I 104 42.72 -3.29 -26.55
CA GLY I 104 43.06 -4.48 -25.80
C GLY I 104 42.42 -5.77 -26.25
N LYS I 105 42.82 -6.85 -25.57
CA LYS I 105 42.32 -8.19 -25.84
C LYS I 105 41.59 -8.67 -24.60
N LEU I 106 40.51 -9.40 -24.80
CA LEU I 106 39.74 -9.89 -23.69
C LEU I 106 39.27 -11.30 -23.93
N LYS I 107 39.12 -12.04 -22.84
CA LYS I 107 38.66 -13.41 -22.90
C LYS I 107 37.22 -13.37 -22.38
N CYS I 108 36.29 -13.93 -23.13
CA CYS I 108 34.89 -13.92 -22.70
C CYS I 108 34.35 -15.30 -22.47
N GLU I 109 33.45 -15.40 -21.48
CA GLU I 109 32.80 -16.66 -21.15
C GLU I 109 31.29 -16.47 -21.00
N ALA I 110 30.55 -17.13 -21.88
CA ALA I 110 29.11 -17.07 -21.90
C ALA I 110 28.54 -18.17 -21.03
N VAL I 111 27.24 -18.09 -20.75
CA VAL I 111 26.50 -19.04 -19.92
C VAL I 111 25.01 -18.80 -20.18
N VAL I 112 24.18 -19.80 -19.92
CA VAL I 112 22.75 -19.59 -20.12
C VAL I 112 22.04 -19.53 -18.76
N ALA I 113 22.22 -18.45 -18.02
CA ALA I 113 21.64 -18.31 -16.70
C ALA I 113 20.23 -18.86 -16.48
N ASP I 114 19.42 -18.91 -17.53
CA ASP I 114 18.07 -19.42 -17.35
C ASP I 114 17.35 -19.51 -18.68
N VAL I 115 16.08 -19.84 -18.61
CA VAL I 115 15.21 -19.94 -19.78
C VAL I 115 13.85 -19.93 -19.16
N LEU I 116 12.96 -19.09 -19.65
CA LEU I 116 11.62 -19.02 -19.07
C LEU I 116 10.68 -19.08 -20.23
N ASP I 117 9.38 -19.21 -19.98
CA ASP I 117 8.48 -19.21 -21.11
C ASP I 117 7.42 -18.16 -20.88
N LYS I 118 7.31 -17.25 -21.84
CA LYS I 118 6.34 -16.17 -21.76
C LYS I 118 5.14 -16.47 -22.67
N GLY I 119 4.44 -17.56 -22.38
CA GLY I 119 3.31 -17.90 -23.22
C GLY I 119 3.76 -18.07 -24.65
N SER I 120 3.58 -17.06 -25.49
CA SER I 120 3.97 -17.17 -26.89
C SER I 120 5.39 -17.68 -27.08
N GLY I 121 6.36 -16.85 -26.74
CA GLY I 121 7.74 -17.26 -26.89
C GLY I 121 8.38 -17.66 -25.59
N VAL I 122 9.69 -17.85 -25.67
CA VAL I 122 10.52 -18.22 -24.53
C VAL I 122 11.66 -17.22 -24.42
N VAL I 123 12.01 -16.88 -23.19
CA VAL I 123 13.08 -15.95 -22.90
C VAL I 123 14.33 -16.68 -22.47
N ILE I 124 15.44 -16.42 -23.12
CA ILE I 124 16.66 -17.07 -22.70
C ILE I 124 17.56 -15.96 -22.16
N ILE I 125 18.09 -16.16 -20.97
CA ILE I 125 18.92 -15.16 -20.35
C ILE I 125 20.36 -15.61 -20.32
N MET I 126 21.19 -14.94 -21.09
CA MET I 126 22.60 -15.29 -21.14
C MET I 126 23.54 -14.29 -20.47
N ASP I 127 24.25 -14.73 -19.43
CA ASP I 127 25.26 -13.87 -18.80
C ASP I 127 26.58 -14.12 -19.52
N VAL I 128 27.39 -13.09 -19.71
CA VAL I 128 28.67 -13.31 -20.34
C VAL I 128 29.68 -12.38 -19.69
N TYR I 129 30.73 -12.96 -19.11
CA TYR I 129 31.76 -12.20 -18.43
C TYR I 129 33.01 -12.05 -19.27
N SER I 130 33.59 -10.86 -19.26
CA SER I 130 34.78 -10.61 -20.04
C SER I 130 35.93 -10.23 -19.11
N TYR I 131 37.03 -10.97 -19.20
CA TYR I 131 38.21 -10.73 -18.36
C TYR I 131 39.37 -10.22 -19.21
N SER I 132 40.31 -9.52 -18.57
CA SER I 132 41.46 -8.99 -19.28
C SER I 132 42.61 -9.97 -19.28
N GLU I 133 43.02 -10.32 -18.07
CA GLU I 133 44.11 -11.23 -17.79
C GLU I 133 44.23 -10.99 -16.30
N LYS I 134 43.63 -11.91 -15.53
CA LYS I 134 43.63 -11.77 -14.09
C LYS I 134 42.93 -10.44 -13.81
N GLU I 135 41.65 -10.37 -14.19
CA GLU I 135 40.83 -9.17 -14.01
C GLU I 135 39.47 -9.17 -14.71
N LEU I 136 38.42 -9.52 -13.99
CA LEU I 136 37.08 -9.45 -14.57
C LEU I 136 36.88 -7.97 -14.88
N ILE I 137 36.49 -7.65 -16.11
CA ILE I 137 36.28 -6.26 -16.48
C ILE I 137 34.83 -5.86 -16.64
N CYS I 138 34.06 -6.63 -17.41
CA CYS I 138 32.66 -6.28 -17.56
C CYS I 138 31.76 -7.48 -17.63
N HIS I 139 30.50 -7.25 -17.32
CA HIS I 139 29.50 -8.30 -17.31
C HIS I 139 28.29 -7.87 -18.12
N ASN I 140 27.89 -8.70 -19.09
CA ASN I 140 26.75 -8.44 -19.95
C ASN I 140 25.67 -9.47 -19.70
N GLN I 141 24.42 -9.04 -19.62
CA GLN I 141 23.32 -9.99 -19.48
C GLN I 141 22.30 -9.70 -20.59
N PHE I 142 22.42 -10.45 -21.69
CA PHE I 142 21.51 -10.30 -22.83
C PHE I 142 20.24 -11.09 -22.57
N SER I 143 19.10 -10.43 -22.69
CA SER I 143 17.82 -11.10 -22.49
C SER I 143 17.23 -11.25 -23.87
N LEU I 144 17.23 -12.48 -24.40
CA LEU I 144 16.71 -12.72 -25.75
C LEU I 144 15.33 -13.36 -25.70
N PHE I 145 14.55 -13.08 -26.74
CA PHE I 145 13.19 -13.59 -26.84
C PHE I 145 13.03 -14.30 -28.18
N LEU I 146 12.74 -15.61 -28.12
CA LEU I 146 12.51 -16.42 -29.32
C LEU I 146 11.01 -16.46 -29.55
N VAL I 147 10.56 -16.02 -30.71
CA VAL I 147 9.12 -16.00 -30.97
C VAL I 147 8.54 -17.39 -31.17
N GLY I 148 7.35 -17.58 -30.59
CA GLY I 148 6.60 -18.82 -30.70
C GLY I 148 7.12 -20.08 -30.01
N SER I 149 8.44 -20.23 -30.01
CA SER I 149 9.13 -21.38 -29.42
C SER I 149 8.41 -22.02 -28.23
N GLY I 150 8.61 -21.44 -27.04
CA GLY I 150 7.98 -21.97 -25.85
C GLY I 150 6.52 -22.36 -25.92
N GLY I 151 5.98 -22.67 -24.75
CA GLY I 151 4.60 -23.09 -24.64
C GLY I 151 4.64 -24.39 -23.86
N PHE I 152 5.73 -24.56 -23.11
CA PHE I 152 5.91 -25.74 -22.30
C PHE I 152 5.44 -25.47 -20.88
N GLY I 153 6.33 -25.67 -19.91
CA GLY I 153 5.94 -25.45 -18.54
C GLY I 153 7.09 -25.03 -17.64
N GLY I 154 7.80 -23.99 -18.06
CA GLY I 154 8.90 -23.49 -17.24
C GLY I 154 8.32 -22.66 -16.11
N LYS I 155 9.06 -21.65 -15.67
CA LYS I 155 8.60 -20.76 -14.59
C LYS I 155 8.44 -19.35 -15.14
N ARG I 156 7.74 -18.49 -14.40
CA ARG I 156 7.50 -17.12 -14.86
C ARG I 156 8.61 -16.15 -14.44
N THR I 157 9.26 -16.43 -13.31
CA THR I 157 10.34 -15.56 -12.84
C THR I 157 11.70 -16.26 -12.78
N SER I 158 12.75 -15.51 -12.43
CA SER I 158 14.10 -16.04 -12.32
C SER I 158 14.96 -15.14 -11.44
N ASP I 159 15.60 -15.75 -10.45
CA ASP I 159 16.45 -15.01 -9.53
C ASP I 159 17.85 -14.81 -10.09
N LYS I 160 18.04 -15.09 -11.38
CA LYS I 160 19.35 -14.93 -12.01
C LYS I 160 19.44 -13.65 -12.86
N VAL I 161 18.28 -13.07 -13.15
CA VAL I 161 18.18 -11.87 -13.98
C VAL I 161 18.10 -10.52 -13.24
N LYS I 162 18.93 -9.58 -13.72
CA LYS I 162 19.05 -8.20 -13.24
C LYS I 162 17.76 -7.47 -13.63
N VAL I 163 16.91 -7.22 -12.63
CA VAL I 163 15.62 -6.56 -12.85
C VAL I 163 15.65 -5.14 -13.44
N ALA I 164 14.62 -4.85 -14.24
CA ALA I 164 14.46 -3.52 -14.81
C ALA I 164 13.83 -2.70 -13.69
N VAL I 165 13.75 -1.38 -13.85
CA VAL I 165 13.20 -0.57 -12.78
C VAL I 165 12.26 0.48 -13.32
N ALA I 166 11.15 0.69 -12.61
CA ALA I 166 10.16 1.67 -13.01
C ALA I 166 10.71 3.08 -12.85
N ILE I 167 10.26 3.98 -13.70
CA ILE I 167 10.70 5.36 -13.65
C ILE I 167 9.94 6.14 -12.57
N PRO I 168 10.57 7.18 -12.02
CA PRO I 168 9.92 7.99 -10.98
C PRO I 168 8.59 8.58 -11.47
N ASN I 169 7.64 8.71 -10.56
CA ASN I 169 6.35 9.26 -10.92
C ASN I 169 6.35 10.77 -10.75
N ARG I 170 7.03 11.45 -11.67
CA ARG I 170 7.14 12.91 -11.67
C ARG I 170 7.78 13.35 -12.98
N PRO I 171 7.51 14.59 -13.43
CA PRO I 171 8.15 15.00 -14.70
C PRO I 171 9.68 14.81 -14.63
N PRO I 172 10.28 14.42 -15.78
CA PRO I 172 11.71 14.17 -15.97
C PRO I 172 12.55 15.36 -15.58
N ASP I 173 13.75 15.10 -15.08
CA ASP I 173 14.63 16.18 -14.69
C ASP I 173 15.27 16.81 -15.91
N ALA I 174 15.40 16.01 -16.96
CA ALA I 174 16.00 16.49 -18.21
C ALA I 174 15.68 15.54 -19.35
N VAL I 175 15.59 16.08 -20.55
CA VAL I 175 15.32 15.26 -21.71
C VAL I 175 16.05 15.84 -22.91
N LEU I 176 16.95 15.05 -23.48
CA LEU I 176 17.73 15.45 -24.64
C LEU I 176 17.28 14.66 -25.87
N THR I 177 17.28 15.32 -27.02
CA THR I 177 16.87 14.65 -28.26
C THR I 177 18.06 14.36 -29.16
N ASP I 178 17.95 13.31 -29.96
CA ASP I 178 19.00 12.90 -30.89
C ASP I 178 18.37 12.55 -32.21
N THR I 179 18.98 13.04 -33.28
CA THR I 179 18.46 12.74 -34.60
C THR I 179 19.17 11.56 -35.19
N THR I 180 18.44 10.50 -35.48
CA THR I 180 19.04 9.33 -36.07
C THR I 180 19.23 9.49 -37.56
N SER I 181 20.31 8.94 -38.08
CA SER I 181 20.61 9.01 -39.51
C SER I 181 19.87 7.95 -40.32
N LEU I 182 19.64 8.25 -41.57
CA LEU I 182 18.96 7.31 -42.41
C LEU I 182 19.81 6.05 -42.50
N ASN I 183 21.11 6.21 -42.23
CA ASN I 183 22.08 5.11 -42.29
C ASN I 183 22.57 4.65 -40.93
N GLN I 184 21.90 5.09 -39.87
CA GLN I 184 22.33 4.72 -38.55
C GLN I 184 22.57 3.23 -38.42
N ALA I 185 21.61 2.43 -38.88
CA ALA I 185 21.73 0.99 -38.78
C ALA I 185 22.86 0.48 -39.66
N ALA I 186 22.98 1.05 -40.86
CA ALA I 186 24.03 0.65 -41.80
C ALA I 186 25.41 0.83 -41.20
N LEU I 187 25.56 1.82 -40.32
CA LEU I 187 26.84 2.06 -39.68
C LEU I 187 27.01 1.24 -38.41
N TYR I 188 25.97 1.23 -37.58
CA TYR I 188 26.02 0.51 -36.32
C TYR I 188 26.26 -0.99 -36.52
N ARG I 189 25.68 -1.55 -37.57
CA ARG I 189 25.88 -2.98 -37.79
C ARG I 189 27.35 -3.35 -37.98
N LEU I 190 28.17 -2.41 -38.46
CA LEU I 190 29.59 -2.68 -38.66
C LEU I 190 30.27 -3.04 -37.35
N SER I 191 29.56 -2.92 -36.25
CA SER I 191 30.14 -3.24 -34.96
C SER I 191 29.84 -4.65 -34.53
N GLY I 192 29.34 -5.47 -35.45
CA GLY I 192 29.08 -6.84 -35.07
C GLY I 192 27.74 -7.48 -35.37
N ASP I 193 26.64 -6.84 -35.01
CA ASP I 193 25.33 -7.44 -35.26
C ASP I 193 24.96 -7.25 -36.74
N TRP I 194 25.14 -8.28 -37.55
CA TRP I 194 24.81 -8.17 -38.96
C TRP I 194 23.42 -8.63 -39.32
N ASN I 195 22.57 -8.81 -38.34
CA ASN I 195 21.21 -9.28 -38.62
C ASN I 195 20.57 -8.50 -39.77
N PRO I 196 20.08 -9.20 -40.80
CA PRO I 196 19.45 -8.58 -41.97
C PRO I 196 18.28 -7.73 -41.61
N LEU I 197 17.71 -8.01 -40.44
CA LEU I 197 16.55 -7.30 -39.94
C LEU I 197 16.76 -5.78 -39.90
N HIS I 198 18.01 -5.36 -39.78
CA HIS I 198 18.30 -3.94 -39.70
C HIS I 198 18.74 -3.29 -40.99
N ILE I 199 18.71 -4.03 -42.09
CA ILE I 199 19.12 -3.43 -43.35
C ILE I 199 18.49 -4.02 -44.60
N ASP I 200 18.24 -5.34 -44.58
CA ASP I 200 17.61 -6.03 -45.69
C ASP I 200 16.11 -5.77 -45.67
N PRO I 201 15.61 -5.05 -46.68
CA PRO I 201 14.19 -4.73 -46.76
C PRO I 201 13.26 -5.94 -46.65
N ASN I 202 13.54 -7.02 -47.37
CA ASN I 202 12.68 -8.22 -47.30
C ASN I 202 12.72 -8.92 -45.96
N PHE I 203 13.90 -9.12 -45.39
CA PHE I 203 13.97 -9.79 -44.11
C PHE I 203 13.18 -9.00 -43.07
N ALA I 204 12.93 -7.73 -43.34
CA ALA I 204 12.19 -6.87 -42.42
C ALA I 204 10.69 -7.14 -42.44
N SER I 205 10.05 -6.94 -43.59
CA SER I 205 8.62 -7.20 -43.76
C SER I 205 8.45 -8.68 -44.06
N LEU I 206 8.75 -9.47 -43.04
CA LEU I 206 8.68 -10.92 -43.11
C LEU I 206 8.85 -11.27 -41.67
N ALA I 207 9.63 -10.44 -40.98
CA ALA I 207 9.85 -10.58 -39.56
C ALA I 207 8.70 -9.80 -38.97
N GLY I 208 7.90 -9.20 -39.85
CA GLY I 208 6.73 -8.44 -39.45
C GLY I 208 6.94 -6.98 -39.12
N PHE I 209 7.64 -6.26 -39.99
CA PHE I 209 7.94 -4.84 -39.78
C PHE I 209 7.76 -4.04 -41.07
N ASP I 210 7.51 -2.74 -40.96
CA ASP I 210 7.30 -1.92 -42.16
C ASP I 210 8.53 -1.81 -43.05
N LYS I 211 9.71 -1.78 -42.43
CA LYS I 211 10.94 -1.67 -43.19
C LYS I 211 12.08 -2.02 -42.25
N PRO I 212 13.32 -1.73 -42.63
CA PRO I 212 14.35 -2.12 -41.66
C PRO I 212 14.31 -1.26 -40.41
N ILE I 213 14.64 -1.86 -39.28
CA ILE I 213 14.63 -1.16 -38.00
C ILE I 213 16.03 -0.99 -37.44
N LEU I 214 16.19 0.02 -36.59
CA LEU I 214 17.48 0.31 -35.97
C LEU I 214 17.71 -0.72 -34.88
N HIS I 215 18.97 -1.09 -34.67
CA HIS I 215 19.32 -2.08 -33.65
C HIS I 215 18.90 -1.55 -32.28
N GLY I 216 18.33 -2.41 -31.45
CA GLY I 216 17.92 -1.96 -30.13
C GLY I 216 19.11 -1.45 -29.36
N LEU I 217 20.23 -2.16 -29.46
CA LEU I 217 21.45 -1.76 -28.78
C LEU I 217 22.00 -0.43 -29.26
N CYS I 218 21.58 0.04 -30.44
CA CYS I 218 22.04 1.32 -30.96
C CYS I 218 21.34 2.47 -30.24
N THR I 219 20.02 2.34 -30.13
CA THR I 219 19.20 3.35 -29.43
C THR I 219 19.74 3.41 -28.00
N PHE I 220 20.01 2.23 -27.48
CA PHE I 220 20.57 2.02 -26.15
C PHE I 220 21.86 2.83 -26.03
N GLY I 221 22.74 2.68 -27.01
CA GLY I 221 24.00 3.41 -27.02
C GLY I 221 23.78 4.91 -26.95
N PHE I 222 22.84 5.39 -27.74
CA PHE I 222 22.48 6.81 -27.79
C PHE I 222 22.08 7.31 -26.38
N SER I 223 20.97 6.78 -25.87
CA SER I 223 20.51 7.21 -24.57
C SER I 223 21.61 7.09 -23.54
N ALA I 224 22.31 5.95 -23.52
CA ALA I 224 23.36 5.76 -22.52
C ALA I 224 24.41 6.85 -22.64
N ARG I 225 24.74 7.18 -23.89
CA ARG I 225 25.74 8.21 -24.17
C ARG I 225 25.29 9.55 -23.63
N ARG I 226 24.00 9.84 -23.75
CA ARG I 226 23.46 11.10 -23.28
C ARG I 226 23.47 11.14 -21.78
N VAL I 227 23.07 10.05 -21.13
CA VAL I 227 23.07 10.06 -19.67
C VAL I 227 24.49 10.33 -19.22
N LEU I 228 25.46 9.72 -19.89
CA LEU I 228 26.86 9.89 -19.53
C LEU I 228 27.28 11.35 -19.56
N GLN I 229 26.88 12.06 -20.61
CA GLN I 229 27.27 13.45 -20.70
C GLN I 229 26.41 14.41 -19.89
N GLN I 230 25.18 14.02 -19.59
CA GLN I 230 24.31 14.91 -18.82
C GLN I 230 24.51 14.83 -17.32
N PHE I 231 24.71 13.63 -16.80
CA PHE I 231 24.86 13.47 -15.36
C PHE I 231 26.19 12.94 -14.88
N ALA I 232 27.19 12.88 -15.75
CA ALA I 232 28.50 12.37 -15.34
C ALA I 232 29.65 13.08 -16.02
N ASP I 233 29.38 14.22 -16.64
CA ASP I 233 30.42 14.99 -17.32
C ASP I 233 31.30 14.18 -18.26
N ASN I 234 30.70 13.31 -19.08
CA ASN I 234 31.49 12.51 -20.00
C ASN I 234 32.65 11.79 -19.31
N ASP I 235 32.53 11.57 -18.01
CA ASP I 235 33.59 10.90 -17.29
C ASP I 235 33.37 9.38 -17.32
N VAL I 236 33.87 8.77 -18.37
CA VAL I 236 33.74 7.33 -18.56
C VAL I 236 33.92 6.51 -17.29
N SER I 237 34.82 6.96 -16.42
CA SER I 237 35.10 6.24 -15.19
C SER I 237 33.95 6.17 -14.21
N ARG I 238 33.02 7.12 -14.29
CA ARG I 238 31.89 7.14 -13.36
C ARG I 238 30.71 6.29 -13.80
N PHE I 239 30.83 5.72 -14.99
CA PHE I 239 29.77 4.90 -15.55
C PHE I 239 29.92 3.46 -15.05
N LYS I 240 29.10 3.10 -14.07
CA LYS I 240 29.20 1.77 -13.48
C LYS I 240 28.37 0.69 -14.13
N ALA I 241 27.08 0.95 -14.35
CA ALA I 241 26.21 -0.05 -14.97
C ALA I 241 24.95 0.55 -15.56
N VAL I 242 24.36 -0.18 -16.51
CA VAL I 242 23.10 0.24 -17.12
C VAL I 242 22.22 -0.97 -17.32
N LYS I 243 20.91 -0.73 -17.25
CA LYS I 243 19.91 -1.75 -17.45
C LYS I 243 18.83 -1.12 -18.30
N ALA I 244 18.36 -1.84 -19.32
CA ALA I 244 17.33 -1.28 -20.17
C ALA I 244 16.44 -2.35 -20.74
N ARG I 245 15.17 -2.00 -20.98
CA ARG I 245 14.21 -2.92 -21.56
C ARG I 245 13.77 -2.36 -22.91
N PHE I 246 13.81 -3.21 -23.93
CA PHE I 246 13.43 -2.74 -25.24
C PHE I 246 11.94 -2.86 -25.46
N ALA I 247 11.36 -1.85 -26.09
CA ALA I 247 9.92 -1.83 -26.38
C ALA I 247 9.68 -1.70 -27.88
N LYS I 248 8.94 -0.69 -28.30
CA LYS I 248 8.65 -0.50 -29.71
C LYS I 248 9.91 -0.22 -30.53
N PRO I 249 9.87 -0.47 -31.84
CA PRO I 249 10.96 -0.27 -32.80
C PRO I 249 11.28 1.19 -33.09
N VAL I 250 12.46 1.42 -33.66
CA VAL I 250 12.90 2.75 -34.04
C VAL I 250 13.35 2.60 -35.49
N TYR I 251 13.02 3.56 -36.35
CA TYR I 251 13.45 3.44 -37.73
C TYR I 251 14.50 4.48 -38.03
N PRO I 252 15.61 4.05 -38.64
CA PRO I 252 16.70 4.96 -38.97
C PRO I 252 16.14 6.24 -39.55
N GLY I 253 16.49 7.35 -38.93
CA GLY I 253 16.00 8.63 -39.41
C GLY I 253 15.10 9.28 -38.39
N GLN I 254 14.40 8.47 -37.61
CA GLN I 254 13.51 9.04 -36.63
C GLN I 254 14.33 9.76 -35.58
N THR I 255 13.65 10.48 -34.69
CA THR I 255 14.30 11.25 -33.65
C THR I 255 14.08 10.68 -32.24
N LEU I 256 15.18 10.36 -31.58
CA LEU I 256 15.11 9.83 -30.23
C LEU I 256 14.92 10.93 -29.19
N GLN I 257 14.25 10.57 -28.09
CA GLN I 257 13.97 11.50 -27.01
C GLN I 257 14.31 10.75 -25.72
N THR I 258 15.45 11.07 -25.12
CA THR I 258 15.85 10.39 -23.90
C THR I 258 15.46 11.18 -22.65
N GLU I 259 14.48 10.66 -21.90
CA GLU I 259 14.01 11.30 -20.68
C GLU I 259 14.78 10.75 -19.50
N MET I 260 15.24 11.63 -18.62
CA MET I 260 16.06 11.23 -17.48
C MET I 260 15.58 11.78 -16.14
N TRP I 261 15.74 10.95 -15.11
CA TRP I 261 15.39 11.29 -13.73
C TRP I 261 16.60 10.98 -12.84
N LYS I 262 17.07 11.99 -12.10
CA LYS I 262 18.20 11.75 -11.22
C LYS I 262 17.71 11.44 -9.82
N GLU I 263 18.04 10.24 -9.36
CA GLU I 263 17.66 9.78 -8.03
C GLU I 263 18.96 9.34 -7.35
N GLY I 264 19.70 10.30 -6.80
CA GLY I 264 20.96 9.97 -6.14
C GLY I 264 22.01 9.66 -7.19
N ASN I 265 22.56 8.45 -7.14
CA ASN I 265 23.57 8.05 -8.12
C ASN I 265 22.99 7.21 -9.25
N ARG I 266 21.69 7.02 -9.24
CA ARG I 266 21.03 6.26 -10.28
C ARG I 266 20.25 7.20 -11.16
N ILE I 267 20.54 7.19 -12.45
CA ILE I 267 19.83 8.06 -13.37
C ILE I 267 18.85 7.17 -14.10
N HIS I 268 17.57 7.32 -13.80
CA HIS I 268 16.54 6.54 -14.46
C HIS I 268 16.31 7.16 -15.82
N PHE I 269 15.99 6.35 -16.82
CA PHE I 269 15.70 6.92 -18.13
C PHE I 269 14.74 6.11 -18.95
N GLN I 270 14.10 6.80 -19.87
CA GLN I 270 13.11 6.23 -20.77
C GLN I 270 13.42 6.86 -22.13
N THR I 271 13.25 6.12 -23.23
CA THR I 271 13.52 6.69 -24.54
C THR I 271 12.30 6.59 -25.46
N LYS I 272 12.00 7.68 -26.15
CA LYS I 272 10.84 7.71 -27.04
C LYS I 272 11.24 8.15 -28.42
N VAL I 273 10.28 8.13 -29.34
CA VAL I 273 10.53 8.61 -30.69
C VAL I 273 9.64 9.83 -30.90
N GLN I 274 10.23 11.02 -30.78
CA GLN I 274 9.50 12.27 -30.95
C GLN I 274 9.03 12.27 -32.39
N GLU I 275 7.77 11.93 -32.63
CA GLU I 275 7.22 11.85 -33.98
C GLU I 275 6.01 10.98 -33.85
N THR I 276 6.13 9.96 -33.00
CA THR I 276 5.05 9.04 -32.75
C THR I 276 4.84 9.01 -31.26
N GLY I 277 5.84 9.44 -30.52
CA GLY I 277 5.69 9.43 -29.09
C GLY I 277 5.81 8.04 -28.49
N ASP I 278 6.04 7.04 -29.33
CA ASP I 278 6.18 5.68 -28.83
C ASP I 278 7.37 5.53 -27.91
N ILE I 279 7.24 4.63 -26.93
CA ILE I 279 8.33 4.36 -26.00
C ILE I 279 9.13 3.19 -26.56
N VAL I 280 10.41 3.43 -26.84
CA VAL I 280 11.27 2.41 -27.42
C VAL I 280 12.19 1.73 -26.40
N ILE I 281 12.46 2.40 -25.29
CA ILE I 281 13.30 1.83 -24.23
C ILE I 281 12.63 2.23 -22.93
N SER I 282 12.35 1.26 -22.08
CA SER I 282 11.66 1.52 -20.82
C SER I 282 12.32 0.94 -19.57
N ASN I 283 11.88 1.45 -18.43
CA ASN I 283 12.35 1.00 -17.15
C ASN I 283 13.85 0.84 -17.11
N ALA I 284 14.56 1.79 -17.70
CA ALA I 284 16.01 1.73 -17.73
C ALA I 284 16.65 2.63 -16.71
N TYR I 285 17.95 2.47 -16.54
CA TYR I 285 18.71 3.28 -15.59
C TYR I 285 20.18 3.05 -15.83
N VAL I 286 20.99 3.86 -15.17
CA VAL I 286 22.44 3.75 -15.26
C VAL I 286 22.99 4.21 -13.91
N ASP I 287 23.80 3.38 -13.26
CA ASP I 287 24.35 3.77 -11.98
C ASP I 287 25.68 4.49 -12.17
N LEU I 288 25.83 5.61 -11.50
CA LEU I 288 27.05 6.39 -11.58
C LEU I 288 27.82 6.29 -10.26
N ALA I 289 29.12 6.56 -10.32
CA ALA I 289 29.94 6.56 -9.12
C ALA I 289 29.92 8.01 -8.62
N GLY J 12 64.97 4.89 -60.22
CA GLY J 12 64.62 4.41 -58.84
C GLY J 12 64.30 2.92 -58.69
N GLN J 13 64.81 2.32 -57.62
CA GLN J 13 64.63 0.89 -57.35
C GLN J 13 63.31 0.57 -56.68
N LYS J 14 63.13 -0.70 -56.28
CA LYS J 14 61.89 -1.15 -55.65
C LYS J 14 61.63 -0.51 -54.29
N LEU J 15 60.77 -1.14 -53.49
CA LEU J 15 60.43 -0.66 -52.14
C LEU J 15 60.02 -1.87 -51.30
N PRO J 16 60.09 -1.76 -49.97
CA PRO J 16 59.72 -2.89 -49.09
C PRO J 16 58.30 -3.30 -49.35
N PRO J 17 58.10 -4.54 -49.81
CA PRO J 17 56.77 -5.09 -50.11
C PRO J 17 55.91 -5.26 -48.85
N PHE J 18 54.60 -5.12 -49.01
CA PHE J 18 53.65 -5.25 -47.91
C PHE J 18 52.38 -5.86 -48.46
N SER J 19 51.39 -6.04 -47.60
CA SER J 19 50.12 -6.64 -48.02
C SER J 19 48.90 -6.09 -47.30
N TYR J 20 47.79 -5.99 -48.01
CA TYR J 20 46.53 -5.51 -47.40
C TYR J 20 45.51 -6.66 -47.48
N ALA J 21 44.97 -7.07 -46.33
CA ALA J 21 43.96 -8.10 -46.32
C ALA J 21 42.70 -7.40 -45.85
N TYR J 22 41.54 -7.77 -46.38
CA TYR J 22 40.31 -7.12 -45.96
C TYR J 22 39.15 -8.07 -46.12
N THR J 23 38.02 -7.68 -45.55
CA THR J 23 36.80 -8.47 -45.62
C THR J 23 35.70 -7.50 -46.05
N GLU J 24 34.48 -7.99 -46.18
CA GLU J 24 33.39 -7.14 -46.59
C GLU J 24 33.29 -5.92 -45.68
N LEU J 25 33.63 -6.10 -44.41
CA LEU J 25 33.59 -5.00 -43.45
C LEU J 25 34.38 -3.78 -43.94
N GLU J 26 35.69 -3.93 -44.08
CA GLU J 26 36.52 -2.83 -44.56
C GLU J 26 35.97 -2.21 -45.85
N ALA J 27 35.36 -3.05 -46.69
CA ALA J 27 34.83 -2.58 -47.96
C ALA J 27 33.61 -1.70 -47.73
N ILE J 28 32.66 -2.21 -46.94
CA ILE J 28 31.45 -1.45 -46.64
C ILE J 28 31.83 -0.15 -45.91
N MET J 29 32.78 -0.24 -44.98
CA MET J 29 33.22 0.92 -44.25
C MET J 29 33.70 1.98 -45.25
N TYR J 30 34.46 1.57 -46.26
CA TYR J 30 34.93 2.51 -47.25
C TYR J 30 33.76 3.11 -48.01
N ALA J 31 32.82 2.27 -48.46
CA ALA J 31 31.64 2.73 -49.21
C ALA J 31 30.83 3.77 -48.44
N LEU J 32 30.60 3.52 -47.16
CA LEU J 32 29.87 4.48 -46.35
C LEU J 32 30.66 5.79 -46.29
N GLY J 33 31.92 5.70 -45.89
CA GLY J 33 32.75 6.87 -45.78
C GLY J 33 32.91 7.61 -47.09
N VAL J 34 32.54 6.95 -48.18
CA VAL J 34 32.72 7.59 -49.46
C VAL J 34 31.39 8.04 -50.09
N GLY J 35 30.30 7.96 -49.33
CA GLY J 35 29.03 8.41 -49.87
C GLY J 35 27.86 7.48 -50.07
N ALA J 36 28.09 6.18 -50.28
CA ALA J 36 26.99 5.25 -50.47
C ALA J 36 25.97 5.39 -49.34
N SER J 37 24.69 5.34 -49.68
CA SER J 37 23.65 5.50 -48.68
C SER J 37 22.51 4.54 -48.99
N ILE J 38 21.91 3.94 -47.96
CA ILE J 38 20.81 3.03 -48.23
C ILE J 38 19.55 3.79 -48.58
N LYS J 39 19.63 5.11 -48.63
CA LYS J 39 18.46 5.87 -49.01
C LYS J 39 18.17 5.48 -50.46
N ASP J 40 19.22 5.05 -51.16
CA ASP J 40 19.09 4.63 -52.55
C ASP J 40 19.21 3.11 -52.55
N PRO J 41 18.13 2.42 -52.89
CA PRO J 41 18.13 0.95 -52.92
C PRO J 41 19.28 0.35 -53.71
N LYS J 42 19.65 1.00 -54.81
CA LYS J 42 20.74 0.47 -55.63
C LYS J 42 22.07 0.43 -54.90
N ASP J 43 22.20 1.22 -53.83
CA ASP J 43 23.43 1.29 -53.05
C ASP J 43 23.55 0.15 -52.06
N LEU J 44 22.47 -0.59 -51.87
CA LEU J 44 22.49 -1.72 -50.94
C LEU J 44 23.60 -2.67 -51.41
N LYS J 45 23.87 -2.64 -52.70
CA LYS J 45 24.89 -3.43 -53.34
C LYS J 45 26.30 -3.24 -52.75
N PHE J 46 26.58 -2.05 -52.24
CA PHE J 46 27.90 -1.73 -51.66
C PHE J 46 27.88 -1.63 -50.14
N ILE J 47 26.70 -1.68 -49.53
CA ILE J 47 26.58 -1.54 -48.10
C ILE J 47 26.21 -2.82 -47.34
N TYR J 48 25.52 -3.72 -48.02
CA TYR J 48 25.08 -4.96 -47.39
C TYR J 48 25.80 -6.18 -47.95
N GLU J 49 26.57 -6.87 -47.11
CA GLU J 49 27.30 -8.03 -47.57
C GLU J 49 26.31 -9.13 -47.97
N GLY J 50 25.13 -9.10 -47.37
CA GLY J 50 24.12 -10.10 -47.68
C GLY J 50 23.56 -9.97 -49.08
N SER J 51 23.68 -8.79 -49.66
CA SER J 51 23.17 -8.60 -51.00
C SER J 51 23.83 -9.61 -51.95
N SER J 52 23.01 -10.23 -52.81
CA SER J 52 23.52 -11.22 -53.75
C SER J 52 24.36 -10.51 -54.80
N ASP J 53 24.16 -9.20 -54.86
CA ASP J 53 24.83 -8.35 -55.81
C ASP J 53 26.09 -7.72 -55.20
N PHE J 54 26.27 -7.92 -53.90
CA PHE J 54 27.39 -7.31 -53.18
C PHE J 54 28.70 -7.20 -53.92
N SER J 55 29.20 -5.98 -54.01
CA SER J 55 30.45 -5.71 -54.69
C SER J 55 31.23 -4.72 -53.88
N CYS J 56 32.52 -4.67 -54.15
CA CYS J 56 33.42 -3.77 -53.46
C CYS J 56 33.58 -2.63 -54.46
N LEU J 57 33.59 -1.39 -53.97
CA LEU J 57 33.71 -0.26 -54.90
C LEU J 57 35.09 -0.21 -55.55
N PRO J 58 35.13 0.01 -56.87
CA PRO J 58 36.39 0.08 -57.61
C PRO J 58 37.51 0.90 -56.93
N THR J 59 37.22 2.15 -56.57
CA THR J 59 38.25 2.97 -55.94
C THR J 59 38.74 2.46 -54.61
N PHE J 60 38.18 1.36 -54.11
CA PHE J 60 38.66 0.80 -52.85
C PHE J 60 40.11 0.38 -53.05
N GLY J 61 40.50 0.22 -54.32
CA GLY J 61 41.84 -0.17 -54.68
C GLY J 61 42.84 0.86 -54.22
N VAL J 62 42.39 2.12 -54.13
CA VAL J 62 43.26 3.20 -53.69
C VAL J 62 43.69 2.91 -52.25
N ILE J 63 42.81 2.32 -51.48
CA ILE J 63 43.13 2.00 -50.11
C ILE J 63 44.06 0.82 -50.01
N ILE J 64 43.93 -0.12 -50.93
CA ILE J 64 44.77 -1.32 -50.94
C ILE J 64 46.24 -0.97 -51.12
N GLY J 65 46.53 -0.08 -52.06
CA GLY J 65 47.91 0.29 -52.31
C GLY J 65 48.34 1.52 -51.54
N GLN J 66 47.44 2.04 -50.73
CA GLN J 66 47.72 3.23 -49.95
C GLN J 66 48.51 2.91 -48.67
N LYS J 67 48.35 1.67 -48.16
CA LYS J 67 48.95 1.21 -46.89
C LYS J 67 50.43 1.45 -46.59
N SER J 68 51.27 1.38 -47.60
CA SER J 68 52.69 1.64 -47.39
C SER J 68 52.79 3.15 -47.48
N MET J 69 52.35 3.85 -46.45
CA MET J 69 52.37 5.29 -46.48
C MET J 69 51.44 5.82 -45.39
N MET J 70 50.93 4.91 -44.57
CA MET J 70 50.03 5.29 -43.49
C MET J 70 50.61 4.86 -42.14
N ILE J 82 62.64 9.02 -47.96
CA ILE J 82 61.30 9.58 -48.16
C ILE J 82 60.39 9.47 -46.93
N ASN J 83 59.86 10.62 -46.49
CA ASN J 83 58.96 10.66 -45.34
C ASN J 83 57.55 10.73 -45.87
N PHE J 84 56.89 9.58 -45.97
CA PHE J 84 55.52 9.50 -46.48
C PHE J 84 54.51 10.20 -45.54
N ALA J 85 55.06 10.89 -44.55
CA ALA J 85 54.25 11.62 -43.60
C ALA J 85 54.09 13.07 -44.06
N LYS J 86 55.15 13.60 -44.68
CA LYS J 86 55.18 14.97 -45.14
C LYS J 86 54.83 15.14 -46.61
N VAL J 87 54.59 14.04 -47.29
CA VAL J 87 54.32 14.09 -48.72
C VAL J 87 53.01 14.74 -49.13
N LEU J 88 53.05 15.48 -50.24
CA LEU J 88 51.82 16.09 -50.73
C LEU J 88 51.27 15.27 -51.89
N HIS J 89 49.98 14.91 -51.80
CA HIS J 89 49.31 14.11 -52.82
C HIS J 89 48.64 14.97 -53.90
N GLY J 90 49.29 15.02 -55.06
CA GLY J 90 48.80 15.82 -56.15
C GLY J 90 47.85 15.16 -57.12
N GLU J 91 48.13 13.93 -57.52
CA GLU J 91 47.26 13.25 -58.46
C GLU J 91 47.17 11.82 -58.02
N GLN J 92 46.22 11.09 -58.60
CA GLN J 92 46.00 9.70 -58.29
C GLN J 92 45.54 8.97 -59.54
N TYR J 93 45.97 7.73 -59.67
CA TYR J 93 45.59 6.89 -60.81
C TYR J 93 45.40 5.46 -60.34
N LEU J 94 44.28 4.87 -60.74
CA LEU J 94 43.99 3.50 -60.38
C LEU J 94 43.46 2.78 -61.59
N GLU J 95 43.94 1.55 -61.78
CA GLU J 95 43.51 0.72 -62.89
C GLU J 95 43.20 -0.65 -62.30
N LEU J 96 42.05 -1.20 -62.68
CA LEU J 96 41.64 -2.49 -62.17
C LEU J 96 41.74 -3.53 -63.25
N TYR J 97 42.76 -4.38 -63.17
CA TYR J 97 42.97 -5.43 -64.16
C TYR J 97 41.92 -6.50 -63.96
N LYS J 98 41.35 -6.52 -62.76
CA LYS J 98 40.31 -7.48 -62.42
C LYS J 98 39.45 -6.92 -61.33
N PRO J 99 38.14 -7.18 -61.38
CA PRO J 99 37.24 -6.67 -60.35
C PRO J 99 37.74 -7.03 -58.97
N LEU J 100 37.70 -6.08 -58.04
CA LEU J 100 38.16 -6.34 -56.69
C LEU J 100 37.17 -7.26 -56.01
N PRO J 101 37.67 -8.32 -55.38
CA PRO J 101 36.89 -9.33 -54.66
C PRO J 101 36.16 -8.75 -53.45
N ARG J 102 35.09 -9.42 -53.03
CA ARG J 102 34.31 -8.95 -51.87
C ARG J 102 35.11 -9.11 -50.59
N ALA J 103 36.31 -9.65 -50.71
CA ALA J 103 37.18 -9.85 -49.56
C ALA J 103 38.44 -10.53 -50.08
N GLY J 104 39.46 -10.63 -49.24
CA GLY J 104 40.66 -11.29 -49.68
C GLY J 104 41.97 -10.69 -49.21
N LYS J 105 43.04 -11.41 -49.54
CA LYS J 105 44.40 -11.02 -49.20
C LYS J 105 45.16 -10.66 -50.46
N LEU J 106 46.02 -9.66 -50.36
CA LEU J 106 46.77 -9.25 -51.53
C LEU J 106 48.18 -8.92 -51.16
N LYS J 107 49.09 -9.15 -52.10
CA LYS J 107 50.50 -8.84 -51.91
C LYS J 107 50.78 -7.59 -52.74
N CYS J 108 51.38 -6.58 -52.11
CA CYS J 108 51.65 -5.34 -52.83
C CYS J 108 53.13 -5.04 -52.97
N GLU J 109 53.49 -4.40 -54.07
CA GLU J 109 54.88 -4.05 -54.34
C GLU J 109 55.00 -2.64 -54.93
N ALA J 110 55.86 -1.80 -54.37
CA ALA J 110 56.00 -0.45 -54.91
C ALA J 110 57.33 -0.23 -55.60
N VAL J 111 57.43 0.91 -56.27
CA VAL J 111 58.61 1.33 -57.02
C VAL J 111 58.53 2.83 -57.22
N VAL J 112 59.67 3.49 -57.36
CA VAL J 112 59.66 4.93 -57.57
C VAL J 112 59.83 5.22 -59.04
N ALA J 113 58.92 4.65 -59.83
CA ALA J 113 58.92 4.80 -61.26
C ALA J 113 59.72 5.99 -61.80
N ASP J 114 59.44 7.20 -61.31
CA ASP J 114 60.17 8.38 -61.79
C ASP J 114 60.10 9.57 -60.82
N VAL J 115 61.05 10.49 -60.94
CA VAL J 115 61.11 11.68 -60.10
C VAL J 115 61.08 12.89 -61.02
N LEU J 116 60.91 14.09 -60.45
CA LEU J 116 60.89 15.32 -61.25
C LEU J 116 61.44 16.48 -60.41
N ASP J 117 61.20 17.72 -60.84
CA ASP J 117 61.68 18.90 -60.12
C ASP J 117 60.84 20.17 -60.37
N LYS J 118 60.57 20.91 -59.31
CA LYS J 118 59.78 22.14 -59.40
C LYS J 118 60.37 23.33 -58.62
N GLY J 119 61.49 23.14 -57.92
CA GLY J 119 62.07 24.22 -57.16
C GLY J 119 61.85 24.09 -55.66
N VAL J 122 59.85 18.88 -55.83
CA VAL J 122 60.19 17.60 -56.47
C VAL J 122 59.04 16.57 -56.53
N VAL J 123 58.26 16.62 -57.61
CA VAL J 123 57.19 15.65 -57.80
C VAL J 123 57.90 14.30 -57.80
N ILE J 124 57.30 13.29 -57.18
CA ILE J 124 57.92 11.96 -57.17
C ILE J 124 56.94 10.80 -57.44
N ILE J 125 56.73 10.51 -58.73
CA ILE J 125 55.83 9.45 -59.24
C ILE J 125 56.09 8.03 -58.70
N MET J 126 55.11 7.46 -58.01
CA MET J 126 55.25 6.12 -57.43
C MET J 126 54.16 5.14 -57.81
N ASP J 127 54.56 4.03 -58.43
CA ASP J 127 53.64 2.97 -58.85
C ASP J 127 53.62 1.85 -57.83
N VAL J 128 52.46 1.26 -57.62
CA VAL J 128 52.35 0.14 -56.69
C VAL J 128 51.33 -0.88 -57.23
N TYR J 129 51.83 -2.09 -57.47
CA TYR J 129 51.04 -3.18 -58.01
C TYR J 129 50.64 -4.15 -56.91
N SER J 130 49.39 -4.59 -56.94
CA SER J 130 48.87 -5.52 -55.95
C SER J 130 48.44 -6.82 -56.63
N TYR J 131 49.03 -7.92 -56.18
CA TYR J 131 48.72 -9.22 -56.75
C TYR J 131 47.92 -10.07 -55.79
N SER J 132 47.08 -10.91 -56.37
CA SER J 132 46.24 -11.81 -55.62
C SER J 132 47.10 -12.95 -55.14
N GLU J 133 47.74 -13.61 -56.10
CA GLU J 133 48.57 -14.77 -55.81
C GLU J 133 49.00 -15.32 -57.17
N GLU J 135 48.37 -13.12 -59.17
CA GLU J 135 47.66 -12.55 -60.32
C GLU J 135 47.47 -11.06 -60.12
N LEU J 136 48.02 -10.25 -61.04
CA LEU J 136 47.91 -8.80 -60.91
C LEU J 136 46.47 -8.33 -60.89
N ILE J 137 46.10 -7.62 -59.83
CA ILE J 137 44.74 -7.14 -59.70
C ILE J 137 44.55 -5.66 -59.99
N CYS J 138 45.32 -4.81 -59.31
CA CYS J 138 45.20 -3.38 -59.55
C CYS J 138 46.55 -2.67 -59.52
N HIS J 139 46.56 -1.51 -60.17
CA HIS J 139 47.75 -0.71 -60.26
C HIS J 139 47.43 0.71 -59.82
N ASN J 140 48.23 1.23 -58.90
CA ASN J 140 48.05 2.60 -58.39
C ASN J 140 49.27 3.44 -58.75
N GLN J 141 49.04 4.68 -59.19
CA GLN J 141 50.16 5.57 -59.46
C GLN J 141 49.94 6.85 -58.70
N PHE J 142 50.56 6.93 -57.52
CA PHE J 142 50.44 8.11 -56.67
C PHE J 142 51.44 9.17 -57.13
N SER J 143 50.94 10.36 -57.44
CA SER J 143 51.81 11.46 -57.85
C SER J 143 52.00 12.33 -56.62
N LEU J 144 53.15 12.17 -55.98
CA LEU J 144 53.43 12.92 -54.77
C LEU J 144 54.24 14.18 -55.04
N PHE J 145 54.50 14.95 -53.98
CA PHE J 145 55.26 16.20 -54.08
C PHE J 145 55.98 16.32 -52.75
N LEU J 146 57.21 16.83 -52.80
CA LEU J 146 58.00 16.95 -51.56
C LEU J 146 58.93 18.17 -51.54
N ARG J 156 61.47 17.94 -67.79
CA ARG J 156 60.18 18.58 -67.50
C ARG J 156 59.03 17.59 -67.30
N THR J 157 59.15 16.39 -67.85
CA THR J 157 58.08 15.39 -67.76
C THR J 157 58.57 13.94 -67.60
N SER J 158 57.70 12.99 -67.90
CA SER J 158 58.05 11.58 -67.80
C SER J 158 57.15 10.64 -68.60
N ASP J 159 57.76 9.83 -69.46
CA ASP J 159 57.02 8.88 -70.26
C ASP J 159 56.42 7.83 -69.32
N LYS J 160 56.86 7.84 -68.08
CA LYS J 160 56.38 6.87 -67.10
C LYS J 160 55.18 7.31 -66.23
N VAL J 161 54.62 8.49 -66.46
CA VAL J 161 53.51 8.96 -65.63
C VAL J 161 52.13 8.91 -66.25
N LYS J 162 51.11 8.75 -65.40
CA LYS J 162 49.74 8.69 -65.89
C LYS J 162 49.15 10.08 -65.90
N VAL J 163 49.23 10.73 -67.06
CA VAL J 163 48.76 12.09 -67.25
C VAL J 163 47.28 12.34 -66.98
N ALA J 164 47.00 13.51 -66.44
CA ALA J 164 45.62 13.92 -66.19
C ALA J 164 45.11 14.34 -67.57
N VAL J 165 43.81 14.64 -67.68
CA VAL J 165 43.25 15.01 -68.98
C VAL J 165 42.24 16.15 -68.88
N ALA J 166 42.35 17.07 -69.81
CA ALA J 166 41.46 18.22 -69.85
C ALA J 166 40.05 17.80 -70.18
N ILE J 167 39.09 18.50 -69.61
CA ILE J 167 37.69 18.18 -69.85
C ILE J 167 37.22 18.78 -71.17
N PRO J 168 36.22 18.14 -71.81
CA PRO J 168 35.68 18.61 -73.09
C PRO J 168 35.22 20.06 -73.00
N ASN J 169 35.38 20.79 -74.10
CA ASN J 169 34.98 22.18 -74.11
C ASN J 169 33.53 22.31 -74.57
N ARG J 170 32.60 21.92 -73.70
CA ARG J 170 31.17 21.97 -73.98
C ARG J 170 30.44 21.70 -72.67
N PRO J 171 29.19 22.16 -72.56
CA PRO J 171 28.49 21.88 -71.30
C PRO J 171 28.45 20.37 -70.99
N PRO J 172 28.55 20.01 -69.70
CA PRO J 172 28.54 18.64 -69.17
C PRO J 172 27.33 17.84 -69.62
N ASP J 173 27.52 16.54 -69.80
CA ASP J 173 26.41 15.69 -70.19
C ASP J 173 25.49 15.43 -69.01
N ALA J 174 26.06 15.46 -67.81
CA ALA J 174 25.30 15.23 -66.61
C ALA J 174 26.10 15.71 -65.43
N VAL J 175 25.40 16.11 -64.37
CA VAL J 175 26.07 16.56 -63.15
C VAL J 175 25.19 16.19 -61.96
N LEU J 176 25.74 15.36 -61.07
CA LEU J 176 25.03 14.89 -59.90
C LEU J 176 25.61 15.55 -58.66
N THR J 177 24.77 15.85 -57.67
CA THR J 177 25.24 16.48 -56.46
C THR J 177 25.24 15.50 -55.27
N ASP J 178 26.15 15.74 -54.33
CA ASP J 178 26.24 14.92 -53.14
C ASP J 178 26.46 15.78 -51.92
N THR J 179 25.69 15.52 -50.87
CA THR J 179 25.83 16.28 -49.67
C THR J 179 26.75 15.57 -48.71
N THR J 180 27.83 16.23 -48.35
CA THR J 180 28.80 15.66 -47.43
C THR J 180 28.31 15.82 -46.00
N SER J 181 28.65 14.85 -45.17
CA SER J 181 28.27 14.89 -43.76
C SER J 181 29.25 15.67 -42.91
N LEU J 182 28.76 16.22 -41.81
CA LEU J 182 29.64 16.97 -40.94
C LEU J 182 30.70 16.05 -40.41
N ASN J 183 30.43 14.75 -40.46
CA ASN J 183 31.38 13.75 -39.99
C ASN J 183 32.00 12.91 -41.10
N GLN J 184 31.84 13.32 -42.35
CA GLN J 184 32.38 12.57 -43.47
C GLN J 184 33.83 12.18 -43.22
N ALA J 185 34.65 13.14 -42.82
CA ALA J 185 36.06 12.87 -42.58
C ALA J 185 36.23 11.93 -41.41
N ALA J 186 35.47 12.16 -40.35
CA ALA J 186 35.56 11.33 -39.17
C ALA J 186 35.30 9.88 -39.50
N LEU J 187 34.48 9.63 -40.53
CA LEU J 187 34.18 8.25 -40.91
C LEU J 187 35.18 7.71 -41.93
N TYR J 188 35.46 8.50 -42.96
CA TYR J 188 36.38 8.08 -43.98
C TYR J 188 37.77 7.76 -43.46
N ARG J 189 38.20 8.47 -42.44
CA ARG J 189 39.53 8.23 -41.91
C ARG J 189 39.65 6.82 -41.34
N LEU J 190 38.54 6.23 -40.95
CA LEU J 190 38.56 4.89 -40.38
C LEU J 190 39.07 3.87 -41.40
N SER J 191 39.23 4.32 -42.63
CA SER J 191 39.70 3.44 -43.68
C SER J 191 41.20 3.48 -43.86
N GLY J 192 41.90 4.11 -42.93
CA GLY J 192 43.35 4.15 -43.05
C GLY J 192 44.10 5.46 -42.90
N ASP J 193 43.68 6.51 -43.59
CA ASP J 193 44.39 7.78 -43.51
C ASP J 193 44.02 8.50 -42.23
N TRP J 194 44.85 8.38 -41.21
CA TRP J 194 44.54 9.03 -39.95
C TRP J 194 45.10 10.45 -39.80
N ASN J 195 45.60 11.02 -40.88
CA ASN J 195 46.16 12.35 -40.79
C ASN J 195 45.27 13.31 -39.98
N PRO J 196 45.83 13.93 -38.93
CA PRO J 196 45.08 14.86 -38.08
C PRO J 196 44.51 16.05 -38.85
N LEU J 197 45.08 16.33 -40.01
CA LEU J 197 44.65 17.43 -40.84
C LEU J 197 43.16 17.36 -41.16
N HIS J 198 42.61 16.15 -41.11
CA HIS J 198 41.20 15.97 -41.42
C HIS J 198 40.27 15.89 -40.22
N ILE J 199 40.79 16.13 -39.03
CA ILE J 199 39.92 16.07 -37.87
C ILE J 199 40.30 16.93 -36.66
N ASP J 200 41.59 17.12 -36.39
CA ASP J 200 41.98 17.96 -35.25
C ASP J 200 41.83 19.44 -35.65
N PRO J 201 41.09 20.22 -34.85
CA PRO J 201 40.82 21.64 -35.08
C PRO J 201 42.04 22.56 -35.20
N ASN J 202 42.92 22.49 -34.21
CA ASN J 202 44.14 23.32 -34.13
C ASN J 202 45.01 23.11 -35.36
N PHE J 203 45.27 21.82 -35.60
CA PHE J 203 46.06 21.34 -36.72
C PHE J 203 45.62 22.01 -38.02
N ALA J 204 44.36 21.81 -38.39
CA ALA J 204 43.80 22.38 -39.61
C ALA J 204 43.94 23.92 -39.62
N SER J 205 43.79 24.51 -38.45
CA SER J 205 43.91 25.95 -38.35
C SER J 205 45.35 26.33 -38.65
N LEU J 206 46.26 25.79 -37.84
CA LEU J 206 47.69 25.99 -37.97
C LEU J 206 48.16 25.78 -39.41
N ALA J 207 47.51 24.83 -40.08
CA ALA J 207 47.79 24.45 -41.47
C ALA J 207 47.25 25.47 -42.46
N GLY J 208 46.54 26.46 -41.93
CA GLY J 208 45.99 27.49 -42.79
C GLY J 208 44.56 27.28 -43.23
N PHE J 209 43.89 26.28 -42.69
CA PHE J 209 42.49 26.02 -43.06
C PHE J 209 41.65 26.47 -41.88
N ASP J 210 40.39 26.80 -42.14
CA ASP J 210 39.53 27.26 -41.05
C ASP J 210 39.25 26.09 -40.16
N LYS J 211 38.63 25.09 -40.76
CA LYS J 211 38.32 23.87 -40.05
C LYS J 211 38.87 22.74 -40.90
N PRO J 212 39.21 21.60 -40.27
CA PRO J 212 39.76 20.39 -40.89
C PRO J 212 39.16 20.18 -42.27
N ILE J 213 39.92 19.57 -43.17
CA ILE J 213 39.44 19.34 -44.53
C ILE J 213 39.16 17.87 -44.79
N LEU J 214 38.32 17.63 -45.78
CA LEU J 214 37.96 16.27 -46.14
C LEU J 214 39.11 15.69 -46.93
N HIS J 215 39.37 14.40 -46.78
CA HIS J 215 40.44 13.75 -47.52
C HIS J 215 40.21 13.88 -49.02
N GLY J 216 41.27 14.18 -49.76
CA GLY J 216 41.09 14.31 -51.19
C GLY J 216 40.55 13.03 -51.79
N LEU J 217 41.07 11.89 -51.34
CA LEU J 217 40.64 10.60 -51.85
C LEU J 217 39.18 10.30 -51.57
N CYS J 218 38.59 11.00 -50.59
CA CYS J 218 37.19 10.78 -50.26
C CYS J 218 36.31 11.44 -51.31
N THR J 219 36.64 12.69 -51.64
CA THR J 219 35.92 13.43 -52.67
C THR J 219 36.05 12.60 -53.95
N PHE J 220 37.24 12.07 -54.13
CA PHE J 220 37.58 11.23 -55.27
C PHE J 220 36.60 10.05 -55.31
N GLY J 221 36.45 9.36 -54.16
CA GLY J 221 35.56 8.22 -54.07
C GLY J 221 34.15 8.58 -54.45
N PHE J 222 33.67 9.72 -53.94
CA PHE J 222 32.35 10.23 -54.26
C PHE J 222 32.13 10.31 -55.76
N SER J 223 32.86 11.22 -56.42
CA SER J 223 32.74 11.42 -57.86
C SER J 223 32.90 10.12 -58.63
N ALA J 224 33.92 9.35 -58.28
CA ALA J 224 34.13 8.09 -58.97
C ALA J 224 32.89 7.23 -58.83
N ARG J 225 32.33 7.17 -57.62
CA ARG J 225 31.13 6.38 -57.34
C ARG J 225 29.96 6.83 -58.21
N ARG J 226 29.85 8.13 -58.41
CA ARG J 226 28.78 8.68 -59.22
C ARG J 226 28.97 8.31 -60.67
N VAL J 227 30.20 8.47 -61.17
CA VAL J 227 30.46 8.11 -62.56
C VAL J 227 30.06 6.66 -62.78
N LEU J 228 30.44 5.81 -61.84
CA LEU J 228 30.13 4.39 -61.92
C LEU J 228 28.64 4.15 -62.08
N GLN J 229 27.82 4.86 -61.31
CA GLN J 229 26.39 4.64 -61.40
C GLN J 229 25.72 5.36 -62.54
N GLN J 230 26.31 6.46 -63.00
CA GLN J 230 25.70 7.22 -64.08
C GLN J 230 26.01 6.69 -65.47
N PHE J 231 27.23 6.24 -65.68
CA PHE J 231 27.59 5.75 -67.01
C PHE J 231 27.97 4.28 -67.10
N ALA J 232 27.76 3.52 -66.05
CA ALA J 232 28.14 2.11 -66.11
C ALA J 232 27.15 1.22 -65.36
N ASP J 233 26.00 1.77 -65.00
CA ASP J 233 24.99 0.99 -64.29
C ASP J 233 25.52 0.28 -63.05
N ASN J 234 26.30 0.96 -62.22
CA ASN J 234 26.82 0.32 -61.02
C ASN J 234 27.49 -1.03 -61.29
N ASP J 235 27.91 -1.26 -62.53
CA ASP J 235 28.55 -2.52 -62.87
C ASP J 235 30.04 -2.45 -62.58
N VAL J 236 30.41 -2.78 -61.36
CA VAL J 236 31.79 -2.74 -60.94
C VAL J 236 32.77 -3.28 -61.97
N SER J 237 32.36 -4.30 -62.71
CA SER J 237 33.23 -4.93 -63.71
C SER J 237 33.63 -4.04 -64.87
N ARG J 238 32.83 -3.04 -65.19
CA ARG J 238 33.12 -2.16 -66.30
C ARG J 238 34.04 -1.00 -65.92
N PHE J 239 34.36 -0.90 -64.64
CA PHE J 239 35.21 0.16 -64.15
C PHE J 239 36.67 -0.23 -64.33
N LYS J 240 37.30 0.27 -65.40
CA LYS J 240 38.70 -0.05 -65.69
C LYS J 240 39.77 0.81 -65.01
N ALA J 241 39.65 2.12 -65.11
CA ALA J 241 40.62 3.00 -64.49
C ALA J 241 40.12 4.42 -64.30
N VAL J 242 40.72 5.16 -63.36
CA VAL J 242 40.40 6.57 -63.10
C VAL J 242 41.68 7.34 -62.83
N LYS J 243 41.67 8.59 -63.27
CA LYS J 243 42.78 9.48 -63.10
C LYS J 243 42.18 10.80 -62.63
N ALA J 244 42.76 11.41 -61.60
CA ALA J 244 42.23 12.67 -61.10
C ALA J 244 43.31 13.56 -60.55
N ARG J 245 43.08 14.87 -60.61
CA ARG J 245 44.02 15.84 -60.08
C ARG J 245 43.30 16.59 -58.97
N PHE J 246 43.93 16.70 -57.81
CA PHE J 246 43.33 17.42 -56.71
C PHE J 246 43.61 18.90 -56.75
N ALA J 247 42.58 19.70 -56.48
CA ALA J 247 42.70 21.15 -56.50
C ALA J 247 42.36 21.73 -55.14
N LYS J 248 41.42 22.68 -55.10
CA LYS J 248 41.04 23.31 -53.84
C LYS J 248 40.46 22.30 -52.86
N PRO J 249 40.49 22.64 -51.54
CA PRO J 249 39.98 21.81 -50.44
C PRO J 249 38.47 21.72 -50.38
N VAL J 250 37.97 20.73 -49.62
CA VAL J 250 36.54 20.54 -49.42
C VAL J 250 36.40 20.38 -47.92
N TYR J 251 35.37 20.99 -47.35
CA TYR J 251 35.17 20.88 -45.91
C TYR J 251 33.96 20.02 -45.60
N PRO J 252 34.13 19.06 -44.69
CA PRO J 252 33.03 18.17 -44.32
C PRO J 252 31.76 18.96 -44.13
N GLY J 253 30.74 18.63 -44.91
CA GLY J 253 29.47 19.31 -44.80
C GLY J 253 29.14 20.03 -46.08
N GLN J 254 30.15 20.45 -46.82
CA GLN J 254 29.89 21.15 -48.07
C GLN J 254 29.26 20.19 -49.06
N THR J 255 28.79 20.73 -50.19
CA THR J 255 28.13 19.93 -51.20
C THR J 255 28.94 19.79 -52.48
N LEU J 256 29.23 18.55 -52.84
CA LEU J 256 30.02 18.24 -54.03
C LEU J 256 29.15 18.33 -55.28
N GLN J 257 29.79 18.64 -56.38
CA GLN J 257 29.11 18.75 -57.65
C GLN J 257 30.01 18.02 -58.68
N THR J 258 29.60 16.84 -59.11
CA THR J 258 30.40 16.10 -60.06
C THR J 258 29.90 16.30 -61.49
N GLU J 259 30.68 17.00 -62.30
CA GLU J 259 30.31 17.25 -63.70
C GLU J 259 30.92 16.18 -64.57
N MET J 260 30.13 15.62 -65.48
CA MET J 260 30.62 14.54 -66.34
C MET J 260 30.38 14.74 -67.83
N TRP J 261 31.32 14.25 -68.62
CA TRP J 261 31.26 14.33 -70.10
C TRP J 261 31.54 12.93 -70.63
N LYS J 262 30.62 12.39 -71.42
CA LYS J 262 30.86 11.08 -71.97
C LYS J 262 31.47 11.21 -73.37
N GLU J 263 32.67 10.67 -73.54
CA GLU J 263 33.39 10.70 -74.80
C GLU J 263 33.75 9.26 -75.10
N GLY J 264 32.82 8.52 -75.68
CA GLY J 264 33.11 7.14 -75.97
C GLY J 264 33.10 6.32 -74.69
N ASN J 265 34.21 5.67 -74.39
CA ASN J 265 34.28 4.85 -73.18
C ASN J 265 34.99 5.55 -72.06
N ARG J 266 35.33 6.80 -72.29
CA ARG J 266 36.00 7.59 -71.26
C ARG J 266 35.04 8.65 -70.76
N ILE J 267 34.81 8.65 -69.45
CA ILE J 267 33.91 9.64 -68.89
C ILE J 267 34.80 10.66 -68.23
N HIS J 268 34.84 11.86 -68.80
CA HIS J 268 35.63 12.94 -68.22
C HIS J 268 34.83 13.56 -67.09
N PHE J 269 35.49 13.99 -66.04
CA PHE J 269 34.77 14.61 -64.95
C PHE J 269 35.58 15.63 -64.18
N GLN J 270 34.85 16.53 -63.55
CA GLN J 270 35.40 17.62 -62.77
C GLN J 270 34.50 17.70 -61.54
N THR J 271 35.06 18.06 -60.39
CA THR J 271 34.25 18.15 -59.18
C THR J 271 34.36 19.53 -58.52
N LYS J 272 33.22 20.11 -58.16
CA LYS J 272 33.18 21.42 -57.55
C LYS J 272 32.43 21.38 -56.24
N VAL J 273 32.44 22.50 -55.55
CA VAL J 273 31.73 22.64 -54.29
C VAL J 273 30.64 23.67 -54.50
N GLN J 274 29.42 23.20 -54.78
CA GLN J 274 28.26 24.07 -54.99
C GLN J 274 28.10 24.82 -53.68
N GLU J 275 28.57 26.05 -53.63
CA GLU J 275 28.51 26.89 -52.44
C GLU J 275 29.53 27.96 -52.65
N THR J 276 30.67 27.54 -53.20
CA THR J 276 31.77 28.44 -53.49
C THR J 276 32.08 28.33 -54.96
N GLY J 277 31.64 27.23 -55.55
CA GLY J 277 31.90 27.03 -56.96
C GLY J 277 33.33 26.64 -57.24
N ASP J 278 34.14 26.49 -56.19
CA ASP J 278 35.54 26.10 -56.35
C ASP J 278 35.69 24.72 -56.97
N ILE J 279 36.73 24.55 -57.78
CA ILE J 279 36.99 23.26 -58.39
C ILE J 279 37.93 22.51 -57.46
N VAL J 280 37.47 21.36 -56.98
CA VAL J 280 38.24 20.55 -56.05
C VAL J 280 38.95 19.35 -56.70
N ILE J 281 38.44 18.90 -57.85
CA ILE J 281 39.04 17.81 -58.59
C ILE J 281 38.98 18.20 -60.05
N SER J 282 40.14 18.18 -60.71
CA SER J 282 40.19 18.58 -62.11
C SER J 282 40.87 17.60 -63.05
N ASN J 283 40.60 17.82 -64.33
CA ASN J 283 41.19 17.04 -65.40
C ASN J 283 41.14 15.55 -65.13
N ALA J 284 40.03 15.10 -64.59
CA ALA J 284 39.89 13.69 -64.25
C ALA J 284 39.09 12.93 -65.29
N TYR J 285 39.13 11.62 -65.19
CA TYR J 285 38.38 10.75 -66.09
C TYR J 285 38.36 9.35 -65.52
N VAL J 286 37.54 8.49 -66.12
CA VAL J 286 37.43 7.11 -65.72
C VAL J 286 37.11 6.33 -66.99
N ASP J 287 37.90 5.29 -67.25
CA ASP J 287 37.69 4.49 -68.45
C ASP J 287 36.79 3.31 -68.17
N LEU J 288 35.75 3.15 -68.99
CA LEU J 288 34.81 2.05 -68.83
C LEU J 288 34.99 1.03 -69.94
N ALA J 289 34.37 -0.13 -69.74
CA ALA J 289 34.42 -1.20 -70.73
C ALA J 289 33.12 -1.20 -71.52
N ILE K 11 -18.37 29.98 -71.18
CA ILE K 11 -17.43 29.84 -70.04
C ILE K 11 -17.20 28.36 -69.66
N GLY K 12 -17.71 27.49 -70.54
CA GLY K 12 -17.62 26.03 -70.40
C GLY K 12 -18.11 25.50 -71.74
N GLN K 13 -17.98 24.19 -71.98
CA GLN K 13 -18.42 23.58 -73.24
C GLN K 13 -18.19 22.07 -73.30
N LYS K 14 -18.07 21.55 -74.53
CA LYS K 14 -17.83 20.13 -74.82
C LYS K 14 -17.74 20.00 -76.36
N LEU K 15 -16.58 19.56 -76.87
CA LEU K 15 -16.33 19.46 -78.32
C LEU K 15 -16.56 18.12 -79.03
N PRO K 16 -16.59 18.16 -80.37
CA PRO K 16 -16.80 16.98 -81.20
C PRO K 16 -15.74 15.91 -81.02
N PRO K 17 -16.17 14.65 -80.88
CA PRO K 17 -15.22 13.55 -80.70
C PRO K 17 -14.46 13.28 -81.99
N PHE K 18 -13.23 12.81 -81.85
CA PHE K 18 -12.38 12.48 -82.98
C PHE K 18 -11.56 11.26 -82.58
N SER K 19 -10.88 10.65 -83.53
CA SER K 19 -10.07 9.50 -83.19
C SER K 19 -8.66 9.69 -83.72
N TYR K 20 -7.73 8.99 -83.08
CA TYR K 20 -6.34 9.04 -83.47
C TYR K 20 -5.79 7.61 -83.59
N ALA K 21 -5.12 7.33 -84.70
CA ALA K 21 -4.55 6.00 -84.93
C ALA K 21 -3.10 6.20 -85.30
N TYR K 22 -2.24 5.29 -84.85
CA TYR K 22 -0.81 5.42 -85.15
C TYR K 22 -0.15 4.06 -85.16
N THR K 23 1.08 4.05 -85.66
CA THR K 23 1.87 2.83 -85.72
C THR K 23 3.22 3.16 -85.12
N GLU K 24 4.13 2.19 -85.12
CA GLU K 24 5.45 2.43 -84.56
C GLU K 24 6.08 3.63 -85.25
N LEU K 25 5.77 3.82 -86.53
CA LEU K 25 6.34 4.93 -87.28
C LEU K 25 6.09 6.27 -86.58
N GLU K 26 4.83 6.66 -86.44
CA GLU K 26 4.48 7.92 -85.80
C GLU K 26 5.13 8.05 -84.43
N ALA K 27 5.26 6.93 -83.74
CA ALA K 27 5.87 6.92 -82.42
C ALA K 27 7.36 7.26 -82.52
N ILE K 28 8.08 6.53 -83.36
CA ILE K 28 9.51 6.75 -83.55
C ILE K 28 9.77 8.17 -84.02
N MET K 29 8.94 8.64 -84.93
CA MET K 29 9.06 9.99 -85.45
C MET K 29 8.98 10.98 -84.28
N TYR K 30 8.08 10.73 -83.35
CA TYR K 30 7.94 11.61 -82.20
C TYR K 30 9.21 11.56 -81.38
N ALA K 31 9.66 10.34 -81.08
CA ALA K 31 10.87 10.15 -80.27
C ALA K 31 12.05 10.91 -80.84
N LEU K 32 12.26 10.78 -82.15
CA LEU K 32 13.38 11.46 -82.79
C LEU K 32 13.21 12.96 -82.66
N GLY K 33 12.04 13.46 -83.02
CA GLY K 33 11.80 14.90 -82.92
C GLY K 33 11.81 15.41 -81.49
N VAL K 34 11.82 14.49 -80.52
CA VAL K 34 11.83 14.92 -79.15
C VAL K 34 13.16 14.67 -78.46
N GLY K 35 14.18 14.27 -79.21
CA GLY K 35 15.49 14.08 -78.60
C GLY K 35 16.18 12.73 -78.62
N ALA K 36 15.43 11.64 -78.59
CA ALA K 36 16.03 10.30 -78.59
C ALA K 36 17.09 10.22 -79.68
N SER K 37 18.22 9.59 -79.36
CA SER K 37 19.31 9.45 -80.33
C SER K 37 19.96 8.10 -80.18
N ILE K 38 20.31 7.44 -81.29
CA ILE K 38 20.92 6.13 -81.18
C ILE K 38 22.34 6.23 -80.70
N LYS K 39 22.79 7.44 -80.38
CA LYS K 39 24.14 7.57 -79.87
C LYS K 39 24.16 6.86 -78.51
N ASP K 40 23.01 6.83 -77.87
CA ASP K 40 22.84 6.16 -76.58
C ASP K 40 22.09 4.84 -76.84
N PRO K 41 22.78 3.71 -76.67
CA PRO K 41 22.18 2.38 -76.89
C PRO K 41 20.82 2.21 -76.22
N LYS K 42 20.66 2.78 -75.04
CA LYS K 42 19.42 2.67 -74.32
C LYS K 42 18.25 3.30 -75.05
N ASP K 43 18.53 4.23 -75.97
CA ASP K 43 17.47 4.89 -76.71
C ASP K 43 16.95 4.07 -77.88
N LEU K 44 17.67 3.01 -78.21
CA LEU K 44 17.26 2.13 -79.31
C LEU K 44 15.84 1.64 -79.03
N LYS K 45 15.51 1.62 -77.75
CA LYS K 45 14.22 1.19 -77.25
C LYS K 45 13.05 2.03 -77.80
N PHE K 46 13.33 3.29 -78.12
CA PHE K 46 12.30 4.22 -78.62
C PHE K 46 12.44 4.55 -80.10
N ILE K 47 13.55 4.13 -80.71
CA ILE K 47 13.80 4.43 -82.11
C ILE K 47 13.67 3.24 -83.06
N TYR K 48 13.89 2.03 -82.55
CA TYR K 48 13.83 0.82 -83.36
C TYR K 48 12.64 -0.08 -83.01
N GLU K 49 11.71 -0.22 -83.95
CA GLU K 49 10.52 -1.05 -83.72
C GLU K 49 10.93 -2.51 -83.52
N GLY K 50 12.08 -2.88 -84.11
CA GLY K 50 12.59 -4.23 -84.00
C GLY K 50 13.08 -4.58 -82.60
N SER K 51 13.39 -3.56 -81.79
CA SER K 51 13.84 -3.79 -80.44
C SER K 51 12.76 -4.59 -79.70
N SER K 52 13.19 -5.61 -78.97
CA SER K 52 12.27 -6.44 -78.21
C SER K 52 11.68 -5.62 -77.07
N ASP K 53 12.41 -4.56 -76.75
CA ASP K 53 12.07 -3.63 -75.68
C ASP K 53 11.22 -2.46 -76.17
N PHE K 54 11.11 -2.32 -77.49
CA PHE K 54 10.38 -1.20 -78.10
C PHE K 54 9.19 -0.70 -77.34
N SER K 55 9.22 0.58 -77.02
CA SER K 55 8.12 1.21 -76.31
C SER K 55 7.84 2.55 -76.94
N CYS K 56 6.67 3.07 -76.67
CA CYS K 56 6.26 4.36 -77.18
C CYS K 56 6.56 5.31 -76.02
N LEU K 57 7.09 6.49 -76.28
CA LEU K 57 7.37 7.43 -75.19
C LEU K 57 6.09 7.93 -74.54
N PRO K 58 6.05 7.95 -73.20
CA PRO K 58 4.87 8.43 -72.46
C PRO K 58 4.24 9.72 -72.96
N THR K 59 5.02 10.77 -73.13
CA THR K 59 4.46 12.04 -73.59
C THR K 59 3.89 11.99 -75.01
N PHE K 60 3.98 10.86 -75.67
CA PHE K 60 3.42 10.75 -77.02
C PHE K 60 1.92 10.96 -76.88
N GLY K 61 1.42 10.74 -75.67
CA GLY K 61 0.00 10.91 -75.41
C GLY K 61 -0.44 12.33 -75.66
N VAL K 62 0.49 13.28 -75.54
CA VAL K 62 0.18 14.68 -75.77
C VAL K 62 -0.22 14.84 -77.22
N ILE K 63 0.38 14.04 -78.09
CA ILE K 63 0.06 14.09 -79.50
C ILE K 63 -1.27 13.42 -79.83
N ILE K 64 -1.62 12.38 -79.06
CA ILE K 64 -2.86 11.67 -79.26
C ILE K 64 -4.06 12.58 -79.03
N GLY K 65 -4.03 13.34 -77.94
CA GLY K 65 -5.15 14.22 -77.63
C GLY K 65 -4.99 15.63 -78.17
N GLN K 66 -3.88 15.85 -78.85
CA GLN K 66 -3.57 17.16 -79.43
C GLN K 66 -4.30 17.37 -80.75
N LYS K 67 -4.46 16.26 -81.48
CA LYS K 67 -5.10 16.16 -82.81
C LYS K 67 -6.20 17.17 -83.15
N SER K 68 -7.09 17.48 -82.20
CA SER K 68 -8.15 18.45 -82.47
C SER K 68 -8.21 19.48 -81.34
N ALA K 85 -5.00 33.53 -86.17
CA ALA K 85 -5.48 33.51 -84.79
C ALA K 85 -4.46 32.91 -83.82
N LYS K 86 -3.24 33.43 -83.82
CA LYS K 86 -2.20 32.89 -82.94
C LYS K 86 -2.69 32.46 -81.54
N VAL K 87 -2.39 31.20 -81.20
CA VAL K 87 -2.76 30.58 -79.92
C VAL K 87 -1.56 30.09 -79.10
N LEU K 88 -1.18 30.86 -78.08
CA LEU K 88 -0.06 30.50 -77.21
C LEU K 88 -0.36 29.28 -76.35
N HIS K 89 0.69 28.59 -75.93
CA HIS K 89 0.58 27.37 -75.11
C HIS K 89 1.18 27.63 -73.73
N GLY K 90 0.33 27.71 -72.71
CA GLY K 90 0.81 28.03 -71.38
C GLY K 90 1.33 26.91 -70.50
N GLU K 91 0.53 25.88 -70.33
CA GLU K 91 0.93 24.76 -69.50
C GLU K 91 0.45 23.49 -70.18
N GLN K 92 0.92 22.35 -69.69
CA GLN K 92 0.53 21.07 -70.25
C GLN K 92 0.51 20.04 -69.14
N TYR K 93 -0.42 19.12 -69.22
CA TYR K 93 -0.51 18.07 -68.23
C TYR K 93 -0.91 16.79 -68.93
N LEU K 94 -0.23 15.71 -68.57
CA LEU K 94 -0.53 14.42 -69.16
C LEU K 94 -0.46 13.36 -68.07
N GLU K 95 -1.44 12.47 -68.09
CA GLU K 95 -1.50 11.37 -67.13
C GLU K 95 -1.78 10.10 -67.92
N LEU K 96 -0.98 9.07 -67.65
CA LEU K 96 -1.13 7.81 -68.37
C LEU K 96 -1.75 6.76 -67.47
N TYR K 97 -3.04 6.48 -67.69
CA TYR K 97 -3.74 5.49 -66.91
C TYR K 97 -3.24 4.11 -67.27
N LYS K 98 -2.64 4.01 -68.45
CA LYS K 98 -2.10 2.75 -68.91
C LYS K 98 -1.00 3.02 -69.90
N PRO K 99 0.05 2.23 -69.85
CA PRO K 99 1.17 2.43 -70.78
C PRO K 99 0.68 2.52 -72.22
N LEU K 100 1.19 3.49 -72.97
CA LEU K 100 0.79 3.64 -74.36
C LEU K 100 1.35 2.48 -75.17
N PRO K 101 0.49 1.84 -75.99
CA PRO K 101 0.83 0.72 -76.86
C PRO K 101 1.82 1.08 -77.96
N ARG K 102 2.55 0.07 -78.46
CA ARG K 102 3.55 0.31 -79.50
C ARG K 102 2.87 0.69 -80.80
N ALA K 103 1.55 0.74 -80.79
CA ALA K 103 0.76 1.10 -81.95
C ALA K 103 -0.70 0.96 -81.59
N GLY K 104 -1.58 1.50 -82.41
CA GLY K 104 -2.99 1.38 -82.11
C GLY K 104 -3.88 2.53 -82.54
N LYS K 105 -5.19 2.34 -82.30
CA LYS K 105 -6.20 3.31 -82.63
C LYS K 105 -6.83 3.75 -81.33
N LEU K 106 -7.17 5.03 -81.25
CA LEU K 106 -7.76 5.57 -80.05
C LEU K 106 -8.86 6.56 -80.37
N LYS K 107 -9.85 6.62 -79.49
CA LYS K 107 -10.96 7.53 -79.64
C LYS K 107 -10.73 8.63 -78.62
N CYS K 108 -10.76 9.88 -79.08
CA CYS K 108 -10.54 11.00 -78.19
C CYS K 108 -11.76 11.90 -78.03
N GLU K 109 -11.92 12.44 -76.83
CA GLU K 109 -13.01 13.33 -76.53
C GLU K 109 -12.50 14.58 -75.83
N ALA K 110 -12.74 15.71 -76.48
CA ALA K 110 -12.32 17.01 -75.99
C ALA K 110 -13.33 17.49 -74.98
N VAL K 111 -13.09 18.67 -74.44
CA VAL K 111 -13.98 19.27 -73.45
C VAL K 111 -13.39 20.59 -73.00
N VAL K 112 -14.08 21.69 -73.28
CA VAL K 112 -13.61 22.98 -72.81
C VAL K 112 -13.92 22.96 -71.33
N ALA K 113 -12.92 22.58 -70.54
CA ALA K 113 -13.08 22.46 -69.11
C ALA K 113 -13.20 23.79 -68.39
N ASP K 114 -12.77 24.88 -69.02
CA ASP K 114 -12.86 26.18 -68.37
C ASP K 114 -12.25 27.28 -69.21
N VAL K 115 -12.59 28.53 -68.87
CA VAL K 115 -12.07 29.69 -69.56
C VAL K 115 -11.84 30.80 -68.56
N LEU K 116 -10.80 31.60 -68.77
CA LEU K 116 -10.50 32.70 -67.86
C LEU K 116 -10.06 33.97 -68.58
N ASP K 117 -10.92 34.99 -68.54
CA ASP K 117 -10.58 36.26 -69.16
C ASP K 117 -9.43 36.83 -68.32
N LYS K 118 -8.46 37.44 -68.99
CA LYS K 118 -7.33 38.01 -68.30
C LYS K 118 -6.83 39.15 -69.17
N GLY K 119 -5.82 39.88 -68.68
CA GLY K 119 -5.27 40.99 -69.42
C GLY K 119 -5.76 41.15 -70.85
N SER K 120 -4.95 40.67 -71.79
CA SER K 120 -5.26 40.77 -73.23
C SER K 120 -5.72 39.48 -73.91
N GLY K 121 -6.22 38.53 -73.12
CA GLY K 121 -6.67 37.27 -73.69
C GLY K 121 -7.38 36.34 -72.71
N VAL K 122 -7.62 35.11 -73.15
CA VAL K 122 -8.30 34.12 -72.32
C VAL K 122 -7.49 32.83 -72.11
N VAL K 123 -7.64 32.25 -70.94
CA VAL K 123 -6.94 31.04 -70.62
C VAL K 123 -7.90 29.89 -70.79
N ILE K 124 -8.25 29.54 -72.01
CA ILE K 124 -9.17 28.42 -72.18
C ILE K 124 -8.44 27.12 -71.84
N ILE K 125 -8.90 26.47 -70.78
CA ILE K 125 -8.31 25.24 -70.31
C ILE K 125 -9.15 24.10 -70.88
N MET K 126 -8.52 23.26 -71.69
CA MET K 126 -9.21 22.17 -72.37
C MET K 126 -8.79 20.74 -71.99
N ASP K 127 -9.70 19.98 -71.40
CA ASP K 127 -9.41 18.59 -71.04
C ASP K 127 -9.77 17.69 -72.21
N VAL K 128 -9.00 16.64 -72.43
CA VAL K 128 -9.29 15.69 -73.49
C VAL K 128 -8.89 14.30 -73.04
N TYR K 129 -9.88 13.41 -73.01
CA TYR K 129 -9.67 12.04 -72.57
C TYR K 129 -9.63 11.10 -73.76
N SER K 130 -8.70 10.15 -73.72
CA SER K 130 -8.54 9.19 -74.80
C SER K 130 -8.77 7.78 -74.27
N TYR K 131 -9.71 7.08 -74.89
CA TYR K 131 -10.04 5.73 -74.47
C TYR K 131 -9.72 4.67 -75.54
N SER K 132 -9.89 3.41 -75.14
CA SER K 132 -9.70 2.31 -76.07
C SER K 132 -10.99 1.47 -76.12
N GLU K 135 -12.13 1.72 -72.56
CA GLU K 135 -11.14 1.76 -71.49
C GLU K 135 -10.32 3.06 -71.52
N LEU K 136 -10.45 3.88 -70.48
CA LEU K 136 -9.71 5.14 -70.42
C LEU K 136 -8.22 4.87 -70.38
N ILE K 137 -7.48 5.45 -71.32
CA ILE K 137 -6.03 5.26 -71.37
C ILE K 137 -5.22 6.45 -70.92
N CYS K 138 -5.49 7.63 -71.48
CA CYS K 138 -4.74 8.80 -71.07
C CYS K 138 -5.60 10.04 -70.99
N HIS K 139 -5.12 11.02 -70.22
CA HIS K 139 -5.82 12.28 -70.03
C HIS K 139 -4.87 13.44 -70.24
N ASN K 140 -5.26 14.36 -71.11
CA ASN K 140 -4.45 15.53 -71.43
C ASN K 140 -5.18 16.80 -70.99
N GLN K 141 -4.44 17.75 -70.44
CA GLN K 141 -5.05 19.00 -70.07
C GLN K 141 -4.20 20.11 -70.65
N PHE K 142 -4.62 20.60 -71.82
CA PHE K 142 -3.93 21.68 -72.51
C PHE K 142 -4.37 23.02 -71.93
N SER K 143 -3.41 23.84 -71.51
CA SER K 143 -3.70 25.15 -70.96
C SER K 143 -3.33 26.15 -72.05
N LEU K 144 -4.31 26.82 -72.63
CA LEU K 144 -4.07 27.78 -73.71
C LEU K 144 -4.18 29.26 -73.39
N PHE K 145 -3.78 30.08 -74.37
CA PHE K 145 -3.82 31.54 -74.22
C PHE K 145 -4.15 32.19 -75.57
N LEU K 146 -5.34 32.78 -75.65
CA LEU K 146 -5.81 33.43 -76.85
C LEU K 146 -5.47 34.93 -76.79
N VAL K 147 -4.43 35.31 -77.54
CA VAL K 147 -3.96 36.70 -77.61
C VAL K 147 -5.01 37.59 -78.27
N GLY K 148 -5.81 38.25 -77.44
CA GLY K 148 -6.87 39.10 -77.96
C GLY K 148 -8.16 38.66 -77.30
N SER K 149 -9.27 38.77 -78.01
CA SER K 149 -10.58 38.38 -77.48
C SER K 149 -10.69 38.63 -75.98
N LYS K 155 -13.62 36.10 -63.67
CA LYS K 155 -13.24 35.06 -62.74
C LYS K 155 -11.72 34.91 -62.71
N ARG K 156 -11.09 35.27 -61.59
CA ARG K 156 -9.63 35.19 -61.47
C ARG K 156 -9.02 33.81 -61.68
N THR K 157 -9.19 32.93 -60.69
CA THR K 157 -8.63 31.58 -60.78
C THR K 157 -9.75 30.53 -61.01
N SER K 158 -9.37 29.27 -61.17
CA SER K 158 -10.35 28.20 -61.39
C SER K 158 -10.07 27.08 -60.38
N ASP K 159 -10.65 25.90 -60.61
CA ASP K 159 -10.41 24.79 -59.71
C ASP K 159 -10.44 23.48 -60.49
N LYS K 160 -10.67 23.58 -61.80
CA LYS K 160 -10.67 22.40 -62.66
C LYS K 160 -9.32 22.23 -63.33
N VAL K 161 -8.29 22.89 -62.77
CA VAL K 161 -6.94 22.83 -63.33
C VAL K 161 -5.90 22.14 -62.45
N LYS K 162 -5.17 21.21 -63.08
CA LYS K 162 -4.08 20.46 -62.45
C LYS K 162 -2.96 21.47 -62.20
N VAL K 163 -2.83 21.89 -60.94
CA VAL K 163 -1.84 22.87 -60.54
C VAL K 163 -0.37 22.51 -60.81
N ALA K 164 0.42 23.54 -61.10
CA ALA K 164 1.85 23.39 -61.31
C ALA K 164 2.44 23.34 -59.90
N VAL K 165 3.70 22.95 -59.78
CA VAL K 165 4.32 22.84 -58.47
C VAL K 165 5.71 23.46 -58.37
N ALA K 166 5.94 24.19 -57.29
CA ALA K 166 7.23 24.84 -57.06
C ALA K 166 8.32 23.82 -56.84
N ILE K 167 9.52 24.13 -57.33
CA ILE K 167 10.65 23.23 -57.17
C ILE K 167 11.24 23.35 -55.77
N PRO K 168 11.84 22.27 -55.27
CA PRO K 168 12.46 22.24 -53.94
C PRO K 168 13.49 23.33 -53.78
N ASN K 169 13.58 23.89 -52.58
CA ASN K 169 14.54 24.95 -52.32
C ASN K 169 15.87 24.38 -51.88
N ARG K 170 16.59 23.79 -52.84
CA ARG K 170 17.90 23.18 -52.61
C ARG K 170 18.53 22.84 -53.97
N PRO K 171 19.87 22.74 -54.02
CA PRO K 171 20.47 22.41 -55.32
C PRO K 171 19.89 21.12 -55.87
N PRO K 172 19.73 21.04 -57.21
CA PRO K 172 19.19 19.91 -57.97
C PRO K 172 19.93 18.62 -57.69
N ASP K 173 19.21 17.50 -57.74
CA ASP K 173 19.83 16.22 -57.50
C ASP K 173 20.62 15.78 -58.72
N ALA K 174 20.16 16.24 -59.89
CA ALA K 174 20.80 15.90 -61.15
C ALA K 174 20.32 16.84 -62.23
N VAL K 175 21.19 17.09 -63.19
CA VAL K 175 20.85 17.96 -64.32
C VAL K 175 21.56 17.47 -65.57
N LEU K 176 20.77 17.08 -66.56
CA LEU K 176 21.28 16.56 -67.83
C LEU K 176 21.07 17.58 -68.94
N THR K 177 22.04 17.70 -69.84
CA THR K 177 21.93 18.66 -70.94
C THR K 177 21.58 17.96 -72.25
N ASP K 178 20.90 18.69 -73.13
CA ASP K 178 20.54 18.18 -74.45
C ASP K 178 20.76 19.25 -75.49
N THR K 179 21.39 18.86 -76.58
CA THR K 179 21.65 19.81 -77.65
C THR K 179 20.57 19.73 -78.69
N THR K 180 19.86 20.83 -78.88
CA THR K 180 18.81 20.88 -79.86
C THR K 180 19.38 21.06 -81.25
N SER K 181 18.71 20.47 -82.24
CA SER K 181 19.13 20.55 -83.63
C SER K 181 18.61 21.80 -84.32
N LEU K 182 19.36 22.30 -85.28
CA LEU K 182 18.93 23.49 -85.99
C LEU K 182 17.59 23.20 -86.67
N ASN K 183 17.27 21.91 -86.82
CA ASN K 183 16.03 21.47 -87.45
C ASN K 183 15.09 20.79 -86.48
N GLN K 184 15.34 20.93 -85.19
CA GLN K 184 14.48 20.29 -84.19
C GLN K 184 13.00 20.57 -84.48
N ALA K 185 12.67 21.84 -84.65
CA ALA K 185 11.31 22.24 -84.94
C ALA K 185 10.83 21.65 -86.25
N ALA K 186 11.67 21.69 -87.28
CA ALA K 186 11.30 21.17 -88.58
C ALA K 186 10.90 19.70 -88.49
N LEU K 187 11.50 18.97 -87.57
CA LEU K 187 11.18 17.55 -87.45
C LEU K 187 9.99 17.32 -86.50
N TYR K 188 10.03 17.98 -85.34
CA TYR K 188 8.96 17.82 -84.36
C TYR K 188 7.59 18.17 -84.92
N ARG K 189 7.53 19.22 -85.75
CA ARG K 189 6.25 19.62 -86.31
C ARG K 189 5.59 18.50 -87.10
N LEU K 190 6.39 17.59 -87.67
CA LEU K 190 5.84 16.47 -88.43
C LEU K 190 4.91 15.62 -87.57
N SER K 191 4.86 15.91 -86.28
CA SER K 191 4.02 15.15 -85.39
C SER K 191 2.65 15.78 -85.17
N GLY K 192 2.33 16.79 -85.98
CA GLY K 192 1.02 17.40 -85.82
C GLY K 192 0.89 18.91 -85.71
N ASP K 193 1.68 19.54 -84.85
CA ASP K 193 1.56 20.98 -84.72
C ASP K 193 2.29 21.67 -85.87
N TRP K 194 1.54 22.11 -86.87
CA TRP K 194 2.16 22.77 -88.02
C TRP K 194 2.23 24.30 -87.94
N ASN K 195 1.95 24.85 -86.77
CA ASN K 195 1.98 26.30 -86.60
C ASN K 195 3.23 26.88 -87.25
N PRO K 196 3.05 27.85 -88.16
CA PRO K 196 4.15 28.50 -88.86
C PRO K 196 5.12 29.20 -87.91
N LEU K 197 4.65 29.46 -86.71
CA LEU K 197 5.46 30.14 -85.69
C LEU K 197 6.78 29.41 -85.43
N HIS K 198 6.81 28.11 -85.69
CA HIS K 198 7.99 27.30 -85.45
C HIS K 198 8.87 27.04 -86.65
N ILE K 199 8.56 27.66 -87.78
CA ILE K 199 9.38 27.42 -88.96
C ILE K 199 9.40 28.56 -89.97
N ASP K 200 8.28 29.26 -90.15
CA ASP K 200 8.20 30.37 -91.10
C ASP K 200 8.96 31.54 -90.47
N PRO K 201 10.17 31.83 -90.97
CA PRO K 201 10.98 32.92 -90.43
C PRO K 201 10.17 34.20 -90.38
N ASN K 202 9.40 34.43 -91.43
CA ASN K 202 8.55 35.59 -91.56
C ASN K 202 7.55 35.69 -90.43
N PHE K 203 6.51 34.86 -90.51
CA PHE K 203 5.45 34.81 -89.52
C PHE K 203 5.99 34.75 -88.10
N ALA K 204 7.31 34.62 -87.98
CA ALA K 204 7.96 34.56 -86.69
C ALA K 204 8.09 35.98 -86.16
N SER K 205 8.47 36.90 -87.04
CA SER K 205 8.62 38.30 -86.68
C SER K 205 7.23 38.95 -86.57
N LEU K 206 6.33 38.52 -87.44
CA LEU K 206 4.96 39.03 -87.45
C LEU K 206 4.38 38.77 -86.05
N ALA K 207 5.05 37.87 -85.34
CA ALA K 207 4.67 37.50 -83.98
C ALA K 207 5.66 38.15 -83.00
N GLY K 208 6.85 38.50 -83.51
CA GLY K 208 7.86 39.15 -82.68
C GLY K 208 9.06 38.34 -82.25
N PHE K 209 9.48 37.39 -83.08
CA PHE K 209 10.64 36.58 -82.74
C PHE K 209 11.66 36.57 -83.87
N ASP K 210 12.84 37.11 -83.58
CA ASP K 210 13.95 37.21 -84.53
C ASP K 210 14.16 35.98 -85.42
N LYS K 211 13.64 34.85 -84.95
CA LYS K 211 13.76 33.59 -85.65
C LYS K 211 12.71 32.65 -85.06
N PRO K 212 12.20 31.70 -85.86
CA PRO K 212 11.19 30.73 -85.43
C PRO K 212 11.57 30.10 -84.10
N ILE K 213 10.57 29.71 -83.32
CA ILE K 213 10.85 29.10 -82.02
C ILE K 213 10.47 27.62 -81.99
N LEU K 214 11.09 26.88 -81.08
CA LEU K 214 10.82 25.45 -80.94
C LEU K 214 9.49 25.26 -80.23
N HIS K 215 8.75 24.21 -80.59
CA HIS K 215 7.47 23.96 -79.95
C HIS K 215 7.65 23.76 -78.46
N GLY K 216 6.75 24.34 -77.66
CA GLY K 216 6.87 24.18 -76.23
C GLY K 216 6.82 22.71 -75.84
N LEU K 217 5.92 21.98 -76.49
CA LEU K 217 5.75 20.56 -76.23
C LEU K 217 6.96 19.71 -76.61
N CYS K 218 7.83 20.25 -77.46
CA CYS K 218 9.04 19.54 -77.85
C CYS K 218 10.06 19.58 -76.72
N THR K 219 10.27 20.78 -76.17
CA THR K 219 11.20 20.96 -75.03
C THR K 219 10.66 20.04 -73.93
N PHE K 220 9.34 20.08 -73.79
CA PHE K 220 8.61 19.29 -72.82
C PHE K 220 8.98 17.83 -73.01
N GLY K 221 8.87 17.34 -74.25
CA GLY K 221 9.22 15.95 -74.53
C GLY K 221 10.66 15.63 -74.14
N PHE K 222 11.58 16.56 -74.44
CA PHE K 222 12.96 16.36 -74.10
C PHE K 222 13.09 16.10 -72.60
N SER K 223 12.81 17.13 -71.78
CA SER K 223 12.93 17.01 -70.33
C SER K 223 12.19 15.80 -69.79
N ALA K 224 10.97 15.61 -70.25
CA ALA K 224 10.22 14.47 -69.77
C ALA K 224 10.99 13.21 -70.08
N ARG K 225 11.56 13.13 -71.29
CA ARG K 225 12.32 11.95 -71.72
C ARG K 225 13.51 11.69 -70.80
N ARG K 226 14.17 12.76 -70.39
CA ARG K 226 15.33 12.66 -69.52
C ARG K 226 14.94 12.21 -68.13
N VAL K 227 13.86 12.77 -67.60
CA VAL K 227 13.41 12.36 -66.28
C VAL K 227 13.14 10.86 -66.33
N LEU K 228 12.48 10.41 -67.38
CA LEU K 228 12.16 9.00 -67.57
C LEU K 228 13.41 8.11 -67.48
N GLN K 229 14.47 8.52 -68.15
CA GLN K 229 15.67 7.71 -68.13
C GLN K 229 16.53 7.89 -66.89
N GLN K 230 16.46 9.05 -66.25
CA GLN K 230 17.27 9.29 -65.07
C GLN K 230 16.70 8.72 -63.80
N PHE K 231 15.39 8.82 -63.61
CA PHE K 231 14.77 8.33 -62.38
C PHE K 231 13.78 7.19 -62.53
N ALA K 232 13.70 6.58 -63.71
CA ALA K 232 12.77 5.48 -63.88
C ALA K 232 13.30 4.40 -64.80
N ASP K 233 14.61 4.43 -65.04
CA ASP K 233 15.23 3.42 -65.90
C ASP K 233 14.52 3.21 -67.23
N ASN K 234 14.12 4.27 -67.89
CA ASN K 234 13.46 4.12 -69.18
C ASN K 234 12.29 3.14 -69.12
N ASP K 235 11.73 2.95 -67.93
CA ASP K 235 10.62 2.04 -67.77
C ASP K 235 9.31 2.78 -68.02
N VAL K 236 8.91 2.83 -69.28
CA VAL K 236 7.69 3.52 -69.67
C VAL K 236 6.52 3.29 -68.73
N SER K 237 6.42 2.08 -68.18
CA SER K 237 5.31 1.73 -67.29
C SER K 237 5.26 2.52 -65.98
N ARG K 238 6.40 3.01 -65.54
CA ARG K 238 6.47 3.76 -64.28
C ARG K 238 6.15 5.23 -64.42
N PHE K 239 5.96 5.68 -65.66
CA PHE K 239 5.66 7.06 -65.94
C PHE K 239 4.16 7.29 -65.81
N LYS K 240 3.74 7.83 -64.67
CA LYS K 240 2.31 8.07 -64.41
C LYS K 240 1.73 9.39 -64.90
N ALA K 241 2.40 10.51 -64.60
CA ALA K 241 1.90 11.80 -65.02
C ALA K 241 2.96 12.89 -64.99
N VAL K 242 2.76 13.94 -65.78
CA VAL K 242 3.68 15.09 -65.81
C VAL K 242 2.88 16.38 -65.94
N LYS K 243 3.41 17.42 -65.31
CA LYS K 243 2.79 18.73 -65.32
C LYS K 243 3.91 19.70 -65.56
N ALA K 244 3.69 20.66 -66.45
CA ALA K 244 4.73 21.62 -66.74
C ALA K 244 4.14 22.99 -67.11
N ARG K 245 4.91 24.03 -66.84
CA ARG K 245 4.49 25.39 -67.18
C ARG K 245 5.54 25.94 -68.14
N PHE K 246 5.07 26.50 -69.26
CA PHE K 246 5.98 27.05 -70.24
C PHE K 246 6.31 28.50 -69.94
N ALA K 247 7.58 28.84 -70.10
CA ALA K 247 8.05 30.20 -69.83
C ALA K 247 8.69 30.79 -71.08
N LYS K 248 9.96 31.21 -71.00
CA LYS K 248 10.64 31.79 -72.15
C LYS K 248 10.81 30.80 -73.30
N PRO K 249 10.96 31.31 -74.54
CA PRO K 249 11.13 30.55 -75.78
C PRO K 249 12.46 29.84 -75.90
N VAL K 250 12.50 28.86 -76.81
CA VAL K 250 13.70 28.07 -77.09
C VAL K 250 13.88 28.14 -78.59
N TYR K 251 15.10 28.37 -79.05
CA TYR K 251 15.34 28.42 -80.48
C TYR K 251 16.08 27.19 -80.97
N PRO K 252 15.56 26.53 -82.02
CA PRO K 252 16.20 25.33 -82.56
C PRO K 252 17.70 25.51 -82.65
N GLY K 253 18.44 24.64 -81.97
CA GLY K 253 19.88 24.72 -81.98
C GLY K 253 20.42 25.01 -80.60
N GLN K 254 19.63 25.71 -79.79
CA GLN K 254 20.08 26.03 -78.44
C GLN K 254 20.22 24.76 -77.63
N THR K 255 20.83 24.87 -76.45
CA THR K 255 21.04 23.72 -75.60
C THR K 255 20.18 23.72 -74.32
N LEU K 256 19.37 22.66 -74.17
CA LEU K 256 18.48 22.53 -73.04
C LEU K 256 19.25 22.04 -71.83
N GLN K 257 18.75 22.44 -70.67
CA GLN K 257 19.33 22.08 -69.40
C GLN K 257 18.17 21.65 -68.48
N THR K 258 17.98 20.36 -68.30
CA THR K 258 16.90 19.88 -67.45
C THR K 258 17.39 19.61 -66.03
N GLU K 259 16.91 20.42 -65.08
CA GLU K 259 17.29 20.27 -63.68
C GLU K 259 16.23 19.43 -62.99
N MET K 260 16.68 18.45 -62.20
CA MET K 260 15.75 17.54 -61.51
C MET K 260 15.97 17.41 -60.02
N TRP K 261 14.88 17.25 -59.28
CA TRP K 261 14.89 17.06 -57.82
C TRP K 261 14.03 15.83 -57.50
N LYS K 262 14.60 14.86 -56.82
CA LYS K 262 13.80 13.70 -56.48
C LYS K 262 13.21 13.87 -55.09
N GLU K 263 11.89 13.83 -55.00
CA GLU K 263 11.17 13.95 -53.74
C GLU K 263 10.22 12.77 -53.67
N GLY K 264 10.75 11.62 -53.28
CA GLY K 264 9.90 10.45 -53.20
C GLY K 264 9.62 9.93 -54.59
N ASN K 265 8.35 9.84 -54.96
CA ASN K 265 7.99 9.36 -56.28
C ASN K 265 7.72 10.47 -57.27
N ARG K 266 7.91 11.70 -56.82
CA ARG K 266 7.70 12.85 -57.69
C ARG K 266 9.03 13.46 -58.04
N ILE K 267 9.31 13.55 -59.34
CA ILE K 267 10.55 14.16 -59.76
C ILE K 267 10.24 15.57 -60.21
N HIS K 268 10.65 16.56 -59.44
CA HIS K 268 10.41 17.94 -59.81
C HIS K 268 11.45 18.30 -60.86
N PHE K 269 11.10 19.16 -61.81
CA PHE K 269 12.08 19.58 -62.79
C PHE K 269 11.83 20.95 -63.35
N GLN K 270 12.92 21.55 -63.82
CA GLN K 270 12.94 22.89 -64.37
C GLN K 270 13.84 22.80 -65.60
N THR K 271 13.52 23.53 -66.65
CA THR K 271 14.34 23.47 -67.85
C THR K 271 14.84 24.86 -68.25
N LYS K 272 16.12 24.94 -68.57
CA LYS K 272 16.75 26.19 -68.97
C LYS K 272 17.46 26.04 -70.30
N VAL K 273 18.01 27.15 -70.79
CA VAL K 273 18.77 27.16 -72.02
C VAL K 273 20.19 27.59 -71.68
N GLN K 274 21.06 26.61 -71.50
CA GLN K 274 22.46 26.87 -71.17
C GLN K 274 22.99 27.68 -72.33
N GLU K 275 23.06 28.99 -72.15
CA GLU K 275 23.54 29.89 -73.20
C GLU K 275 23.04 31.25 -72.79
N THR K 276 21.82 31.27 -72.28
CA THR K 276 21.22 32.51 -71.85
C THR K 276 20.82 32.29 -70.41
N GLY K 277 20.73 31.03 -70.01
CA GLY K 277 20.34 30.73 -68.64
C GLY K 277 18.85 30.92 -68.41
N ASP K 278 18.12 31.30 -69.45
CA ASP K 278 16.67 31.51 -69.32
C ASP K 278 15.93 30.25 -68.94
N ILE K 279 14.89 30.41 -68.13
CA ILE K 279 14.07 29.27 -67.74
C ILE K 279 12.95 29.14 -68.76
N VAL K 280 12.91 28.01 -69.45
CA VAL K 280 11.90 27.79 -70.48
C VAL K 280 10.74 26.93 -70.03
N ILE K 281 10.95 26.14 -68.98
CA ILE K 281 9.89 25.29 -68.42
C ILE K 281 10.06 25.39 -66.91
N SER K 282 8.97 25.71 -66.22
CA SER K 282 9.02 25.87 -64.78
C SER K 282 7.95 25.14 -64.02
N ASN K 283 8.20 25.04 -62.71
CA ASN K 283 7.28 24.40 -61.79
C ASN K 283 6.71 23.12 -62.33
N ALA K 284 7.56 22.33 -62.95
CA ALA K 284 7.12 21.07 -63.52
C ALA K 284 7.47 19.88 -62.63
N TYR K 285 6.89 18.73 -62.97
CA TYR K 285 7.16 17.51 -62.25
C TYR K 285 6.63 16.34 -63.05
N VAL K 286 6.95 15.14 -62.58
CA VAL K 286 6.48 13.91 -63.19
C VAL K 286 6.38 12.88 -62.07
N ASP K 287 5.22 12.25 -61.94
CA ASP K 287 5.01 11.26 -60.91
C ASP K 287 5.34 9.85 -61.42
N LEU K 288 6.15 9.13 -60.64
CA LEU K 288 6.56 7.77 -60.98
C LEU K 288 5.91 6.74 -60.05
N ALA K 289 6.03 5.46 -60.42
CA ALA K 289 5.44 4.33 -59.68
C ALA K 289 6.18 3.75 -58.45
N GLY L 12 11.56 -11.20 -119.54
CA GLY L 12 10.77 -11.41 -118.30
C GLY L 12 9.41 -10.73 -118.31
N GLN L 13 8.55 -11.12 -117.37
CA GLN L 13 7.19 -10.59 -117.25
C GLN L 13 6.98 -9.41 -116.30
N LYS L 14 5.72 -9.00 -116.14
CA LYS L 14 5.37 -7.88 -115.26
C LYS L 14 5.00 -8.35 -113.85
N LEU L 15 5.43 -7.58 -112.85
CA LEU L 15 5.20 -7.89 -111.44
C LEU L 15 3.91 -7.28 -110.92
N PRO L 16 3.40 -7.76 -109.78
CA PRO L 16 2.15 -7.23 -109.22
C PRO L 16 2.16 -5.71 -109.04
N PRO L 17 1.19 -5.01 -109.65
CA PRO L 17 1.07 -3.55 -109.57
C PRO L 17 0.65 -3.08 -108.17
N PHE L 18 1.27 -2.00 -107.71
CA PHE L 18 0.95 -1.44 -106.41
C PHE L 18 0.74 0.07 -106.54
N SER L 19 0.24 0.70 -105.49
CA SER L 19 0.03 2.14 -105.56
C SER L 19 0.70 2.84 -104.39
N TYR L 20 1.19 4.04 -104.64
CA TYR L 20 1.83 4.78 -103.56
C TYR L 20 1.05 6.09 -103.45
N ALA L 21 0.82 6.56 -102.22
CA ALA L 21 0.13 7.83 -102.01
C ALA L 21 0.92 8.60 -100.93
N TYR L 22 1.04 9.90 -101.07
CA TYR L 22 1.77 10.67 -100.09
C TYR L 22 1.26 12.09 -100.02
N THR L 23 1.68 12.79 -98.98
CA THR L 23 1.29 14.19 -98.80
C THR L 23 2.57 14.95 -98.55
N GLU L 24 2.46 16.25 -98.29
CA GLU L 24 3.65 17.06 -98.05
C GLU L 24 4.48 16.49 -96.91
N LEU L 25 3.80 15.86 -95.95
CA LEU L 25 4.49 15.26 -94.82
C LEU L 25 5.56 14.26 -95.27
N GLU L 26 5.14 13.18 -95.93
CA GLU L 26 6.09 12.18 -96.40
C GLU L 26 7.22 12.82 -97.18
N ALA L 27 6.89 13.86 -97.95
CA ALA L 27 7.89 14.55 -98.75
C ALA L 27 8.90 15.26 -97.85
N ILE L 28 8.39 16.07 -96.93
CA ILE L 28 9.27 16.82 -96.03
C ILE L 28 10.11 15.85 -95.21
N MET L 29 9.51 14.75 -94.81
CA MET L 29 10.21 13.75 -94.02
C MET L 29 11.40 13.23 -94.82
N TYR L 30 11.18 12.99 -96.12
CA TYR L 30 12.26 12.52 -96.98
C TYR L 30 13.35 13.58 -97.04
N ALA L 31 12.96 14.81 -97.35
CA ALA L 31 13.92 15.90 -97.47
C ALA L 31 14.81 16.03 -96.24
N LEU L 32 14.21 15.97 -95.06
CA LEU L 32 14.97 16.09 -93.83
C LEU L 32 15.93 14.92 -93.72
N GLY L 33 15.41 13.71 -93.91
CA GLY L 33 16.25 12.53 -93.83
C GLY L 33 17.30 12.48 -94.92
N VAL L 34 17.19 13.35 -95.91
CA VAL L 34 18.16 13.35 -96.97
C VAL L 34 19.10 14.55 -96.95
N GLY L 35 19.08 15.32 -95.85
CA GLY L 35 19.98 16.46 -95.74
C GLY L 35 19.48 17.89 -95.66
N ALA L 36 18.33 18.19 -96.28
CA ALA L 36 17.79 19.56 -96.24
C ALA L 36 17.78 20.09 -94.81
N SER L 37 18.17 21.35 -94.66
CA SER L 37 18.23 21.96 -93.34
C SER L 37 17.77 23.40 -93.43
N ILE L 38 16.98 23.86 -92.45
CA ILE L 38 16.52 25.24 -92.49
C ILE L 38 17.64 26.20 -92.15
N LYS L 39 18.85 25.69 -91.96
CA LYS L 39 19.96 26.58 -91.66
C LYS L 39 20.16 27.38 -92.93
N ASP L 40 19.78 26.80 -94.06
CA ASP L 40 19.89 27.47 -95.35
C ASP L 40 18.48 27.87 -95.75
N PRO L 41 18.23 29.17 -95.81
CA PRO L 41 16.91 29.71 -96.18
C PRO L 41 16.35 29.08 -97.45
N LYS L 42 17.22 28.82 -98.42
CA LYS L 42 16.76 28.26 -99.67
C LYS L 42 16.16 26.86 -99.51
N ASP L 43 16.49 26.18 -98.43
CA ASP L 43 15.96 24.84 -98.21
C ASP L 43 14.54 24.85 -97.64
N LEU L 44 14.09 26.01 -97.20
CA LEU L 44 12.74 26.14 -96.64
C LEU L 44 11.76 25.63 -97.67
N LYS L 45 12.18 25.70 -98.93
CA LYS L 45 11.39 25.26 -100.08
C LYS L 45 11.01 23.79 -100.04
N PHE L 46 11.85 22.98 -99.39
CA PHE L 46 11.62 21.54 -99.30
C PHE L 46 11.17 21.08 -97.92
N ILE L 47 11.26 21.97 -96.93
CA ILE L 47 10.91 21.61 -95.56
C ILE L 47 9.59 22.16 -95.06
N TYR L 48 9.16 23.29 -95.63
CA TYR L 48 7.93 23.95 -95.21
C TYR L 48 6.83 23.89 -96.26
N GLU L 49 5.75 23.19 -95.95
CA GLU L 49 4.65 23.07 -96.89
C GLU L 49 4.02 24.42 -97.15
N GLY L 50 4.15 25.33 -96.18
CA GLY L 50 3.59 26.66 -96.32
C GLY L 50 4.33 27.54 -97.33
N SER L 51 5.57 27.18 -97.63
CA SER L 51 6.34 27.94 -98.59
C SER L 51 5.58 27.98 -99.91
N SER L 52 5.48 29.16 -100.51
CA SER L 52 4.77 29.32 -101.78
C SER L 52 5.55 28.58 -102.86
N ASP L 53 6.83 28.36 -102.55
CA ASP L 53 7.78 27.71 -103.43
C ASP L 53 7.84 26.19 -103.20
N PHE L 54 7.20 25.73 -102.12
CA PHE L 54 7.22 24.32 -101.76
C PHE L 54 7.26 23.33 -102.90
N SER L 55 8.28 22.50 -102.88
CA SER L 55 8.44 21.49 -103.91
C SER L 55 8.85 20.19 -103.23
N CYS L 56 8.63 19.10 -103.95
CA CYS L 56 9.00 17.79 -103.47
C CYS L 56 10.36 17.54 -104.13
N LEU L 57 11.34 16.97 -103.40
CA LEU L 57 12.64 16.73 -104.01
C LEU L 57 12.58 15.67 -105.11
N PRO L 58 13.23 15.92 -106.25
CA PRO L 58 13.20 14.97 -107.35
C PRO L 58 13.44 13.50 -106.98
N THR L 59 14.51 13.21 -106.24
CA THR L 59 14.81 11.83 -105.88
C THR L 59 13.77 11.18 -104.99
N PHE L 60 12.72 11.90 -104.64
CA PHE L 60 11.67 11.33 -103.81
C PHE L 60 11.01 10.23 -104.63
N GLY L 61 11.18 10.31 -105.95
CA GLY L 61 10.61 9.32 -106.84
C GLY L 61 11.20 7.96 -106.58
N VAL L 62 12.39 7.92 -106.01
CA VAL L 62 13.03 6.65 -105.71
C VAL L 62 12.19 5.96 -104.64
N ILE L 63 11.59 6.74 -103.77
CA ILE L 63 10.76 6.18 -102.72
C ILE L 63 9.41 5.72 -103.24
N ILE L 64 8.89 6.42 -104.24
CA ILE L 64 7.62 6.07 -104.84
C ILE L 64 7.67 4.68 -105.47
N GLY L 65 8.71 4.40 -106.24
CA GLY L 65 8.83 3.11 -106.89
C GLY L 65 9.56 2.06 -106.08
N GLN L 66 10.01 2.44 -104.90
CA GLN L 66 10.76 1.56 -104.01
C GLN L 66 9.82 0.65 -103.23
N LYS L 67 8.63 1.20 -103.02
CA LYS L 67 7.51 0.64 -102.27
C LYS L 67 7.20 -0.83 -102.38
N SER L 68 7.54 -1.47 -103.48
CA SER L 68 7.20 -2.88 -103.57
C SER L 68 8.26 -3.78 -102.94
N MET L 69 9.51 -3.51 -103.25
CA MET L 69 10.61 -4.34 -102.72
C MET L 69 10.75 -4.26 -101.20
N MET L 70 9.77 -3.65 -100.53
CA MET L 70 9.83 -3.51 -99.08
C MET L 70 8.94 -4.51 -98.35
N ASN L 83 12.98 -13.39 -103.83
CA ASN L 83 12.97 -12.43 -102.72
C ASN L 83 13.22 -11.04 -103.23
N PHE L 84 13.24 -10.08 -102.32
CA PHE L 84 13.52 -8.69 -102.64
C PHE L 84 14.26 -8.08 -101.47
N ALA L 85 14.35 -8.86 -100.39
CA ALA L 85 15.06 -8.44 -99.20
C ALA L 85 16.47 -9.04 -99.31
N LYS L 86 16.53 -10.20 -99.95
CA LYS L 86 17.76 -10.96 -100.17
C LYS L 86 18.43 -10.54 -101.49
N VAL L 87 18.37 -9.25 -101.80
CA VAL L 87 18.94 -8.73 -103.04
C VAL L 87 19.88 -7.57 -102.76
N LEU L 88 20.93 -7.42 -103.56
CA LEU L 88 21.90 -6.34 -103.39
C LEU L 88 21.66 -5.29 -104.46
N HIS L 89 21.60 -4.03 -104.04
CA HIS L 89 21.32 -2.91 -104.93
C HIS L 89 22.61 -2.27 -105.47
N GLY L 90 22.92 -2.54 -106.74
CA GLY L 90 24.14 -2.04 -107.35
C GLY L 90 24.11 -0.66 -107.99
N GLU L 91 23.06 -0.36 -108.73
CA GLU L 91 22.93 0.94 -109.37
C GLU L 91 21.49 1.39 -109.27
N GLN L 92 21.24 2.65 -109.61
CA GLN L 92 19.91 3.21 -109.54
C GLN L 92 19.75 4.23 -110.63
N TYR L 93 18.56 4.30 -111.20
CA TYR L 93 18.28 5.27 -112.23
C TYR L 93 16.87 5.77 -112.07
N LEU L 94 16.71 7.08 -112.14
CA LEU L 94 15.41 7.71 -112.01
C LEU L 94 15.26 8.80 -113.05
N GLU L 95 14.10 8.86 -113.68
CA GLU L 95 13.82 9.88 -114.68
C GLU L 95 12.46 10.43 -114.34
N LEU L 96 12.34 11.74 -114.33
CA LEU L 96 11.08 12.39 -114.01
C LEU L 96 10.46 13.01 -115.25
N TYR L 97 9.44 12.34 -115.79
CA TYR L 97 8.76 12.82 -116.98
C TYR L 97 7.96 14.06 -116.62
N LYS L 98 7.66 14.19 -115.34
CA LYS L 98 6.91 15.33 -114.86
C LYS L 98 7.24 15.55 -113.42
N PRO L 99 7.31 16.82 -113.00
CA PRO L 99 7.62 17.14 -111.60
C PRO L 99 6.69 16.37 -110.64
N LEU L 100 7.28 15.78 -109.60
CA LEU L 100 6.47 15.04 -108.65
C LEU L 100 5.63 16.01 -107.87
N PRO L 101 4.33 15.73 -107.74
CA PRO L 101 3.34 16.54 -107.02
C PRO L 101 3.60 16.62 -105.51
N ARG L 102 3.10 17.67 -104.87
CA ARG L 102 3.30 17.83 -103.43
C ARG L 102 2.54 16.76 -102.64
N ALA L 103 1.83 15.90 -103.35
CA ALA L 103 1.06 14.83 -102.73
C ALA L 103 0.32 14.11 -103.84
N GLY L 104 -0.25 12.96 -103.55
CA GLY L 104 -0.99 12.26 -104.59
C GLY L 104 -0.95 10.74 -104.54
N LYS L 105 -1.70 10.12 -105.45
CA LYS L 105 -1.75 8.67 -105.55
C LYS L 105 -1.18 8.29 -106.88
N LEU L 106 -0.48 7.16 -106.93
CA LEU L 106 0.13 6.73 -108.17
C LEU L 106 0.01 5.23 -108.32
N LYS L 107 -0.09 4.78 -109.58
CA LYS L 107 -0.20 3.37 -109.89
C LYS L 107 1.16 3.00 -110.46
N CYS L 108 1.75 1.93 -109.93
CA CYS L 108 3.06 1.50 -110.40
C CYS L 108 3.05 0.13 -111.05
N GLU L 109 3.92 -0.04 -112.03
CA GLU L 109 4.02 -1.30 -112.72
C GLU L 109 5.48 -1.64 -112.87
N ALA L 110 5.90 -2.76 -112.30
CA ALA L 110 7.28 -3.17 -112.39
C ALA L 110 7.40 -4.17 -113.51
N VAL L 111 8.58 -4.22 -114.12
CA VAL L 111 8.81 -5.17 -115.19
C VAL L 111 10.26 -5.60 -115.19
N VAL L 112 10.47 -6.91 -115.10
CA VAL L 112 11.83 -7.39 -115.13
C VAL L 112 12.31 -7.13 -116.55
N ALA L 113 12.68 -5.88 -116.83
CA ALA L 113 13.14 -5.50 -118.15
C ALA L 113 14.23 -6.41 -118.67
N ASP L 114 14.96 -7.04 -117.77
CA ASP L 114 16.03 -7.93 -118.20
C ASP L 114 16.75 -8.63 -117.06
N VAL L 115 17.53 -9.64 -117.41
CA VAL L 115 18.30 -10.41 -116.44
C VAL L 115 19.68 -10.70 -117.03
N LEU L 116 20.69 -10.67 -116.17
CA LEU L 116 22.08 -10.88 -116.60
C LEU L 116 22.80 -11.87 -115.70
N ASP L 117 23.74 -12.62 -116.27
CA ASP L 117 24.49 -13.61 -115.50
C ASP L 117 25.89 -13.10 -115.15
N LYS L 118 26.28 -13.28 -113.89
CA LYS L 118 27.59 -12.84 -113.45
C LYS L 118 28.27 -13.96 -112.66
N GLY L 119 28.35 -15.13 -113.29
CA GLY L 119 28.98 -16.26 -112.62
C GLY L 119 28.25 -16.60 -111.34
N SER L 120 28.75 -16.10 -110.22
CA SER L 120 28.10 -16.38 -108.95
C SER L 120 26.59 -16.14 -108.98
N GLY L 121 26.18 -14.89 -108.84
CA GLY L 121 24.76 -14.55 -108.85
C GLY L 121 24.26 -13.98 -110.18
N VAL L 122 23.01 -13.56 -110.18
CA VAL L 122 22.36 -13.00 -111.38
C VAL L 122 21.98 -11.53 -111.15
N VAL L 123 21.90 -10.78 -112.25
CA VAL L 123 21.52 -9.37 -112.19
C VAL L 123 20.10 -9.26 -112.72
N ILE L 124 19.28 -8.47 -112.06
CA ILE L 124 17.91 -8.30 -112.49
C ILE L 124 17.55 -6.82 -112.57
N ILE L 125 17.36 -6.35 -113.81
CA ILE L 125 17.01 -4.96 -114.08
C ILE L 125 15.51 -4.81 -114.14
N MET L 126 14.96 -4.15 -113.13
CA MET L 126 13.54 -3.98 -113.04
C MET L 126 13.09 -2.52 -113.19
N ASP L 127 12.42 -2.22 -114.30
CA ASP L 127 11.89 -0.89 -114.57
C ASP L 127 10.54 -0.77 -113.87
N VAL L 128 10.24 0.41 -113.35
CA VAL L 128 8.97 0.62 -112.69
C VAL L 128 8.50 2.04 -112.98
N TYR L 129 7.33 2.12 -113.62
CA TYR L 129 6.74 3.40 -114.00
C TYR L 129 5.61 3.80 -113.07
N SER L 130 5.58 5.08 -112.71
CA SER L 130 4.57 5.60 -111.81
C SER L 130 3.75 6.68 -112.53
N TYR L 131 2.42 6.47 -112.58
CA TYR L 131 1.51 7.41 -113.24
C TYR L 131 0.61 8.07 -112.19
N SER L 132 0.11 9.28 -112.45
CA SER L 132 -0.79 9.90 -111.47
C SER L 132 -2.20 9.38 -111.76
N GLU L 133 -2.83 9.92 -112.79
CA GLU L 133 -4.15 9.44 -113.18
C GLU L 133 -3.83 8.36 -114.21
N LYS L 134 -3.71 8.80 -115.45
CA LYS L 134 -3.39 7.93 -116.57
C LYS L 134 -2.15 8.54 -117.25
N GLU L 135 -1.50 9.46 -116.52
CA GLU L 135 -0.31 10.16 -117.01
C GLU L 135 0.97 9.68 -116.33
N LEU L 136 2.01 9.44 -117.13
CA LEU L 136 3.29 8.96 -116.63
C LEU L 136 4.06 10.06 -115.92
N ILE L 137 4.44 9.80 -114.67
CA ILE L 137 5.18 10.80 -113.91
C ILE L 137 6.67 10.50 -113.72
N CYS L 138 7.00 9.30 -113.28
CA CYS L 138 8.39 8.97 -113.09
C CYS L 138 8.70 7.53 -113.46
N HIS L 139 9.98 7.27 -113.76
CA HIS L 139 10.45 5.96 -114.13
C HIS L 139 11.67 5.59 -113.29
N ASN L 140 11.62 4.43 -112.67
CA ASN L 140 12.73 3.94 -111.85
C ASN L 140 13.30 2.69 -112.45
N GLN L 141 14.61 2.55 -112.44
CA GLN L 141 15.22 1.33 -112.93
C GLN L 141 16.18 0.84 -111.85
N PHE L 142 15.69 -0.10 -111.03
CA PHE L 142 16.49 -0.69 -109.97
C PHE L 142 17.33 -1.81 -110.55
N SER L 143 18.64 -1.75 -110.33
CA SER L 143 19.54 -2.79 -110.81
C SER L 143 19.86 -3.62 -109.59
N LEU L 144 19.30 -4.81 -109.55
CA LEU L 144 19.53 -5.67 -108.40
C LEU L 144 20.48 -6.80 -108.75
N PHE L 145 20.80 -7.62 -107.75
CA PHE L 145 21.70 -8.76 -107.93
C PHE L 145 21.31 -9.86 -106.95
N LEU L 146 20.85 -11.01 -107.45
CA LEU L 146 20.49 -12.12 -106.56
C LEU L 146 21.70 -13.04 -106.39
N VAL L 147 22.19 -13.15 -105.15
CA VAL L 147 23.37 -13.95 -104.86
C VAL L 147 23.23 -15.46 -104.90
N GLY L 148 23.59 -16.07 -106.02
CA GLY L 148 23.50 -17.51 -106.13
C GLY L 148 22.60 -18.04 -107.21
N SER L 149 21.35 -17.59 -107.22
CA SER L 149 20.37 -18.02 -108.22
C SER L 149 20.88 -17.80 -109.64
N GLY L 150 21.78 -16.84 -109.78
CA GLY L 150 22.34 -16.59 -111.09
C GLY L 150 23.16 -17.81 -111.42
N GLY L 151 23.06 -18.26 -112.66
CA GLY L 151 23.84 -19.43 -113.03
C GLY L 151 23.69 -19.88 -114.46
N PHE L 152 22.66 -19.43 -115.16
CA PHE L 152 22.49 -19.86 -116.54
C PHE L 152 23.66 -19.45 -117.42
N GLY L 153 23.44 -19.30 -118.72
CA GLY L 153 24.55 -18.92 -119.59
C GLY L 153 24.45 -17.52 -120.13
N GLY L 154 23.36 -17.27 -120.87
CA GLY L 154 23.07 -15.97 -121.45
C GLY L 154 24.11 -15.08 -122.12
N LYS L 155 23.83 -13.77 -122.05
CA LYS L 155 24.66 -12.72 -122.64
C LYS L 155 25.58 -12.06 -121.61
N ARG L 156 26.16 -10.93 -121.99
CA ARG L 156 27.07 -10.19 -121.12
C ARG L 156 26.75 -8.69 -121.02
N THR L 157 25.92 -8.19 -121.93
CA THR L 157 25.53 -6.77 -121.94
C THR L 157 24.01 -6.67 -122.02
N SER L 158 23.45 -5.46 -122.13
CA SER L 158 22.01 -5.34 -122.22
C SER L 158 21.47 -4.03 -122.76
N ASP L 159 20.86 -4.08 -123.94
CA ASP L 159 20.26 -2.89 -124.57
C ASP L 159 19.00 -2.55 -123.76
N LYS L 160 18.95 -3.03 -122.53
CA LYS L 160 17.79 -2.80 -121.71
C LYS L 160 18.11 -1.94 -120.47
N VAL L 161 19.38 -1.89 -120.11
CA VAL L 161 19.82 -1.17 -118.90
C VAL L 161 20.28 0.28 -119.03
N LYS L 162 20.07 1.05 -117.97
CA LYS L 162 20.51 2.44 -117.94
C LYS L 162 21.93 2.45 -117.40
N VAL L 163 22.89 2.51 -118.32
CA VAL L 163 24.30 2.47 -117.97
C VAL L 163 24.82 3.59 -117.09
N ALA L 164 25.78 3.25 -116.24
CA ALA L 164 26.41 4.24 -115.37
C ALA L 164 27.40 4.96 -116.29
N VAL L 165 27.99 6.06 -115.83
CA VAL L 165 28.93 6.80 -116.66
C VAL L 165 30.19 7.21 -115.92
N ALA L 166 31.33 7.05 -116.58
CA ALA L 166 32.62 7.42 -116.00
C ALA L 166 32.72 8.94 -115.85
N ILE L 167 33.40 9.38 -114.80
CA ILE L 167 33.57 10.79 -114.54
C ILE L 167 34.68 11.39 -115.40
N PRO L 168 34.57 12.68 -115.74
CA PRO L 168 35.57 13.36 -116.57
C PRO L 168 36.97 13.23 -115.97
N ASN L 169 37.97 13.13 -116.84
CA ASN L 169 39.33 12.99 -116.37
C ASN L 169 39.96 14.36 -116.19
N ARG L 170 39.56 15.05 -115.14
CA ARG L 170 40.06 16.38 -114.81
C ARG L 170 39.56 16.75 -113.43
N PRO L 171 40.24 17.69 -112.75
CA PRO L 171 39.74 18.04 -111.42
C PRO L 171 38.28 18.53 -111.47
N PRO L 172 37.50 18.18 -110.43
CA PRO L 172 36.08 18.52 -110.26
C PRO L 172 35.82 20.01 -110.38
N ASP L 173 34.67 20.38 -110.92
CA ASP L 173 34.33 21.79 -111.05
C ASP L 173 33.90 22.36 -109.71
N ALA L 174 33.36 21.49 -108.85
CA ALA L 174 32.93 21.90 -107.53
C ALA L 174 32.73 20.67 -106.67
N VAL L 175 32.94 20.83 -105.38
CA VAL L 175 32.75 19.74 -104.43
C VAL L 175 32.23 20.29 -103.10
N LEU L 176 31.02 19.86 -102.75
CA LEU L 176 30.37 20.31 -101.51
C LEU L 176 30.37 19.18 -100.50
N THR L 177 30.53 19.53 -99.22
CA THR L 177 30.54 18.52 -98.16
C THR L 177 29.24 18.57 -97.36
N ASP L 178 28.88 17.41 -96.80
CA ASP L 178 27.69 17.31 -95.96
C ASP L 178 27.99 16.44 -94.76
N THR L 179 27.59 16.91 -93.59
CA THR L 179 27.82 16.16 -92.37
C THR L 179 26.62 15.30 -92.04
N THR L 180 26.82 14.00 -92.02
CA THR L 180 25.74 13.08 -91.71
C THR L 180 25.51 13.03 -90.22
N SER L 181 24.26 12.84 -89.83
CA SER L 181 23.88 12.76 -88.43
C SER L 181 24.06 11.36 -87.88
N LEU L 182 24.34 11.27 -86.60
CA LEU L 182 24.50 9.96 -85.97
C LEU L 182 23.18 9.19 -86.11
N ASN L 183 22.10 9.93 -86.37
CA ASN L 183 20.77 9.34 -86.53
C ASN L 183 20.25 9.42 -87.96
N GLN L 184 21.12 9.75 -88.91
CA GLN L 184 20.70 9.88 -90.30
C GLN L 184 19.88 8.68 -90.73
N ALA L 185 20.41 7.48 -90.48
CA ALA L 185 19.72 6.26 -90.86
C ALA L 185 18.41 6.11 -90.10
N ALA L 186 18.43 6.42 -88.81
CA ALA L 186 17.23 6.30 -87.98
C ALA L 186 16.08 7.16 -88.52
N LEU L 187 16.41 8.27 -89.16
CA LEU L 187 15.40 9.14 -89.72
C LEU L 187 15.02 8.75 -91.15
N TYR L 188 16.02 8.55 -91.98
CA TYR L 188 15.77 8.17 -93.37
C TYR L 188 14.93 6.90 -93.50
N ARG L 189 15.12 5.92 -92.62
CA ARG L 189 14.36 4.69 -92.70
C ARG L 189 12.85 4.91 -92.56
N LEU L 190 12.47 5.99 -91.89
CA LEU L 190 11.05 6.30 -91.72
C LEU L 190 10.38 6.53 -93.07
N SER L 191 11.19 6.57 -94.13
CA SER L 191 10.66 6.79 -95.46
C SER L 191 10.38 5.50 -96.20
N GLY L 192 10.43 4.37 -95.50
CA GLY L 192 10.12 3.13 -96.19
C GLY L 192 11.05 1.94 -96.05
N ASP L 193 12.35 2.15 -96.23
CA ASP L 193 13.28 1.03 -96.12
C ASP L 193 13.59 0.72 -94.66
N TRP L 194 12.93 -0.28 -94.09
CA TRP L 194 13.14 -0.61 -92.69
C TRP L 194 14.19 -1.68 -92.44
N ASN L 195 14.99 -2.00 -93.46
CA ASN L 195 16.01 -3.01 -93.31
C ASN L 195 16.82 -2.81 -92.02
N PRO L 196 16.87 -3.82 -91.14
CA PRO L 196 17.60 -3.75 -89.87
C PRO L 196 19.08 -3.47 -90.07
N LEU L 197 19.57 -3.73 -91.28
CA LEU L 197 20.96 -3.50 -91.60
C LEU L 197 21.40 -2.06 -91.33
N HIS L 198 20.44 -1.14 -91.34
CA HIS L 198 20.75 0.26 -91.13
C HIS L 198 20.52 0.76 -89.71
N ILE L 199 20.19 -0.12 -88.77
CA ILE L 199 19.95 0.35 -87.42
C ILE L 199 20.23 -0.64 -86.30
N ASP L 200 20.01 -1.93 -86.52
CA ASP L 200 20.27 -2.91 -85.47
C ASP L 200 21.74 -3.33 -85.48
N PRO L 201 22.43 -3.18 -84.33
CA PRO L 201 23.85 -3.54 -84.21
C PRO L 201 24.14 -5.03 -84.46
N PRO L 212 25.81 -0.46 -87.92
CA PRO L 212 24.80 -0.27 -88.98
C PRO L 212 25.28 0.71 -90.00
N ILE L 213 24.84 0.56 -91.25
CA ILE L 213 25.22 1.45 -92.33
C ILE L 213 24.05 2.31 -92.82
N LEU L 214 24.39 3.44 -93.42
CA LEU L 214 23.39 4.36 -93.93
C LEU L 214 22.86 3.78 -95.24
N HIS L 215 21.56 4.01 -95.51
CA HIS L 215 20.95 3.53 -96.74
C HIS L 215 21.67 4.13 -97.95
N GLY L 216 21.93 3.30 -98.94
CA GLY L 216 22.60 3.79 -100.14
C GLY L 216 21.80 4.91 -100.76
N LEU L 217 20.48 4.74 -100.82
CA LEU L 217 19.60 5.75 -101.40
C LEU L 217 19.59 7.08 -100.63
N CYS L 218 20.05 7.05 -99.37
CA CYS L 218 20.09 8.27 -98.57
C CYS L 218 21.29 9.13 -99.02
N THR L 219 22.45 8.49 -99.15
CA THR L 219 23.67 9.17 -99.60
C THR L 219 23.35 9.73 -101.00
N PHE L 220 22.63 8.91 -101.74
CA PHE L 220 22.18 9.21 -103.09
C PHE L 220 21.37 10.51 -103.05
N GLY L 221 20.44 10.58 -102.09
CA GLY L 221 19.59 11.76 -101.93
C GLY L 221 20.42 12.98 -101.65
N PHE L 222 21.39 12.83 -100.74
CA PHE L 222 22.28 13.93 -100.38
C PHE L 222 22.94 14.51 -101.62
N SER L 223 23.78 13.71 -102.27
CA SER L 223 24.50 14.18 -103.46
C SER L 223 23.57 14.74 -104.49
N ALA L 224 22.49 14.02 -104.78
CA ALA L 224 21.54 14.49 -105.77
C ALA L 224 21.01 15.87 -105.37
N ARG L 225 20.70 16.03 -104.08
CA ARG L 225 20.20 17.28 -103.56
C ARG L 225 21.20 18.40 -103.78
N ARG L 226 22.48 18.09 -103.60
CA ARG L 226 23.54 19.06 -103.77
C ARG L 226 23.67 19.45 -105.23
N VAL L 227 23.70 18.46 -106.10
CA VAL L 227 23.80 18.77 -107.52
C VAL L 227 22.66 19.71 -107.91
N LEU L 228 21.47 19.42 -107.41
CA LEU L 228 20.29 20.24 -107.69
C LEU L 228 20.49 21.70 -107.31
N GLN L 229 21.08 21.94 -106.15
CA GLN L 229 21.27 23.31 -105.71
C GLN L 229 22.51 23.99 -106.29
N GLN L 230 23.52 23.20 -106.65
CA GLN L 230 24.74 23.79 -107.20
C GLN L 230 24.66 24.12 -108.69
N PHE L 231 24.03 23.24 -109.48
CA PHE L 231 23.95 23.46 -110.91
C PHE L 231 22.58 23.67 -111.51
N ALA L 232 21.55 23.84 -110.67
CA ALA L 232 20.21 24.03 -111.19
C ALA L 232 19.38 25.01 -110.36
N ASP L 233 20.05 25.73 -109.46
CA ASP L 233 19.37 26.71 -108.62
C ASP L 233 18.16 26.15 -107.89
N ASN L 234 18.27 24.97 -107.30
CA ASN L 234 17.15 24.39 -106.58
C ASN L 234 15.85 24.39 -107.40
N ASP L 235 15.98 24.43 -108.73
CA ASP L 235 14.81 24.44 -109.60
C ASP L 235 14.40 23.01 -109.92
N VAL L 236 13.59 22.45 -109.04
CA VAL L 236 13.12 21.08 -109.18
C VAL L 236 12.73 20.70 -110.61
N SER L 237 12.16 21.66 -111.34
CA SER L 237 11.71 21.40 -112.71
C SER L 237 12.83 21.06 -113.68
N ARG L 238 14.05 21.50 -113.39
CA ARG L 238 15.18 21.25 -114.29
C ARG L 238 15.84 19.91 -114.06
N PHE L 239 15.40 19.21 -113.04
CA PHE L 239 15.96 17.92 -112.68
C PHE L 239 15.29 16.82 -113.50
N LYS L 240 15.96 16.39 -114.57
CA LYS L 240 15.40 15.37 -115.44
C LYS L 240 15.66 13.90 -115.06
N ALA L 241 16.90 13.56 -114.77
CA ALA L 241 17.21 12.18 -114.41
C ALA L 241 18.55 12.06 -113.71
N VAL L 242 18.72 10.97 -112.96
CA VAL L 242 19.97 10.70 -112.27
C VAL L 242 20.27 9.21 -112.34
N LYS L 243 21.56 8.89 -112.40
CA LYS L 243 22.03 7.53 -112.46
C LYS L 243 23.21 7.44 -111.49
N ALA L 244 23.25 6.40 -110.68
CA ALA L 244 24.33 6.26 -109.73
C ALA L 244 24.66 4.80 -109.47
N ARG L 245 25.91 4.54 -109.10
CA ARG L 245 26.33 3.20 -108.77
C ARG L 245 26.82 3.22 -107.35
N PHE L 246 26.36 2.28 -106.54
CA PHE L 246 26.77 2.25 -105.15
C PHE L 246 28.06 1.46 -104.95
N ALA L 247 28.95 2.00 -104.12
CA ALA L 247 30.24 1.35 -103.83
C ALA L 247 30.36 1.05 -102.35
N LYS L 248 31.42 1.56 -101.71
CA LYS L 248 31.63 1.32 -100.29
C LYS L 248 30.54 1.92 -99.40
N PRO L 249 30.36 1.37 -98.20
CA PRO L 249 29.36 1.80 -97.21
C PRO L 249 29.63 3.17 -96.61
N VAL L 250 28.60 3.71 -95.97
CA VAL L 250 28.68 5.00 -95.28
C VAL L 250 28.07 4.76 -93.90
N TYR L 251 28.70 5.28 -92.87
CA TYR L 251 28.16 5.08 -91.53
C TYR L 251 27.59 6.38 -91.02
N PRO L 252 26.37 6.32 -90.46
CA PRO L 252 25.72 7.50 -89.92
C PRO L 252 26.68 8.30 -89.06
N GLY L 253 26.90 9.54 -89.44
CA GLY L 253 27.81 10.38 -88.69
C GLY L 253 28.98 10.79 -89.54
N GLN L 254 29.35 9.94 -90.49
CA GLN L 254 30.48 10.26 -91.34
C GLN L 254 30.14 11.47 -92.19
N THR L 255 31.14 12.01 -92.88
CA THR L 255 30.94 13.19 -93.69
C THR L 255 31.08 12.91 -95.18
N LEU L 256 30.01 13.22 -95.91
CA LEU L 256 29.97 13.01 -97.35
C LEU L 256 30.70 14.09 -98.12
N GLN L 257 31.24 13.70 -99.26
CA GLN L 257 31.97 14.61 -100.12
C GLN L 257 31.45 14.38 -101.54
N THR L 258 30.63 15.29 -102.04
CA THR L 258 30.08 15.13 -103.37
C THR L 258 30.88 15.92 -104.39
N GLU L 259 31.62 15.23 -105.25
CA GLU L 259 32.43 15.87 -106.28
C GLU L 259 31.60 15.98 -107.57
N MET L 260 31.64 17.14 -108.20
CA MET L 260 30.85 17.36 -109.41
C MET L 260 31.63 17.91 -110.60
N TRP L 261 31.21 17.50 -111.79
CA TRP L 261 31.82 17.95 -113.05
C TRP L 261 30.70 18.38 -113.98
N LYS L 262 30.75 19.61 -114.46
CA LYS L 262 29.71 20.05 -115.37
C LYS L 262 30.15 19.86 -116.81
N GLU L 263 29.39 19.05 -117.54
CA GLU L 263 29.67 18.77 -118.95
C GLU L 263 28.37 19.05 -119.69
N GLY L 264 28.16 20.32 -120.01
CA GLY L 264 26.94 20.68 -120.73
C GLY L 264 25.76 20.63 -119.77
N ASN L 265 24.77 19.80 -120.10
CA ASN L 265 23.60 19.67 -119.25
C ASN L 265 23.68 18.46 -118.35
N ARG L 266 24.80 17.76 -118.39
CA ARG L 266 24.98 16.60 -117.56
C ARG L 266 26.00 16.89 -116.48
N ILE L 267 25.58 16.74 -115.23
CA ILE L 267 26.49 16.99 -114.13
C ILE L 267 26.97 15.65 -113.61
N HIS L 268 28.22 15.33 -113.90
CA HIS L 268 28.76 14.06 -113.43
C HIS L 268 29.10 14.22 -111.96
N PHE L 269 28.97 13.16 -111.18
CA PHE L 269 29.33 13.28 -109.78
C PHE L 269 29.81 11.96 -109.17
N GLN L 270 30.57 12.10 -108.09
CA GLN L 270 31.15 10.99 -107.38
C GLN L 270 30.99 11.38 -105.91
N THR L 271 30.81 10.42 -105.03
CA THR L 271 30.66 10.77 -103.62
C THR L 271 31.63 9.96 -102.76
N LYS L 272 32.32 10.64 -101.86
CA LYS L 272 33.28 10.00 -100.97
C LYS L 272 32.97 10.30 -99.53
N VAL L 273 33.73 9.68 -98.65
CA VAL L 273 33.59 9.90 -97.22
C VAL L 273 34.87 10.56 -96.73
N GLN L 274 34.83 11.89 -96.60
CA GLN L 274 35.98 12.65 -96.11
C GLN L 274 36.24 12.14 -94.72
N GLU L 275 37.22 11.25 -94.58
CA GLU L 275 37.56 10.66 -93.29
C GLU L 275 38.35 9.42 -93.63
N THR L 276 37.89 8.73 -94.67
CA THR L 276 38.52 7.52 -95.13
C THR L 276 38.85 7.72 -96.59
N GLY L 277 38.18 8.69 -97.21
CA GLY L 277 38.42 8.96 -98.61
C GLY L 277 37.80 7.90 -99.51
N ASP L 278 37.11 6.94 -98.93
CA ASP L 278 36.47 5.88 -99.71
C ASP L 278 35.41 6.45 -100.64
N ILE L 279 35.26 5.81 -101.81
CA ILE L 279 34.24 6.23 -102.76
C ILE L 279 33.00 5.40 -102.47
N VAL L 280 31.90 6.09 -102.14
CA VAL L 280 30.63 5.43 -101.82
C VAL L 280 29.61 5.45 -102.96
N ILE L 281 29.75 6.39 -103.88
CA ILE L 281 28.87 6.47 -105.04
C ILE L 281 29.77 6.81 -106.23
N SER L 282 29.71 5.99 -107.27
CA SER L 282 30.55 6.22 -108.44
C SER L 282 29.84 6.27 -109.77
N ASN L 283 30.56 6.76 -110.77
CA ASN L 283 30.07 6.86 -112.12
C ASN L 283 28.65 7.35 -112.19
N ALA L 284 28.33 8.34 -111.37
CA ALA L 284 26.97 8.88 -111.35
C ALA L 284 26.87 10.16 -112.15
N TYR L 285 25.63 10.60 -112.38
CA TYR L 285 25.36 11.82 -113.11
C TYR L 285 23.90 12.20 -112.92
N VAL L 286 23.55 13.39 -113.38
CA VAL L 286 22.19 13.88 -113.31
C VAL L 286 22.02 14.83 -114.48
N ASP L 287 20.99 14.59 -115.29
CA ASP L 287 20.74 15.42 -116.45
C ASP L 287 19.79 16.57 -116.13
N LEU L 288 20.17 17.78 -116.52
CA LEU L 288 19.38 18.98 -116.27
C LEU L 288 18.88 19.57 -117.60
N ALA L 289 18.11 20.65 -117.53
CA ALA L 289 17.61 21.30 -118.75
C ALA L 289 17.92 22.82 -118.79
#